data_8ENH
#
_entry.id   8ENH
#
_cell.length_a   168.150
_cell.length_b   79.550
_cell.length_c   172.190
_cell.angle_alpha   90.000
_cell.angle_beta   95.560
_cell.angle_gamma   90.000
#
_symmetry.space_group_name_H-M   'P 1 21 1'
#
loop_
_entity.id
_entity.type
_entity.pdbx_description
1 polymer 'MHC class I antigen'
2 polymer Beta-2-microglobulin
3 polymer 'Nucleoprotein NP7 epitope'
4 polymer '3180 TCR alpha chain'
5 polymer '3180 TCR alpha chain'
6 water water
#
loop_
_entity_poly.entity_id
_entity_poly.type
_entity_poly.pdbx_seq_one_letter_code
_entity_poly.pdbx_strand_id
1 'polypeptide(L)'
;GSHSMRYFYTAMSRPGRGEPRFIAVGYVDDTQFVRFDSDAASPRTEPRAPWIEQEGPEYWDRNTQIFKTNTQTYRESLRN
LRGYYNQSEAGSHIIQRMYGCDLGPDGRLLRGHDQSAYDGKDYIALNEDLSSWTAADTAAQITQRKWEAARVAEQLRAYL
EGLCVEWLRRYLENGKETLQRADPPKTHVTHHPVSDHEATLRCWALGFYPAEITLTWQRDGEDQTQDTELVETRPAGDRT
FQKWAAVVVPSGEEQRYTCHVQHEGLPKPLTLRWEP
;
A,F,K,P
2 'polypeptide(L)'
;MIQRTPKIQVYSRHPAENGKSNFLNCYVSGFHPSDIEVDLLKNGERIEKVEHSDLSFSKDWSFYLLYYTEFTPTEKDEYA
CRVNHVTLSQPKIVKWDRDM
;
B,G,L,Q
3 'polypeptide(L)' LPFEKSTIM C,H,M,R
4 'polypeptide(L)'
;SAGENVEQHPSTLSVQEGDSAVIKCTYSDSASNYFPWYKQELGKRPQLIIDIRSNVGEKKDQRIAVTLNKTAKHFSLHIT
ETQPEDSAVYFCAADGGAGSYQLTFGKGTKLSVIPNIQNPDPAVYQLRDSKSSDKSVCLFTDFDSQTNVSQSKDSDVYIT
DKCVLDMRSMDFKSNSAVAWSNKSDFACANAFNNSIIPEDTFFPSP
;
D,I,N,S
5 'polypeptide(L)'
;AVVSQHPSRVICKSGTSVKIECRSLDFQATTMFWYRQFPKQSLMLMATSNEGSKATYEQGVEKDKFLINHASLTLSTLTV
TSAHPEDSSFYICSAGPTSGRTDTQYFGPGTRLTVLEDLKNVFPPEVAVFEPSEAEISHTQKATLVCLATGFYPDHVELS
WWVNGKEVHSGVCTDPQPLKEQPALNDSRYALSSRLRVSATFWQNPRNHFRCQVQFYGLSENDEWTQDRAKPVTQIVSAE
AWGRAD
;
E,J,O,T
#
# COMPACT_ATOMS: atom_id res chain seq x y z
N SER A 2 19.24 -70.89 -4.45
CA SER A 2 18.67 -69.63 -4.95
C SER A 2 17.19 -69.74 -5.29
N HIS A 3 16.44 -68.65 -5.09
CA HIS A 3 15.00 -68.60 -5.36
C HIS A 3 14.58 -67.35 -6.12
N SER A 4 13.47 -67.45 -6.85
CA SER A 4 12.98 -66.33 -7.65
C SER A 4 11.46 -66.25 -7.74
N MET A 5 10.94 -65.04 -7.96
CA MET A 5 9.52 -64.78 -8.21
C MET A 5 9.41 -64.03 -9.53
N ARG A 6 8.44 -64.42 -10.38
CA ARG A 6 8.22 -63.75 -11.67
C ARG A 6 6.75 -63.64 -12.02
N TYR A 7 6.39 -62.53 -12.66
CA TYR A 7 5.06 -62.33 -13.23
C TYR A 7 5.24 -62.21 -14.74
N PHE A 8 4.38 -62.93 -15.49
CA PHE A 8 4.39 -62.93 -16.96
C PHE A 8 3.07 -62.35 -17.44
N TYR A 9 3.12 -61.22 -18.17
CA TYR A 9 1.92 -60.57 -18.70
C TYR A 9 1.86 -60.72 -20.20
N THR A 10 0.67 -60.98 -20.74
CA THR A 10 0.41 -61.08 -22.17
C THR A 10 -0.82 -60.25 -22.45
N ALA A 11 -0.65 -59.21 -23.30
CA ALA A 11 -1.72 -58.31 -23.71
C ALA A 11 -1.81 -58.43 -25.22
N MET A 12 -2.98 -58.85 -25.71
N MET A 12 -2.97 -58.86 -25.71
CA MET A 12 -3.23 -59.04 -27.13
CA MET A 12 -3.23 -59.07 -27.14
C MET A 12 -4.40 -58.19 -27.60
C MET A 12 -4.42 -58.24 -27.62
N SER A 13 -4.24 -57.51 -28.74
CA SER A 13 -5.33 -56.73 -29.34
C SER A 13 -6.04 -57.73 -30.26
N ARG A 14 -7.36 -57.65 -30.34
CA ARG A 14 -8.14 -58.55 -31.18
C ARG A 14 -9.22 -57.74 -31.93
N PRO A 15 -8.83 -57.04 -33.03
CA PRO A 15 -9.80 -56.19 -33.77
C PRO A 15 -11.15 -56.81 -34.12
N GLY A 16 -11.20 -58.08 -34.45
CA GLY A 16 -12.48 -58.67 -34.73
C GLY A 16 -13.38 -58.87 -33.52
N ARG A 17 -12.77 -59.42 -32.47
CA ARG A 17 -13.39 -59.78 -31.19
C ARG A 17 -13.75 -58.67 -30.21
N GLY A 18 -13.28 -57.47 -30.43
CA GLY A 18 -13.61 -56.39 -29.53
C GLY A 18 -12.49 -55.71 -28.76
N GLU A 19 -12.43 -55.99 -27.46
CA GLU A 19 -11.45 -55.37 -26.57
C GLU A 19 -10.25 -56.22 -26.25
N PRO A 20 -9.06 -55.55 -26.02
CA PRO A 20 -7.89 -56.40 -25.75
C PRO A 20 -7.89 -57.33 -24.56
N ARG A 21 -7.21 -58.44 -24.72
CA ARG A 21 -7.21 -59.46 -23.65
C ARG A 21 -5.91 -59.44 -22.84
N PHE A 22 -6.06 -59.41 -21.52
CA PHE A 22 -4.92 -59.38 -20.59
C PHE A 22 -4.88 -60.66 -19.77
N ILE A 23 -3.74 -61.33 -19.81
CA ILE A 23 -3.46 -62.55 -19.05
C ILE A 23 -2.24 -62.29 -18.20
N ALA A 24 -2.30 -62.71 -16.93
CA ALA A 24 -1.17 -62.63 -16.01
C ALA A 24 -1.04 -63.96 -15.32
N VAL A 25 0.20 -64.49 -15.23
CA VAL A 25 0.53 -65.70 -14.48
C VAL A 25 1.71 -65.37 -13.58
N GLY A 26 1.74 -65.96 -12.39
CA GLY A 26 2.81 -65.75 -11.42
C GLY A 26 3.51 -67.04 -11.11
N TYR A 27 4.83 -66.99 -10.94
CA TYR A 27 5.66 -68.15 -10.65
C TYR A 27 6.60 -67.86 -9.51
N VAL A 28 6.83 -68.87 -8.66
CA VAL A 28 7.84 -68.92 -7.60
C VAL A 28 8.68 -70.08 -8.12
N ASP A 29 9.90 -69.77 -8.60
CA ASP A 29 10.82 -70.72 -9.24
C ASP A 29 10.09 -71.35 -10.44
N ASP A 30 9.96 -72.69 -10.49
CA ASP A 30 9.27 -73.38 -11.58
C ASP A 30 7.84 -73.78 -11.22
N THR A 31 7.29 -73.17 -10.15
CA THR A 31 5.91 -73.44 -9.68
C THR A 31 5.01 -72.24 -9.94
N GLN A 32 3.93 -72.45 -10.70
CA GLN A 32 2.90 -71.44 -10.98
C GLN A 32 1.95 -71.40 -9.80
N PHE A 33 1.61 -70.19 -9.31
CA PHE A 33 0.73 -70.05 -8.15
C PHE A 33 -0.49 -69.17 -8.36
N VAL A 34 -0.52 -68.32 -9.41
CA VAL A 34 -1.65 -67.42 -9.68
C VAL A 34 -1.89 -67.25 -11.18
N ARG A 35 -3.13 -66.86 -11.53
CA ARG A 35 -3.53 -66.56 -12.88
C ARG A 35 -4.66 -65.55 -12.88
N PHE A 36 -4.74 -64.74 -13.94
CA PHE A 36 -5.79 -63.75 -14.19
C PHE A 36 -6.02 -63.70 -15.69
N ASP A 37 -7.28 -63.61 -16.10
CA ASP A 37 -7.70 -63.52 -17.49
C ASP A 37 -8.85 -62.51 -17.56
N SER A 38 -8.65 -61.41 -18.26
CA SER A 38 -9.65 -60.39 -18.34
C SER A 38 -10.84 -60.77 -19.14
N ASP A 39 -10.73 -61.86 -19.85
CA ASP A 39 -11.78 -62.32 -20.70
C ASP A 39 -12.85 -63.09 -19.97
N ALA A 40 -13.61 -62.38 -19.18
CA ALA A 40 -14.70 -62.87 -18.40
C ALA A 40 -15.54 -61.66 -18.13
N ALA A 41 -16.78 -61.87 -17.74
CA ALA A 41 -17.70 -60.79 -17.45
C ALA A 41 -17.31 -60.11 -16.16
N SER A 42 -16.91 -60.90 -15.20
CA SER A 42 -16.42 -60.38 -13.91
C SER A 42 -15.09 -61.10 -13.60
N PRO A 43 -13.96 -60.69 -14.26
CA PRO A 43 -12.68 -61.37 -14.04
C PRO A 43 -12.14 -61.26 -12.61
N ARG A 44 -11.46 -62.32 -12.16
CA ARG A 44 -10.90 -62.43 -10.81
C ARG A 44 -9.60 -63.20 -10.83
N THR A 45 -8.71 -62.91 -9.88
CA THR A 45 -7.44 -63.62 -9.71
C THR A 45 -7.78 -64.97 -9.07
N GLU A 46 -7.10 -66.03 -9.54
CA GLU A 46 -7.32 -67.40 -9.10
C GLU A 46 -6.05 -68.10 -8.62
N PRO A 47 -6.15 -68.94 -7.54
CA PRO A 47 -4.95 -69.65 -7.07
C PRO A 47 -4.63 -70.85 -7.97
N ARG A 48 -3.34 -71.18 -8.11
CA ARG A 48 -2.89 -72.28 -8.96
C ARG A 48 -1.88 -73.21 -8.27
N ALA A 49 -1.63 -72.97 -6.96
CA ALA A 49 -0.76 -73.75 -6.09
C ALA A 49 -1.46 -73.82 -4.72
N PRO A 50 -1.53 -75.01 -4.08
CA PRO A 50 -2.26 -75.10 -2.79
C PRO A 50 -1.75 -74.22 -1.65
N TRP A 51 -0.45 -73.88 -1.63
CA TRP A 51 0.13 -73.06 -0.59
C TRP A 51 -0.26 -71.55 -0.67
N ILE A 52 -0.93 -71.12 -1.76
CA ILE A 52 -1.38 -69.73 -1.92
C ILE A 52 -2.85 -69.54 -1.44
N GLU A 53 -3.59 -70.65 -1.26
CA GLU A 53 -4.99 -70.65 -0.78
C GLU A 53 -5.09 -70.22 0.70
N GLN A 54 -3.94 -70.16 1.39
CA GLN A 54 -3.77 -69.71 2.78
C GLN A 54 -4.04 -68.20 2.86
N GLU A 55 -3.87 -67.48 1.73
CA GLU A 55 -4.09 -66.04 1.66
C GLU A 55 -5.60 -65.77 1.67
N GLY A 56 -6.01 -64.79 2.45
CA GLY A 56 -7.42 -64.42 2.58
C GLY A 56 -7.99 -63.65 1.40
N PRO A 57 -9.29 -63.27 1.48
CA PRO A 57 -9.93 -62.55 0.35
C PRO A 57 -9.33 -61.19 -0.02
N GLU A 58 -8.82 -60.43 0.96
CA GLU A 58 -8.22 -59.11 0.75
C GLU A 58 -7.02 -59.16 -0.22
N TYR A 59 -6.31 -60.30 -0.25
CA TYR A 59 -5.16 -60.55 -1.12
C TYR A 59 -5.67 -60.75 -2.56
N TRP A 60 -6.77 -61.51 -2.72
CA TRP A 60 -7.38 -61.79 -4.01
C TRP A 60 -8.01 -60.54 -4.60
N ASP A 61 -8.52 -59.63 -3.78
CA ASP A 61 -9.08 -58.36 -4.25
C ASP A 61 -7.97 -57.39 -4.69
N ARG A 62 -6.86 -57.37 -3.95
CA ARG A 62 -5.66 -56.56 -4.18
C ARG A 62 -5.06 -56.89 -5.55
N ASN A 63 -4.92 -58.20 -5.87
CA ASN A 63 -4.41 -58.75 -7.13
C ASN A 63 -5.38 -58.43 -8.27
N THR A 64 -6.69 -58.61 -8.05
CA THR A 64 -7.73 -58.35 -9.04
C THR A 64 -7.75 -56.86 -9.42
N GLN A 65 -7.66 -55.94 -8.43
CA GLN A 65 -7.68 -54.51 -8.67
C GLN A 65 -6.53 -54.05 -9.59
N ILE A 66 -5.29 -54.54 -9.35
CA ILE A 66 -4.15 -54.17 -10.18
C ILE A 66 -4.25 -54.78 -11.57
N PHE A 67 -4.62 -56.07 -11.68
CA PHE A 67 -4.75 -56.71 -12.99
C PHE A 67 -5.91 -56.10 -13.82
N LYS A 68 -6.91 -55.47 -13.17
CA LYS A 68 -7.97 -54.78 -13.91
C LYS A 68 -7.41 -53.44 -14.46
N THR A 69 -6.49 -52.82 -13.72
CA THR A 69 -5.80 -51.58 -14.08
C THR A 69 -4.89 -51.83 -15.28
N ASN A 70 -4.14 -52.95 -15.26
CA ASN A 70 -3.28 -53.38 -16.36
C ASN A 70 -4.09 -53.67 -17.62
N THR A 71 -5.31 -54.21 -17.48
CA THR A 71 -6.17 -54.47 -18.64
C THR A 71 -6.43 -53.15 -19.38
N GLN A 72 -6.77 -52.10 -18.63
CA GLN A 72 -7.06 -50.75 -19.11
C GLN A 72 -5.79 -50.07 -19.67
N THR A 73 -4.67 -50.18 -18.95
CA THR A 73 -3.39 -49.60 -19.30
C THR A 73 -2.83 -50.21 -20.60
N TYR A 74 -2.89 -51.55 -20.74
CA TYR A 74 -2.35 -52.24 -21.90
C TYR A 74 -3.16 -52.00 -23.16
N ARG A 75 -4.46 -51.67 -23.02
CA ARG A 75 -5.31 -51.32 -24.15
C ARG A 75 -4.74 -50.03 -24.78
N GLU A 76 -4.25 -49.10 -23.95
CA GLU A 76 -3.67 -47.84 -24.43
C GLU A 76 -2.26 -48.00 -24.94
N SER A 77 -1.47 -48.86 -24.28
CA SER A 77 -0.11 -49.16 -24.71
C SER A 77 -0.12 -49.76 -26.12
N LEU A 78 -1.04 -50.73 -26.35
CA LEU A 78 -1.28 -51.38 -27.64
C LEU A 78 -1.69 -50.35 -28.70
N ARG A 79 -2.57 -49.40 -28.35
CA ARG A 79 -3.04 -48.34 -29.26
C ARG A 79 -1.86 -47.42 -29.62
N ASN A 80 -1.07 -47.03 -28.61
CA ASN A 80 0.10 -46.18 -28.78
C ASN A 80 1.19 -46.81 -29.64
N LEU A 81 1.53 -48.09 -29.37
CA LEU A 81 2.57 -48.81 -30.11
C LEU A 81 2.19 -49.03 -31.56
N ARG A 82 0.89 -49.13 -31.83
CA ARG A 82 0.32 -49.25 -33.17
C ARG A 82 0.60 -47.96 -33.96
N GLY A 83 0.55 -46.82 -33.28
CA GLY A 83 0.85 -45.51 -33.83
C GLY A 83 2.32 -45.33 -34.16
N TYR A 84 3.21 -45.74 -33.24
CA TYR A 84 4.69 -45.65 -33.39
C TYR A 84 5.22 -46.39 -34.62
N TYR A 85 4.57 -47.49 -34.98
CA TYR A 85 4.95 -48.40 -36.05
C TYR A 85 4.06 -48.25 -37.27
N ASN A 86 3.19 -47.23 -37.27
CA ASN A 86 2.29 -46.91 -38.38
C ASN A 86 1.51 -48.18 -38.86
N GLN A 87 1.07 -49.00 -37.88
CA GLN A 87 0.34 -50.24 -38.13
C GLN A 87 -1.15 -50.02 -38.28
N SER A 88 -1.80 -50.88 -39.07
CA SER A 88 -3.24 -50.82 -39.33
C SER A 88 -4.00 -51.28 -38.09
N GLU A 89 -5.18 -50.71 -37.85
CA GLU A 89 -6.01 -51.12 -36.70
C GLU A 89 -6.63 -52.51 -36.92
N ALA A 90 -6.54 -53.03 -38.16
CA ALA A 90 -7.06 -54.33 -38.60
C ALA A 90 -6.23 -55.51 -38.10
N GLY A 91 -4.99 -55.23 -37.69
CA GLY A 91 -4.06 -56.26 -37.24
C GLY A 91 -4.02 -56.47 -35.75
N SER A 92 -3.80 -57.73 -35.36
CA SER A 92 -3.70 -58.15 -33.97
C SER A 92 -2.24 -58.10 -33.55
N HIS A 93 -1.96 -57.48 -32.39
CA HIS A 93 -0.60 -57.31 -31.87
C HIS A 93 -0.49 -57.73 -30.42
N ILE A 94 0.73 -58.04 -29.97
CA ILE A 94 0.99 -58.54 -28.61
C ILE A 94 2.09 -57.80 -27.88
N ILE A 95 1.77 -57.32 -26.66
CA ILE A 95 2.76 -56.78 -25.72
C ILE A 95 2.90 -57.87 -24.66
N GLN A 96 4.14 -58.24 -24.35
CA GLN A 96 4.44 -59.20 -23.29
C GLN A 96 5.37 -58.51 -22.33
N ARG A 97 5.32 -58.94 -21.07
CA ARG A 97 6.18 -58.39 -20.03
C ARG A 97 6.51 -59.44 -18.98
N MET A 98 7.77 -59.44 -18.54
CA MET A 98 8.28 -60.29 -17.48
C MET A 98 9.03 -59.41 -16.50
N TYR A 99 8.70 -59.55 -15.23
CA TYR A 99 9.39 -58.84 -14.17
C TYR A 99 9.44 -59.72 -12.93
N GLY A 100 10.41 -59.46 -12.07
CA GLY A 100 10.54 -60.22 -10.84
C GLY A 100 11.86 -60.07 -10.13
N CYS A 101 12.00 -60.76 -9.01
CA CYS A 101 13.18 -60.67 -8.17
C CYS A 101 13.85 -62.01 -7.93
N ASP A 102 15.16 -61.97 -7.82
CA ASP A 102 15.97 -63.13 -7.53
C ASP A 102 16.61 -62.92 -6.19
N LEU A 103 16.52 -63.90 -5.30
CA LEU A 103 17.18 -63.78 -4.03
C LEU A 103 18.39 -64.68 -3.92
N GLY A 104 19.28 -64.38 -3.00
CA GLY A 104 20.48 -65.18 -2.80
C GLY A 104 20.27 -66.14 -1.65
N PRO A 105 21.31 -66.53 -0.92
CA PRO A 105 21.10 -67.43 0.19
C PRO A 105 20.65 -66.65 1.43
N ASP A 106 20.64 -65.32 1.38
CA ASP A 106 20.34 -64.53 2.60
C ASP A 106 18.99 -63.80 2.59
N GLY A 107 18.09 -64.02 1.63
CA GLY A 107 16.78 -63.35 1.68
C GLY A 107 16.82 -61.89 1.28
N ARG A 108 17.84 -61.55 0.52
CA ARG A 108 18.14 -60.24 -0.06
C ARG A 108 18.10 -60.25 -1.58
N LEU A 109 17.73 -59.08 -2.17
CA LEU A 109 17.66 -58.90 -3.61
C LEU A 109 19.04 -59.07 -4.23
N LEU A 110 19.18 -60.09 -5.07
CA LEU A 110 20.40 -60.43 -5.76
C LEU A 110 20.37 -59.74 -7.13
N ARG A 111 19.21 -59.80 -7.82
CA ARG A 111 19.01 -59.17 -9.12
C ARG A 111 17.53 -58.91 -9.37
N GLY A 112 17.23 -57.70 -9.85
CA GLY A 112 15.87 -57.30 -10.23
C GLY A 112 15.70 -57.29 -11.74
N HIS A 113 14.48 -57.63 -12.21
CA HIS A 113 14.17 -57.70 -13.65
C HIS A 113 12.85 -57.01 -13.98
N ASP A 114 12.77 -56.47 -15.21
CA ASP A 114 11.59 -55.86 -15.82
C ASP A 114 11.81 -55.66 -17.32
N GLN A 115 11.35 -56.61 -18.13
CA GLN A 115 11.49 -56.60 -19.58
C GLN A 115 10.15 -56.57 -20.29
N SER A 116 10.10 -55.89 -21.45
CA SER A 116 8.91 -55.82 -22.29
C SER A 116 9.25 -56.22 -23.70
N ALA A 117 8.29 -56.81 -24.40
CA ALA A 117 8.42 -57.19 -25.78
C ALA A 117 7.19 -56.76 -26.56
N TYR A 118 7.35 -56.58 -27.88
CA TYR A 118 6.28 -56.25 -28.79
C TYR A 118 6.38 -57.19 -29.98
N ASP A 119 5.30 -57.91 -30.30
CA ASP A 119 5.21 -58.87 -31.39
C ASP A 119 6.37 -59.91 -31.37
N GLY A 120 6.71 -60.37 -30.16
CA GLY A 120 7.73 -61.38 -29.92
C GLY A 120 9.17 -60.94 -29.88
N LYS A 121 9.43 -59.65 -30.05
CA LYS A 121 10.80 -59.12 -30.04
C LYS A 121 11.00 -58.16 -28.89
N ASP A 122 12.23 -58.10 -28.32
CA ASP A 122 12.62 -57.20 -27.23
C ASP A 122 12.15 -55.77 -27.57
N TYR A 123 11.66 -55.05 -26.56
CA TYR A 123 11.16 -53.69 -26.74
C TYR A 123 11.90 -52.74 -25.84
N ILE A 124 11.71 -52.90 -24.52
CA ILE A 124 12.36 -52.10 -23.48
C ILE A 124 12.65 -52.98 -22.26
N ALA A 125 13.83 -52.82 -21.65
CA ALA A 125 14.21 -53.59 -20.49
C ALA A 125 14.88 -52.70 -19.47
N LEU A 126 14.60 -52.97 -18.20
CA LEU A 126 15.22 -52.28 -17.10
C LEU A 126 16.64 -52.82 -16.95
N ASN A 127 17.62 -51.94 -16.76
CA ASN A 127 19.02 -52.35 -16.58
C ASN A 127 19.28 -52.88 -15.18
N GLU A 128 20.37 -53.64 -15.03
CA GLU A 128 20.80 -54.26 -13.77
C GLU A 128 20.95 -53.26 -12.61
N ASP A 129 21.18 -51.95 -12.92
CA ASP A 129 21.29 -50.87 -11.93
C ASP A 129 19.93 -50.47 -11.34
N LEU A 130 18.81 -50.92 -11.98
CA LEU A 130 17.41 -50.65 -11.62
C LEU A 130 17.05 -49.15 -11.68
N SER A 131 17.77 -48.37 -12.52
CA SER A 131 17.49 -46.94 -12.65
C SER A 131 17.47 -46.45 -14.11
N SER A 132 17.96 -47.26 -15.05
CA SER A 132 18.00 -46.90 -16.47
C SER A 132 17.42 -47.98 -17.35
N TRP A 133 17.08 -47.63 -18.60
CA TRP A 133 16.46 -48.51 -19.58
C TRP A 133 17.33 -48.71 -20.81
N THR A 134 17.03 -49.79 -21.56
CA THR A 134 17.63 -50.16 -22.83
C THR A 134 16.44 -50.32 -23.78
N ALA A 135 16.35 -49.44 -24.77
CA ALA A 135 15.29 -49.44 -25.77
C ALA A 135 15.80 -50.16 -27.02
N ALA A 136 14.95 -51.00 -27.67
CA ALA A 136 15.33 -51.77 -28.85
C ALA A 136 15.39 -50.93 -30.13
N ASP A 137 14.51 -49.93 -30.25
CA ASP A 137 14.44 -49.03 -31.41
C ASP A 137 13.97 -47.61 -30.98
N THR A 138 13.59 -46.73 -31.94
CA THR A 138 13.13 -45.38 -31.55
C THR A 138 11.71 -45.36 -30.98
N ALA A 139 10.87 -46.37 -31.32
CA ALA A 139 9.51 -46.47 -30.77
C ALA A 139 9.62 -46.73 -29.27
N ALA A 140 10.57 -47.59 -28.86
CA ALA A 140 10.84 -47.93 -27.47
C ALA A 140 11.47 -46.78 -26.70
N GLN A 141 12.09 -45.84 -27.43
CA GLN A 141 12.68 -44.62 -26.88
C GLN A 141 11.59 -43.61 -26.54
N ILE A 142 10.44 -43.62 -27.28
CA ILE A 142 9.27 -42.78 -26.94
C ILE A 142 8.71 -43.29 -25.60
N THR A 143 8.49 -44.62 -25.46
CA THR A 143 8.06 -45.25 -24.21
C THR A 143 9.04 -44.90 -23.08
N GLN A 144 10.38 -45.00 -23.36
CA GLN A 144 11.44 -44.68 -22.39
C GLN A 144 11.30 -43.24 -21.88
N ARG A 145 11.01 -42.29 -22.79
CA ARG A 145 10.87 -40.88 -22.39
C ARG A 145 9.73 -40.74 -21.37
N LYS A 146 8.55 -41.33 -21.69
CA LYS A 146 7.34 -41.34 -20.84
C LYS A 146 7.63 -42.03 -19.49
N TRP A 147 8.35 -43.16 -19.52
CA TRP A 147 8.67 -43.95 -18.34
C TRP A 147 9.69 -43.29 -17.43
N GLU A 148 10.58 -42.46 -18.02
CA GLU A 148 11.58 -41.71 -17.26
C GLU A 148 10.88 -40.55 -16.61
N ALA A 149 9.93 -39.91 -17.32
CA ALA A 149 9.15 -38.77 -16.79
C ALA A 149 8.20 -39.20 -15.67
N ALA A 150 7.72 -40.46 -15.73
CA ALA A 150 6.81 -41.07 -14.76
C ALA A 150 7.59 -41.73 -13.62
N ARG A 151 8.94 -41.80 -13.76
CA ARG A 151 9.89 -42.38 -12.79
C ARG A 151 9.59 -43.86 -12.49
N VAL A 152 9.21 -44.62 -13.56
CA VAL A 152 8.89 -46.05 -13.52
C VAL A 152 10.04 -46.90 -12.94
N ALA A 153 11.31 -46.56 -13.27
CA ALA A 153 12.50 -47.28 -12.74
C ALA A 153 12.60 -47.15 -11.21
N GLU A 154 12.30 -45.95 -10.67
CA GLU A 154 12.27 -45.65 -9.25
C GLU A 154 11.17 -46.48 -8.57
N GLN A 155 9.94 -46.53 -9.17
CA GLN A 155 8.80 -47.31 -8.67
C GLN A 155 9.16 -48.80 -8.62
N LEU A 156 9.80 -49.32 -9.70
CA LEU A 156 10.25 -50.71 -9.80
C LEU A 156 11.35 -51.05 -8.79
N ARG A 157 12.34 -50.17 -8.61
CA ARG A 157 13.44 -50.39 -7.64
C ARG A 157 12.87 -50.55 -6.21
N ALA A 158 11.93 -49.68 -5.81
CA ALA A 158 11.27 -49.72 -4.51
C ALA A 158 10.55 -51.06 -4.30
N TYR A 159 9.83 -51.53 -5.33
CA TYR A 159 9.09 -52.80 -5.31
C TYR A 159 9.98 -54.02 -5.28
N LEU A 160 10.97 -54.09 -6.20
CA LEU A 160 11.90 -55.21 -6.28
C LEU A 160 12.77 -55.36 -5.01
N GLU A 161 13.17 -54.23 -4.39
CA GLU A 161 13.98 -54.25 -3.18
C GLU A 161 13.15 -54.50 -1.92
N GLY A 162 11.86 -54.17 -1.98
CA GLY A 162 10.93 -54.28 -0.85
C GLY A 162 9.91 -55.40 -0.93
N LEU A 163 8.68 -55.08 -1.37
CA LEU A 163 7.55 -56.02 -1.45
C LEU A 163 7.84 -57.30 -2.25
N CYS A 164 8.68 -57.24 -3.30
CA CYS A 164 8.97 -58.44 -4.11
C CYS A 164 9.73 -59.49 -3.31
N VAL A 165 10.79 -59.09 -2.59
CA VAL A 165 11.58 -60.04 -1.79
C VAL A 165 10.82 -60.50 -0.54
N GLU A 166 10.07 -59.58 0.11
CA GLU A 166 9.28 -59.86 1.31
C GLU A 166 8.20 -60.91 1.04
N TRP A 167 7.42 -60.74 -0.05
CA TRP A 167 6.37 -61.68 -0.42
C TRP A 167 6.93 -62.99 -0.93
N LEU A 168 8.03 -62.97 -1.72
CA LEU A 168 8.68 -64.21 -2.17
C LEU A 168 9.07 -65.05 -0.92
N ARG A 169 9.67 -64.40 0.12
CA ARG A 169 10.05 -65.03 1.40
C ARG A 169 8.82 -65.64 2.11
N ARG A 170 7.69 -64.91 2.14
CA ARG A 170 6.43 -65.38 2.73
C ARG A 170 5.94 -66.66 2.01
N TYR A 171 5.99 -66.67 0.66
CA TYR A 171 5.58 -67.81 -0.18
C TYR A 171 6.48 -69.01 0.02
N LEU A 172 7.80 -68.78 0.13
CA LEU A 172 8.80 -69.82 0.35
C LEU A 172 8.56 -70.52 1.68
N GLU A 173 8.15 -69.76 2.72
CA GLU A 173 7.83 -70.32 4.04
C GLU A 173 6.47 -71.06 4.03
N ASN A 174 5.45 -70.52 3.35
CA ASN A 174 4.12 -71.14 3.26
C ASN A 174 4.11 -72.44 2.47
N GLY A 175 4.96 -72.52 1.45
CA GLY A 175 5.11 -73.71 0.64
C GLY A 175 6.44 -74.38 0.83
N LYS A 176 7.06 -74.20 2.04
CA LYS A 176 8.37 -74.74 2.43
C LYS A 176 8.58 -76.21 2.08
N GLU A 177 7.59 -77.07 2.36
CA GLU A 177 7.70 -78.51 2.08
C GLU A 177 7.70 -78.88 0.59
N THR A 178 7.31 -77.95 -0.28
CA THR A 178 7.21 -78.22 -1.71
C THR A 178 8.04 -77.24 -2.58
N LEU A 179 8.49 -76.10 -2.03
CA LEU A 179 9.28 -75.07 -2.73
C LEU A 179 10.74 -75.10 -2.32
N GLN A 180 11.02 -75.51 -1.08
CA GLN A 180 12.37 -75.59 -0.53
C GLN A 180 12.88 -77.03 -0.53
N ARG A 181 12.15 -77.90 -1.25
CA ARG A 181 12.47 -79.31 -1.45
C ARG A 181 13.08 -79.42 -2.85
N ALA A 182 14.11 -80.25 -3.00
CA ALA A 182 14.73 -80.48 -4.30
C ALA A 182 14.52 -81.95 -4.66
N ASP A 183 13.80 -82.20 -5.76
CA ASP A 183 13.51 -83.54 -6.23
C ASP A 183 14.63 -84.02 -7.16
N PRO A 184 15.50 -84.96 -6.72
CA PRO A 184 16.58 -85.42 -7.62
C PRO A 184 16.04 -86.26 -8.78
N PRO A 185 16.71 -86.28 -9.96
CA PRO A 185 16.19 -87.09 -11.07
C PRO A 185 16.43 -88.59 -10.92
N LYS A 186 15.50 -89.38 -11.46
CA LYS A 186 15.56 -90.83 -11.52
C LYS A 186 16.16 -91.10 -12.89
N THR A 187 17.41 -91.61 -12.91
CA THR A 187 18.16 -91.82 -14.14
C THR A 187 18.30 -93.27 -14.58
N HIS A 188 18.35 -93.48 -15.91
CA HIS A 188 18.53 -94.76 -16.61
C HIS A 188 18.93 -94.51 -18.08
N VAL A 189 19.77 -95.40 -18.64
CA VAL A 189 20.25 -95.30 -20.02
C VAL A 189 19.58 -96.40 -20.86
N THR A 190 19.05 -96.04 -22.05
CA THR A 190 18.41 -96.96 -22.98
C THR A 190 19.20 -97.08 -24.30
N HIS A 191 18.97 -98.18 -25.04
CA HIS A 191 19.63 -98.51 -26.30
C HIS A 191 18.58 -98.74 -27.39
N HIS A 192 18.74 -98.07 -28.54
CA HIS A 192 17.81 -98.17 -29.68
C HIS A 192 18.55 -98.28 -31.03
N PRO A 193 18.58 -99.47 -31.69
CA PRO A 193 19.29 -99.57 -32.98
C PRO A 193 18.53 -98.93 -34.14
N VAL A 194 19.26 -98.19 -35.00
CA VAL A 194 18.71 -97.55 -36.19
C VAL A 194 19.08 -98.36 -37.44
N SER A 195 20.22 -99.08 -37.38
CA SER A 195 20.72 -99.96 -38.43
C SER A 195 21.46 -101.15 -37.79
N ASP A 196 22.11 -102.00 -38.62
CA ASP A 196 22.85 -103.16 -38.17
C ASP A 196 24.18 -102.80 -37.50
N HIS A 197 24.78 -101.65 -37.86
CA HIS A 197 26.09 -101.24 -37.33
C HIS A 197 26.09 -99.89 -36.57
N GLU A 198 24.92 -99.26 -36.35
CA GLU A 198 24.81 -98.01 -35.58
C GLU A 198 23.51 -97.95 -34.75
N ALA A 199 23.65 -97.63 -33.44
CA ALA A 199 22.54 -97.58 -32.48
C ALA A 199 22.58 -96.33 -31.59
N THR A 200 21.39 -95.75 -31.31
CA THR A 200 21.26 -94.54 -30.48
C THR A 200 21.18 -94.85 -28.98
N LEU A 201 22.09 -94.26 -28.18
CA LEU A 201 22.10 -94.41 -26.73
C LEU A 201 21.39 -93.20 -26.13
N ARG A 202 20.34 -93.44 -25.31
CA ARG A 202 19.53 -92.37 -24.72
C ARG A 202 19.64 -92.31 -23.20
N CYS A 203 20.04 -91.13 -22.66
CA CYS A 203 20.15 -90.92 -21.21
C CYS A 203 18.95 -90.13 -20.70
N TRP A 204 18.18 -90.74 -19.78
CA TRP A 204 16.96 -90.16 -19.22
C TRP A 204 17.12 -89.54 -17.84
N ALA A 205 16.46 -88.39 -17.63
CA ALA A 205 16.40 -87.67 -16.36
C ALA A 205 14.90 -87.48 -16.08
N LEU A 206 14.38 -88.09 -15.00
CA LEU A 206 12.93 -88.06 -14.74
C LEU A 206 12.54 -87.68 -13.31
N GLY A 207 11.37 -87.05 -13.18
CA GLY A 207 10.78 -86.62 -11.92
C GLY A 207 11.60 -85.64 -11.10
N PHE A 208 12.27 -84.68 -11.77
CA PHE A 208 13.10 -83.69 -11.06
C PHE A 208 12.46 -82.31 -10.93
N TYR A 209 12.82 -81.60 -9.85
CA TYR A 209 12.42 -80.23 -9.53
C TYR A 209 13.58 -79.57 -8.75
N PRO A 210 14.09 -78.38 -9.13
CA PRO A 210 13.66 -77.50 -10.24
C PRO A 210 14.02 -77.99 -11.64
N ALA A 211 13.57 -77.25 -12.68
CA ALA A 211 13.79 -77.58 -14.09
C ALA A 211 15.25 -77.51 -14.52
N GLU A 212 16.08 -76.71 -13.81
CA GLU A 212 17.51 -76.54 -14.09
C GLU A 212 18.28 -77.86 -13.96
N ILE A 213 18.79 -78.37 -15.11
CA ILE A 213 19.50 -79.65 -15.21
C ILE A 213 20.54 -79.64 -16.35
N THR A 214 21.64 -80.39 -16.17
CA THR A 214 22.71 -80.55 -17.16
C THR A 214 22.88 -82.03 -17.52
N LEU A 215 22.72 -82.35 -18.81
CA LEU A 215 22.86 -83.69 -19.37
C LEU A 215 23.93 -83.64 -20.47
N THR A 216 25.04 -84.40 -20.26
CA THR A 216 26.19 -84.41 -21.18
C THR A 216 26.74 -85.82 -21.49
N TRP A 217 26.87 -86.15 -22.80
CA TRP A 217 27.41 -87.43 -23.30
C TRP A 217 28.92 -87.33 -23.51
N GLN A 218 29.68 -88.37 -23.10
CA GLN A 218 31.14 -88.38 -23.23
C GLN A 218 31.72 -89.63 -23.90
N ARG A 219 32.90 -89.48 -24.55
CA ARG A 219 33.65 -90.56 -25.20
C ARG A 219 34.97 -90.71 -24.45
N ASP A 220 34.99 -91.65 -23.46
CA ASP A 220 36.13 -91.96 -22.58
C ASP A 220 36.60 -90.73 -21.75
N GLY A 221 35.66 -89.84 -21.44
CA GLY A 221 35.90 -88.62 -20.69
C GLY A 221 36.05 -87.36 -21.53
N GLU A 222 35.60 -87.42 -22.80
CA GLU A 222 35.67 -86.30 -23.73
C GLU A 222 34.28 -85.92 -24.24
N ASP A 223 33.90 -84.63 -24.06
CA ASP A 223 32.62 -84.03 -24.44
C ASP A 223 32.22 -84.29 -25.90
N GLN A 224 30.95 -84.65 -26.13
CA GLN A 224 30.41 -84.96 -27.46
C GLN A 224 29.39 -83.88 -27.88
N THR A 225 29.68 -82.61 -27.52
CA THR A 225 28.88 -81.41 -27.73
C THR A 225 28.19 -81.31 -29.10
N GLN A 226 28.91 -81.58 -30.20
CA GLN A 226 28.37 -81.48 -31.57
C GLN A 226 27.47 -82.66 -31.97
N ASP A 227 27.79 -83.88 -31.50
CA ASP A 227 27.05 -85.11 -31.82
C ASP A 227 25.85 -85.42 -30.90
N THR A 228 25.84 -84.84 -29.67
CA THR A 228 24.78 -85.04 -28.68
C THR A 228 23.49 -84.30 -29.06
N GLU A 229 22.37 -85.04 -29.09
CA GLU A 229 21.03 -84.54 -29.40
C GLU A 229 20.28 -84.37 -28.06
N LEU A 230 20.00 -83.11 -27.68
CA LEU A 230 19.30 -82.81 -26.43
C LEU A 230 17.91 -82.26 -26.68
N VAL A 231 16.91 -82.86 -26.02
CA VAL A 231 15.53 -82.43 -26.13
C VAL A 231 15.22 -81.38 -25.04
N GLU A 232 14.35 -80.40 -25.36
CA GLU A 232 14.00 -79.31 -24.44
C GLU A 232 13.30 -79.88 -23.19
N THR A 233 13.71 -79.40 -21.98
CA THR A 233 13.16 -79.83 -20.68
C THR A 233 11.64 -79.68 -20.73
N ARG A 234 10.93 -80.74 -20.41
CA ARG A 234 9.48 -80.76 -20.51
C ARG A 234 8.80 -81.03 -19.16
N PRO A 235 7.60 -80.46 -18.90
CA PRO A 235 6.92 -80.73 -17.63
C PRO A 235 6.19 -82.08 -17.63
N ALA A 236 6.29 -82.83 -16.53
CA ALA A 236 5.61 -84.12 -16.40
C ALA A 236 4.10 -83.94 -16.16
N GLY A 237 3.71 -82.74 -15.69
CA GLY A 237 2.31 -82.38 -15.42
C GLY A 237 1.92 -82.49 -13.96
N ASP A 238 2.87 -82.91 -13.11
CA ASP A 238 2.70 -83.08 -11.66
C ASP A 238 3.67 -82.17 -10.89
N ARG A 239 4.27 -81.18 -11.59
CA ARG A 239 5.21 -80.15 -11.12
C ARG A 239 6.67 -80.61 -11.19
N THR A 240 6.92 -81.80 -11.78
CA THR A 240 8.28 -82.32 -11.99
C THR A 240 8.63 -82.19 -13.48
N PHE A 241 9.93 -82.38 -13.81
CA PHE A 241 10.44 -82.21 -15.16
C PHE A 241 11.11 -83.46 -15.70
N GLN A 242 11.22 -83.53 -17.03
CA GLN A 242 11.80 -84.64 -17.77
C GLN A 242 12.72 -84.08 -18.85
N LYS A 243 13.82 -84.80 -19.14
CA LYS A 243 14.80 -84.44 -20.16
C LYS A 243 15.63 -85.66 -20.57
N TRP A 244 15.99 -85.74 -21.86
CA TRP A 244 16.86 -86.78 -22.36
C TRP A 244 17.90 -86.28 -23.36
N ALA A 245 19.05 -86.98 -23.41
CA ALA A 245 20.19 -86.73 -24.28
C ALA A 245 20.48 -88.01 -25.08
N ALA A 246 20.55 -87.89 -26.42
CA ALA A 246 20.80 -89.02 -27.33
C ALA A 246 22.09 -88.89 -28.16
N VAL A 247 22.75 -90.03 -28.45
CA VAL A 247 23.97 -90.13 -29.28
C VAL A 247 23.93 -91.34 -30.21
N VAL A 248 24.26 -91.13 -31.50
CA VAL A 248 24.34 -92.19 -32.51
C VAL A 248 25.70 -92.87 -32.27
N VAL A 249 25.67 -94.09 -31.71
CA VAL A 249 26.85 -94.87 -31.35
C VAL A 249 27.07 -96.08 -32.29
N PRO A 250 28.27 -96.24 -32.89
CA PRO A 250 28.52 -97.40 -33.75
C PRO A 250 28.58 -98.70 -32.92
N SER A 251 27.97 -99.78 -33.46
CA SER A 251 27.87 -101.10 -32.82
C SER A 251 29.21 -101.65 -32.34
N GLY A 252 29.29 -101.86 -31.02
CA GLY A 252 30.49 -102.35 -30.34
C GLY A 252 31.08 -101.36 -29.36
N GLU A 253 30.93 -100.06 -29.67
CA GLU A 253 31.45 -98.96 -28.85
C GLU A 253 30.43 -98.42 -27.82
N GLU A 254 29.46 -99.27 -27.40
CA GLU A 254 28.42 -98.89 -26.44
C GLU A 254 28.97 -98.67 -25.02
N GLN A 255 29.91 -99.53 -24.57
CA GLN A 255 30.53 -99.44 -23.24
C GLN A 255 31.51 -98.26 -23.10
N ARG A 256 31.97 -97.72 -24.25
CA ARG A 256 32.89 -96.59 -24.38
C ARG A 256 32.23 -95.27 -23.92
N TYR A 257 30.96 -95.05 -24.31
CA TYR A 257 30.14 -93.87 -24.02
C TYR A 257 29.61 -93.85 -22.58
N THR A 258 29.78 -92.69 -21.89
CA THR A 258 29.32 -92.45 -20.53
C THR A 258 28.63 -91.08 -20.42
N CYS A 259 27.45 -91.05 -19.76
CA CYS A 259 26.69 -89.80 -19.61
C CYS A 259 26.76 -89.23 -18.20
N HIS A 260 26.74 -87.89 -18.10
CA HIS A 260 26.85 -87.14 -16.85
C HIS A 260 25.62 -86.26 -16.57
N VAL A 261 25.04 -86.41 -15.36
CA VAL A 261 23.85 -85.68 -14.91
C VAL A 261 24.18 -84.74 -13.75
N GLN A 262 23.84 -83.45 -13.91
CA GLN A 262 24.05 -82.40 -12.91
C GLN A 262 22.71 -81.78 -12.51
N HIS A 263 22.36 -81.86 -11.21
CA HIS A 263 21.13 -81.32 -10.64
C HIS A 263 21.32 -80.91 -9.18
N GLU A 264 20.55 -79.89 -8.74
CA GLU A 264 20.53 -79.32 -7.39
C GLU A 264 20.26 -80.42 -6.33
N GLY A 265 19.30 -81.30 -6.60
CA GLY A 265 18.90 -82.40 -5.73
C GLY A 265 19.92 -83.51 -5.54
N LEU A 266 20.94 -83.58 -6.43
CA LEU A 266 22.02 -84.57 -6.37
C LEU A 266 23.25 -84.01 -5.62
N PRO A 267 23.74 -84.71 -4.55
CA PRO A 267 24.91 -84.18 -3.83
C PRO A 267 26.22 -84.32 -4.61
N LYS A 268 26.29 -85.35 -5.48
CA LYS A 268 27.44 -85.65 -6.34
C LYS A 268 26.95 -85.89 -7.78
N PRO A 269 27.56 -85.24 -8.80
CA PRO A 269 27.11 -85.48 -10.19
C PRO A 269 27.30 -86.93 -10.64
N LEU A 270 26.19 -87.60 -10.98
CA LEU A 270 26.19 -89.02 -11.35
C LEU A 270 26.72 -89.33 -12.75
N THR A 271 27.49 -90.42 -12.86
CA THR A 271 28.04 -90.95 -14.11
C THR A 271 27.29 -92.24 -14.43
N LEU A 272 26.70 -92.31 -15.63
CA LEU A 272 25.91 -93.45 -16.07
C LEU A 272 26.38 -94.07 -17.39
N ARG A 273 26.17 -95.40 -17.52
CA ARG A 273 26.51 -96.19 -18.70
C ARG A 273 25.46 -97.28 -18.96
N TRP A 274 25.39 -97.77 -20.22
CA TRP A 274 24.43 -98.80 -20.66
C TRP A 274 24.59 -100.12 -19.89
N GLU A 275 23.51 -100.50 -19.19
CA GLU A 275 23.43 -101.71 -18.36
C GLU A 275 22.27 -102.61 -18.82
N PRO A 276 22.50 -103.88 -19.21
CA PRO A 276 23.78 -104.59 -19.27
C PRO A 276 24.59 -104.27 -20.54
N ILE B 2 9.19 -62.36 -35.05
CA ILE B 2 7.81 -62.03 -35.39
C ILE B 2 6.92 -63.26 -35.47
N GLN B 3 7.43 -64.30 -36.09
CA GLN B 3 6.70 -65.55 -36.15
C GLN B 3 7.56 -66.78 -35.86
N ARG B 4 7.03 -67.69 -35.05
CA ARG B 4 7.73 -68.91 -34.74
C ARG B 4 6.84 -70.09 -34.80
N THR B 5 7.36 -71.19 -35.29
CA THR B 5 6.59 -72.42 -35.45
C THR B 5 6.64 -73.28 -34.17
N PRO B 6 5.51 -73.89 -33.77
CA PRO B 6 5.52 -74.70 -32.52
C PRO B 6 6.34 -76.00 -32.56
N LYS B 7 7.05 -76.24 -31.46
CA LYS B 7 7.82 -77.44 -31.24
C LYS B 7 6.91 -78.32 -30.47
N ILE B 8 6.79 -79.55 -30.90
CA ILE B 8 5.86 -80.50 -30.28
C ILE B 8 6.61 -81.68 -29.68
N GLN B 9 6.20 -82.09 -28.48
CA GLN B 9 6.71 -83.26 -27.76
C GLN B 9 5.49 -84.00 -27.23
N VAL B 10 5.38 -85.29 -27.58
CA VAL B 10 4.31 -86.19 -27.11
C VAL B 10 4.99 -87.23 -26.24
N TYR B 11 4.54 -87.35 -24.99
CA TYR B 11 5.13 -88.25 -23.99
C TYR B 11 4.14 -88.55 -22.88
N SER B 12 4.53 -89.44 -21.96
CA SER B 12 3.70 -89.83 -20.82
C SER B 12 4.30 -89.28 -19.52
N ARG B 13 3.44 -88.99 -18.52
CA ARG B 13 3.88 -88.51 -17.21
C ARG B 13 4.83 -89.51 -16.54
N HIS B 14 4.43 -90.80 -16.51
CA HIS B 14 5.19 -91.89 -15.90
C HIS B 14 5.65 -92.88 -16.98
N PRO B 15 6.71 -93.69 -16.75
CA PRO B 15 7.10 -94.70 -17.76
C PRO B 15 5.91 -95.56 -18.16
N ALA B 16 5.62 -95.63 -19.48
CA ALA B 16 4.50 -96.35 -20.04
C ALA B 16 4.50 -97.86 -19.79
N GLU B 17 3.42 -98.35 -19.16
CA GLU B 17 3.17 -99.76 -18.82
C GLU B 17 1.76 -100.09 -19.29
N ASN B 18 1.67 -101.06 -20.23
CA ASN B 18 0.41 -101.49 -20.84
C ASN B 18 -0.65 -101.91 -19.82
N GLY B 19 -1.84 -101.33 -19.95
CA GLY B 19 -2.97 -101.54 -19.05
C GLY B 19 -3.00 -100.62 -17.84
N LYS B 20 -1.83 -100.11 -17.39
CA LYS B 20 -1.70 -99.21 -16.24
C LYS B 20 -2.00 -97.77 -16.62
N SER B 21 -2.94 -97.11 -15.90
CA SER B 21 -3.35 -95.73 -16.14
C SER B 21 -2.19 -94.75 -15.96
N ASN B 22 -2.10 -93.81 -16.89
CA ASN B 22 -1.05 -92.81 -16.99
C ASN B 22 -1.66 -91.47 -17.49
N PHE B 23 -0.79 -90.52 -17.87
CA PHE B 23 -1.20 -89.23 -18.40
C PHE B 23 -0.47 -88.98 -19.72
N LEU B 24 -1.23 -88.66 -20.78
CA LEU B 24 -0.69 -88.36 -22.11
C LEU B 24 -0.47 -86.85 -22.19
N ASN B 25 0.79 -86.46 -22.35
CA ASN B 25 1.24 -85.08 -22.42
C ASN B 25 1.62 -84.64 -23.83
N CYS B 26 1.18 -83.43 -24.22
CA CYS B 26 1.58 -82.79 -25.45
C CYS B 26 2.06 -81.37 -25.12
N TYR B 27 3.38 -81.20 -25.11
CA TYR B 27 4.03 -79.95 -24.79
C TYR B 27 4.33 -79.17 -26.06
N VAL B 28 3.58 -78.10 -26.28
CA VAL B 28 3.73 -77.20 -27.43
C VAL B 28 4.49 -75.95 -26.99
N SER B 29 5.71 -75.78 -27.48
CA SER B 29 6.56 -74.64 -27.11
C SER B 29 7.17 -73.93 -28.31
N GLY B 30 7.84 -72.80 -28.05
CA GLY B 30 8.53 -72.00 -29.05
C GLY B 30 7.71 -71.33 -30.12
N PHE B 31 6.38 -71.16 -29.93
CA PHE B 31 5.52 -70.52 -30.93
C PHE B 31 5.19 -69.04 -30.63
N HIS B 32 4.79 -68.29 -31.68
CA HIS B 32 4.42 -66.87 -31.67
C HIS B 32 3.70 -66.52 -32.98
N PRO B 33 2.48 -65.90 -32.99
CA PRO B 33 1.67 -65.40 -31.86
C PRO B 33 1.04 -66.50 -30.96
N SER B 34 0.29 -66.09 -29.92
CA SER B 34 -0.26 -66.98 -28.89
C SER B 34 -1.38 -67.95 -29.33
N ASP B 35 -2.26 -67.57 -30.28
CA ASP B 35 -3.37 -68.44 -30.68
C ASP B 35 -2.90 -69.75 -31.26
N ILE B 36 -3.43 -70.86 -30.71
CA ILE B 36 -3.07 -72.22 -31.09
C ILE B 36 -4.26 -73.17 -30.84
N GLU B 37 -4.39 -74.19 -31.69
CA GLU B 37 -5.42 -75.24 -31.58
C GLU B 37 -4.68 -76.54 -31.39
N VAL B 38 -4.92 -77.23 -30.27
CA VAL B 38 -4.26 -78.50 -29.97
C VAL B 38 -5.30 -79.56 -29.63
N ASP B 39 -5.10 -80.78 -30.20
CA ASP B 39 -5.98 -81.93 -29.99
C ASP B 39 -5.17 -83.17 -29.70
N LEU B 40 -5.58 -83.93 -28.69
CA LEU B 40 -5.00 -85.21 -28.34
C LEU B 40 -5.81 -86.27 -29.09
N LEU B 41 -5.11 -87.23 -29.73
CA LEU B 41 -5.77 -88.25 -30.55
C LEU B 41 -5.58 -89.68 -30.12
N LYS B 42 -6.68 -90.46 -30.11
CA LYS B 42 -6.65 -91.91 -29.86
C LYS B 42 -7.10 -92.55 -31.17
N ASN B 43 -6.15 -93.21 -31.87
CA ASN B 43 -6.36 -93.87 -33.17
C ASN B 43 -6.98 -92.92 -34.23
N GLY B 44 -6.42 -91.70 -34.33
CA GLY B 44 -6.87 -90.68 -35.25
C GLY B 44 -8.11 -89.89 -34.86
N GLU B 45 -8.74 -90.25 -33.73
CA GLU B 45 -9.96 -89.60 -33.21
C GLU B 45 -9.67 -88.70 -32.00
N ARG B 46 -10.33 -87.53 -31.96
CA ARG B 46 -10.19 -86.52 -30.90
C ARG B 46 -10.72 -86.98 -29.55
N ILE B 47 -9.89 -86.83 -28.50
CA ILE B 47 -10.24 -87.15 -27.12
C ILE B 47 -10.97 -85.91 -26.57
N GLU B 48 -12.15 -86.09 -25.93
CA GLU B 48 -12.96 -84.99 -25.41
C GLU B 48 -12.44 -84.38 -24.12
N LYS B 49 -12.13 -85.22 -23.11
CA LYS B 49 -11.65 -84.76 -21.81
C LYS B 49 -10.14 -84.43 -21.85
N VAL B 50 -9.80 -83.25 -22.41
CA VAL B 50 -8.41 -82.77 -22.53
C VAL B 50 -8.28 -81.42 -21.86
N GLU B 51 -7.30 -81.29 -20.97
CA GLU B 51 -7.03 -80.07 -20.22
C GLU B 51 -5.70 -79.47 -20.59
N HIS B 52 -5.53 -78.18 -20.33
CA HIS B 52 -4.29 -77.51 -20.69
C HIS B 52 -3.80 -76.57 -19.60
N SER B 53 -2.47 -76.33 -19.55
CA SER B 53 -1.86 -75.42 -18.58
C SER B 53 -2.14 -73.96 -18.97
N ASP B 54 -1.91 -73.01 -18.04
CA ASP B 54 -2.12 -71.57 -18.31
C ASP B 54 -1.03 -71.03 -19.22
N LEU B 55 -1.40 -70.13 -20.15
CA LEU B 55 -0.48 -69.53 -21.12
C LEU B 55 0.65 -68.78 -20.47
N SER B 56 1.87 -69.20 -20.77
CA SER B 56 3.09 -68.58 -20.27
C SER B 56 4.09 -68.49 -21.41
N PHE B 57 5.31 -67.98 -21.16
CA PHE B 57 6.32 -67.83 -22.21
C PHE B 57 7.76 -67.93 -21.69
N SER B 58 8.70 -68.17 -22.61
CA SER B 58 10.12 -68.35 -22.31
C SER B 58 10.88 -67.02 -22.39
N LYS B 59 12.19 -67.03 -22.06
CA LYS B 59 13.07 -65.87 -22.08
C LYS B 59 13.20 -65.22 -23.48
N ASP B 60 12.94 -66.00 -24.55
CA ASP B 60 12.98 -65.56 -25.95
C ASP B 60 11.60 -65.08 -26.43
N TRP B 61 10.61 -64.95 -25.48
CA TRP B 61 9.21 -64.46 -25.67
C TRP B 61 8.26 -65.45 -26.31
N SER B 62 8.75 -66.62 -26.70
CA SER B 62 7.90 -67.61 -27.33
C SER B 62 7.07 -68.32 -26.28
N PHE B 63 5.82 -68.64 -26.64
CA PHE B 63 4.85 -69.26 -25.77
C PHE B 63 5.03 -70.77 -25.58
N TYR B 64 4.50 -71.29 -24.46
CA TYR B 64 4.51 -72.72 -24.16
C TYR B 64 3.22 -73.13 -23.46
N LEU B 65 2.69 -74.28 -23.86
CA LEU B 65 1.46 -74.84 -23.31
C LEU B 65 1.59 -76.36 -23.16
N LEU B 66 0.95 -76.91 -22.13
CA LEU B 66 0.91 -78.36 -21.93
C LEU B 66 -0.53 -78.83 -22.00
N TYR B 67 -0.85 -79.64 -23.02
CA TYR B 67 -2.18 -80.23 -23.17
C TYR B 67 -2.05 -81.66 -22.69
N TYR B 68 -2.89 -82.06 -21.74
CA TYR B 68 -2.81 -83.38 -21.12
C TYR B 68 -4.16 -84.04 -20.88
N THR B 69 -4.15 -85.37 -20.86
CA THR B 69 -5.32 -86.20 -20.58
C THR B 69 -4.91 -87.48 -19.85
N GLU B 70 -5.82 -87.99 -19.02
CA GLU B 70 -5.65 -89.25 -18.31
C GLU B 70 -5.85 -90.36 -19.38
N PHE B 71 -4.90 -91.32 -19.47
CA PHE B 71 -5.02 -92.37 -20.50
C PHE B 71 -4.47 -93.71 -20.06
N THR B 72 -4.88 -94.78 -20.74
CA THR B 72 -4.40 -96.15 -20.49
C THR B 72 -3.65 -96.62 -21.73
N PRO B 73 -2.30 -96.60 -21.72
CA PRO B 73 -1.55 -97.07 -22.90
C PRO B 73 -1.67 -98.58 -23.07
N THR B 74 -1.81 -99.01 -24.33
CA THR B 74 -1.86 -100.43 -24.69
C THR B 74 -0.71 -100.68 -25.68
N GLU B 75 -0.55 -101.93 -26.13
CA GLU B 75 0.50 -102.30 -27.06
C GLU B 75 0.23 -101.76 -28.47
N LYS B 76 -1.04 -101.78 -28.93
CA LYS B 76 -1.41 -101.44 -30.31
C LYS B 76 -2.13 -100.09 -30.52
N ASP B 77 -2.71 -99.48 -29.46
CA ASP B 77 -3.39 -98.18 -29.62
C ASP B 77 -2.38 -97.07 -29.94
N GLU B 78 -2.65 -96.31 -31.01
CA GLU B 78 -1.78 -95.23 -31.43
C GLU B 78 -2.29 -93.88 -30.95
N TYR B 79 -1.41 -93.16 -30.24
CA TYR B 79 -1.71 -91.85 -29.68
C TYR B 79 -0.92 -90.77 -30.40
N ALA B 80 -1.56 -89.61 -30.61
CA ALA B 80 -0.92 -88.48 -31.30
C ALA B 80 -1.42 -87.13 -30.81
N CYS B 81 -0.77 -86.05 -31.29
CA CYS B 81 -1.09 -84.66 -31.00
C CYS B 81 -1.24 -83.91 -32.32
N ARG B 82 -2.42 -83.34 -32.58
CA ARG B 82 -2.74 -82.57 -33.78
C ARG B 82 -2.71 -81.06 -33.40
N VAL B 83 -1.75 -80.31 -33.97
CA VAL B 83 -1.52 -78.89 -33.69
C VAL B 83 -1.72 -77.99 -34.92
N ASN B 84 -2.46 -76.89 -34.74
CA ASN B 84 -2.68 -75.86 -35.75
C ASN B 84 -2.26 -74.47 -35.22
N HIS B 85 -1.53 -73.73 -36.06
CA HIS B 85 -0.97 -72.40 -35.79
C HIS B 85 -0.84 -71.66 -37.15
N VAL B 86 -0.75 -70.30 -37.16
CA VAL B 86 -0.60 -69.50 -38.39
C VAL B 86 0.61 -69.91 -39.22
N THR B 87 1.71 -70.33 -38.57
CA THR B 87 2.95 -70.79 -39.21
C THR B 87 2.81 -72.20 -39.84
N LEU B 88 1.65 -72.85 -39.65
CA LEU B 88 1.37 -74.18 -40.16
C LEU B 88 0.23 -74.12 -41.19
N SER B 89 0.59 -74.42 -42.48
CA SER B 89 -0.32 -74.42 -43.64
C SER B 89 -1.36 -75.53 -43.53
N GLN B 90 -0.97 -76.63 -42.87
CA GLN B 90 -1.79 -77.80 -42.61
C GLN B 90 -1.59 -78.24 -41.14
N PRO B 91 -2.59 -78.85 -40.47
CA PRO B 91 -2.36 -79.31 -39.08
C PRO B 91 -1.23 -80.32 -38.98
N LYS B 92 -0.28 -80.09 -38.05
CA LYS B 92 0.87 -80.94 -37.82
C LYS B 92 0.48 -82.03 -36.80
N ILE B 93 0.77 -83.30 -37.14
CA ILE B 93 0.47 -84.46 -36.29
C ILE B 93 1.75 -85.19 -35.85
N VAL B 94 1.99 -85.24 -34.53
CA VAL B 94 3.15 -85.94 -33.97
C VAL B 94 2.63 -87.16 -33.21
N LYS B 95 3.09 -88.35 -33.61
CA LYS B 95 2.73 -89.63 -33.00
C LYS B 95 3.49 -89.80 -31.69
N TRP B 96 2.90 -90.49 -30.71
CA TRP B 96 3.52 -90.75 -29.43
C TRP B 96 4.44 -91.96 -29.51
N ASP B 97 5.68 -91.78 -29.07
CA ASP B 97 6.71 -92.80 -29.02
C ASP B 97 7.11 -92.92 -27.57
N ARG B 98 6.71 -94.04 -26.92
CA ARG B 98 6.97 -94.34 -25.50
C ARG B 98 8.46 -94.34 -25.12
N ASP B 99 9.36 -94.41 -26.11
CA ASP B 99 10.81 -94.41 -25.88
C ASP B 99 11.44 -93.05 -26.18
N MET B 100 10.60 -91.99 -26.24
CA MET B 100 11.03 -90.63 -26.53
C MET B 100 10.28 -89.56 -25.72
N LEU C 1 3.40 -61.30 -4.64
CA LEU C 1 2.55 -60.13 -4.81
C LEU C 1 3.04 -59.33 -6.04
N PRO C 2 2.15 -59.00 -7.00
CA PRO C 2 2.58 -58.25 -8.18
C PRO C 2 2.96 -56.79 -7.90
N PHE C 3 3.52 -56.13 -8.92
CA PHE C 3 3.87 -54.72 -8.92
C PHE C 3 2.55 -54.00 -8.98
N GLU C 4 2.35 -52.96 -8.16
CA GLU C 4 1.04 -52.32 -8.09
C GLU C 4 0.89 -50.98 -8.81
N LYS C 5 1.72 -50.72 -9.84
CA LYS C 5 1.63 -49.49 -10.64
C LYS C 5 1.80 -49.83 -12.09
N SER C 6 1.10 -49.12 -12.98
CA SER C 6 1.25 -49.31 -14.42
C SER C 6 1.24 -47.98 -15.14
N THR C 7 2.16 -47.81 -16.09
CA THR C 7 2.30 -46.56 -16.84
C THR C 7 2.14 -46.85 -18.31
N ILE C 8 1.21 -46.13 -18.97
CA ILE C 8 0.95 -46.27 -20.40
C ILE C 8 2.28 -46.10 -21.19
N MET C 9 2.54 -47.01 -22.14
CA MET C 9 3.72 -47.04 -23.00
C MET C 9 3.62 -46.00 -24.14
N ALA D 2 -7.87 -46.45 1.77
CA ALA D 2 -8.90 -46.67 2.79
C ALA D 2 -8.32 -47.19 4.12
N GLY D 3 -7.28 -48.00 4.05
CA GLY D 3 -6.60 -48.53 5.22
C GLY D 3 -5.34 -47.75 5.58
N GLU D 4 -5.21 -46.52 5.04
CA GLU D 4 -4.05 -45.67 5.27
C GLU D 4 -4.41 -44.35 5.97
N ASN D 5 -3.69 -44.06 7.06
CA ASN D 5 -3.85 -42.86 7.88
C ASN D 5 -2.50 -42.15 8.00
N VAL D 6 -2.43 -40.92 7.46
CA VAL D 6 -1.23 -40.09 7.50
C VAL D 6 -1.42 -38.92 8.48
N GLU D 7 -0.54 -38.87 9.49
CA GLU D 7 -0.57 -37.84 10.53
C GLU D 7 0.66 -36.96 10.45
N GLN D 8 0.42 -35.65 10.30
CA GLN D 8 1.44 -34.63 10.17
C GLN D 8 1.57 -33.85 11.49
N HIS D 9 2.80 -33.76 12.01
CA HIS D 9 3.11 -33.07 13.27
C HIS D 9 4.32 -32.13 13.08
N PRO D 10 4.23 -30.82 13.43
CA PRO D 10 3.09 -30.09 14.02
C PRO D 10 2.13 -29.53 12.97
N SER D 11 0.98 -28.99 13.42
CA SER D 11 -0.04 -28.38 12.58
C SER D 11 0.41 -27.00 12.08
N THR D 12 1.19 -26.28 12.91
CA THR D 12 1.77 -24.95 12.63
C THR D 12 3.17 -24.93 13.20
N LEU D 13 4.07 -24.10 12.62
CA LEU D 13 5.45 -23.97 13.06
C LEU D 13 6.02 -22.61 12.71
N SER D 14 6.70 -21.96 13.67
CA SER D 14 7.36 -20.67 13.47
C SER D 14 8.84 -20.84 13.69
N VAL D 15 9.65 -20.31 12.77
CA VAL D 15 11.10 -20.46 12.84
C VAL D 15 11.80 -19.14 12.49
N GLN D 16 13.01 -18.93 13.02
CA GLN D 16 13.80 -17.72 12.77
C GLN D 16 14.66 -17.89 11.51
N GLU D 17 14.67 -16.87 10.62
CA GLU D 17 15.46 -16.89 9.38
C GLU D 17 16.93 -17.29 9.64
N GLY D 18 17.29 -18.50 9.22
CA GLY D 18 18.62 -19.07 9.39
C GLY D 18 18.62 -20.35 10.19
N ASP D 19 17.55 -20.57 10.98
CA ASP D 19 17.39 -21.78 11.79
C ASP D 19 16.81 -22.92 10.93
N SER D 20 16.66 -24.12 11.51
CA SER D 20 16.15 -25.28 10.80
C SER D 20 14.73 -25.61 11.20
N ALA D 21 13.95 -26.11 10.23
CA ALA D 21 12.56 -26.53 10.42
C ALA D 21 12.42 -28.01 10.05
N VAL D 22 11.70 -28.78 10.90
CA VAL D 22 11.47 -30.23 10.71
C VAL D 22 9.98 -30.54 10.88
N ILE D 23 9.38 -31.18 9.87
CA ILE D 23 7.98 -31.62 9.89
C ILE D 23 8.00 -33.13 9.89
N LYS D 24 7.27 -33.78 10.82
CA LYS D 24 7.25 -35.23 10.95
C LYS D 24 5.90 -35.83 10.54
N CYS D 25 5.93 -36.86 9.68
CA CYS D 25 4.75 -37.57 9.22
C CYS D 25 4.81 -39.04 9.56
N THR D 26 3.67 -39.59 10.00
CA THR D 26 3.53 -41.01 10.35
C THR D 26 2.50 -41.66 9.42
N TYR D 27 2.73 -42.91 9.04
CA TYR D 27 1.82 -43.68 8.20
C TYR D 27 1.53 -45.05 8.82
N SER D 28 0.47 -45.73 8.35
CA SER D 28 -0.01 -47.01 8.88
C SER D 28 0.26 -48.26 8.02
N ASP D 29 0.13 -48.16 6.68
CA ASP D 29 0.26 -49.31 5.77
C ASP D 29 1.67 -49.55 5.21
N SER D 30 2.04 -50.83 5.08
CA SER D 30 3.34 -51.27 4.54
C SER D 30 3.38 -51.27 2.99
N ALA D 31 2.19 -51.16 2.34
CA ALA D 31 2.05 -51.04 0.88
C ALA D 31 2.41 -49.60 0.46
N SER D 32 2.66 -48.71 1.44
CA SER D 32 3.09 -47.32 1.21
C SER D 32 4.58 -47.36 0.86
N ASN D 33 4.91 -47.01 -0.40
CA ASN D 33 6.30 -46.99 -0.90
C ASN D 33 6.65 -45.64 -1.50
N TYR D 34 5.64 -44.76 -1.72
CA TYR D 34 5.88 -43.44 -2.28
C TYR D 34 5.46 -42.35 -1.29
N PHE D 35 6.44 -41.49 -0.93
CA PHE D 35 6.25 -40.46 0.10
C PHE D 35 6.56 -39.05 -0.42
N PRO D 36 5.59 -38.39 -1.09
CA PRO D 36 5.85 -37.04 -1.60
C PRO D 36 5.66 -35.90 -0.60
N TRP D 37 6.33 -34.75 -0.84
CA TRP D 37 6.21 -33.52 -0.04
C TRP D 37 5.81 -32.38 -0.95
N TYR D 38 4.70 -31.70 -0.63
CA TYR D 38 4.18 -30.58 -1.42
C TYR D 38 4.23 -29.29 -0.65
N LYS D 39 4.50 -28.19 -1.38
CA LYS D 39 4.59 -26.84 -0.84
C LYS D 39 3.52 -25.98 -1.48
N GLN D 40 2.63 -25.41 -0.65
CA GLN D 40 1.56 -24.57 -1.15
C GLN D 40 1.59 -23.15 -0.57
N GLU D 41 1.88 -22.16 -1.44
CA GLU D 41 1.85 -20.74 -1.10
C GLU D 41 0.36 -20.33 -1.21
N LEU D 42 -0.08 -19.28 -0.47
CA LEU D 42 -1.50 -18.87 -0.44
C LEU D 42 -2.08 -18.53 -1.82
N GLY D 43 -3.25 -19.13 -2.09
CA GLY D 43 -4.00 -18.97 -3.33
C GLY D 43 -3.39 -19.66 -4.54
N LYS D 44 -2.30 -20.41 -4.32
CA LYS D 44 -1.56 -21.09 -5.38
C LYS D 44 -1.69 -22.61 -5.29
N ARG D 45 -1.22 -23.32 -6.33
CA ARG D 45 -1.28 -24.77 -6.38
C ARG D 45 -0.19 -25.44 -5.53
N PRO D 46 -0.43 -26.65 -4.95
CA PRO D 46 0.67 -27.34 -4.26
C PRO D 46 1.70 -27.77 -5.29
N GLN D 47 2.98 -27.54 -4.99
CA GLN D 47 4.08 -27.90 -5.88
C GLN D 47 4.88 -28.99 -5.21
N LEU D 48 5.29 -30.00 -5.97
CA LEU D 48 6.13 -31.06 -5.41
C LEU D 48 7.53 -30.47 -5.22
N ILE D 49 8.09 -30.61 -4.01
CA ILE D 49 9.44 -30.07 -3.73
C ILE D 49 10.47 -31.18 -3.58
N ILE D 50 10.08 -32.29 -2.95
CA ILE D 50 10.89 -33.49 -2.74
C ILE D 50 9.98 -34.70 -2.49
N ASP D 51 10.52 -35.91 -2.70
CA ASP D 51 9.85 -37.19 -2.41
C ASP D 51 10.87 -38.25 -2.07
N ILE D 52 10.43 -39.35 -1.46
CA ILE D 52 11.28 -40.48 -1.08
C ILE D 52 10.50 -41.77 -1.29
N ARG D 53 11.22 -42.86 -1.55
CA ARG D 53 10.65 -44.18 -1.76
C ARG D 53 11.15 -45.15 -0.69
N SER D 54 10.40 -46.28 -0.45
CA SER D 54 10.68 -47.28 0.60
C SER D 54 12.11 -47.89 0.62
N ASN D 55 12.83 -47.87 -0.51
CA ASN D 55 14.19 -48.44 -0.60
C ASN D 55 15.29 -47.44 -0.17
N VAL D 56 14.92 -46.16 0.05
CA VAL D 56 15.83 -45.08 0.39
C VAL D 56 15.56 -44.57 1.81
N GLY D 57 16.62 -44.36 2.59
CA GLY D 57 16.51 -43.84 3.96
C GLY D 57 16.60 -42.33 4.06
N GLU D 58 17.35 -41.71 3.14
CA GLU D 58 17.55 -40.27 3.10
C GLU D 58 17.83 -39.79 1.68
N LYS D 59 17.29 -38.63 1.35
CA LYS D 59 17.46 -37.95 0.06
C LYS D 59 17.61 -36.46 0.35
N LYS D 60 18.64 -35.83 -0.21
CA LYS D 60 18.92 -34.41 0.00
C LYS D 60 18.96 -33.65 -1.33
N ASP D 61 18.54 -32.38 -1.31
CA ASP D 61 18.53 -31.46 -2.46
C ASP D 61 18.69 -30.03 -1.95
N GLN D 62 19.94 -29.50 -2.00
CA GLN D 62 20.34 -28.16 -1.54
C GLN D 62 20.08 -27.99 -0.02
N ARG D 63 19.04 -27.21 0.37
CA ARG D 63 18.69 -26.97 1.77
C ARG D 63 17.56 -27.87 2.27
N ILE D 64 16.92 -28.60 1.33
CA ILE D 64 15.81 -29.50 1.60
C ILE D 64 16.34 -30.94 1.70
N ALA D 65 15.82 -31.70 2.66
CA ALA D 65 16.17 -33.10 2.89
C ALA D 65 14.96 -33.88 3.37
N VAL D 66 14.88 -35.17 3.01
CA VAL D 66 13.81 -36.05 3.44
C VAL D 66 14.43 -37.32 4.05
N THR D 67 13.88 -37.77 5.18
CA THR D 67 14.34 -38.94 5.94
C THR D 67 13.18 -39.90 6.08
N LEU D 68 13.42 -41.21 5.92
CA LEU D 68 12.39 -42.23 6.03
C LEU D 68 12.84 -43.38 6.95
N ASN D 69 11.94 -43.81 7.84
CA ASN D 69 12.13 -44.92 8.76
C ASN D 69 10.95 -45.85 8.51
N LYS D 70 11.17 -46.86 7.64
CA LYS D 70 10.11 -47.78 7.22
C LYS D 70 9.69 -48.79 8.29
N THR D 71 10.59 -49.07 9.26
CA THR D 71 10.30 -50.00 10.37
C THR D 71 9.30 -49.36 11.36
N ALA D 72 9.54 -48.09 11.73
CA ALA D 72 8.69 -47.35 12.67
C ALA D 72 7.48 -46.69 11.97
N LYS D 73 7.51 -46.66 10.61
CA LYS D 73 6.50 -46.09 9.72
C LYS D 73 6.32 -44.58 9.95
N HIS D 74 7.41 -43.82 9.71
CA HIS D 74 7.42 -42.37 9.79
C HIS D 74 8.49 -41.77 8.86
N PHE D 75 8.28 -40.52 8.39
CA PHE D 75 9.17 -39.78 7.48
C PHE D 75 9.16 -38.28 7.75
N SER D 76 10.30 -37.60 7.58
CA SER D 76 10.43 -36.18 7.90
C SER D 76 11.04 -35.32 6.82
N LEU D 77 10.59 -34.05 6.75
CA LEU D 77 11.13 -33.02 5.87
C LEU D 77 12.07 -32.20 6.76
N HIS D 78 13.26 -31.87 6.26
CA HIS D 78 14.25 -31.07 6.96
C HIS D 78 14.66 -29.88 6.10
N ILE D 79 14.28 -28.67 6.52
CA ILE D 79 14.66 -27.44 5.81
C ILE D 79 15.73 -26.76 6.65
N THR D 80 16.91 -26.53 6.07
CA THR D 80 18.01 -25.85 6.76
C THR D 80 18.17 -24.44 6.18
N GLU D 81 18.72 -23.51 6.99
CA GLU D 81 18.96 -22.11 6.63
C GLU D 81 17.68 -21.49 6.05
N THR D 82 16.58 -21.59 6.84
CA THR D 82 15.24 -21.12 6.47
C THR D 82 15.22 -19.68 5.98
N GLN D 83 14.50 -19.45 4.89
CA GLN D 83 14.31 -18.15 4.24
C GLN D 83 12.83 -17.76 4.35
N PRO D 84 12.45 -16.45 4.35
CA PRO D 84 11.02 -16.11 4.44
C PRO D 84 10.17 -16.65 3.27
N GLU D 85 10.81 -16.97 2.12
CA GLU D 85 10.18 -17.53 0.92
C GLU D 85 9.72 -18.98 1.14
N ASP D 86 10.26 -19.65 2.20
CA ASP D 86 9.88 -21.01 2.61
C ASP D 86 8.52 -20.99 3.32
N SER D 87 8.01 -19.79 3.66
CA SER D 87 6.72 -19.64 4.35
C SER D 87 5.61 -20.05 3.40
N ALA D 88 4.95 -21.16 3.73
CA ALA D 88 3.85 -21.78 2.98
C ALA D 88 3.25 -22.91 3.81
N VAL D 89 2.21 -23.57 3.26
CA VAL D 89 1.60 -24.75 3.87
C VAL D 89 2.26 -25.98 3.22
N TYR D 90 2.84 -26.86 4.05
CA TYR D 90 3.51 -28.06 3.61
C TYR D 90 2.64 -29.26 3.86
N PHE D 91 2.55 -30.17 2.86
CA PHE D 91 1.77 -31.40 2.94
C PHE D 91 2.63 -32.58 2.62
N CYS D 92 2.40 -33.68 3.34
CA CYS D 92 3.08 -34.94 3.10
C CYS D 92 2.02 -35.95 2.67
N ALA D 93 2.43 -37.04 2.00
CA ALA D 93 1.50 -38.08 1.56
C ALA D 93 2.13 -39.46 1.50
N ALA D 94 1.29 -40.49 1.40
CA ALA D 94 1.68 -41.90 1.28
C ALA D 94 0.69 -42.56 0.32
N ASP D 95 1.15 -43.60 -0.41
CA ASP D 95 0.33 -44.27 -1.42
C ASP D 95 -0.25 -45.64 -0.98
N GLY D 96 -0.11 -46.01 0.30
CA GLY D 96 -0.59 -47.29 0.81
C GLY D 96 -2.09 -47.40 1.04
N GLY D 97 -2.50 -48.50 1.65
CA GLY D 97 -3.91 -48.74 1.96
C GLY D 97 -4.65 -49.58 0.94
N ALA D 98 -5.80 -50.13 1.36
CA ALA D 98 -6.67 -50.97 0.54
C ALA D 98 -7.72 -50.12 -0.14
N GLY D 99 -8.49 -50.72 -1.04
CA GLY D 99 -9.56 -50.02 -1.74
C GLY D 99 -9.08 -49.05 -2.80
N SER D 100 -9.90 -48.02 -3.06
CA SER D 100 -9.67 -46.98 -4.07
C SER D 100 -8.27 -46.38 -4.02
N TYR D 101 -7.56 -46.41 -5.15
CA TYR D 101 -6.20 -45.88 -5.29
C TYR D 101 -6.18 -44.38 -5.13
N GLN D 102 -5.26 -43.86 -4.29
CA GLN D 102 -5.11 -42.43 -4.00
C GLN D 102 -3.87 -42.15 -3.15
N LEU D 103 -3.48 -40.89 -3.11
CA LEU D 103 -2.42 -40.45 -2.20
C LEU D 103 -3.18 -40.04 -0.94
N THR D 104 -2.76 -40.53 0.24
CA THR D 104 -3.39 -40.14 1.51
C THR D 104 -2.57 -38.96 2.03
N PHE D 105 -3.16 -37.77 2.05
CA PHE D 105 -2.45 -36.58 2.49
C PHE D 105 -2.51 -36.31 4.00
N GLY D 106 -1.49 -35.63 4.50
CA GLY D 106 -1.44 -35.12 5.86
C GLY D 106 -2.27 -33.84 5.85
N LYS D 107 -2.79 -33.42 7.02
CA LYS D 107 -3.63 -32.21 7.12
C LYS D 107 -2.90 -30.90 6.76
N GLY D 108 -1.57 -30.90 6.89
CA GLY D 108 -0.76 -29.75 6.55
C GLY D 108 0.02 -29.18 7.72
N THR D 109 1.01 -28.34 7.39
CA THR D 109 1.84 -27.62 8.35
C THR D 109 2.03 -26.19 7.86
N LYS D 110 1.44 -25.22 8.58
CA LYS D 110 1.61 -23.82 8.22
C LYS D 110 2.98 -23.39 8.78
N LEU D 111 3.97 -23.24 7.89
CA LEU D 111 5.31 -22.84 8.27
C LEU D 111 5.41 -21.33 8.14
N SER D 112 5.98 -20.68 9.16
CA SER D 112 6.19 -19.24 9.20
C SER D 112 7.67 -18.97 9.48
N VAL D 113 8.32 -18.25 8.55
CA VAL D 113 9.74 -17.91 8.69
C VAL D 113 9.84 -16.40 8.93
N ILE D 114 9.95 -16.02 10.22
CA ILE D 114 10.07 -14.63 10.66
C ILE D 114 11.45 -14.08 10.30
N PRO D 115 11.50 -13.02 9.45
CA PRO D 115 12.80 -12.49 9.00
C PRO D 115 13.73 -11.98 10.10
N ASN D 116 15.04 -12.03 9.83
CA ASN D 116 16.08 -11.56 10.73
C ASN D 116 16.50 -10.15 10.28
N ILE D 117 16.13 -9.11 11.06
CA ILE D 117 16.43 -7.71 10.76
C ILE D 117 17.75 -7.32 11.46
N GLN D 118 18.83 -7.21 10.66
CA GLN D 118 20.19 -6.90 11.10
C GLN D 118 20.32 -5.51 11.72
N ASN D 119 19.96 -4.46 10.95
CA ASN D 119 20.04 -3.07 11.41
C ASN D 119 18.64 -2.41 11.41
N PRO D 120 17.78 -2.68 12.43
CA PRO D 120 16.45 -2.05 12.42
C PRO D 120 16.51 -0.55 12.69
N ASP D 121 15.78 0.22 11.88
CA ASP D 121 15.70 1.67 11.99
C ASP D 121 14.20 2.05 11.91
N PRO D 122 13.37 1.68 12.94
CA PRO D 122 11.92 1.95 12.86
C PRO D 122 11.57 3.41 12.68
N ALA D 123 10.61 3.69 11.76
CA ALA D 123 10.14 5.02 11.44
C ALA D 123 8.73 5.02 10.90
N VAL D 124 8.03 6.17 11.03
CA VAL D 124 6.66 6.35 10.54
C VAL D 124 6.67 7.53 9.58
N TYR D 125 6.40 7.25 8.30
CA TYR D 125 6.40 8.26 7.24
C TYR D 125 5.01 8.44 6.68
N GLN D 126 4.74 9.62 6.13
CA GLN D 126 3.48 9.92 5.45
C GLN D 126 3.83 10.03 3.96
N LEU D 127 3.28 9.10 3.16
CA LEU D 127 3.51 9.01 1.73
C LEU D 127 2.36 9.63 0.97
N ARG D 128 2.66 10.60 0.08
CA ARG D 128 1.64 11.31 -0.68
C ARG D 128 1.41 10.71 -2.07
N ASP D 129 0.15 10.81 -2.56
CA ASP D 129 -0.27 10.29 -3.86
C ASP D 129 0.40 11.01 -5.03
N SER D 130 0.74 10.23 -6.09
CA SER D 130 1.40 10.72 -7.30
C SER D 130 0.43 11.42 -8.26
N LYS D 131 -0.87 11.04 -8.21
CA LYS D 131 -1.91 11.60 -9.10
C LYS D 131 -2.60 12.85 -8.53
N SER D 132 -3.23 12.74 -7.33
CA SER D 132 -3.97 13.84 -6.70
C SER D 132 -3.14 14.68 -5.72
N SER D 133 -2.36 14.01 -4.84
CA SER D 133 -1.51 14.62 -3.79
C SER D 133 -2.33 15.29 -2.65
N ASP D 134 -3.68 15.14 -2.66
CA ASP D 134 -4.57 15.69 -1.64
C ASP D 134 -4.74 14.73 -0.47
N LYS D 135 -4.76 13.41 -0.75
CA LYS D 135 -4.85 12.35 0.27
C LYS D 135 -3.59 11.49 0.26
N SER D 136 -3.23 10.97 1.46
CA SER D 136 -2.02 10.20 1.70
C SER D 136 -2.26 8.90 2.51
N VAL D 137 -1.17 8.15 2.75
CA VAL D 137 -1.12 6.91 3.55
C VAL D 137 0.08 6.94 4.52
N CYS D 138 0.02 6.16 5.62
CA CYS D 138 1.09 6.09 6.61
C CYS D 138 1.88 4.80 6.44
N LEU D 139 3.21 4.91 6.47
CA LEU D 139 4.04 3.74 6.35
C LEU D 139 4.93 3.55 7.57
N PHE D 140 4.57 2.60 8.42
CA PHE D 140 5.42 2.22 9.54
C PHE D 140 6.32 1.19 8.91
N THR D 141 7.64 1.43 8.93
CA THR D 141 8.63 0.57 8.28
C THR D 141 9.94 0.46 9.05
N ASP D 142 10.84 -0.45 8.59
CA ASP D 142 12.18 -0.73 9.09
C ASP D 142 12.20 -1.18 10.55
N PHE D 143 11.03 -1.60 11.05
CA PHE D 143 10.93 -2.15 12.39
C PHE D 143 11.39 -3.60 12.38
N ASP D 144 11.89 -4.09 13.52
CA ASP D 144 12.34 -5.47 13.66
C ASP D 144 11.13 -6.41 13.77
N SER D 145 11.36 -7.74 13.65
CA SER D 145 10.31 -8.76 13.65
C SER D 145 9.59 -8.98 15.00
N GLN D 146 10.15 -8.45 16.11
CA GLN D 146 9.58 -8.52 17.45
C GLN D 146 8.29 -7.68 17.56
N THR D 147 8.21 -6.59 16.76
CA THR D 147 7.08 -5.65 16.71
C THR D 147 5.80 -6.32 16.21
N ASN D 148 4.70 -6.13 16.95
CA ASN D 148 3.39 -6.66 16.60
C ASN D 148 2.47 -5.51 16.21
N VAL D 149 2.06 -5.49 14.94
CA VAL D 149 1.20 -4.46 14.37
C VAL D 149 -0.24 -4.82 14.71
N SER D 150 -0.87 -4.03 15.59
CA SER D 150 -2.24 -4.24 16.07
C SER D 150 -3.27 -3.47 15.29
N GLN D 151 -4.42 -4.11 15.03
CA GLN D 151 -5.57 -3.52 14.35
C GLN D 151 -6.20 -2.46 15.27
N SER D 152 -6.67 -1.34 14.69
CA SER D 152 -7.26 -0.24 15.45
C SER D 152 -8.69 -0.52 15.90
N LYS D 153 -9.13 0.18 16.97
CA LYS D 153 -10.48 0.05 17.51
C LYS D 153 -11.45 0.88 16.67
N ASP D 154 -10.94 1.96 16.03
CA ASP D 154 -11.73 2.85 15.18
C ASP D 154 -11.93 2.23 13.78
N SER D 155 -13.19 1.97 13.43
CA SER D 155 -13.61 1.38 12.16
C SER D 155 -13.23 2.24 10.94
N ASP D 156 -13.19 3.57 11.12
CA ASP D 156 -12.86 4.53 10.07
C ASP D 156 -11.38 4.50 9.66
N VAL D 157 -10.51 3.95 10.53
CA VAL D 157 -9.07 3.86 10.23
C VAL D 157 -8.67 2.39 9.96
N TYR D 158 -7.86 2.18 8.91
CA TYR D 158 -7.42 0.85 8.44
C TYR D 158 -5.94 0.63 8.60
N ILE D 159 -5.56 -0.55 9.13
CA ILE D 159 -4.17 -0.96 9.34
C ILE D 159 -4.00 -2.36 8.77
N THR D 160 -2.96 -2.55 7.94
CA THR D 160 -2.65 -3.84 7.32
C THR D 160 -1.71 -4.62 8.26
N ASP D 161 -1.44 -5.89 7.95
CA ASP D 161 -0.53 -6.70 8.75
C ASP D 161 0.92 -6.39 8.33
N LYS D 162 1.91 -6.80 9.14
CA LYS D 162 3.33 -6.61 8.84
C LYS D 162 3.71 -7.45 7.62
N CYS D 163 4.57 -6.90 6.74
CA CYS D 163 4.96 -7.56 5.50
C CYS D 163 6.43 -7.30 5.18
N VAL D 164 7.20 -8.37 4.91
CA VAL D 164 8.64 -8.28 4.63
C VAL D 164 8.97 -8.38 3.13
N LEU D 165 9.82 -7.45 2.65
CA LEU D 165 10.34 -7.40 1.28
C LEU D 165 11.85 -7.66 1.28
N ASP D 166 12.32 -8.42 0.27
CA ASP D 166 13.73 -8.78 0.14
C ASP D 166 14.40 -8.07 -1.04
N MET D 167 15.23 -7.07 -0.73
CA MET D 167 16.03 -6.32 -1.72
C MET D 167 17.31 -7.14 -1.92
N ARG D 168 17.21 -8.20 -2.76
CA ARG D 168 18.26 -9.17 -3.06
C ARG D 168 19.60 -8.57 -3.50
N SER D 169 19.54 -7.48 -4.31
CA SER D 169 20.69 -6.74 -4.86
C SER D 169 21.72 -6.27 -3.81
N MET D 170 21.28 -5.93 -2.58
CA MET D 170 22.19 -5.47 -1.53
C MET D 170 21.90 -6.07 -0.13
N ASP D 171 21.61 -7.40 -0.09
CA ASP D 171 21.35 -8.24 1.10
C ASP D 171 20.45 -7.59 2.20
N PHE D 172 19.50 -6.73 1.79
CA PHE D 172 18.63 -6.01 2.71
C PHE D 172 17.19 -6.54 2.71
N LYS D 173 16.60 -6.67 3.91
CA LYS D 173 15.23 -7.11 4.16
C LYS D 173 14.57 -6.10 5.10
N SER D 174 13.31 -5.71 4.82
CA SER D 174 12.59 -4.72 5.62
C SER D 174 11.08 -4.98 5.79
N ASN D 175 10.60 -4.87 7.03
CA ASN D 175 9.18 -5.02 7.39
C ASN D 175 8.46 -3.69 7.21
N SER D 176 7.15 -3.75 6.93
CA SER D 176 6.30 -2.58 6.73
C SER D 176 4.81 -2.87 6.91
N ALA D 177 4.07 -1.85 7.37
CA ALA D 177 2.62 -1.88 7.57
C ALA D 177 2.09 -0.54 7.07
N VAL D 178 0.90 -0.55 6.47
CA VAL D 178 0.28 0.64 5.88
C VAL D 178 -1.01 0.98 6.62
N ALA D 179 -1.24 2.27 6.85
CA ALA D 179 -2.44 2.77 7.49
C ALA D 179 -3.03 3.92 6.71
N TRP D 180 -4.36 4.07 6.80
CA TRP D 180 -5.11 5.13 6.13
C TRP D 180 -6.51 5.27 6.72
N SER D 181 -7.17 6.39 6.39
CA SER D 181 -8.54 6.72 6.80
C SER D 181 -9.08 7.76 5.82
N ASN D 182 -10.42 7.81 5.66
CA ASN D 182 -11.03 8.77 4.75
C ASN D 182 -11.40 10.08 5.47
N LYS D 183 -11.23 10.09 6.82
CA LYS D 183 -11.50 11.23 7.69
C LYS D 183 -10.47 12.33 7.47
N SER D 184 -10.92 13.60 7.52
CA SER D 184 -10.08 14.78 7.36
C SER D 184 -9.14 15.01 8.56
N ASP D 185 -9.63 14.66 9.78
CA ASP D 185 -8.92 14.82 11.05
C ASP D 185 -7.84 13.75 11.36
N PHE D 186 -7.68 12.74 10.48
CA PHE D 186 -6.73 11.64 10.68
C PHE D 186 -5.25 12.04 10.53
N ALA D 187 -4.43 11.59 11.50
CA ALA D 187 -2.98 11.77 11.60
C ALA D 187 -2.33 10.39 11.77
N CYS D 188 -1.03 10.27 11.44
CA CYS D 188 -0.26 9.03 11.51
C CYS D 188 -0.23 8.40 12.90
N ALA D 189 -0.02 9.24 13.95
CA ALA D 189 0.05 8.84 15.36
C ALA D 189 -1.21 8.13 15.88
N ASN D 190 -2.37 8.37 15.23
CA ASN D 190 -3.65 7.74 15.58
C ASN D 190 -3.59 6.23 15.36
N ALA D 191 -2.94 5.79 14.26
CA ALA D 191 -2.80 4.39 13.90
C ALA D 191 -1.55 3.76 14.54
N PHE D 192 -0.36 4.27 14.18
CA PHE D 192 0.90 3.78 14.72
C PHE D 192 1.27 4.55 16.00
N ASN D 193 0.65 4.17 17.12
CA ASN D 193 0.85 4.82 18.42
C ASN D 193 1.86 4.09 19.29
N ASN D 194 2.12 4.64 20.50
CA ASN D 194 3.05 4.15 21.53
C ASN D 194 2.95 2.66 21.85
N SER D 195 1.74 2.08 21.78
CA SER D 195 1.50 0.68 22.07
C SER D 195 2.12 -0.25 21.01
N ILE D 196 2.07 0.18 19.72
CA ILE D 196 2.61 -0.56 18.57
C ILE D 196 4.10 -0.26 18.33
N ILE D 197 4.44 1.01 18.02
CA ILE D 197 5.78 1.45 17.65
C ILE D 197 6.79 1.42 18.83
N PRO D 198 8.07 1.05 18.59
CA PRO D 198 9.06 1.09 19.68
C PRO D 198 9.42 2.52 20.08
N GLU D 199 10.14 2.70 21.21
CA GLU D 199 10.50 4.03 21.71
C GLU D 199 11.53 4.78 20.83
N ASP D 200 12.32 4.06 20.02
CA ASP D 200 13.33 4.66 19.14
C ASP D 200 12.79 5.07 17.75
N THR D 201 11.47 4.96 17.53
CA THR D 201 10.84 5.31 16.27
C THR D 201 11.07 6.78 15.85
N PHE D 202 11.56 6.96 14.61
CA PHE D 202 11.76 8.27 14.00
C PHE D 202 10.39 8.68 13.48
N PHE D 203 9.78 9.70 14.10
CA PHE D 203 8.44 10.14 13.71
C PHE D 203 8.49 11.61 13.24
N PRO D 204 8.95 11.90 11.99
CA PRO D 204 9.00 13.29 11.55
C PRO D 204 7.63 13.90 11.29
N SER D 205 7.56 15.24 11.33
CA SER D 205 6.34 16.01 11.11
C SER D 205 6.03 16.12 9.60
N PRO D 206 4.74 16.00 9.17
CA PRO D 206 4.44 16.09 7.74
C PRO D 206 4.17 17.52 7.28
N VAL E 2 2.75 -31.24 -16.88
CA VAL E 2 1.95 -30.20 -16.22
C VAL E 2 0.43 -30.46 -16.40
N VAL E 3 -0.38 -29.97 -15.45
CA VAL E 3 -1.83 -30.12 -15.42
C VAL E 3 -2.45 -28.73 -15.35
N SER E 4 -3.47 -28.48 -16.16
CA SER E 4 -4.16 -27.20 -16.14
C SER E 4 -5.66 -27.30 -15.84
N GLN E 5 -6.28 -26.13 -15.57
CA GLN E 5 -7.72 -25.97 -15.28
C GLN E 5 -8.32 -24.75 -15.96
N HIS E 6 -9.62 -24.85 -16.29
CA HIS E 6 -10.38 -23.77 -16.90
C HIS E 6 -11.84 -23.84 -16.44
N PRO E 7 -12.43 -22.73 -15.95
CA PRO E 7 -11.84 -21.39 -15.72
C PRO E 7 -10.94 -21.36 -14.49
N SER E 8 -10.13 -20.29 -14.33
CA SER E 8 -9.28 -20.13 -13.14
C SER E 8 -10.07 -19.41 -12.02
N ARG E 9 -11.03 -18.56 -12.42
CA ARG E 9 -11.90 -17.78 -11.54
C ARG E 9 -13.31 -17.66 -12.11
N VAL E 10 -14.33 -17.88 -11.27
CA VAL E 10 -15.73 -17.84 -11.67
C VAL E 10 -16.53 -17.05 -10.65
N ILE E 11 -17.35 -16.11 -11.14
CA ILE E 11 -18.29 -15.33 -10.34
C ILE E 11 -19.66 -15.57 -10.98
N CYS E 12 -20.54 -16.28 -10.26
CA CYS E 12 -21.86 -16.56 -10.79
C CYS E 12 -22.99 -16.31 -9.78
N LYS E 13 -24.23 -16.13 -10.31
CA LYS E 13 -25.45 -15.94 -9.54
C LYS E 13 -25.88 -17.32 -9.07
N SER E 14 -26.59 -17.41 -7.92
CA SER E 14 -27.10 -18.68 -7.39
C SER E 14 -28.03 -19.37 -8.37
N GLY E 15 -28.01 -20.70 -8.37
CA GLY E 15 -28.82 -21.54 -9.25
C GLY E 15 -28.13 -21.96 -10.52
N THR E 16 -27.07 -21.24 -10.94
CA THR E 16 -26.33 -21.54 -12.15
C THR E 16 -25.41 -22.73 -11.95
N SER E 17 -25.18 -23.50 -13.03
CA SER E 17 -24.27 -24.64 -13.02
C SER E 17 -22.90 -24.21 -13.53
N VAL E 18 -21.83 -24.61 -12.84
CA VAL E 18 -20.47 -24.30 -13.26
C VAL E 18 -19.70 -25.58 -13.59
N LYS E 19 -19.18 -25.62 -14.82
CA LYS E 19 -18.37 -26.70 -15.36
C LYS E 19 -16.89 -26.26 -15.29
N ILE E 20 -16.07 -27.06 -14.59
CA ILE E 20 -14.63 -26.85 -14.40
C ILE E 20 -13.90 -27.98 -15.12
N GLU E 21 -12.93 -27.62 -15.97
CA GLU E 21 -12.13 -28.60 -16.72
C GLU E 21 -10.81 -28.85 -15.99
N CYS E 22 -10.32 -30.09 -16.12
CA CYS E 22 -9.02 -30.51 -15.61
C CYS E 22 -8.37 -31.23 -16.77
N ARG E 23 -7.21 -30.72 -17.21
CA ARG E 23 -6.51 -31.29 -18.36
C ARG E 23 -5.05 -31.62 -18.10
N SER E 24 -4.65 -32.81 -18.52
CA SER E 24 -3.27 -33.21 -18.48
C SER E 24 -2.74 -32.72 -19.83
N LEU E 25 -1.83 -31.74 -19.79
CA LEU E 25 -1.33 -31.10 -21.00
C LEU E 25 -0.28 -31.89 -21.76
N ASP E 26 0.52 -32.77 -21.10
CA ASP E 26 1.59 -33.50 -21.80
C ASP E 26 1.69 -35.02 -21.50
N PHE E 27 0.62 -35.63 -20.95
CA PHE E 27 0.58 -37.07 -20.66
C PHE E 27 -0.88 -37.53 -20.67
N GLN E 28 -1.08 -38.85 -20.77
CA GLN E 28 -2.39 -39.50 -20.73
C GLN E 28 -2.67 -39.96 -19.29
N ALA E 29 -3.87 -39.65 -18.78
CA ALA E 29 -4.30 -39.95 -17.41
C ALA E 29 -5.60 -40.76 -17.41
N THR E 30 -5.57 -41.96 -16.79
CA THR E 30 -6.73 -42.86 -16.65
C THR E 30 -7.51 -42.44 -15.41
N THR E 31 -6.87 -41.65 -14.55
CA THR E 31 -7.43 -41.18 -13.28
C THR E 31 -7.07 -39.73 -13.02
N MET E 32 -8.01 -38.97 -12.45
CA MET E 32 -7.85 -37.59 -11.99
C MET E 32 -8.54 -37.45 -10.62
N PHE E 33 -7.97 -36.64 -9.75
CA PHE E 33 -8.46 -36.42 -8.39
C PHE E 33 -8.98 -35.01 -8.25
N TRP E 34 -10.14 -34.85 -7.61
CA TRP E 34 -10.73 -33.53 -7.42
C TRP E 34 -10.77 -33.19 -5.94
N TYR E 35 -10.18 -32.04 -5.59
CA TYR E 35 -10.05 -31.53 -4.23
C TYR E 35 -10.81 -30.22 -4.08
N ARG E 36 -11.16 -29.92 -2.83
CA ARG E 36 -11.84 -28.71 -2.38
C ARG E 36 -10.96 -28.14 -1.26
N GLN E 37 -10.59 -26.87 -1.37
CA GLN E 37 -9.76 -26.18 -0.39
C GLN E 37 -10.51 -24.97 0.15
N PHE E 38 -10.87 -25.03 1.44
CA PHE E 38 -11.60 -24.00 2.19
C PHE E 38 -10.58 -23.03 2.81
N PRO E 39 -11.01 -21.95 3.56
CA PRO E 39 -10.03 -21.11 4.28
C PRO E 39 -9.12 -21.98 5.17
N LYS E 40 -9.67 -23.14 5.64
CA LYS E 40 -8.96 -24.19 6.37
C LYS E 40 -8.08 -24.85 5.30
N GLN E 41 -6.80 -24.44 5.30
CA GLN E 41 -5.70 -24.75 4.37
C GLN E 41 -5.68 -26.18 3.77
N SER E 42 -6.16 -27.22 4.48
CA SER E 42 -6.07 -28.61 4.02
C SER E 42 -6.74 -28.97 2.68
N LEU E 43 -6.14 -29.97 1.98
CA LEU E 43 -6.62 -30.53 0.72
C LEU E 43 -7.64 -31.60 1.06
N MET E 44 -8.93 -31.32 0.83
CA MET E 44 -10.00 -32.29 1.08
C MET E 44 -10.38 -32.96 -0.24
N LEU E 45 -10.08 -34.27 -0.38
CA LEU E 45 -10.42 -35.06 -1.56
C LEU E 45 -11.91 -35.26 -1.64
N MET E 46 -12.52 -34.87 -2.76
CA MET E 46 -13.95 -34.97 -3.00
C MET E 46 -14.29 -36.25 -3.76
N ALA E 47 -13.69 -36.41 -4.94
CA ALA E 47 -13.92 -37.54 -5.84
C ALA E 47 -12.72 -37.90 -6.69
N THR E 48 -12.74 -39.14 -7.21
CA THR E 48 -11.74 -39.72 -8.09
C THR E 48 -12.42 -40.04 -9.40
N SER E 49 -11.98 -39.35 -10.46
CA SER E 49 -12.43 -39.51 -11.84
C SER E 49 -11.74 -40.73 -12.44
N ASN E 50 -12.53 -41.67 -12.96
CA ASN E 50 -12.01 -42.90 -13.55
C ASN E 50 -12.45 -43.02 -14.98
N GLU E 51 -11.52 -43.40 -15.86
CA GLU E 51 -11.79 -43.67 -17.26
C GLU E 51 -12.09 -45.19 -17.33
N GLY E 52 -13.21 -45.61 -17.89
CA GLY E 52 -14.34 -44.83 -18.36
C GLY E 52 -15.52 -45.13 -17.45
N SER E 53 -15.21 -45.72 -16.27
CA SER E 53 -16.15 -46.10 -15.20
C SER E 53 -16.62 -44.85 -14.43
N LYS E 54 -17.63 -45.02 -13.56
CA LYS E 54 -18.19 -43.92 -12.75
C LYS E 54 -17.22 -43.46 -11.65
N ALA E 55 -17.36 -42.20 -11.21
CA ALA E 55 -16.52 -41.58 -10.19
C ALA E 55 -16.65 -42.20 -8.80
N THR E 56 -15.55 -42.17 -8.04
CA THR E 56 -15.47 -42.68 -6.67
C THR E 56 -15.53 -41.45 -5.76
N TYR E 57 -16.65 -41.30 -5.04
CA TYR E 57 -16.85 -40.17 -4.13
C TYR E 57 -16.37 -40.46 -2.73
N GLU E 58 -15.85 -39.42 -2.05
CA GLU E 58 -15.40 -39.55 -0.66
C GLU E 58 -16.58 -39.37 0.28
N GLN E 59 -16.43 -39.84 1.53
CA GLN E 59 -17.45 -39.71 2.57
C GLN E 59 -17.74 -38.22 2.84
N GLY E 60 -19.02 -37.88 2.91
CA GLY E 60 -19.48 -36.52 3.14
C GLY E 60 -19.45 -35.63 1.91
N VAL E 61 -19.67 -36.22 0.71
CA VAL E 61 -19.68 -35.49 -0.56
C VAL E 61 -21.01 -35.78 -1.26
N GLU E 62 -21.77 -34.71 -1.57
CA GLU E 62 -23.05 -34.83 -2.27
C GLU E 62 -22.81 -35.18 -3.74
N LYS E 63 -23.15 -36.41 -4.14
CA LYS E 63 -23.02 -36.90 -5.51
C LYS E 63 -23.81 -36.03 -6.52
N ASP E 64 -25.00 -35.56 -6.10
CA ASP E 64 -25.89 -34.75 -6.94
C ASP E 64 -25.45 -33.29 -7.07
N LYS E 65 -24.62 -32.79 -6.13
CA LYS E 65 -24.11 -31.41 -6.20
C LYS E 65 -22.90 -31.33 -7.12
N PHE E 66 -22.03 -32.35 -7.07
CA PHE E 66 -20.80 -32.41 -7.85
C PHE E 66 -20.79 -33.58 -8.83
N LEU E 67 -20.99 -33.27 -10.12
CA LEU E 67 -20.97 -34.29 -11.18
C LEU E 67 -19.58 -34.36 -11.82
N ILE E 68 -18.88 -35.49 -11.63
CA ILE E 68 -17.55 -35.76 -12.16
C ILE E 68 -17.68 -36.63 -13.42
N ASN E 69 -17.02 -36.24 -14.52
CA ASN E 69 -17.03 -37.00 -15.78
C ASN E 69 -15.64 -37.11 -16.38
N HIS E 70 -15.20 -38.34 -16.63
CA HIS E 70 -13.91 -38.61 -17.26
C HIS E 70 -14.14 -38.71 -18.75
N ALA E 71 -14.09 -37.56 -19.43
CA ALA E 71 -14.38 -37.37 -20.85
C ALA E 71 -13.44 -38.11 -21.79
N SER E 72 -12.12 -38.18 -21.46
CA SER E 72 -11.09 -38.81 -22.28
C SER E 72 -9.83 -39.11 -21.44
N LEU E 73 -8.76 -39.66 -22.05
CA LEU E 73 -7.50 -39.92 -21.37
C LEU E 73 -6.74 -38.62 -21.03
N THR E 74 -7.35 -37.46 -21.28
CA THR E 74 -6.69 -36.18 -21.00
C THR E 74 -7.61 -35.18 -20.27
N LEU E 75 -8.93 -35.42 -20.24
CA LEU E 75 -9.87 -34.46 -19.69
C LEU E 75 -10.91 -35.03 -18.73
N SER E 76 -11.04 -34.34 -17.60
CA SER E 76 -11.99 -34.63 -16.56
C SER E 76 -12.71 -33.32 -16.25
N THR E 77 -14.03 -33.37 -16.06
CA THR E 77 -14.80 -32.16 -15.72
C THR E 77 -15.51 -32.32 -14.37
N LEU E 78 -15.58 -31.24 -13.61
CA LEU E 78 -16.30 -31.15 -12.34
C LEU E 78 -17.43 -30.16 -12.61
N THR E 79 -18.66 -30.55 -12.33
CA THR E 79 -19.80 -29.68 -12.50
C THR E 79 -20.44 -29.44 -11.14
N VAL E 80 -20.51 -28.17 -10.70
CA VAL E 80 -21.17 -27.78 -9.46
C VAL E 80 -22.58 -27.38 -9.92
N THR E 81 -23.55 -28.28 -9.70
CA THR E 81 -24.94 -28.07 -10.13
C THR E 81 -25.69 -27.16 -9.19
N SER E 82 -26.54 -26.25 -9.74
CA SER E 82 -27.34 -25.27 -9.01
C SER E 82 -26.56 -24.72 -7.82
N ALA E 83 -25.47 -24.04 -8.12
CA ALA E 83 -24.56 -23.47 -7.14
C ALA E 83 -25.26 -22.51 -6.19
N HIS E 84 -24.79 -22.49 -4.94
CA HIS E 84 -25.29 -21.63 -3.87
C HIS E 84 -24.07 -21.02 -3.13
N PRO E 85 -24.20 -19.84 -2.47
CA PRO E 85 -23.02 -19.21 -1.82
C PRO E 85 -22.18 -20.11 -0.90
N GLU E 86 -22.78 -21.18 -0.33
CA GLU E 86 -22.09 -22.15 0.53
C GLU E 86 -21.13 -23.05 -0.29
N ASP E 87 -21.36 -23.16 -1.61
CA ASP E 87 -20.53 -23.94 -2.53
C ASP E 87 -19.27 -23.20 -2.96
N SER E 88 -19.19 -21.89 -2.63
CA SER E 88 -18.03 -21.04 -2.92
C SER E 88 -16.80 -21.60 -2.22
N SER E 89 -15.76 -21.89 -3.01
CA SER E 89 -14.50 -22.47 -2.54
C SER E 89 -13.46 -22.45 -3.66
N PHE E 90 -12.29 -23.05 -3.38
CA PHE E 90 -11.19 -23.20 -4.31
C PHE E 90 -11.16 -24.69 -4.71
N TYR E 91 -11.52 -24.99 -5.96
CA TYR E 91 -11.55 -26.35 -6.49
C TYR E 91 -10.30 -26.61 -7.30
N ILE E 92 -9.51 -27.57 -6.85
CA ILE E 92 -8.25 -27.92 -7.51
C ILE E 92 -8.24 -29.41 -7.88
N CYS E 93 -7.65 -29.74 -9.03
CA CYS E 93 -7.53 -31.13 -9.49
C CYS E 93 -6.05 -31.54 -9.56
N SER E 94 -5.82 -32.87 -9.61
CA SER E 94 -4.51 -33.42 -9.84
C SER E 94 -4.60 -34.64 -10.74
N ALA E 95 -3.52 -34.89 -11.49
CA ALA E 95 -3.34 -36.05 -12.37
C ALA E 95 -1.84 -36.38 -12.46
N GLY E 96 -1.57 -37.63 -12.81
CA GLY E 96 -0.22 -38.15 -12.94
C GLY E 96 -0.18 -39.23 -14.00
N PRO E 97 1.00 -39.49 -14.62
CA PRO E 97 1.06 -40.49 -15.68
C PRO E 97 0.95 -41.94 -15.23
N THR E 98 1.25 -42.23 -13.98
CA THR E 98 1.20 -43.60 -13.45
C THR E 98 -0.18 -43.97 -12.90
N SER E 99 -0.71 -45.14 -13.30
CA SER E 99 -1.99 -45.69 -12.85
C SER E 99 -1.73 -46.69 -11.71
N GLY E 100 -2.78 -47.25 -11.13
CA GLY E 100 -2.64 -48.18 -10.01
C GLY E 100 -2.38 -47.39 -8.74
N ARG E 101 -1.56 -47.96 -7.85
CA ARG E 101 -1.20 -47.32 -6.60
C ARG E 101 -0.57 -45.96 -6.92
N THR E 102 -1.29 -44.87 -6.58
CA THR E 102 -0.97 -43.47 -6.91
C THR E 102 0.47 -43.09 -6.67
N ASP E 103 1.08 -42.42 -7.66
CA ASP E 103 2.47 -41.97 -7.60
C ASP E 103 2.51 -40.45 -7.69
N THR E 104 3.54 -39.85 -8.33
CA THR E 104 3.63 -38.40 -8.46
C THR E 104 2.36 -37.79 -9.04
N GLN E 105 1.81 -36.80 -8.34
CA GLN E 105 0.62 -36.09 -8.78
C GLN E 105 0.96 -34.65 -9.09
N TYR E 106 0.42 -34.14 -10.18
CA TYR E 106 0.66 -32.79 -10.65
C TYR E 106 -0.65 -32.05 -10.58
N PHE E 107 -0.69 -30.98 -9.78
CA PHE E 107 -1.90 -30.20 -9.53
C PHE E 107 -2.13 -29.13 -10.58
N GLY E 108 -3.40 -28.84 -10.83
CA GLY E 108 -3.83 -27.76 -11.71
C GLY E 108 -3.71 -26.45 -10.95
N PRO E 109 -3.96 -25.28 -11.56
CA PRO E 109 -3.78 -24.02 -10.81
C PRO E 109 -4.86 -23.70 -9.78
N GLY E 110 -5.96 -24.45 -9.85
CA GLY E 110 -7.12 -24.28 -9.00
C GLY E 110 -8.13 -23.36 -9.65
N THR E 111 -9.39 -23.48 -9.25
CA THR E 111 -10.49 -22.64 -9.73
C THR E 111 -11.13 -21.96 -8.54
N ARG E 112 -11.16 -20.64 -8.53
CA ARG E 112 -11.81 -19.93 -7.44
C ARG E 112 -13.25 -19.71 -7.86
N LEU E 113 -14.18 -20.38 -7.17
CA LEU E 113 -15.60 -20.21 -7.44
C LEU E 113 -16.24 -19.33 -6.38
N THR E 114 -16.89 -18.23 -6.81
CA THR E 114 -17.62 -17.32 -5.94
C THR E 114 -19.07 -17.28 -6.41
N VAL E 115 -19.97 -17.75 -5.55
CA VAL E 115 -21.41 -17.78 -5.82
C VAL E 115 -22.07 -16.69 -4.99
N LEU E 116 -22.78 -15.78 -5.67
CA LEU E 116 -23.46 -14.66 -5.04
C LEU E 116 -24.96 -14.75 -5.24
N GLU E 117 -25.72 -14.25 -4.26
CA GLU E 117 -27.18 -14.26 -4.33
C GLU E 117 -27.62 -13.13 -5.27
N ASP E 118 -26.87 -12.02 -5.26
CA ASP E 118 -27.12 -10.85 -6.07
C ASP E 118 -25.82 -10.38 -6.72
N LEU E 119 -25.81 -10.36 -8.06
CA LEU E 119 -24.66 -9.95 -8.86
C LEU E 119 -24.47 -8.43 -8.90
N LYS E 120 -25.42 -7.65 -8.32
CA LYS E 120 -25.37 -6.18 -8.24
C LYS E 120 -24.28 -5.69 -7.29
N ASN E 121 -23.83 -6.56 -6.36
CA ASN E 121 -22.80 -6.27 -5.35
C ASN E 121 -21.36 -6.33 -5.89
N VAL E 122 -21.17 -6.64 -7.19
CA VAL E 122 -19.84 -6.73 -7.81
C VAL E 122 -19.30 -5.33 -8.12
N PHE E 123 -18.05 -5.05 -7.68
CA PHE E 123 -17.37 -3.78 -7.88
C PHE E 123 -15.89 -3.95 -8.25
N PRO E 124 -15.36 -3.14 -9.19
CA PRO E 124 -13.92 -3.22 -9.52
C PRO E 124 -13.07 -2.36 -8.56
N PRO E 125 -11.72 -2.52 -8.51
CA PRO E 125 -10.95 -1.68 -7.56
C PRO E 125 -10.49 -0.34 -8.12
N GLU E 126 -10.23 0.62 -7.21
CA GLU E 126 -9.66 1.94 -7.49
C GLU E 126 -8.21 1.81 -7.06
N VAL E 127 -7.27 1.96 -7.99
CA VAL E 127 -5.84 1.78 -7.70
C VAL E 127 -5.09 3.12 -7.67
N ALA E 128 -4.30 3.34 -6.60
CA ALA E 128 -3.50 4.54 -6.36
C ALA E 128 -2.07 4.18 -5.99
N VAL E 129 -1.11 5.01 -6.43
CA VAL E 129 0.31 4.87 -6.11
C VAL E 129 0.76 6.12 -5.36
N PHE E 130 1.34 5.91 -4.18
CA PHE E 130 1.86 6.96 -3.29
C PHE E 130 3.39 6.93 -3.40
N GLU E 131 3.97 8.08 -3.83
CA GLU E 131 5.41 8.21 -4.07
C GLU E 131 6.25 8.34 -2.78
N PRO E 132 7.51 7.84 -2.79
CA PRO E 132 8.34 7.82 -1.56
C PRO E 132 8.47 9.13 -0.78
N SER E 133 8.59 8.99 0.55
CA SER E 133 8.73 10.08 1.51
C SER E 133 10.16 10.64 1.47
N GLU E 134 10.27 11.98 1.35
CA GLU E 134 11.56 12.70 1.33
C GLU E 134 12.35 12.38 2.61
N ALA E 135 11.62 12.23 3.75
CA ALA E 135 12.13 11.89 5.07
C ALA E 135 12.80 10.52 5.09
N GLU E 136 12.25 9.56 4.31
CA GLU E 136 12.77 8.19 4.19
C GLU E 136 14.07 8.14 3.37
N ILE E 137 14.11 8.86 2.23
CA ILE E 137 15.26 8.96 1.32
C ILE E 137 16.48 9.47 2.09
N SER E 138 16.34 10.61 2.81
CA SER E 138 17.40 11.25 3.60
C SER E 138 17.88 10.38 4.77
N HIS E 139 16.94 9.67 5.44
CA HIS E 139 17.16 8.81 6.60
C HIS E 139 17.84 7.47 6.30
N THR E 140 17.39 6.76 5.24
CA THR E 140 17.87 5.41 4.91
C THR E 140 18.57 5.23 3.54
N GLN E 141 18.36 6.18 2.59
CA GLN E 141 18.87 6.14 1.21
C GLN E 141 18.14 5.07 0.39
N LYS E 142 16.87 4.82 0.78
CA LYS E 142 15.91 3.89 0.19
C LYS E 142 14.63 4.65 -0.11
N ALA E 143 13.88 4.19 -1.11
CA ALA E 143 12.65 4.83 -1.55
C ALA E 143 11.51 3.82 -1.72
N THR E 144 10.66 3.70 -0.69
CA THR E 144 9.51 2.79 -0.70
C THR E 144 8.33 3.43 -1.39
N LEU E 145 7.82 2.75 -2.43
CA LEU E 145 6.64 3.13 -3.20
C LEU E 145 5.48 2.28 -2.65
N VAL E 146 4.31 2.91 -2.39
CA VAL E 146 3.19 2.12 -1.88
C VAL E 146 1.98 2.21 -2.82
N CYS E 147 1.34 1.05 -3.07
CA CYS E 147 0.14 0.92 -3.93
C CYS E 147 -1.08 0.57 -3.09
N LEU E 148 -2.27 1.08 -3.47
CA LEU E 148 -3.51 0.84 -2.72
C LEU E 148 -4.77 0.62 -3.60
N ALA E 149 -5.25 -0.64 -3.66
CA ALA E 149 -6.49 -1.03 -4.37
C ALA E 149 -7.63 -1.01 -3.35
N THR E 150 -8.70 -0.25 -3.63
CA THR E 150 -9.82 -0.07 -2.70
C THR E 150 -11.19 -0.17 -3.37
N GLY E 151 -12.17 -0.68 -2.62
CA GLY E 151 -13.57 -0.80 -3.04
C GLY E 151 -13.94 -1.95 -3.97
N PHE E 152 -13.17 -3.06 -3.94
CA PHE E 152 -13.45 -4.22 -4.78
C PHE E 152 -14.23 -5.33 -4.08
N TYR E 153 -15.04 -6.09 -4.85
CA TYR E 153 -15.85 -7.22 -4.39
C TYR E 153 -16.22 -8.13 -5.57
N PRO E 154 -15.94 -9.46 -5.49
CA PRO E 154 -15.30 -10.19 -4.39
C PRO E 154 -13.78 -10.12 -4.40
N ASP E 155 -13.13 -10.93 -3.54
CA ASP E 155 -11.67 -11.02 -3.41
C ASP E 155 -11.10 -11.78 -4.63
N HIS E 156 -11.10 -11.11 -5.79
CA HIS E 156 -10.65 -11.67 -7.07
C HIS E 156 -9.68 -10.64 -7.70
N VAL E 157 -8.55 -10.40 -7.01
CA VAL E 157 -7.55 -9.40 -7.39
C VAL E 157 -6.12 -9.94 -7.27
N GLU E 158 -5.30 -9.67 -8.30
CA GLU E 158 -3.87 -10.03 -8.33
C GLU E 158 -3.03 -8.82 -8.69
N LEU E 159 -2.12 -8.43 -7.78
CA LEU E 159 -1.26 -7.24 -7.86
C LEU E 159 0.18 -7.56 -8.26
N SER E 160 0.77 -6.72 -9.14
CA SER E 160 2.16 -6.84 -9.59
C SER E 160 2.81 -5.48 -9.80
N TRP E 161 4.15 -5.41 -9.69
CA TRP E 161 4.94 -4.18 -9.87
C TRP E 161 5.77 -4.27 -11.17
N TRP E 162 5.55 -3.33 -12.11
CA TRP E 162 6.20 -3.28 -13.41
C TRP E 162 7.11 -2.05 -13.55
N VAL E 163 8.41 -2.24 -13.36
CA VAL E 163 9.40 -1.17 -13.48
C VAL E 163 9.99 -1.20 -14.89
N ASN E 164 9.92 -0.07 -15.61
CA ASN E 164 10.43 0.15 -16.98
C ASN E 164 9.84 -0.84 -18.04
N GLY E 165 8.58 -1.24 -17.83
CA GLY E 165 7.86 -2.13 -18.72
C GLY E 165 7.95 -3.63 -18.41
N LYS E 166 8.95 -4.04 -17.60
CA LYS E 166 9.11 -5.45 -17.24
C LYS E 166 8.66 -5.71 -15.78
N GLU E 167 8.14 -6.93 -15.51
CA GLU E 167 7.67 -7.34 -14.18
C GLU E 167 8.82 -7.49 -13.18
N VAL E 168 8.60 -7.01 -11.95
CA VAL E 168 9.57 -6.99 -10.85
C VAL E 168 9.10 -7.86 -9.65
N HIS E 169 10.05 -8.54 -8.98
CA HIS E 169 9.80 -9.39 -7.81
C HIS E 169 10.68 -9.01 -6.61
N SER E 170 11.94 -8.60 -6.86
CA SER E 170 12.89 -8.17 -5.85
C SER E 170 12.41 -6.87 -5.16
N GLY E 171 12.60 -6.81 -3.84
CA GLY E 171 12.19 -5.68 -3.00
C GLY E 171 10.70 -5.37 -3.06
N VAL E 172 9.86 -6.43 -3.18
CA VAL E 172 8.41 -6.31 -3.27
C VAL E 172 7.73 -7.16 -2.18
N CYS E 173 6.66 -6.61 -1.58
CA CYS E 173 5.82 -7.28 -0.60
C CYS E 173 4.39 -6.74 -0.68
N THR E 174 3.42 -7.65 -0.84
CA THR E 174 1.99 -7.33 -0.94
C THR E 174 1.26 -8.02 0.21
N ASP E 175 0.15 -7.41 0.68
CA ASP E 175 -0.71 -7.96 1.73
C ASP E 175 -1.15 -9.37 1.32
N PRO E 176 -0.93 -10.40 2.18
CA PRO E 176 -1.33 -11.77 1.79
C PRO E 176 -2.82 -11.92 1.57
N GLN E 177 -3.62 -11.06 2.22
CA GLN E 177 -5.07 -11.06 2.09
C GLN E 177 -5.63 -9.63 2.22
N PRO E 178 -6.77 -9.31 1.55
CA PRO E 178 -7.31 -7.96 1.69
C PRO E 178 -8.04 -7.75 3.02
N LEU E 179 -8.32 -6.48 3.36
CA LEU E 179 -9.06 -6.14 4.58
C LEU E 179 -10.46 -5.62 4.23
N LYS E 180 -11.47 -6.03 5.02
CA LYS E 180 -12.86 -5.62 4.83
C LYS E 180 -13.03 -4.15 5.21
N GLU E 181 -13.67 -3.36 4.32
CA GLU E 181 -13.93 -1.93 4.57
C GLU E 181 -14.91 -1.73 5.71
N GLN E 182 -15.85 -2.68 5.86
CA GLN E 182 -16.87 -2.68 6.91
C GLN E 182 -16.95 -4.10 7.53
N PRO E 183 -16.16 -4.43 8.58
CA PRO E 183 -16.24 -5.79 9.16
C PRO E 183 -17.49 -6.16 9.98
N ALA E 184 -18.68 -6.01 9.36
CA ALA E 184 -20.00 -6.30 9.95
C ALA E 184 -20.97 -7.01 8.99
N LEU E 185 -21.00 -6.59 7.70
CA LEU E 185 -21.85 -7.17 6.66
C LEU E 185 -21.10 -8.21 5.82
N ASN E 186 -21.82 -9.23 5.27
CA ASN E 186 -21.24 -10.27 4.42
C ASN E 186 -20.68 -9.64 3.14
N ASP E 187 -21.45 -8.72 2.52
CA ASP E 187 -21.04 -7.97 1.34
C ASP E 187 -20.35 -6.69 1.79
N SER E 188 -19.03 -6.78 1.97
CA SER E 188 -18.18 -5.68 2.37
C SER E 188 -17.08 -5.60 1.35
N ARG E 189 -16.88 -4.41 0.78
CA ARG E 189 -15.82 -4.21 -0.19
C ARG E 189 -14.47 -4.36 0.51
N TYR E 190 -13.47 -4.85 -0.22
CA TYR E 190 -12.15 -5.12 0.31
C TYR E 190 -11.14 -4.02 -0.06
N ALA E 191 -9.95 -4.07 0.54
CA ALA E 191 -8.86 -3.16 0.26
C ALA E 191 -7.55 -3.93 0.35
N LEU E 192 -6.65 -3.72 -0.60
CA LEU E 192 -5.36 -4.38 -0.63
C LEU E 192 -4.28 -3.34 -0.87
N SER E 193 -3.10 -3.54 -0.26
CA SER E 193 -1.96 -2.64 -0.37
C SER E 193 -0.68 -3.39 -0.75
N SER E 194 0.26 -2.69 -1.39
CA SER E 194 1.53 -3.28 -1.79
C SER E 194 2.67 -2.32 -1.63
N ARG E 195 3.88 -2.85 -1.49
CA ARG E 195 5.09 -2.06 -1.31
C ARG E 195 6.25 -2.54 -2.21
N LEU E 196 6.99 -1.56 -2.78
CA LEU E 196 8.17 -1.79 -3.62
C LEU E 196 9.28 -0.85 -3.16
N ARG E 197 10.44 -1.41 -2.78
CA ARG E 197 11.57 -0.64 -2.29
C ARG E 197 12.76 -0.65 -3.24
N VAL E 198 13.15 0.54 -3.68
CA VAL E 198 14.29 0.79 -4.57
C VAL E 198 15.28 1.69 -3.82
N SER E 199 16.46 1.94 -4.39
CA SER E 199 17.45 2.83 -3.77
C SER E 199 17.04 4.30 -4.01
N ALA E 200 17.66 5.23 -3.26
CA ALA E 200 17.41 6.66 -3.39
C ALA E 200 17.75 7.13 -4.82
N THR E 201 18.93 6.71 -5.35
CA THR E 201 19.43 7.04 -6.69
C THR E 201 18.52 6.52 -7.83
N PHE E 202 17.84 5.37 -7.62
CA PHE E 202 16.92 4.80 -8.60
C PHE E 202 15.62 5.61 -8.73
N TRP E 203 15.07 6.11 -7.59
CA TRP E 203 13.84 6.93 -7.58
C TRP E 203 14.10 8.34 -8.11
N GLN E 204 15.32 8.81 -7.90
CA GLN E 204 15.71 10.20 -8.29
C GLN E 204 15.77 10.34 -9.81
N ASN E 205 16.12 9.28 -10.53
CA ASN E 205 16.23 9.30 -12.01
C ASN E 205 14.83 9.28 -12.65
N PRO E 206 14.38 10.37 -13.33
CA PRO E 206 13.07 10.41 -13.96
C PRO E 206 12.98 9.57 -15.24
N ARG E 207 14.08 9.00 -15.70
CA ARG E 207 14.02 8.09 -16.86
C ARG E 207 13.36 6.77 -16.46
N ASN E 208 13.37 6.46 -15.15
CA ASN E 208 12.78 5.26 -14.57
C ASN E 208 11.28 5.41 -14.36
N HIS E 209 10.52 4.41 -14.84
CA HIS E 209 9.06 4.31 -14.76
C HIS E 209 8.68 3.21 -13.73
N PHE E 210 7.57 3.43 -13.01
CA PHE E 210 7.05 2.51 -12.00
C PHE E 210 5.54 2.35 -12.22
N ARG E 211 5.07 1.10 -12.26
CA ARG E 211 3.66 0.81 -12.48
C ARG E 211 3.14 -0.31 -11.56
N CYS E 212 2.01 -0.05 -10.87
CA CYS E 212 1.35 -1.03 -10.02
C CYS E 212 0.15 -1.55 -10.78
N GLN E 213 0.20 -2.83 -11.16
CA GLN E 213 -0.82 -3.52 -11.95
C GLN E 213 -1.74 -4.31 -11.03
N VAL E 214 -3.06 -4.13 -11.22
CA VAL E 214 -4.10 -4.85 -10.47
C VAL E 214 -5.06 -5.53 -11.43
N GLN E 215 -4.79 -6.82 -11.68
CA GLN E 215 -5.63 -7.66 -12.52
C GLN E 215 -6.84 -8.07 -11.68
N PHE E 216 -8.03 -7.63 -12.11
CA PHE E 216 -9.30 -7.91 -11.47
C PHE E 216 -10.11 -8.89 -12.31
N TYR E 217 -10.64 -9.92 -11.65
CA TYR E 217 -11.49 -10.95 -12.24
C TYR E 217 -12.93 -10.67 -11.81
N GLY E 218 -13.79 -10.40 -12.79
CA GLY E 218 -15.18 -10.07 -12.52
C GLY E 218 -16.19 -10.90 -13.27
N LEU E 219 -17.19 -10.22 -13.84
CA LEU E 219 -18.27 -10.80 -14.62
C LEU E 219 -17.84 -11.09 -16.06
N SER E 220 -18.47 -12.09 -16.68
CA SER E 220 -18.21 -12.47 -18.07
C SER E 220 -19.15 -11.69 -19.01
N GLU E 221 -18.96 -11.83 -20.34
CA GLU E 221 -19.74 -11.17 -21.39
C GLU E 221 -21.22 -11.58 -21.34
N ASN E 222 -21.48 -12.89 -21.12
CA ASN E 222 -22.81 -13.49 -21.07
C ASN E 222 -23.73 -12.96 -19.94
N ASP E 223 -23.16 -12.51 -18.80
CA ASP E 223 -23.91 -11.98 -17.64
C ASP E 223 -24.69 -10.71 -18.02
N GLU E 224 -25.94 -10.60 -17.55
CA GLU E 224 -26.83 -9.46 -17.83
C GLU E 224 -26.71 -8.36 -16.76
N TRP E 225 -26.56 -7.10 -17.21
CA TRP E 225 -26.38 -5.93 -16.35
C TRP E 225 -27.49 -4.87 -16.57
N THR E 226 -28.42 -4.77 -15.62
CA THR E 226 -29.58 -3.85 -15.65
C THR E 226 -29.27 -2.43 -15.16
N GLN E 227 -28.32 -2.30 -14.20
CA GLN E 227 -27.90 -1.02 -13.61
C GLN E 227 -27.12 -0.14 -14.58
N ASP E 228 -27.26 1.20 -14.45
CA ASP E 228 -26.61 2.17 -15.34
C ASP E 228 -25.09 2.28 -15.15
N ARG E 229 -24.56 1.98 -13.94
CA ARG E 229 -23.11 2.06 -13.69
C ARG E 229 -22.34 1.03 -14.53
N ALA E 230 -21.06 1.31 -14.85
CA ALA E 230 -20.19 0.45 -15.68
C ALA E 230 -20.17 -1.02 -15.25
N LYS E 231 -20.22 -1.94 -16.24
CA LYS E 231 -20.22 -3.39 -16.03
C LYS E 231 -18.91 -3.86 -15.38
N PRO E 232 -18.94 -4.46 -14.16
CA PRO E 232 -17.70 -4.87 -13.51
C PRO E 232 -17.11 -6.16 -14.09
N VAL E 233 -16.63 -6.05 -15.33
CA VAL E 233 -16.03 -7.12 -16.12
C VAL E 233 -14.56 -7.33 -15.76
N THR E 234 -14.05 -8.56 -16.02
CA THR E 234 -12.66 -8.96 -15.81
C THR E 234 -11.75 -7.97 -16.54
N GLN E 235 -11.01 -7.14 -15.78
CA GLN E 235 -10.16 -6.08 -16.34
C GLN E 235 -8.85 -5.85 -15.56
N ILE E 236 -8.01 -4.91 -16.06
CA ILE E 236 -6.77 -4.49 -15.41
C ILE E 236 -6.88 -3.01 -15.07
N VAL E 237 -6.72 -2.66 -13.77
CA VAL E 237 -6.72 -1.29 -13.28
C VAL E 237 -5.29 -0.98 -12.84
N SER E 238 -4.67 0.01 -13.49
CA SER E 238 -3.30 0.40 -13.20
C SER E 238 -3.17 1.82 -12.68
N ALA E 239 -2.11 2.05 -11.90
CA ALA E 239 -1.70 3.33 -11.34
C ALA E 239 -0.19 3.37 -11.50
N GLU E 240 0.32 4.48 -12.04
CA GLU E 240 1.75 4.64 -12.33
C GLU E 240 2.38 5.90 -11.72
N ALA E 241 3.72 5.92 -11.68
CA ALA E 241 4.55 7.01 -11.19
C ALA E 241 5.87 7.04 -11.94
N TRP E 242 6.47 8.23 -12.07
CA TRP E 242 7.77 8.43 -12.72
C TRP E 242 8.80 8.91 -11.69
N GLY E 243 10.08 8.86 -12.05
CA GLY E 243 11.18 9.29 -11.18
C GLY E 243 11.18 10.78 -10.90
N ARG E 244 11.44 11.15 -9.63
CA ARG E 244 11.43 12.55 -9.21
C ARG E 244 12.80 13.04 -8.77
N ALA E 245 13.29 14.11 -9.42
CA ALA E 245 14.58 14.73 -9.13
C ALA E 245 14.38 16.04 -8.35
N ASP E 246 15.28 16.30 -7.37
CA ASP E 246 15.24 17.50 -6.53
C ASP E 246 16.63 18.12 -6.33
N SER F 2 -26.83 56.68 21.42
CA SER F 2 -25.85 55.79 20.80
C SER F 2 -24.59 55.59 21.64
N HIS F 3 -24.23 54.32 21.86
CA HIS F 3 -23.00 53.97 22.55
C HIS F 3 -21.80 54.14 21.62
N SER F 4 -20.62 54.41 22.20
CA SER F 4 -19.41 54.59 21.43
C SER F 4 -18.15 54.11 22.14
N MET F 5 -17.14 53.77 21.34
CA MET F 5 -15.82 53.43 21.83
C MET F 5 -14.83 54.37 21.12
N ARG F 6 -13.87 54.93 21.86
CA ARG F 6 -12.83 55.79 21.30
C ARG F 6 -11.49 55.48 21.92
N TYR F 7 -10.43 55.71 21.14
CA TYR F 7 -9.05 55.63 21.60
C TYR F 7 -8.40 56.96 21.26
N PHE F 8 -7.68 57.54 22.24
CA PHE F 8 -6.99 58.80 22.11
C PHE F 8 -5.48 58.57 22.21
N TYR F 9 -4.72 58.93 21.17
CA TYR F 9 -3.27 58.76 21.13
C TYR F 9 -2.60 60.11 21.19
N THR F 10 -1.56 60.22 21.98
CA THR F 10 -0.74 61.42 22.12
C THR F 10 0.69 60.93 22.01
N ALA F 11 1.40 61.42 21.00
CA ALA F 11 2.80 61.06 20.77
C ALA F 11 3.58 62.37 20.79
N MET F 12 4.54 62.50 21.73
CA MET F 12 5.31 63.73 21.87
C MET F 12 6.81 63.51 21.85
N SER F 13 7.48 64.26 20.98
CA SER F 13 8.94 64.23 20.86
C SER F 13 9.51 65.13 21.95
N ARG F 14 10.68 64.77 22.45
CA ARG F 14 11.38 65.51 23.51
C ARG F 14 12.89 65.38 23.23
N PRO F 15 13.44 66.19 22.30
CA PRO F 15 14.87 66.06 21.94
C PRO F 15 15.88 66.11 23.08
N GLY F 16 15.56 66.89 24.11
CA GLY F 16 16.41 67.07 25.28
C GLY F 16 16.61 65.81 26.10
N ARG F 17 15.50 65.25 26.65
CA ARG F 17 15.59 64.08 27.51
C ARG F 17 14.72 62.88 27.07
N GLY F 18 15.36 61.93 26.36
CA GLY F 18 14.77 60.67 25.95
C GLY F 18 14.11 60.60 24.58
N GLU F 19 13.67 59.38 24.22
CA GLU F 19 12.98 59.08 22.97
C GLU F 19 11.49 59.47 23.07
N PRO F 20 10.75 59.61 21.95
CA PRO F 20 9.34 60.04 22.05
C PRO F 20 8.45 59.25 23.00
N ARG F 21 7.54 59.97 23.64
CA ARG F 21 6.59 59.40 24.57
C ARG F 21 5.26 59.16 23.88
N PHE F 22 4.72 57.94 24.07
CA PHE F 22 3.41 57.55 23.56
C PHE F 22 2.44 57.25 24.71
N ILE F 23 1.26 57.86 24.65
CA ILE F 23 0.17 57.70 25.61
C ILE F 23 -1.08 57.30 24.85
N ALA F 24 -1.73 56.24 25.32
CA ALA F 24 -3.00 55.79 24.78
C ALA F 24 -3.98 55.66 25.95
N VAL F 25 -5.21 56.11 25.73
CA VAL F 25 -6.30 55.97 26.68
C VAL F 25 -7.49 55.50 25.87
N GLY F 26 -8.29 54.62 26.45
CA GLY F 26 -9.48 54.08 25.80
C GLY F 26 -10.72 54.46 26.57
N TYR F 27 -11.81 54.73 25.85
CA TYR F 27 -13.08 55.12 26.46
C TYR F 27 -14.26 54.37 25.90
N VAL F 28 -15.21 54.02 26.78
CA VAL F 28 -16.51 53.48 26.40
C VAL F 28 -17.44 54.61 26.87
N ASP F 29 -18.01 55.37 25.91
CA ASP F 29 -18.84 56.53 26.17
C ASP F 29 -18.00 57.52 26.96
N ASP F 30 -18.44 57.94 28.16
CA ASP F 30 -17.66 58.87 28.98
C ASP F 30 -16.85 58.17 30.07
N THR F 31 -16.69 56.84 30.00
CA THR F 31 -15.93 56.06 30.99
C THR F 31 -14.61 55.57 30.41
N GLN F 32 -13.49 55.90 31.08
CA GLN F 32 -12.15 55.46 30.71
C GLN F 32 -11.96 54.05 31.23
N PHE F 33 -11.35 53.15 30.43
CA PHE F 33 -11.14 51.76 30.87
C PHE F 33 -9.70 51.26 30.71
N VAL F 34 -8.87 51.93 29.89
CA VAL F 34 -7.47 51.56 29.65
C VAL F 34 -6.58 52.76 29.57
N ARG F 35 -5.30 52.50 29.84
CA ARG F 35 -4.22 53.45 29.68
C ARG F 35 -2.95 52.72 29.34
N PHE F 36 -2.07 53.37 28.57
CA PHE F 36 -0.73 52.92 28.24
C PHE F 36 0.14 54.16 28.19
N ASP F 37 1.36 54.05 28.74
CA ASP F 37 2.35 55.10 28.79
C ASP F 37 3.69 54.42 28.57
N SER F 38 4.35 54.79 27.47
CA SER F 38 5.65 54.24 27.05
C SER F 38 6.79 54.65 27.98
N ASP F 39 6.61 55.73 28.75
CA ASP F 39 7.59 56.28 29.69
C ASP F 39 7.80 55.37 30.90
N ALA F 40 8.50 54.25 30.68
CA ALA F 40 8.84 53.21 31.66
C ALA F 40 9.87 52.23 31.05
N ALA F 41 10.62 51.51 31.91
CA ALA F 41 11.62 50.52 31.50
C ALA F 41 10.91 49.37 30.79
N SER F 42 9.78 48.90 31.38
CA SER F 42 8.94 47.84 30.81
C SER F 42 7.47 48.31 30.82
N PRO F 43 7.02 49.10 29.81
CA PRO F 43 5.62 49.57 29.80
C PRO F 43 4.61 48.45 29.56
N ARG F 44 3.44 48.63 30.15
CA ARG F 44 2.37 47.70 30.05
C ARG F 44 0.99 48.38 30.10
N THR F 45 0.02 47.81 29.43
CA THR F 45 -1.35 48.34 29.42
C THR F 45 -1.98 48.02 30.79
N GLU F 46 -2.69 49.00 31.36
CA GLU F 46 -3.28 48.89 32.68
C GLU F 46 -4.77 49.19 32.69
N PRO F 47 -5.55 48.43 33.51
CA PRO F 47 -7.01 48.68 33.59
C PRO F 47 -7.38 49.97 34.35
N ARG F 48 -8.50 50.63 33.95
CA ARG F 48 -8.97 51.88 34.55
C ARG F 48 -10.47 51.86 34.87
N ALA F 49 -11.09 50.70 34.69
CA ALA F 49 -12.50 50.46 35.00
C ALA F 49 -12.61 49.05 35.58
N PRO F 50 -13.50 48.78 36.55
CA PRO F 50 -13.54 47.43 37.15
C PRO F 50 -14.03 46.33 36.21
N TRP F 51 -14.89 46.68 35.22
CA TRP F 51 -15.45 45.72 34.29
C TRP F 51 -14.44 45.21 33.24
N ILE F 52 -13.28 45.87 33.11
CA ILE F 52 -12.24 45.43 32.17
C ILE F 52 -11.26 44.41 32.82
N GLU F 53 -11.27 44.29 34.17
CA GLU F 53 -10.40 43.35 34.91
C GLU F 53 -10.80 41.88 34.66
N GLN F 54 -12.01 41.67 34.11
CA GLN F 54 -12.56 40.37 33.72
C GLN F 54 -11.74 39.78 32.58
N GLU F 55 -11.00 40.64 31.85
CA GLU F 55 -10.15 40.22 30.74
C GLU F 55 -8.90 39.54 31.29
N GLY F 56 -8.56 38.40 30.73
CA GLY F 56 -7.40 37.63 31.14
C GLY F 56 -6.06 38.19 30.69
N PRO F 57 -4.94 37.56 31.09
CA PRO F 57 -3.60 38.07 30.72
C PRO F 57 -3.34 38.24 29.21
N GLU F 58 -3.88 37.35 28.37
CA GLU F 58 -3.69 37.42 26.92
C GLU F 58 -4.26 38.69 26.29
N TYR F 59 -5.27 39.32 26.95
CA TYR F 59 -5.87 40.55 26.49
C TYR F 59 -4.89 41.70 26.73
N TRP F 60 -4.22 41.70 27.91
CA TRP F 60 -3.27 42.74 28.30
C TRP F 60 -1.98 42.67 27.51
N ASP F 61 -1.55 41.47 27.10
CA ASP F 61 -0.35 41.27 26.27
C ASP F 61 -0.60 41.76 24.85
N ARG F 62 -1.80 41.48 24.33
CA ARG F 62 -2.27 41.87 23.01
C ARG F 62 -2.29 43.39 22.86
N ASN F 63 -2.84 44.11 23.87
CA ASN F 63 -2.91 45.56 23.96
C ASN F 63 -1.51 46.13 24.05
N THR F 64 -0.67 45.60 24.96
CA THR F 64 0.72 46.02 25.17
C THR F 64 1.53 45.93 23.90
N GLN F 65 1.34 44.86 23.14
CA GLN F 65 2.06 44.61 21.87
C GLN F 65 1.76 45.70 20.84
N ILE F 66 0.49 46.04 20.62
CA ILE F 66 0.19 47.10 19.62
C ILE F 66 0.64 48.48 20.14
N PHE F 67 0.45 48.79 21.41
CA PHE F 67 0.87 50.11 21.93
C PHE F 67 2.39 50.27 21.85
N LYS F 68 3.12 49.17 21.87
CA LYS F 68 4.58 49.20 21.74
C LYS F 68 4.99 49.44 20.28
N THR F 69 4.20 48.91 19.34
CA THR F 69 4.38 49.10 17.90
C THR F 69 4.12 50.59 17.58
N ASN F 70 3.03 51.16 18.16
CA ASN F 70 2.67 52.57 18.00
C ASN F 70 3.76 53.50 18.55
N THR F 71 4.44 53.09 19.64
CA THR F 71 5.53 53.87 20.22
C THR F 71 6.62 54.03 19.14
N GLN F 72 6.95 52.92 18.48
CA GLN F 72 7.92 52.82 17.41
C GLN F 72 7.48 53.56 16.16
N THR F 73 6.22 53.36 15.68
CA THR F 73 5.78 54.03 14.44
C THR F 73 5.63 55.54 14.65
N TYR F 74 5.15 55.99 15.81
CA TYR F 74 5.00 57.42 16.08
C TYR F 74 6.33 58.16 16.18
N ARG F 75 7.41 57.46 16.58
CA ARG F 75 8.76 57.99 16.61
C ARG F 75 9.16 58.36 15.16
N GLU F 76 8.82 57.50 14.19
CA GLU F 76 9.16 57.76 12.79
C GLU F 76 8.24 58.79 12.15
N SER F 77 6.94 58.76 12.49
CA SER F 77 5.95 59.72 12.00
C SER F 77 6.31 61.15 12.42
N LEU F 78 6.77 61.33 13.69
CA LEU F 78 7.21 62.61 14.26
C LEU F 78 8.45 63.11 13.50
N ARG F 79 9.42 62.21 13.22
CA ARG F 79 10.64 62.50 12.45
C ARG F 79 10.27 62.95 11.04
N ASN F 80 9.35 62.22 10.39
CA ASN F 80 8.86 62.48 9.03
C ASN F 80 8.11 63.81 8.90
N LEU F 81 7.16 64.09 9.82
CA LEU F 81 6.38 65.34 9.84
C LEU F 81 7.25 66.56 10.06
N ARG F 82 8.35 66.38 10.79
CA ARG F 82 9.35 67.40 11.05
C ARG F 82 10.06 67.78 9.73
N GLY F 83 10.35 66.79 8.89
CA GLY F 83 10.94 66.95 7.57
C GLY F 83 10.02 67.67 6.60
N TYR F 84 8.70 67.34 6.63
CA TYR F 84 7.67 67.95 5.78
C TYR F 84 7.56 69.46 6.01
N TYR F 85 7.64 69.88 7.29
CA TYR F 85 7.49 71.25 7.74
C TYR F 85 8.82 71.96 7.97
N ASN F 86 9.93 71.30 7.59
CA ASN F 86 11.30 71.80 7.69
C ASN F 86 11.63 72.38 9.09
N GLN F 87 11.13 71.69 10.11
CA GLN F 87 11.31 72.05 11.51
C GLN F 87 12.64 71.54 12.04
N SER F 88 13.18 72.23 13.05
CA SER F 88 14.44 71.91 13.70
C SER F 88 14.24 70.69 14.57
N GLU F 89 15.32 69.92 14.79
CA GLU F 89 15.30 68.73 15.63
C GLU F 89 15.32 69.09 17.13
N ALA F 90 15.57 70.37 17.47
CA ALA F 90 15.61 70.89 18.84
C ALA F 90 14.20 71.23 19.38
N GLY F 91 13.22 71.33 18.49
CA GLY F 91 11.85 71.63 18.84
C GLY F 91 11.05 70.38 19.19
N SER F 92 10.14 70.51 20.16
CA SER F 92 9.28 69.43 20.62
C SER F 92 7.91 69.50 19.91
N HIS F 93 7.44 68.37 19.35
CA HIS F 93 6.19 68.32 18.59
C HIS F 93 5.26 67.22 19.05
N ILE F 94 3.97 67.32 18.68
CA ILE F 94 2.94 66.39 19.12
C ILE F 94 2.05 65.90 17.99
N ILE F 95 1.83 64.59 17.92
CA ILE F 95 0.85 64.00 17.02
C ILE F 95 -0.26 63.45 17.94
N GLN F 96 -1.50 63.73 17.61
CA GLN F 96 -2.65 63.20 18.35
C GLN F 96 -3.53 62.44 17.40
N ARG F 97 -4.26 61.46 17.91
CA ARG F 97 -5.15 60.67 17.09
C ARG F 97 -6.37 60.21 17.88
N MET F 98 -7.52 60.31 17.26
CA MET F 98 -8.75 59.84 17.82
C MET F 98 -9.40 58.96 16.76
N TYR F 99 -9.73 57.74 17.14
CA TYR F 99 -10.48 56.84 16.28
C TYR F 99 -11.48 56.09 17.11
N GLY F 100 -12.47 55.52 16.47
CA GLY F 100 -13.47 54.75 17.18
C GLY F 100 -14.77 54.57 16.44
N CYS F 101 -15.68 53.82 17.06
CA CYS F 101 -16.95 53.47 16.47
C CYS F 101 -18.18 53.91 17.27
N ASP F 102 -19.29 54.20 16.56
CA ASP F 102 -20.58 54.52 17.15
C ASP F 102 -21.48 53.32 16.89
N LEU F 103 -22.05 52.74 17.96
CA LEU F 103 -22.91 51.56 17.93
C LEU F 103 -24.31 51.90 17.46
N GLY F 104 -24.82 51.04 16.58
CA GLY F 104 -26.16 51.11 16.05
C GLY F 104 -27.12 50.30 16.90
N PRO F 105 -28.46 50.55 16.79
CA PRO F 105 -29.45 49.80 17.59
C PRO F 105 -29.46 48.29 17.35
N ASP F 106 -28.90 47.87 16.20
CA ASP F 106 -28.76 46.50 15.69
C ASP F 106 -27.40 45.83 16.06
N GLY F 107 -26.53 46.57 16.74
CA GLY F 107 -25.20 46.09 17.11
C GLY F 107 -24.13 46.31 16.06
N ARG F 108 -24.51 46.91 14.91
CA ARG F 108 -23.61 47.20 13.79
C ARG F 108 -23.03 48.61 13.93
N LEU F 109 -22.08 48.95 13.05
CA LEU F 109 -21.45 50.25 12.99
C LEU F 109 -22.43 51.28 12.45
N LEU F 110 -22.60 52.37 13.18
CA LEU F 110 -23.47 53.48 12.80
C LEU F 110 -22.63 54.55 12.11
N ARG F 111 -21.45 54.85 12.67
CA ARG F 111 -20.50 55.82 12.14
C ARG F 111 -19.12 55.47 12.68
N GLY F 112 -18.13 55.57 11.80
CA GLY F 112 -16.74 55.31 12.13
C GLY F 112 -15.94 56.58 12.06
N HIS F 113 -14.88 56.67 12.85
CA HIS F 113 -14.05 57.87 12.91
C HIS F 113 -12.59 57.49 13.01
N ASP F 114 -11.73 58.31 12.39
CA ASP F 114 -10.28 58.29 12.46
C ASP F 114 -9.73 59.68 12.10
N GLN F 115 -9.13 60.36 13.10
CA GLN F 115 -8.61 61.71 12.93
C GLN F 115 -7.26 61.85 13.54
N SER F 116 -6.38 62.61 12.87
CA SER F 116 -5.05 62.90 13.37
C SER F 116 -4.78 64.41 13.36
N ALA F 117 -3.96 64.85 14.31
CA ALA F 117 -3.58 66.24 14.43
C ALA F 117 -2.12 66.33 14.58
N TYR F 118 -1.56 67.48 14.25
CA TYR F 118 -0.16 67.78 14.42
C TYR F 118 -0.10 69.15 14.99
N ASP F 119 0.53 69.26 16.15
CA ASP F 119 0.72 70.48 16.95
C ASP F 119 -0.63 71.20 17.26
N GLY F 120 -1.66 70.41 17.57
CA GLY F 120 -2.98 70.89 17.96
C GLY F 120 -3.94 71.22 16.85
N LYS F 121 -3.48 71.16 15.59
CA LYS F 121 -4.30 71.47 14.41
C LYS F 121 -4.61 70.22 13.62
N ASP F 122 -5.78 70.20 12.94
CA ASP F 122 -6.19 69.10 12.07
C ASP F 122 -5.08 68.78 11.07
N TYR F 123 -4.88 67.48 10.79
CA TYR F 123 -3.84 67.03 9.88
C TYR F 123 -4.46 66.16 8.81
N ILE F 124 -4.95 64.99 9.19
CA ILE F 124 -5.60 64.05 8.26
C ILE F 124 -6.80 63.39 8.95
N ALA F 125 -7.88 63.18 8.20
CA ALA F 125 -9.07 62.55 8.75
C ALA F 125 -9.69 61.62 7.74
N LEU F 126 -10.18 60.48 8.23
CA LEU F 126 -10.91 59.51 7.44
C LEU F 126 -12.33 60.06 7.22
N ASN F 127 -12.82 60.04 5.98
CA ASN F 127 -14.15 60.56 5.65
C ASN F 127 -15.24 59.57 6.04
N GLU F 128 -16.50 60.06 6.14
CA GLU F 128 -17.69 59.30 6.50
C GLU F 128 -17.84 57.99 5.71
N ASP F 129 -17.38 57.98 4.45
CA ASP F 129 -17.42 56.80 3.55
C ASP F 129 -16.45 55.67 3.96
N LEU F 130 -15.51 55.96 4.90
CA LEU F 130 -14.50 55.04 5.45
C LEU F 130 -13.58 54.45 4.36
N SER F 131 -13.39 55.19 3.26
CA SER F 131 -12.57 54.73 2.15
C SER F 131 -11.70 55.83 1.53
N SER F 132 -11.88 57.08 1.96
CA SER F 132 -11.09 58.23 1.47
C SER F 132 -10.69 59.16 2.62
N TRP F 133 -9.71 60.06 2.37
CA TRP F 133 -9.15 60.97 3.35
C TRP F 133 -9.32 62.47 3.04
N THR F 134 -9.23 63.30 4.08
CA THR F 134 -9.20 64.75 3.99
C THR F 134 -7.89 65.19 4.61
N ALA F 135 -7.02 65.78 3.81
CA ALA F 135 -5.73 66.31 4.20
C ALA F 135 -5.87 67.82 4.42
N ALA F 136 -5.28 68.35 5.49
CA ALA F 136 -5.35 69.76 5.87
C ALA F 136 -4.47 70.66 5.02
N ASP F 137 -3.34 70.11 4.51
CA ASP F 137 -2.34 70.80 3.69
C ASP F 137 -1.54 69.80 2.85
N THR F 138 -0.47 70.25 2.16
CA THR F 138 0.34 69.38 1.31
C THR F 138 1.19 68.38 2.09
N ALA F 139 1.63 68.71 3.32
CA ALA F 139 2.38 67.79 4.18
C ALA F 139 1.49 66.57 4.50
N ALA F 140 0.20 66.82 4.80
CA ALA F 140 -0.81 65.79 5.06
C ALA F 140 -1.13 64.97 3.81
N GLN F 141 -0.91 65.56 2.62
CA GLN F 141 -1.10 64.89 1.33
C GLN F 141 0.01 63.88 1.05
N ILE F 142 1.22 64.09 1.63
CA ILE F 142 2.30 63.10 1.54
C ILE F 142 1.84 61.86 2.37
N THR F 143 1.43 62.08 3.65
CA THR F 143 0.90 61.02 4.54
C THR F 143 -0.26 60.28 3.84
N GLN F 144 -1.16 61.03 3.17
CA GLN F 144 -2.29 60.49 2.43
C GLN F 144 -1.80 59.53 1.34
N ARG F 145 -0.75 59.93 0.57
CA ARG F 145 -0.17 59.07 -0.47
C ARG F 145 0.33 57.77 0.15
N LYS F 146 1.08 57.85 1.28
CA LYS F 146 1.61 56.70 2.02
C LYS F 146 0.49 55.79 2.53
N TRP F 147 -0.56 56.40 3.11
CA TRP F 147 -1.72 55.70 3.68
C TRP F 147 -2.63 55.06 2.63
N GLU F 148 -2.73 55.67 1.44
CA GLU F 148 -3.51 55.10 0.31
C GLU F 148 -2.76 53.94 -0.26
N ALA F 149 -1.42 54.03 -0.36
CA ALA F 149 -0.56 52.97 -0.89
C ALA F 149 -0.54 51.75 0.07
N ALA F 150 -0.64 52.01 1.39
CA ALA F 150 -0.68 50.99 2.43
C ALA F 150 -2.12 50.51 2.68
N ARG F 151 -3.12 51.19 2.09
CA ARG F 151 -4.55 50.87 2.18
C ARG F 151 -5.09 50.89 3.63
N VAL F 152 -4.70 51.96 4.37
CA VAL F 152 -5.05 52.21 5.77
C VAL F 152 -6.57 52.37 5.94
N ALA F 153 -7.26 53.06 4.98
CA ALA F 153 -8.71 53.25 5.03
C ALA F 153 -9.43 51.91 5.04
N GLU F 154 -8.96 50.95 4.22
CA GLU F 154 -9.49 49.57 4.14
C GLU F 154 -9.27 48.81 5.45
N GLN F 155 -8.07 48.93 6.07
CA GLN F 155 -7.74 48.31 7.36
C GLN F 155 -8.65 48.88 8.46
N LEU F 156 -8.85 50.21 8.48
CA LEU F 156 -9.73 50.90 9.41
C LEU F 156 -11.20 50.52 9.24
N ARG F 157 -11.69 50.44 8.00
CA ARG F 157 -13.07 50.04 7.72
C ARG F 157 -13.38 48.62 8.23
N ALA F 158 -12.44 47.64 8.05
CA ALA F 158 -12.62 46.26 8.52
C ALA F 158 -12.60 46.23 10.04
N TYR F 159 -11.75 47.05 10.67
CA TYR F 159 -11.69 47.15 12.12
C TYR F 159 -12.96 47.79 12.71
N LEU F 160 -13.34 48.95 12.19
CA LEU F 160 -14.50 49.70 12.69
C LEU F 160 -15.81 48.95 12.52
N GLU F 161 -15.99 48.26 11.39
CA GLU F 161 -17.20 47.48 11.10
C GLU F 161 -17.20 46.12 11.79
N GLY F 162 -16.02 45.67 12.24
CA GLY F 162 -15.83 44.37 12.88
C GLY F 162 -15.49 44.38 14.35
N LEU F 163 -14.19 44.26 14.67
CA LEU F 163 -13.68 44.18 16.04
C LEU F 163 -14.05 45.36 16.93
N CYS F 164 -14.15 46.59 16.38
CA CYS F 164 -14.51 47.75 17.18
C CYS F 164 -15.89 47.61 17.79
N VAL F 165 -16.90 47.26 16.97
CA VAL F 165 -18.27 47.14 17.47
C VAL F 165 -18.49 45.82 18.23
N GLU F 166 -17.74 44.75 17.92
CA GLU F 166 -17.89 43.49 18.65
C GLU F 166 -17.36 43.62 20.09
N TRP F 167 -16.19 44.27 20.26
CA TRP F 167 -15.59 44.47 21.57
C TRP F 167 -16.33 45.54 22.37
N LEU F 168 -16.89 46.54 21.68
CA LEU F 168 -17.72 47.55 22.34
C LEU F 168 -18.97 46.85 22.96
N ARG F 169 -19.64 45.94 22.19
CA ARG F 169 -20.80 45.16 22.67
C ARG F 169 -20.45 44.28 23.88
N ARG F 170 -19.26 43.67 23.88
CA ARG F 170 -18.76 42.84 24.97
C ARG F 170 -18.55 43.69 26.25
N TYR F 171 -17.96 44.90 26.13
CA TYR F 171 -17.74 45.83 27.27
C TYR F 171 -19.07 46.31 27.84
N LEU F 172 -20.02 46.69 26.97
CA LEU F 172 -21.33 47.15 27.40
C LEU F 172 -22.08 46.09 28.20
N GLU F 173 -21.92 44.80 27.83
CA GLU F 173 -22.52 43.66 28.53
C GLU F 173 -21.80 43.41 29.86
N ASN F 174 -20.45 43.38 29.85
CA ASN F 174 -19.63 43.18 31.06
C ASN F 174 -19.81 44.28 32.11
N GLY F 175 -19.99 45.52 31.67
CA GLY F 175 -20.22 46.65 32.55
C GLY F 175 -21.60 47.26 32.43
N LYS F 176 -22.64 46.46 32.10
CA LYS F 176 -24.03 46.91 31.90
C LYS F 176 -24.63 47.70 33.07
N GLU F 177 -24.31 47.31 34.33
CA GLU F 177 -24.84 47.96 35.53
C GLU F 177 -24.36 49.41 35.73
N THR F 178 -23.29 49.80 35.03
CA THR F 178 -22.70 51.14 35.10
C THR F 178 -22.83 51.83 33.75
N LEU F 179 -22.35 51.17 32.69
CA LEU F 179 -22.34 51.68 31.32
C LEU F 179 -23.71 51.88 30.67
N GLN F 180 -24.67 50.99 30.98
CA GLN F 180 -26.02 51.03 30.40
C GLN F 180 -27.08 51.56 31.36
N ARG F 181 -26.64 52.24 32.43
CA ARG F 181 -27.53 52.83 33.40
C ARG F 181 -27.17 54.32 33.50
N ALA F 182 -28.06 55.18 32.97
CA ALA F 182 -27.87 56.62 32.98
C ALA F 182 -28.21 57.17 34.37
N ASP F 183 -27.30 57.97 34.95
CA ASP F 183 -27.47 58.57 36.27
C ASP F 183 -28.15 59.92 36.13
N PRO F 184 -29.39 60.09 36.63
CA PRO F 184 -30.05 61.40 36.52
C PRO F 184 -29.39 62.47 37.38
N PRO F 185 -29.32 63.73 36.88
CA PRO F 185 -28.69 64.79 37.68
C PRO F 185 -29.49 65.21 38.91
N LYS F 186 -28.82 65.31 40.07
CA LYS F 186 -29.39 65.81 41.33
C LYS F 186 -29.32 67.33 41.16
N THR F 187 -30.48 67.97 41.02
CA THR F 187 -30.56 69.41 40.76
C THR F 187 -31.01 70.25 41.95
N HIS F 188 -30.68 71.55 41.92
CA HIS F 188 -31.03 72.59 42.90
C HIS F 188 -30.61 73.98 42.42
N VAL F 189 -31.34 75.01 42.87
CA VAL F 189 -31.08 76.42 42.55
C VAL F 189 -30.57 77.13 43.80
N THR F 190 -29.53 77.97 43.62
CA THR F 190 -28.93 78.76 44.71
C THR F 190 -29.02 80.25 44.40
N HIS F 191 -29.15 81.06 45.47
CA HIS F 191 -29.27 82.52 45.38
C HIS F 191 -28.01 83.18 45.94
N HIS F 192 -27.39 84.07 45.15
CA HIS F 192 -26.18 84.77 45.55
C HIS F 192 -26.27 86.27 45.26
N PRO F 193 -26.49 87.12 46.29
CA PRO F 193 -26.60 88.57 46.04
C PRO F 193 -25.26 89.18 45.62
N VAL F 194 -25.24 89.85 44.45
CA VAL F 194 -24.06 90.48 43.86
C VAL F 194 -23.99 91.98 44.22
N SER F 195 -25.17 92.60 44.45
CA SER F 195 -25.35 94.00 44.84
C SER F 195 -26.71 94.20 45.53
N ASP F 196 -27.09 95.46 45.77
CA ASP F 196 -28.34 95.86 46.40
C ASP F 196 -29.54 95.76 45.43
N HIS F 197 -29.27 95.94 44.12
CA HIS F 197 -30.26 95.92 43.04
C HIS F 197 -30.25 94.63 42.19
N GLU F 198 -29.13 93.88 42.16
CA GLU F 198 -29.00 92.65 41.38
C GLU F 198 -28.59 91.43 42.22
N ALA F 199 -28.94 90.23 41.74
CA ALA F 199 -28.63 88.94 42.37
C ALA F 199 -28.24 87.88 41.32
N THR F 200 -27.66 86.74 41.76
CA THR F 200 -27.26 85.64 40.88
C THR F 200 -28.05 84.39 41.23
N LEU F 201 -28.67 83.78 40.21
CA LEU F 201 -29.40 82.52 40.35
C LEU F 201 -28.56 81.46 39.65
N ARG F 202 -28.11 80.45 40.42
CA ARG F 202 -27.27 79.37 39.92
C ARG F 202 -28.00 78.03 39.93
N CYS F 203 -28.20 77.46 38.74
CA CYS F 203 -28.86 76.18 38.52
C CYS F 203 -27.81 75.08 38.46
N TRP F 204 -27.83 74.18 39.45
CA TRP F 204 -26.87 73.08 39.56
C TRP F 204 -27.41 71.77 39.03
N ALA F 205 -26.51 70.95 38.46
CA ALA F 205 -26.76 69.59 37.97
C ALA F 205 -25.56 68.78 38.47
N LEU F 206 -25.80 67.86 39.40
CA LEU F 206 -24.72 67.08 40.02
C LEU F 206 -24.94 65.58 39.91
N GLY F 207 -23.84 64.83 39.99
CA GLY F 207 -23.83 63.38 39.93
C GLY F 207 -24.46 62.71 38.73
N PHE F 208 -24.43 63.36 37.54
CA PHE F 208 -25.03 62.79 36.32
C PHE F 208 -24.02 62.02 35.44
N TYR F 209 -24.54 61.08 34.66
CA TYR F 209 -23.79 60.25 33.71
C TYR F 209 -24.77 59.82 32.60
N PRO F 210 -24.47 60.03 31.30
CA PRO F 210 -23.23 60.60 30.72
C PRO F 210 -23.08 62.13 30.86
N ALA F 211 -21.95 62.69 30.37
CA ALA F 211 -21.61 64.12 30.40
C ALA F 211 -22.59 65.02 29.65
N GLU F 212 -23.30 64.47 28.63
CA GLU F 212 -24.26 65.22 27.81
C GLU F 212 -25.44 65.75 28.63
N ILE F 213 -25.56 67.10 28.70
CA ILE F 213 -26.61 67.79 29.46
C ILE F 213 -26.96 69.16 28.87
N THR F 214 -28.21 69.60 29.05
CA THR F 214 -28.67 70.91 28.61
C THR F 214 -29.27 71.67 29.81
N LEU F 215 -28.61 72.78 30.17
CA LEU F 215 -28.99 73.67 31.27
C LEU F 215 -29.25 75.02 30.65
N THR F 216 -30.50 75.51 30.76
CA THR F 216 -30.92 76.80 30.21
C THR F 216 -31.76 77.58 31.22
N TRP F 217 -31.62 78.93 31.20
CA TRP F 217 -32.41 79.82 32.05
C TRP F 217 -33.42 80.57 31.19
N GLN F 218 -34.68 80.66 31.66
CA GLN F 218 -35.73 81.37 30.92
C GLN F 218 -36.49 82.38 31.79
N ARG F 219 -36.83 83.54 31.20
CA ARG F 219 -37.60 84.60 31.85
C ARG F 219 -39.10 84.25 31.67
N ASP F 220 -39.50 83.10 32.29
CA ASP F 220 -40.82 82.45 32.27
C ASP F 220 -41.30 82.14 30.82
N GLY F 221 -40.34 81.79 29.96
CA GLY F 221 -40.57 81.45 28.56
C GLY F 221 -39.50 81.98 27.63
N GLU F 222 -39.08 83.25 27.84
CA GLU F 222 -38.06 83.93 27.04
C GLU F 222 -36.67 83.35 27.33
N ASP F 223 -36.03 82.77 26.31
CA ASP F 223 -34.69 82.18 26.39
C ASP F 223 -33.64 83.25 26.70
N GLN F 224 -32.79 82.99 27.72
CA GLN F 224 -31.81 83.98 28.16
C GLN F 224 -30.41 83.79 27.55
N THR F 225 -30.32 83.86 26.21
CA THR F 225 -29.03 83.78 25.50
C THR F 225 -28.31 85.13 25.67
N GLN F 226 -26.96 85.09 25.81
CA GLN F 226 -26.08 86.25 26.05
C GLN F 226 -26.21 86.78 27.50
N ASP F 227 -27.17 86.22 28.28
CA ASP F 227 -27.43 86.56 29.68
C ASP F 227 -27.04 85.43 30.63
N THR F 228 -27.08 84.16 30.14
CA THR F 228 -26.74 82.97 30.93
C THR F 228 -25.23 82.66 30.87
N GLU F 229 -24.62 82.49 32.06
CA GLU F 229 -23.22 82.10 32.24
C GLU F 229 -23.23 80.57 32.46
N LEU F 230 -22.73 79.84 31.46
CA LEU F 230 -22.66 78.39 31.54
C LEU F 230 -21.23 77.95 31.73
N VAL F 231 -20.99 77.14 32.75
CA VAL F 231 -19.66 76.62 33.03
C VAL F 231 -19.45 75.31 32.23
N GLU F 232 -18.19 75.00 31.85
CA GLU F 232 -17.89 73.78 31.11
C GLU F 232 -18.20 72.56 32.02
N THR F 233 -18.82 71.49 31.47
CA THR F 233 -19.12 70.27 32.21
C THR F 233 -17.79 69.72 32.71
N ARG F 234 -17.73 69.41 34.01
CA ARG F 234 -16.50 68.98 34.67
C ARG F 234 -16.69 67.64 35.41
N PRO F 235 -15.63 66.82 35.55
CA PRO F 235 -15.78 65.53 36.24
C PRO F 235 -15.78 65.67 37.77
N ALA F 236 -16.67 64.93 38.46
CA ALA F 236 -16.68 64.96 39.93
C ALA F 236 -15.50 64.17 40.51
N GLY F 237 -14.97 63.23 39.72
CA GLY F 237 -13.86 62.36 40.10
C GLY F 237 -14.32 60.94 40.39
N ASP F 238 -15.64 60.75 40.50
CA ASP F 238 -16.28 59.46 40.81
C ASP F 238 -17.00 58.83 39.60
N ARG F 239 -16.66 59.30 38.37
CA ARG F 239 -17.19 58.87 37.06
C ARG F 239 -18.48 59.61 36.67
N THR F 240 -19.01 60.42 37.59
CA THR F 240 -20.16 61.27 37.32
C THR F 240 -19.67 62.70 36.98
N PHE F 241 -20.58 63.56 36.52
CA PHE F 241 -20.27 64.91 36.07
C PHE F 241 -21.08 66.02 36.80
N GLN F 242 -20.62 67.26 36.64
CA GLN F 242 -21.20 68.46 37.24
C GLN F 242 -21.30 69.59 36.21
N LYS F 243 -22.30 70.46 36.36
CA LYS F 243 -22.51 71.66 35.54
C LYS F 243 -23.46 72.65 36.24
N TRP F 244 -23.24 73.93 35.98
CA TRP F 244 -24.13 74.97 36.49
C TRP F 244 -24.37 76.08 35.46
N ALA F 245 -25.59 76.63 35.47
CA ALA F 245 -26.02 77.73 34.60
C ALA F 245 -26.38 78.89 35.53
N ALA F 246 -25.93 80.11 35.22
CA ALA F 246 -26.19 81.27 36.09
C ALA F 246 -26.70 82.50 35.36
N VAL F 247 -27.60 83.27 36.01
CA VAL F 247 -28.15 84.52 35.49
C VAL F 247 -28.16 85.63 36.52
N VAL F 248 -27.81 86.85 36.09
CA VAL F 248 -27.84 88.03 36.96
C VAL F 248 -29.26 88.62 36.87
N VAL F 249 -30.08 88.31 37.88
CA VAL F 249 -31.49 88.68 38.04
C VAL F 249 -31.67 89.99 38.84
N PRO F 250 -32.54 90.95 38.41
CA PRO F 250 -32.80 92.14 39.26
C PRO F 250 -33.49 91.68 40.54
N SER F 251 -33.05 92.20 41.70
CA SER F 251 -33.58 91.87 43.02
C SER F 251 -35.10 92.00 43.12
N GLY F 252 -35.74 91.00 43.74
CA GLY F 252 -37.19 90.95 43.91
C GLY F 252 -37.89 90.11 42.85
N GLU F 253 -37.57 90.36 41.56
CA GLU F 253 -38.18 89.64 40.44
C GLU F 253 -37.39 88.32 40.13
N GLU F 254 -37.23 87.47 41.16
CA GLU F 254 -36.54 86.18 41.09
C GLU F 254 -37.43 85.08 40.49
N GLN F 255 -38.71 85.02 40.91
CA GLN F 255 -39.67 84.00 40.46
C GLN F 255 -40.09 84.12 38.98
N ARG F 256 -39.61 85.16 38.30
CA ARG F 256 -39.80 85.43 36.87
C ARG F 256 -38.87 84.51 36.06
N TYR F 257 -37.73 84.09 36.68
CA TYR F 257 -36.70 83.23 36.09
C TYR F 257 -36.90 81.75 36.46
N THR F 258 -36.81 80.87 35.45
CA THR F 258 -37.00 79.43 35.57
C THR F 258 -35.87 78.65 34.84
N CYS F 259 -35.38 77.56 35.47
CA CYS F 259 -34.28 76.73 34.93
C CYS F 259 -34.79 75.45 34.26
N HIS F 260 -34.22 75.11 33.11
CA HIS F 260 -34.60 73.92 32.35
C HIS F 260 -33.44 72.93 32.21
N VAL F 261 -33.64 71.70 32.75
CA VAL F 261 -32.63 70.64 32.75
C VAL F 261 -33.04 69.46 31.84
N GLN F 262 -32.24 69.22 30.79
CA GLN F 262 -32.42 68.12 29.83
C GLN F 262 -31.26 67.13 29.98
N HIS F 263 -31.58 65.87 30.33
CA HIS F 263 -30.62 64.76 30.49
C HIS F 263 -31.33 63.43 30.24
N GLU F 264 -30.62 62.45 29.60
CA GLU F 264 -31.15 61.13 29.27
C GLU F 264 -31.54 60.26 30.49
N GLY F 265 -31.02 60.61 31.67
CA GLY F 265 -31.35 59.92 32.91
C GLY F 265 -32.68 60.38 33.48
N LEU F 266 -33.24 61.47 32.89
CA LEU F 266 -34.52 62.08 33.29
C LEU F 266 -35.68 61.61 32.39
N PRO F 267 -36.74 60.97 32.99
CA PRO F 267 -37.90 60.52 32.19
C PRO F 267 -38.58 61.64 31.40
N LYS F 268 -38.71 62.82 32.02
CA LYS F 268 -39.26 64.04 31.43
C LYS F 268 -38.36 65.21 31.86
N PRO F 269 -38.01 66.16 30.95
CA PRO F 269 -37.17 67.30 31.39
C PRO F 269 -37.87 68.11 32.49
N LEU F 270 -37.19 68.29 33.63
CA LEU F 270 -37.78 69.02 34.75
C LEU F 270 -37.50 70.52 34.71
N THR F 271 -38.42 71.29 35.30
CA THR F 271 -38.36 72.74 35.39
C THR F 271 -38.10 73.17 36.84
N LEU F 272 -36.97 73.86 37.08
CA LEU F 272 -36.51 74.32 38.39
C LEU F 272 -36.73 75.81 38.65
N ARG F 273 -36.92 76.15 39.93
CA ARG F 273 -37.12 77.52 40.42
C ARG F 273 -36.39 77.69 41.76
N TRP F 274 -36.02 78.94 42.10
CA TRP F 274 -35.35 79.26 43.36
C TRP F 274 -36.33 79.15 44.54
N GLU F 275 -35.96 78.35 45.55
CA GLU F 275 -36.76 78.11 46.75
C GLU F 275 -35.89 77.91 48.01
N PRO F 276 -36.15 78.66 49.11
CA PRO F 276 -37.19 79.67 49.30
C PRO F 276 -36.69 81.06 48.88
N ILE G 2 -1.66 76.97 17.52
CA ILE G 2 -0.37 76.41 17.92
C ILE G 2 -0.29 76.24 19.46
N GLN G 3 -0.74 77.25 20.24
CA GLN G 3 -0.71 77.20 21.72
C GLN G 3 -1.98 77.76 22.39
N ARG G 4 -2.62 76.92 23.24
CA ARG G 4 -3.84 77.28 23.98
C ARG G 4 -3.56 77.37 25.48
N THR G 5 -4.17 78.38 26.14
CA THR G 5 -4.00 78.64 27.58
C THR G 5 -4.97 77.80 28.43
N PRO G 6 -4.50 77.24 29.57
CA PRO G 6 -5.39 76.40 30.40
C PRO G 6 -6.56 77.14 31.03
N LYS G 7 -7.74 76.50 30.99
CA LYS G 7 -8.99 76.92 31.63
C LYS G 7 -8.97 76.15 32.94
N ILE G 8 -9.27 76.84 34.07
CA ILE G 8 -9.22 76.24 35.41
C ILE G 8 -10.55 76.34 36.15
N GLN G 9 -10.94 75.23 36.81
CA GLN G 9 -12.11 75.13 37.67
C GLN G 9 -11.66 74.40 38.93
N VAL G 10 -11.84 75.06 40.08
CA VAL G 10 -11.52 74.50 41.42
C VAL G 10 -12.87 74.31 42.12
N TYR G 11 -13.17 73.06 42.50
CA TYR G 11 -14.44 72.68 43.10
C TYR G 11 -14.26 71.41 43.93
N SER G 12 -15.30 70.98 44.63
CA SER G 12 -15.27 69.77 45.46
C SER G 12 -16.16 68.69 44.82
N ARG G 13 -15.84 67.41 45.07
CA ARG G 13 -16.65 66.30 44.56
C ARG G 13 -18.12 66.40 45.04
N HIS G 14 -18.33 66.64 46.34
CA HIS G 14 -19.66 66.74 46.95
C HIS G 14 -19.92 68.15 47.48
N PRO G 15 -21.19 68.61 47.66
CA PRO G 15 -21.41 69.96 48.22
C PRO G 15 -20.69 70.10 49.57
N ALA G 16 -19.81 71.10 49.67
CA ALA G 16 -18.97 71.34 50.84
C ALA G 16 -19.74 71.50 52.17
N GLU G 17 -19.30 70.74 53.18
CA GLU G 17 -19.86 70.75 54.53
C GLU G 17 -18.68 70.78 55.49
N ASN G 18 -18.61 71.85 56.29
CA ASN G 18 -17.54 72.07 57.27
C ASN G 18 -17.38 70.90 58.23
N GLY G 19 -16.14 70.40 58.29
CA GLY G 19 -15.77 69.26 59.12
C GLY G 19 -15.91 67.91 58.44
N LYS G 20 -16.73 67.83 57.37
CA LYS G 20 -16.98 66.58 56.63
C LYS G 20 -16.00 66.36 55.47
N SER G 21 -15.34 65.18 55.48
CA SER G 21 -14.36 64.78 54.46
C SER G 21 -15.00 64.79 53.08
N ASN G 22 -14.25 65.28 52.10
CA ASN G 22 -14.67 65.46 50.72
C ASN G 22 -13.45 65.23 49.80
N PHE G 23 -13.52 65.69 48.54
CA PHE G 23 -12.40 65.64 47.59
C PHE G 23 -12.29 66.98 46.89
N LEU G 24 -11.09 67.55 46.87
CA LEU G 24 -10.84 68.84 46.21
C LEU G 24 -10.34 68.58 44.80
N ASN G 25 -11.07 69.14 43.82
CA ASN G 25 -10.78 69.00 42.41
C ASN G 25 -10.28 70.28 41.78
N CYS G 26 -9.33 70.11 40.86
CA CYS G 26 -8.82 71.17 40.00
C CYS G 26 -8.82 70.62 38.58
N TYR G 27 -9.81 71.04 37.78
CA TYR G 27 -9.97 70.62 36.40
C TYR G 27 -9.27 71.60 35.46
N VAL G 28 -8.19 71.12 34.82
CA VAL G 28 -7.39 71.88 33.87
C VAL G 28 -7.71 71.37 32.47
N SER G 29 -8.22 72.25 31.61
CA SER G 29 -8.67 71.90 30.26
C SER G 29 -8.41 73.01 29.25
N GLY G 30 -8.49 72.67 27.97
CA GLY G 30 -8.33 73.63 26.89
C GLY G 30 -6.91 74.11 26.62
N PHE G 31 -5.90 73.38 27.11
CA PHE G 31 -4.49 73.71 26.92
C PHE G 31 -3.74 72.87 25.86
N HIS G 32 -2.68 73.47 25.28
CA HIS G 32 -1.78 72.87 24.29
C HIS G 32 -0.45 73.65 24.28
N PRO G 33 0.75 73.01 24.39
CA PRO G 33 1.04 71.56 24.49
C PRO G 33 0.62 70.90 25.81
N SER G 34 0.88 69.60 25.93
CA SER G 34 0.48 68.74 27.05
C SER G 34 1.21 68.99 28.37
N ASP G 35 2.50 69.40 28.35
CA ASP G 35 3.25 69.64 29.59
C ASP G 35 2.59 70.70 30.45
N ILE G 36 2.29 70.34 31.72
CA ILE G 36 1.64 71.21 32.69
C ILE G 36 2.08 70.84 34.10
N GLU G 37 2.16 71.86 34.97
CA GLU G 37 2.51 71.69 36.38
C GLU G 37 1.28 72.15 37.16
N VAL G 38 0.72 71.26 37.98
CA VAL G 38 -0.47 71.58 38.78
C VAL G 38 -0.23 71.17 40.24
N ASP G 39 -0.45 72.12 41.18
CA ASP G 39 -0.35 71.91 42.62
C ASP G 39 -1.65 72.37 43.28
N LEU G 40 -2.02 71.70 44.35
CA LEU G 40 -3.19 72.03 45.15
C LEU G 40 -2.65 72.66 46.44
N LEU G 41 -3.24 73.80 46.85
CA LEU G 41 -2.78 74.58 47.99
C LEU G 41 -3.76 74.70 49.14
N LYS G 42 -3.26 74.50 50.37
CA LYS G 42 -3.96 74.69 51.63
C LYS G 42 -3.20 75.81 52.34
N ASN G 43 -3.83 76.99 52.38
CA ASN G 43 -3.32 78.23 52.97
C ASN G 43 -1.95 78.63 52.36
N GLY G 44 -1.86 78.52 51.03
CA GLY G 44 -0.67 78.85 50.24
C GLY G 44 0.41 77.79 50.20
N GLU G 45 0.24 76.65 50.91
CA GLU G 45 1.21 75.56 50.98
C GLU G 45 0.77 74.38 50.10
N ARG G 46 1.74 73.74 49.43
CA ARG G 46 1.53 72.60 48.52
C ARG G 46 1.12 71.32 49.26
N ILE G 47 -0.01 70.71 48.82
CA ILE G 47 -0.48 69.43 49.36
C ILE G 47 0.37 68.32 48.69
N GLU G 48 0.93 67.40 49.51
CA GLU G 48 1.84 66.33 49.09
C GLU G 48 1.19 65.13 48.39
N LYS G 49 0.04 64.66 48.89
CA LYS G 49 -0.64 63.49 48.33
C LYS G 49 -1.68 63.96 47.30
N VAL G 50 -1.22 64.25 46.06
CA VAL G 50 -2.08 64.73 44.98
C VAL G 50 -2.05 63.77 43.78
N GLU G 51 -3.21 63.20 43.46
CA GLU G 51 -3.35 62.32 42.31
C GLU G 51 -3.89 63.09 41.10
N HIS G 52 -3.81 62.47 39.91
CA HIS G 52 -4.32 63.03 38.68
C HIS G 52 -4.76 61.97 37.68
N SER G 53 -5.71 62.33 36.82
CA SER G 53 -6.24 61.46 35.78
C SER G 53 -5.21 61.31 34.65
N ASP G 54 -5.39 60.30 33.78
CA ASP G 54 -4.52 60.07 32.63
C ASP G 54 -4.79 61.10 31.56
N LEU G 55 -3.73 61.54 30.84
CA LEU G 55 -3.82 62.56 29.79
C LEU G 55 -4.74 62.17 28.64
N SER G 56 -5.69 63.05 28.35
CA SER G 56 -6.66 62.87 27.28
C SER G 56 -6.89 64.23 26.61
N PHE G 57 -7.75 64.28 25.57
CA PHE G 57 -8.02 65.50 24.85
C PHE G 57 -9.44 65.57 24.30
N SER G 58 -9.91 66.79 24.00
CA SER G 58 -11.24 67.08 23.46
C SER G 58 -11.25 67.12 21.93
N LYS G 59 -12.45 67.29 21.34
CA LYS G 59 -12.63 67.35 19.88
C LYS G 59 -11.71 68.38 19.19
N ASP G 60 -11.37 69.48 19.89
CA ASP G 60 -10.53 70.57 19.37
C ASP G 60 -9.02 70.36 19.63
N TRP G 61 -8.64 69.14 20.08
CA TRP G 61 -7.26 68.64 20.33
C TRP G 61 -6.63 69.14 21.61
N SER G 62 -7.26 70.10 22.28
CA SER G 62 -6.74 70.65 23.53
C SER G 62 -6.86 69.59 24.62
N PHE G 63 -5.86 69.53 25.50
CA PHE G 63 -5.76 68.56 26.57
C PHE G 63 -6.57 68.87 27.82
N TYR G 64 -6.83 67.84 28.63
CA TYR G 64 -7.52 67.99 29.90
C TYR G 64 -7.04 66.97 30.95
N LEU G 65 -6.94 67.44 32.20
CA LEU G 65 -6.52 66.64 33.34
C LEU G 65 -7.35 67.02 34.54
N LEU G 66 -7.43 66.12 35.53
CA LEU G 66 -8.11 66.38 36.79
C LEU G 66 -7.14 66.10 37.90
N TYR G 67 -6.86 67.09 38.74
CA TYR G 67 -6.00 66.94 39.89
C TYR G 67 -6.92 66.91 41.11
N TYR G 68 -6.71 65.93 42.00
CA TYR G 68 -7.58 65.74 43.16
C TYR G 68 -6.85 65.26 44.41
N THR G 69 -7.46 65.53 45.57
CA THR G 69 -6.96 65.14 46.89
C THR G 69 -8.14 64.99 47.82
N GLU G 70 -7.98 64.15 48.86
CA GLU G 70 -8.95 63.95 49.93
C GLU G 70 -8.78 65.19 50.82
N PHE G 71 -9.86 65.95 51.08
CA PHE G 71 -9.74 67.15 51.90
C PHE G 71 -10.93 67.31 52.84
N THR G 72 -10.74 68.07 53.94
CA THR G 72 -11.77 68.37 54.92
C THR G 72 -12.01 69.89 54.91
N PRO G 73 -13.03 70.38 54.16
CA PRO G 73 -13.29 71.82 54.14
C PRO G 73 -13.71 72.35 55.51
N THR G 74 -13.27 73.59 55.82
CA THR G 74 -13.62 74.28 57.06
C THR G 74 -14.13 75.67 56.66
N GLU G 75 -14.47 76.50 57.64
CA GLU G 75 -14.97 77.82 57.34
C GLU G 75 -13.85 78.77 56.90
N LYS G 76 -12.67 78.68 57.57
CA LYS G 76 -11.57 79.61 57.39
C LYS G 76 -10.36 79.12 56.58
N ASP G 77 -10.18 77.79 56.36
CA ASP G 77 -9.06 77.30 55.54
C ASP G 77 -9.25 77.70 54.08
N GLU G 78 -8.18 78.22 53.48
CA GLU G 78 -8.19 78.66 52.08
C GLU G 78 -7.56 77.60 51.20
N TYR G 79 -8.30 77.17 50.15
CA TYR G 79 -7.86 76.16 49.20
C TYR G 79 -7.72 76.72 47.80
N ALA G 80 -6.63 76.38 47.12
CA ALA G 80 -6.39 76.89 45.77
C ALA G 80 -5.71 75.86 44.87
N CYS G 81 -5.62 76.19 43.59
CA CYS G 81 -4.93 75.41 42.57
C CYS G 81 -3.90 76.33 41.89
N ARG G 82 -2.62 75.94 41.90
CA ARG G 82 -1.53 76.69 41.27
C ARG G 82 -1.11 75.94 39.99
N VAL G 83 -1.36 76.56 38.83
CA VAL G 83 -1.10 76.00 37.49
C VAL G 83 0.02 76.73 36.74
N ASN G 84 1.00 75.98 36.21
CA ASN G 84 2.06 76.52 35.36
C ASN G 84 2.06 75.79 34.00
N HIS G 85 2.09 76.58 32.91
CA HIS G 85 2.08 76.17 31.51
C HIS G 85 2.91 77.18 30.69
N VAL G 86 3.43 76.77 29.49
CA VAL G 86 4.24 77.66 28.63
C VAL G 86 3.52 78.94 28.24
N THR G 87 2.19 78.88 28.10
CA THR G 87 1.36 80.04 27.74
C THR G 87 1.27 81.05 28.91
N LEU G 88 1.69 80.65 30.12
CA LEU G 88 1.65 81.45 31.35
C LEU G 88 3.03 81.97 31.76
N SER G 89 3.17 83.31 31.82
CA SER G 89 4.39 84.06 32.18
C SER G 89 4.81 83.77 33.62
N GLN G 90 3.82 83.51 34.49
CA GLN G 90 3.99 83.16 35.89
C GLN G 90 2.84 82.22 36.34
N PRO G 91 3.07 81.32 37.34
CA PRO G 91 1.97 80.44 37.81
C PRO G 91 0.64 81.12 38.05
N LYS G 92 -0.46 80.47 37.63
CA LYS G 92 -1.81 80.99 37.79
C LYS G 92 -2.49 80.30 38.98
N ILE G 93 -2.84 81.10 39.99
CA ILE G 93 -3.50 80.63 41.21
C ILE G 93 -4.98 80.97 41.15
N VAL G 94 -5.82 79.94 41.30
CA VAL G 94 -7.27 80.08 41.31
C VAL G 94 -7.74 79.54 42.65
N LYS G 95 -8.37 80.41 43.46
CA LYS G 95 -8.89 80.07 44.78
C LYS G 95 -10.20 79.31 44.66
N TRP G 96 -10.42 78.39 45.58
CA TRP G 96 -11.63 77.60 45.64
C TRP G 96 -12.77 78.43 46.25
N ASP G 97 -13.94 78.40 45.57
CA ASP G 97 -15.19 79.02 45.97
C ASP G 97 -16.23 77.91 45.94
N ARG G 98 -16.73 77.50 47.13
CA ARG G 98 -17.72 76.43 47.32
C ARG G 98 -19.07 76.68 46.65
N ASP G 99 -19.33 77.92 46.25
CA ASP G 99 -20.58 78.32 45.60
C ASP G 99 -20.47 78.26 44.07
N MET G 100 -19.33 77.75 43.56
CA MET G 100 -19.04 77.62 42.13
C MET G 100 -18.36 76.29 41.75
N LEU H 1 -11.08 47.23 22.51
CA LEU H 1 -9.90 46.67 21.89
C LEU H 1 -9.39 47.65 20.80
N PRO H 2 -8.10 48.01 20.86
CA PRO H 2 -7.58 48.98 19.88
C PRO H 2 -7.37 48.41 18.48
N PHE H 3 -7.18 49.31 17.51
CA PHE H 3 -6.87 49.00 16.13
C PHE H 3 -5.46 48.39 16.16
N GLU H 4 -5.25 47.27 15.44
CA GLU H 4 -4.01 46.49 15.53
C GLU H 4 -3.00 46.68 14.40
N LYS H 5 -3.11 47.79 13.66
CA LYS H 5 -2.19 48.09 12.57
C LYS H 5 -1.77 49.55 12.64
N SER H 6 -0.51 49.84 12.29
CA SER H 6 -0.04 51.22 12.26
C SER H 6 0.90 51.43 11.11
N THR H 7 0.72 52.54 10.40
CA THR H 7 1.54 52.90 9.24
C THR H 7 2.20 54.24 9.50
N ILE H 8 3.54 54.28 9.35
CA ILE H 8 4.37 55.48 9.47
C ILE H 8 3.77 56.56 8.54
N MET H 9 3.59 57.77 9.10
CA MET H 9 3.03 58.95 8.43
C MET H 9 4.04 59.65 7.52
N ALA I 2 0.64 34.05 14.63
CA ALA I 2 1.45 32.87 14.94
C ALA I 2 0.60 31.69 15.48
N GLY I 3 -0.39 32.00 16.34
CA GLY I 3 -1.34 31.03 16.89
C GLY I 3 -2.49 30.79 15.92
N GLU I 4 -2.27 31.14 14.62
CA GLU I 4 -3.20 30.99 13.50
C GLU I 4 -2.77 29.82 12.60
N ASN I 5 -3.76 29.04 12.11
CA ASN I 5 -3.58 27.88 11.24
C ASN I 5 -4.41 28.01 9.95
N VAL I 6 -3.73 28.07 8.81
CA VAL I 6 -4.36 28.23 7.50
C VAL I 6 -4.19 26.94 6.68
N GLU I 7 -5.33 26.37 6.23
CA GLU I 7 -5.33 25.15 5.43
C GLU I 7 -5.83 25.40 4.01
N GLN I 8 -4.98 25.11 3.04
CA GLN I 8 -5.27 25.31 1.62
C GLN I 8 -5.69 23.99 0.97
N HIS I 9 -6.84 23.99 0.26
CA HIS I 9 -7.38 22.81 -0.42
C HIS I 9 -7.97 23.12 -1.79
N PRO I 10 -7.61 22.39 -2.87
CA PRO I 10 -6.67 21.26 -2.94
C PRO I 10 -5.20 21.67 -3.07
N SER I 11 -4.27 20.74 -2.80
CA SER I 11 -2.83 20.95 -2.89
C SER I 11 -2.35 21.05 -4.35
N THR I 12 -3.07 20.42 -5.29
CA THR I 12 -2.78 20.40 -6.73
C THR I 12 -4.12 20.41 -7.48
N LEU I 13 -4.19 21.18 -8.57
CA LEU I 13 -5.40 21.26 -9.38
C LEU I 13 -5.07 21.40 -10.86
N SER I 14 -5.71 20.56 -11.67
CA SER I 14 -5.58 20.55 -13.13
C SER I 14 -6.95 20.91 -13.67
N VAL I 15 -6.98 21.88 -14.58
CA VAL I 15 -8.23 22.38 -15.13
C VAL I 15 -8.07 22.64 -16.64
N GLN I 16 -9.15 22.39 -17.42
CA GLN I 16 -9.14 22.60 -18.86
C GLN I 16 -9.35 24.08 -19.20
N GLU I 17 -8.56 24.62 -20.15
CA GLU I 17 -8.64 26.01 -20.63
C GLU I 17 -10.09 26.37 -20.96
N GLY I 18 -10.57 27.44 -20.34
CA GLY I 18 -11.95 27.92 -20.50
C GLY I 18 -12.80 27.61 -19.28
N ASP I 19 -12.44 26.54 -18.54
CA ASP I 19 -13.17 26.13 -17.32
C ASP I 19 -12.81 26.99 -16.10
N SER I 20 -13.44 26.69 -14.95
CA SER I 20 -13.24 27.43 -13.71
C SER I 20 -12.44 26.67 -12.67
N ALA I 21 -11.53 27.38 -11.98
CA ALA I 21 -10.67 26.86 -10.92
C ALA I 21 -11.10 27.47 -9.57
N VAL I 22 -11.20 26.63 -8.52
CA VAL I 22 -11.60 27.06 -7.18
C VAL I 22 -10.64 26.52 -6.11
N ILE I 23 -10.01 27.44 -5.33
CA ILE I 23 -9.09 27.12 -4.24
C ILE I 23 -9.70 27.66 -2.96
N LYS I 24 -9.91 26.78 -1.98
CA LYS I 24 -10.55 27.11 -0.71
C LYS I 24 -9.56 27.06 0.47
N CYS I 25 -9.59 28.09 1.33
CA CYS I 25 -8.77 28.18 2.52
C CYS I 25 -9.60 28.30 3.76
N THR I 26 -9.13 27.66 4.83
CA THR I 26 -9.78 27.72 6.13
C THR I 26 -8.81 28.35 7.11
N TYR I 27 -9.34 29.13 8.06
CA TYR I 27 -8.55 29.77 9.10
C TYR I 27 -9.22 29.58 10.47
N SER I 28 -8.48 29.82 11.58
CA SER I 28 -8.93 29.57 12.94
C SER I 28 -9.19 30.80 13.80
N ASP I 29 -8.43 31.89 13.60
CA ASP I 29 -8.51 33.07 14.46
C ASP I 29 -9.52 34.14 14.02
N SER I 30 -10.16 34.76 15.04
CA SER I 30 -11.13 35.86 14.90
C SER I 30 -10.39 37.17 14.63
N ALA I 31 -9.09 37.26 15.02
CA ALA I 31 -8.25 38.44 14.80
C ALA I 31 -7.85 38.57 13.34
N SER I 32 -8.12 37.54 12.50
CA SER I 32 -7.88 37.53 11.05
C SER I 32 -8.94 38.40 10.36
N ASN I 33 -8.48 39.47 9.70
CA ASN I 33 -9.32 40.45 9.00
C ASN I 33 -8.76 40.74 7.63
N TYR I 34 -7.52 40.30 7.36
CA TYR I 34 -6.89 40.48 6.06
C TYR I 34 -6.56 39.13 5.46
N PHE I 35 -7.00 38.91 4.20
CA PHE I 35 -6.82 37.63 3.51
C PHE I 35 -6.27 37.83 2.11
N PRO I 36 -4.93 37.84 1.93
CA PRO I 36 -4.38 38.02 0.58
C PRO I 36 -4.16 36.72 -0.22
N TRP I 37 -4.15 36.85 -1.56
CA TRP I 37 -3.89 35.76 -2.49
C TRP I 37 -2.68 36.12 -3.34
N TYR I 38 -1.69 35.24 -3.34
CA TYR I 38 -0.44 35.41 -4.08
C TYR I 38 -0.32 34.34 -5.16
N LYS I 39 0.27 34.72 -6.30
CA LYS I 39 0.50 33.86 -7.45
C LYS I 39 2.01 33.81 -7.69
N GLN I 40 2.59 32.63 -7.55
CA GLN I 40 4.00 32.43 -7.77
C GLN I 40 4.29 31.53 -8.96
N GLU I 41 4.82 32.13 -10.04
CA GLU I 41 5.23 31.41 -11.24
C GLU I 41 6.62 30.84 -10.94
N LEU I 42 6.97 29.72 -11.59
CA LEU I 42 8.23 28.98 -11.36
C LEU I 42 9.47 29.86 -11.36
N GLY I 43 10.24 29.76 -10.26
CA GLY I 43 11.48 30.49 -10.03
C GLY I 43 11.36 32.01 -9.92
N LYS I 44 10.12 32.52 -9.78
CA LYS I 44 9.80 33.94 -9.69
C LYS I 44 9.23 34.31 -8.31
N ARG I 45 9.01 35.60 -8.07
CA ARG I 45 8.47 36.08 -6.79
C ARG I 45 6.96 35.95 -6.65
N PRO I 46 6.43 35.64 -5.44
CA PRO I 46 4.97 35.64 -5.26
C PRO I 46 4.47 37.07 -5.49
N GLN I 47 3.44 37.24 -6.32
CA GLN I 47 2.83 38.52 -6.67
C GLN I 47 1.41 38.50 -6.15
N LEU I 48 0.98 39.59 -5.49
CA LEU I 48 -0.38 39.69 -4.98
C LEU I 48 -1.34 39.87 -6.16
N ILE I 49 -2.36 39.02 -6.25
CA ILE I 49 -3.33 39.08 -7.34
C ILE I 49 -4.65 39.67 -6.89
N ILE I 50 -5.05 39.37 -5.64
CA ILE I 50 -6.31 39.82 -5.03
C ILE I 50 -6.27 39.58 -3.52
N ASP I 51 -7.04 40.37 -2.76
CA ASP I 51 -7.20 40.18 -1.33
C ASP I 51 -8.63 40.52 -0.90
N ILE I 52 -9.00 40.12 0.33
CA ILE I 52 -10.32 40.40 0.89
C ILE I 52 -10.17 40.71 2.38
N ARG I 53 -11.05 41.57 2.89
CA ARG I 53 -11.06 41.95 4.29
C ARG I 53 -12.36 41.50 4.94
N SER I 54 -12.36 41.33 6.27
CA SER I 54 -13.47 40.82 7.10
C SER I 54 -14.85 41.50 6.91
N ASN I 55 -14.90 42.75 6.45
CA ASN I 55 -16.17 43.48 6.22
C ASN I 55 -16.83 43.19 4.86
N VAL I 56 -16.10 42.50 3.94
CA VAL I 56 -16.53 42.19 2.57
C VAL I 56 -16.76 40.66 2.42
N GLY I 57 -17.81 40.29 1.72
CA GLY I 57 -18.15 38.89 1.46
C GLY I 57 -17.65 38.41 0.11
N GLU I 58 -17.60 39.31 -0.87
CA GLU I 58 -17.20 39.00 -2.24
C GLU I 58 -16.53 40.21 -2.89
N LYS I 59 -15.44 39.96 -3.60
CA LYS I 59 -14.69 40.97 -4.35
C LYS I 59 -14.30 40.37 -5.71
N LYS I 60 -14.61 41.09 -6.80
CA LYS I 60 -14.32 40.68 -8.17
C LYS I 60 -13.31 41.61 -8.86
N ASP I 61 -12.47 41.01 -9.72
CA ASP I 61 -11.49 41.70 -10.54
C ASP I 61 -11.35 40.95 -11.87
N GLN I 62 -12.21 41.32 -12.84
CA GLN I 62 -12.31 40.74 -14.17
C GLN I 62 -12.61 39.24 -14.08
N ARG I 63 -11.61 38.39 -14.39
CA ARG I 63 -11.75 36.92 -14.37
C ARG I 63 -11.51 36.30 -12.98
N ILE I 64 -10.91 37.08 -12.07
CA ILE I 64 -10.58 36.61 -10.71
C ILE I 64 -11.59 37.16 -9.69
N ALA I 65 -12.00 36.30 -8.74
CA ALA I 65 -12.93 36.68 -7.69
C ALA I 65 -12.56 35.99 -6.39
N VAL I 66 -12.77 36.66 -5.27
CA VAL I 66 -12.48 36.13 -3.95
C VAL I 66 -13.74 36.21 -3.09
N THR I 67 -14.04 35.16 -2.33
CA THR I 67 -15.24 35.16 -1.47
C THR I 67 -14.83 34.84 -0.04
N LEU I 68 -15.52 35.42 0.94
CA LEU I 68 -15.23 35.19 2.36
C LEU I 68 -16.47 34.87 3.16
N ASN I 69 -16.38 33.82 4.01
CA ASN I 69 -17.42 33.38 4.92
C ASN I 69 -16.82 33.47 6.32
N LYS I 70 -16.97 34.67 6.91
CA LYS I 70 -16.52 35.14 8.22
C LYS I 70 -16.93 34.19 9.36
N THR I 71 -18.18 33.68 9.32
CA THR I 71 -18.77 32.80 10.35
C THR I 71 -18.17 31.39 10.33
N ALA I 72 -18.04 30.76 9.15
CA ALA I 72 -17.48 29.41 9.03
C ALA I 72 -15.95 29.42 9.04
N LYS I 73 -15.35 30.62 8.83
CA LYS I 73 -13.92 30.87 8.81
C LYS I 73 -13.25 30.22 7.60
N HIS I 74 -13.75 30.54 6.41
CA HIS I 74 -13.16 30.07 5.16
C HIS I 74 -13.35 31.10 4.05
N PHE I 75 -12.46 31.06 3.06
CA PHE I 75 -12.43 31.98 1.92
C PHE I 75 -11.92 31.27 0.67
N SER I 76 -12.43 31.66 -0.50
CA SER I 76 -12.07 31.01 -1.76
C SER I 76 -11.59 31.93 -2.85
N LEU I 77 -10.75 31.40 -3.74
CA LEU I 77 -10.29 32.08 -4.95
C LEU I 77 -10.99 31.41 -6.14
N HIS I 78 -11.60 32.21 -7.01
CA HIS I 78 -12.32 31.73 -8.18
C HIS I 78 -11.68 32.30 -9.43
N ILE I 79 -11.15 31.42 -10.30
CA ILE I 79 -10.59 31.84 -11.59
C ILE I 79 -11.55 31.41 -12.69
N THR I 80 -12.16 32.39 -13.36
CA THR I 80 -13.12 32.22 -14.44
C THR I 80 -12.35 32.21 -15.76
N GLU I 81 -12.82 31.40 -16.74
CA GLU I 81 -12.26 31.28 -18.11
C GLU I 81 -10.73 31.11 -18.07
N THR I 82 -10.26 30.08 -17.35
CA THR I 82 -8.84 29.78 -17.16
C THR I 82 -8.03 29.80 -18.46
N GLN I 83 -6.83 30.36 -18.38
CA GLN I 83 -5.89 30.51 -19.48
C GLN I 83 -4.56 29.87 -19.09
N PRO I 84 -3.77 29.26 -20.03
CA PRO I 84 -2.48 28.64 -19.64
C PRO I 84 -1.55 29.51 -18.79
N GLU I 85 -1.65 30.85 -18.92
CA GLU I 85 -0.86 31.84 -18.17
C GLU I 85 -1.22 31.89 -16.68
N ASP I 86 -2.35 31.26 -16.29
CA ASP I 86 -2.82 31.16 -14.91
C ASP I 86 -2.10 30.04 -14.16
N SER I 87 -1.31 29.22 -14.88
CA SER I 87 -0.54 28.11 -14.31
C SER I 87 0.56 28.67 -13.47
N ALA I 88 0.45 28.43 -12.15
CA ALA I 88 1.38 28.89 -11.12
C ALA I 88 1.03 28.22 -9.81
N VAL I 89 1.77 28.55 -8.73
CA VAL I 89 1.50 28.12 -7.37
C VAL I 89 0.77 29.29 -6.70
N TYR I 90 -0.43 29.03 -6.15
CA TYR I 90 -1.24 30.05 -5.49
C TYR I 90 -1.16 29.88 -4.00
N PHE I 91 -1.00 30.98 -3.26
CA PHE I 91 -0.94 30.95 -1.81
C PHE I 91 -1.96 31.90 -1.25
N CYS I 92 -2.62 31.46 -0.18
CA CYS I 92 -3.56 32.28 0.57
C CYS I 92 -2.93 32.53 1.93
N ALA I 93 -3.38 33.60 2.60
CA ALA I 93 -2.88 33.92 3.94
C ALA I 93 -3.96 34.58 4.76
N ALA I 94 -3.72 34.63 6.07
CA ALA I 94 -4.56 35.26 7.08
C ALA I 94 -3.57 35.96 8.05
N ASP I 95 -3.98 37.08 8.66
CA ASP I 95 -3.13 37.89 9.56
C ASP I 95 -3.41 37.70 11.08
N GLY I 96 -4.30 36.77 11.43
CA GLY I 96 -4.70 36.53 12.81
C GLY I 96 -3.68 35.81 13.67
N GLY I 97 -4.13 35.42 14.85
CA GLY I 97 -3.30 34.70 15.82
C GLY I 97 -2.63 35.59 16.84
N ALA I 98 -2.19 34.97 17.93
CA ALA I 98 -1.49 35.62 19.02
C ALA I 98 0.02 35.46 18.81
N GLY I 99 0.82 36.19 19.58
CA GLY I 99 2.27 36.13 19.46
C GLY I 99 2.82 37.07 18.42
N SER I 100 3.99 36.71 17.87
CA SER I 100 4.71 37.49 16.87
C SER I 100 3.86 37.75 15.61
N TYR I 101 3.83 39.01 15.15
CA TYR I 101 3.09 39.45 13.98
C TYR I 101 3.66 38.86 12.69
N GLN I 102 2.78 38.31 11.84
CA GLN I 102 3.15 37.69 10.56
C GLN I 102 1.89 37.33 9.77
N LEU I 103 2.03 37.11 8.46
CA LEU I 103 0.97 36.57 7.65
C LEU I 103 1.15 35.06 7.81
N THR I 104 0.06 34.33 8.02
CA THR I 104 0.13 32.87 8.13
C THR I 104 -0.25 32.30 6.76
N PHE I 105 0.72 31.73 6.06
CA PHE I 105 0.47 31.21 4.71
C PHE I 105 -0.02 29.78 4.67
N GLY I 106 -0.87 29.50 3.68
CA GLY I 106 -1.30 28.15 3.31
C GLY I 106 -0.12 27.49 2.61
N LYS I 107 -0.15 26.15 2.44
CA LYS I 107 0.98 25.41 1.85
C LYS I 107 1.13 25.55 0.33
N GLY I 108 0.08 26.05 -0.32
CA GLY I 108 0.08 26.27 -1.77
C GLY I 108 -0.76 25.33 -2.59
N THR I 109 -1.13 25.78 -3.79
CA THR I 109 -1.90 25.02 -4.76
C THR I 109 -1.23 25.15 -6.11
N LYS I 110 -0.73 24.03 -6.65
CA LYS I 110 -0.12 24.04 -7.97
C LYS I 110 -1.25 23.91 -8.98
N LEU I 111 -1.56 25.01 -9.66
CA LEU I 111 -2.60 25.05 -10.67
C LEU I 111 -1.94 24.85 -12.03
N SER I 112 -2.48 23.90 -12.80
CA SER I 112 -2.04 23.59 -14.16
C SER I 112 -3.24 23.80 -15.05
N VAL I 113 -3.14 24.75 -15.99
CA VAL I 113 -4.22 25.01 -16.93
C VAL I 113 -3.83 24.33 -18.24
N ILE I 114 -4.55 23.25 -18.58
CA ILE I 114 -4.33 22.43 -19.76
C ILE I 114 -4.83 23.19 -21.01
N PRO I 115 -3.93 23.53 -21.96
CA PRO I 115 -4.37 24.30 -23.14
C PRO I 115 -5.34 23.56 -24.05
N ASN I 116 -6.33 24.28 -24.59
CA ASN I 116 -7.32 23.71 -25.48
C ASN I 116 -6.88 23.90 -26.95
N ILE I 117 -6.26 22.85 -27.52
CA ILE I 117 -5.78 22.86 -28.91
C ILE I 117 -6.97 22.62 -29.85
N GLN I 118 -7.42 23.70 -30.51
CA GLN I 118 -8.58 23.73 -31.40
C GLN I 118 -8.38 22.98 -32.71
N ASN I 119 -7.24 23.24 -33.40
CA ASN I 119 -6.93 22.59 -34.67
C ASN I 119 -5.60 21.80 -34.60
N PRO I 120 -5.62 20.58 -34.00
CA PRO I 120 -4.37 19.80 -33.90
C PRO I 120 -3.85 19.31 -35.24
N ASP I 121 -2.55 19.45 -35.45
CA ASP I 121 -1.85 19.02 -36.65
C ASP I 121 -0.52 18.37 -36.21
N PRO I 122 -0.54 17.26 -35.41
CA PRO I 122 0.72 16.68 -34.93
C PRO I 122 1.70 16.32 -36.01
N ALA I 123 2.97 16.68 -35.78
CA ALA I 123 4.06 16.42 -36.71
C ALA I 123 5.42 16.38 -36.01
N VAL I 124 6.40 15.70 -36.62
CA VAL I 124 7.77 15.59 -36.13
C VAL I 124 8.68 16.13 -37.25
N TYR I 125 9.42 17.21 -36.95
CA TYR I 125 10.32 17.83 -37.91
C TYR I 125 11.76 17.81 -37.44
N GLN I 126 12.70 17.84 -38.38
CA GLN I 126 14.11 17.92 -38.08
C GLN I 126 14.55 19.35 -38.42
N LEU I 127 15.23 20.00 -37.46
CA LEU I 127 15.71 21.36 -37.61
C LEU I 127 17.22 21.37 -37.59
N ARG I 128 17.84 22.02 -38.60
CA ARG I 128 19.29 22.09 -38.71
C ARG I 128 19.85 23.36 -38.05
N ASP I 129 21.06 23.26 -37.45
CA ASP I 129 21.76 24.37 -36.80
C ASP I 129 22.12 25.47 -37.80
N SER I 130 21.93 26.72 -37.37
CA SER I 130 22.18 27.92 -38.16
C SER I 130 23.64 28.09 -38.57
N LYS I 131 24.59 27.63 -37.72
CA LYS I 131 26.02 27.77 -37.99
C LYS I 131 26.67 26.54 -38.65
N SER I 132 26.41 25.32 -38.12
CA SER I 132 26.98 24.09 -38.68
C SER I 132 25.91 23.05 -39.00
N SER I 133 25.93 22.48 -40.22
CA SER I 133 24.96 21.47 -40.66
C SER I 133 25.28 20.06 -40.13
N ASP I 134 26.31 19.95 -39.27
CA ASP I 134 26.72 18.71 -38.61
C ASP I 134 25.65 18.35 -37.56
N LYS I 135 25.19 19.38 -36.81
CA LYS I 135 24.20 19.26 -35.73
C LYS I 135 22.76 19.52 -36.17
N SER I 136 21.81 18.86 -35.49
CA SER I 136 20.36 18.98 -35.71
C SER I 136 19.55 18.55 -34.46
N VAL I 137 18.27 18.97 -34.41
CA VAL I 137 17.34 18.62 -33.34
C VAL I 137 16.02 18.17 -33.95
N CYS I 138 15.26 17.38 -33.18
CA CYS I 138 13.96 16.87 -33.55
C CYS I 138 12.93 17.67 -32.78
N LEU I 139 11.90 18.16 -33.47
CA LEU I 139 10.81 18.91 -32.89
C LEU I 139 9.47 18.23 -33.14
N PHE I 140 8.77 17.87 -32.06
CA PHE I 140 7.43 17.28 -32.11
C PHE I 140 6.51 18.42 -31.72
N THR I 141 5.60 18.81 -32.63
CA THR I 141 4.74 19.98 -32.43
C THR I 141 3.28 19.78 -32.94
N ASP I 142 2.42 20.75 -32.59
CA ASP I 142 1.00 20.92 -32.95
C ASP I 142 0.09 19.75 -32.55
N PHE I 143 0.46 19.05 -31.47
CA PHE I 143 -0.32 17.94 -30.93
C PHE I 143 -1.35 18.41 -29.88
N ASP I 144 -2.39 17.58 -29.64
CA ASP I 144 -3.43 17.81 -28.64
C ASP I 144 -2.80 17.79 -27.24
N SER I 145 -3.53 18.24 -26.23
CA SER I 145 -3.00 18.22 -24.87
C SER I 145 -3.16 16.83 -24.21
N GLN I 146 -3.87 15.90 -24.89
CA GLN I 146 -4.07 14.51 -24.51
C GLN I 146 -2.75 13.73 -24.62
N THR I 147 -1.81 14.24 -25.43
CA THR I 147 -0.52 13.63 -25.69
C THR I 147 0.41 13.77 -24.49
N ASN I 148 0.98 12.65 -24.04
CA ASN I 148 1.94 12.61 -22.94
C ASN I 148 3.32 12.37 -23.52
N VAL I 149 4.24 13.32 -23.31
CA VAL I 149 5.62 13.27 -23.82
C VAL I 149 6.51 12.61 -22.75
N SER I 150 6.72 11.29 -22.91
CA SER I 150 7.51 10.46 -21.99
C SER I 150 9.01 10.57 -22.22
N GLN I 151 9.79 10.45 -21.14
CA GLN I 151 11.25 10.48 -21.18
C GLN I 151 11.74 9.12 -21.68
N SER I 152 12.79 9.12 -22.51
CA SER I 152 13.35 7.90 -23.10
C SER I 152 14.12 7.01 -22.12
N LYS I 153 14.29 5.73 -22.49
CA LYS I 153 15.02 4.74 -21.70
C LYS I 153 16.53 4.84 -21.96
N ASP I 154 16.93 5.25 -23.19
CA ASP I 154 18.33 5.41 -23.58
C ASP I 154 18.90 6.74 -23.04
N SER I 155 19.99 6.64 -22.28
CA SER I 155 20.67 7.78 -21.65
C SER I 155 21.29 8.77 -22.64
N ASP I 156 21.73 8.28 -23.82
CA ASP I 156 22.34 9.12 -24.87
C ASP I 156 21.34 9.98 -25.64
N VAL I 157 20.02 9.76 -25.42
CA VAL I 157 18.96 10.52 -26.08
C VAL I 157 18.19 11.36 -25.06
N TYR I 158 17.94 12.64 -25.38
CA TYR I 158 17.24 13.56 -24.47
C TYR I 158 15.96 14.07 -25.07
N ILE I 159 14.87 14.03 -24.29
CA ILE I 159 13.55 14.54 -24.69
C ILE I 159 13.10 15.50 -23.60
N THR I 160 12.65 16.69 -24.00
CA THR I 160 12.15 17.70 -23.07
C THR I 160 10.68 17.45 -22.86
N ASP I 161 10.07 18.08 -21.85
CA ASP I 161 8.64 17.92 -21.62
C ASP I 161 7.85 18.82 -22.59
N LYS I 162 6.53 18.60 -22.72
CA LYS I 162 5.67 19.42 -23.58
C LYS I 162 5.62 20.86 -23.07
N CYS I 163 5.51 21.82 -23.99
CA CYS I 163 5.52 23.24 -23.67
C CYS I 163 4.60 24.01 -24.60
N VAL I 164 3.74 24.88 -24.06
CA VAL I 164 2.79 25.63 -24.88
C VAL I 164 3.21 27.09 -25.15
N LEU I 165 3.18 27.50 -26.44
CA LEU I 165 3.45 28.88 -26.85
C LEU I 165 2.17 29.54 -27.39
N ASP I 166 2.02 30.87 -27.15
CA ASP I 166 0.87 31.63 -27.62
C ASP I 166 1.29 32.73 -28.59
N MET I 167 0.85 32.60 -29.85
CA MET I 167 1.05 33.59 -30.90
C MET I 167 -0.22 34.45 -30.81
N ARG I 168 -0.25 35.35 -29.79
CA ARG I 168 -1.38 36.23 -29.41
C ARG I 168 -1.97 37.04 -30.57
N SER I 169 -1.14 37.42 -31.56
CA SER I 169 -1.52 38.17 -32.77
C SER I 169 -2.49 37.34 -33.64
N MET I 170 -2.14 36.07 -33.91
CA MET I 170 -2.92 35.13 -34.74
C MET I 170 -4.00 34.37 -33.95
N ASP I 171 -4.05 34.60 -32.60
CA ASP I 171 -4.98 33.96 -31.65
C ASP I 171 -4.77 32.41 -31.68
N PHE I 172 -3.51 32.00 -31.85
CA PHE I 172 -3.10 30.60 -31.98
C PHE I 172 -2.17 30.15 -30.85
N LYS I 173 -2.42 28.93 -30.35
CA LYS I 173 -1.63 28.27 -29.30
C LYS I 173 -1.13 26.91 -29.81
N SER I 174 0.11 26.54 -29.48
CA SER I 174 0.65 25.25 -29.90
C SER I 174 1.61 24.61 -28.89
N ASN I 175 1.48 23.29 -28.72
CA ASN I 175 2.34 22.49 -27.86
C ASN I 175 3.52 22.00 -28.67
N SER I 176 4.65 21.72 -28.00
CA SER I 176 5.87 21.21 -28.60
C SER I 176 6.82 20.60 -27.56
N ALA I 177 7.70 19.71 -28.04
CA ALA I 177 8.76 19.05 -27.27
C ALA I 177 9.95 18.90 -28.21
N VAL I 178 11.16 18.93 -27.65
CA VAL I 178 12.39 18.83 -28.44
C VAL I 178 13.19 17.60 -28.02
N ALA I 179 13.78 16.92 -29.01
CA ALA I 179 14.62 15.76 -28.81
C ALA I 179 15.91 15.96 -29.56
N TRP I 180 16.99 15.40 -29.03
CA TRP I 180 18.31 15.45 -29.63
C TRP I 180 19.16 14.35 -29.04
N SER I 181 20.27 14.03 -29.74
CA SER I 181 21.28 13.08 -29.33
C SER I 181 22.61 13.44 -29.99
N ASN I 182 23.71 13.13 -29.30
CA ASN I 182 25.08 13.34 -29.75
C ASN I 182 25.46 12.22 -30.75
N LYS I 183 24.72 11.09 -30.67
CA LYS I 183 24.89 9.89 -31.48
C LYS I 183 24.66 10.15 -32.98
N SER I 184 25.56 9.62 -33.80
CA SER I 184 25.51 9.71 -35.27
C SER I 184 24.42 8.75 -35.81
N ASP I 185 24.12 7.70 -35.04
CA ASP I 185 23.13 6.66 -35.37
C ASP I 185 21.69 7.15 -35.14
N PHE I 186 21.51 8.21 -34.32
CA PHE I 186 20.21 8.78 -33.95
C PHE I 186 19.36 9.27 -35.12
N ALA I 187 18.06 8.94 -35.04
CA ALA I 187 17.01 9.33 -35.97
C ALA I 187 15.86 9.85 -35.12
N CYS I 188 15.11 10.84 -35.64
CA CYS I 188 13.98 11.48 -34.94
C CYS I 188 12.95 10.48 -34.38
N ALA I 189 12.70 9.37 -35.12
CA ALA I 189 11.78 8.30 -34.75
C ALA I 189 12.17 7.54 -33.46
N ASN I 190 13.47 7.51 -33.11
CA ASN I 190 13.97 6.83 -31.90
C ASN I 190 13.39 7.46 -30.64
N ALA I 191 13.34 8.80 -30.60
CA ALA I 191 12.81 9.56 -29.48
C ALA I 191 11.30 9.63 -29.59
N PHE I 192 10.78 10.31 -30.64
CA PHE I 192 9.35 10.43 -30.88
C PHE I 192 8.80 9.22 -31.64
N ASN I 193 8.54 8.14 -30.89
CA ASN I 193 8.03 6.86 -31.38
C ASN I 193 6.51 6.73 -31.12
N ASN I 194 5.92 5.59 -31.53
CA ASN I 194 4.49 5.25 -31.46
C ASN I 194 3.87 5.30 -30.05
N SER I 195 4.69 5.24 -28.99
CA SER I 195 4.16 5.32 -27.62
C SER I 195 3.73 6.76 -27.29
N ILE I 196 4.55 7.75 -27.72
CA ILE I 196 4.35 9.18 -27.52
C ILE I 196 3.39 9.80 -28.56
N ILE I 197 3.80 9.80 -29.86
CA ILE I 197 3.10 10.45 -30.97
C ILE I 197 1.76 9.79 -31.35
N PRO I 198 0.69 10.58 -31.65
CA PRO I 198 -0.59 9.97 -32.04
C PRO I 198 -0.55 9.35 -33.45
N GLU I 199 -1.59 8.58 -33.82
CA GLU I 199 -1.66 7.86 -35.11
C GLU I 199 -1.70 8.77 -36.36
N ASP I 200 -2.19 10.01 -36.23
CA ASP I 200 -2.30 10.98 -37.32
C ASP I 200 -1.06 11.90 -37.48
N THR I 201 0.07 11.53 -36.86
CA THR I 201 1.29 12.33 -36.90
C THR I 201 1.90 12.43 -38.30
N PHE I 202 2.04 13.67 -38.79
CA PHE I 202 2.69 13.96 -40.06
C PHE I 202 4.18 13.78 -39.79
N PHE I 203 4.82 12.79 -40.43
CA PHE I 203 6.21 12.48 -40.16
C PHE I 203 7.01 12.43 -41.46
N PRO I 204 7.32 13.58 -42.11
CA PRO I 204 8.11 13.52 -43.34
C PRO I 204 9.55 13.09 -43.08
N SER I 205 10.13 12.33 -44.02
CA SER I 205 11.52 11.87 -43.93
C SER I 205 12.46 13.07 -44.13
N PRO I 206 13.52 13.23 -43.32
CA PRO I 206 14.41 14.39 -43.50
C PRO I 206 15.35 14.26 -44.69
N ALA J 1 4.38 49.60 -3.82
CA ALA J 1 5.56 49.36 -2.99
C ALA J 1 6.44 48.21 -3.53
N VAL J 2 7.71 48.49 -3.89
CA VAL J 2 8.57 47.43 -4.43
C VAL J 2 9.76 47.14 -3.46
N VAL J 3 10.08 45.85 -3.32
CA VAL J 3 11.14 45.32 -2.47
C VAL J 3 12.13 44.65 -3.40
N SER J 4 13.42 44.81 -3.13
CA SER J 4 14.47 44.19 -3.92
C SER J 4 15.44 43.40 -3.05
N GLN J 5 16.31 42.62 -3.71
CA GLN J 5 17.32 41.78 -3.06
C GLN J 5 18.64 41.79 -3.80
N HIS J 6 19.73 41.68 -3.04
CA HIS J 6 21.06 41.58 -3.61
C HIS J 6 21.94 40.64 -2.77
N PRO J 7 22.69 39.68 -3.38
CA PRO J 7 22.75 39.32 -4.82
C PRO J 7 21.50 38.60 -5.28
N SER J 8 21.31 38.46 -6.60
CA SER J 8 20.16 37.77 -7.17
C SER J 8 20.46 36.25 -7.29
N ARG J 9 21.71 35.91 -7.66
CA ARG J 9 22.19 34.54 -7.80
C ARG J 9 23.61 34.51 -7.28
N VAL J 10 23.93 33.51 -6.46
CA VAL J 10 25.25 33.38 -5.85
C VAL J 10 25.72 31.94 -5.81
N ILE J 11 26.95 31.72 -6.25
CA ILE J 11 27.63 30.43 -6.19
C ILE J 11 28.79 30.64 -5.24
N CYS J 12 28.91 29.81 -4.20
CA CYS J 12 30.00 29.92 -3.24
C CYS J 12 30.53 28.57 -2.82
N LYS J 13 31.83 28.52 -2.50
CA LYS J 13 32.48 27.32 -2.00
C LYS J 13 32.03 27.08 -0.56
N SER J 14 32.00 25.81 -0.14
CA SER J 14 31.66 25.38 1.23
C SER J 14 32.58 26.06 2.25
N GLY J 15 32.00 26.43 3.40
CA GLY J 15 32.72 27.07 4.50
C GLY J 15 32.72 28.58 4.47
N THR J 16 32.33 29.19 3.32
CA THR J 16 32.26 30.65 3.18
C THR J 16 30.98 31.21 3.80
N SER J 17 30.91 32.54 3.94
CA SER J 17 29.76 33.27 4.44
C SER J 17 29.14 34.05 3.29
N VAL J 18 27.81 34.09 3.21
CA VAL J 18 27.11 34.84 2.16
C VAL J 18 26.05 35.76 2.79
N LYS J 19 26.17 37.07 2.48
CA LYS J 19 25.31 38.14 2.97
C LYS J 19 24.29 38.52 1.87
N ILE J 20 22.99 38.47 2.19
CA ILE J 20 21.89 38.83 1.28
C ILE J 20 21.19 40.04 1.86
N GLU J 21 20.97 41.07 1.03
CA GLU J 21 20.27 42.29 1.39
C GLU J 21 18.79 42.22 0.98
N CYS J 22 17.91 42.80 1.80
CA CYS J 22 16.48 42.96 1.53
C CYS J 22 16.23 44.43 1.74
N ARG J 23 15.77 45.11 0.70
CA ARG J 23 15.56 46.55 0.73
C ARG J 23 14.19 46.96 0.26
N SER J 24 13.52 47.77 1.07
CA SER J 24 12.25 48.37 0.71
C SER J 24 12.66 49.62 -0.09
N LEU J 25 12.37 49.62 -1.39
CA LEU J 25 12.81 50.67 -2.30
C LEU J 25 12.06 51.99 -2.17
N ASP J 26 10.76 52.00 -1.86
CA ASP J 26 10.05 53.26 -1.78
C ASP J 26 9.19 53.44 -0.50
N PHE J 27 9.49 52.71 0.58
CA PHE J 27 8.75 52.83 1.84
C PHE J 27 9.64 52.43 2.99
N GLN J 28 9.25 52.80 4.20
CA GLN J 28 9.99 52.45 5.41
C GLN J 28 9.34 51.23 6.04
N ALA J 29 10.15 50.26 6.43
CA ALA J 29 9.68 49.00 7.02
C ALA J 29 10.32 48.79 8.38
N THR J 30 9.49 48.67 9.42
CA THR J 30 9.93 48.40 10.79
C THR J 30 10.17 46.90 10.94
N THR J 31 9.64 46.12 9.98
CA THR J 31 9.74 44.67 9.98
C THR J 31 9.92 44.09 8.56
N MET J 32 10.73 43.03 8.45
CA MET J 32 10.95 42.27 7.21
C MET J 32 10.91 40.77 7.53
N PHE J 33 10.40 39.97 6.59
CA PHE J 33 10.25 38.53 6.77
C PHE J 33 11.18 37.76 5.84
N TRP J 34 11.89 36.76 6.38
CA TRP J 34 12.83 35.95 5.60
C TRP J 34 12.31 34.53 5.41
N TYR J 35 12.24 34.07 4.14
CA TYR J 35 11.74 32.76 3.72
C TYR J 35 12.74 31.97 2.96
N ARG J 36 12.58 30.65 3.02
CA ARG J 36 13.35 29.65 2.30
C ARG J 36 12.36 28.83 1.46
N GLN J 37 12.64 28.70 0.18
CA GLN J 37 11.82 27.94 -0.76
C GLN J 37 12.68 26.85 -1.39
N PHE J 38 12.32 25.60 -1.13
CA PHE J 38 12.98 24.37 -1.58
C PHE J 38 12.34 23.92 -2.92
N PRO J 39 12.73 22.77 -3.56
CA PRO J 39 11.99 22.32 -4.76
C PRO J 39 10.50 22.13 -4.42
N LYS J 40 10.21 21.80 -3.13
CA LYS J 40 8.87 21.73 -2.57
C LYS J 40 8.48 23.21 -2.46
N GLN J 41 7.58 23.63 -3.37
CA GLN J 41 7.11 24.98 -3.64
C GLN J 41 6.86 25.84 -2.38
N SER J 42 6.39 25.24 -1.26
CA SER J 42 6.06 25.96 0.00
C SER J 42 6.97 27.12 0.46
N LEU J 43 6.36 28.16 1.07
CA LEU J 43 7.06 29.32 1.63
C LEU J 43 7.34 29.05 3.10
N MET J 44 8.58 28.68 3.44
CA MET J 44 8.94 28.40 4.84
C MET J 44 9.56 29.62 5.52
N LEU J 45 8.80 30.25 6.46
CA LEU J 45 9.28 31.39 7.22
C LEU J 45 10.41 30.96 8.12
N MET J 46 11.56 31.63 7.99
CA MET J 46 12.74 31.31 8.78
C MET J 46 12.79 32.21 9.99
N ALA J 47 12.69 33.52 9.75
CA ALA J 47 12.81 34.53 10.76
C ALA J 47 12.17 35.83 10.37
N THR J 48 11.94 36.68 11.38
CA THR J 48 11.38 38.01 11.27
C THR J 48 12.39 39.01 11.79
N SER J 49 12.80 39.91 10.90
CA SER J 49 13.74 40.99 11.14
C SER J 49 12.96 42.14 11.81
N ASN J 50 13.39 42.57 12.99
CA ASN J 50 12.75 43.64 13.77
C ASN J 50 13.67 44.82 13.97
N GLU J 51 13.19 46.02 13.63
CA GLU J 51 13.97 47.24 13.82
C GLU J 51 14.02 47.57 15.32
N GLY J 52 15.23 47.73 15.85
CA GLY J 52 15.44 48.03 17.27
C GLY J 52 15.19 46.88 18.24
N SER J 53 15.35 45.63 17.77
CA SER J 53 15.17 44.40 18.56
C SER J 53 15.91 43.28 17.83
N LYS J 54 16.13 42.14 18.52
CA LYS J 54 16.77 41.00 17.87
C LYS J 54 15.73 40.24 17.04
N ALA J 55 16.20 39.49 16.03
CA ALA J 55 15.35 38.70 15.13
C ALA J 55 14.55 37.61 15.88
N THR J 56 13.37 37.28 15.34
CA THR J 56 12.47 36.26 15.87
C THR J 56 12.62 35.06 14.95
N TYR J 57 13.22 33.97 15.45
CA TYR J 57 13.42 32.76 14.65
C TYR J 57 12.28 31.78 14.82
N GLU J 58 11.92 31.10 13.72
CA GLU J 58 10.89 30.06 13.72
C GLU J 58 11.53 28.78 14.22
N GLN J 59 10.71 27.84 14.74
CA GLN J 59 11.18 26.55 15.25
C GLN J 59 11.93 25.79 14.18
N GLY J 60 13.08 25.23 14.56
CA GLY J 60 13.92 24.44 13.66
C GLY J 60 14.93 25.22 12.86
N VAL J 61 15.03 26.54 13.08
CA VAL J 61 15.98 27.39 12.36
C VAL J 61 17.23 27.61 13.22
N GLU J 62 18.41 27.19 12.73
CA GLU J 62 19.67 27.37 13.48
C GLU J 62 20.01 28.85 13.51
N LYS J 63 19.93 29.45 14.71
CA LYS J 63 20.20 30.87 14.96
C LYS J 63 21.61 31.28 14.57
N ASP J 64 22.59 30.35 14.69
CA ASP J 64 24.00 30.55 14.37
C ASP J 64 24.30 30.39 12.87
N LYS J 65 23.43 29.67 12.14
CA LYS J 65 23.58 29.47 10.71
C LYS J 65 23.08 30.69 9.93
N PHE J 66 21.89 31.17 10.29
CA PHE J 66 21.21 32.27 9.63
C PHE J 66 21.12 33.51 10.51
N LEU J 67 22.10 34.42 10.39
CA LEU J 67 22.14 35.67 11.17
C LEU J 67 21.35 36.77 10.46
N ILE J 68 20.31 37.29 11.14
CA ILE J 68 19.45 38.36 10.63
C ILE J 68 19.75 39.68 11.34
N ASN J 69 20.05 40.73 10.56
CA ASN J 69 20.30 42.07 11.07
C ASN J 69 19.35 43.06 10.41
N HIS J 70 18.65 43.86 11.24
CA HIS J 70 17.77 44.90 10.72
C HIS J 70 18.58 46.18 10.82
N ALA J 71 19.36 46.44 9.76
CA ALA J 71 20.27 47.58 9.62
C ALA J 71 19.61 48.94 9.74
N SER J 72 18.45 49.14 9.07
CA SER J 72 17.76 50.42 9.08
C SER J 72 16.25 50.28 8.84
N LEU J 73 15.54 51.41 8.72
CA LEU J 73 14.11 51.39 8.41
C LEU J 73 13.88 50.97 6.95
N THR J 74 14.94 50.69 6.22
CA THR J 74 14.82 50.33 4.81
C THR J 74 15.57 49.02 4.44
N LEU J 75 16.45 48.49 5.33
CA LEU J 75 17.26 47.34 5.00
C LEU J 75 17.36 46.28 6.10
N SER J 76 17.24 45.03 5.65
CA SER J 76 17.41 43.84 6.46
C SER J 76 18.41 42.96 5.72
N THR J 77 19.19 42.24 6.49
CA THR J 77 20.27 41.40 5.99
C THR J 77 20.12 39.97 6.53
N LEU J 78 20.43 38.98 5.66
CA LEU J 78 20.45 37.55 6.01
C LEU J 78 21.85 37.04 5.66
N THR J 79 22.58 36.52 6.65
CA THR J 79 23.92 35.98 6.48
C THR J 79 23.89 34.48 6.72
N VAL J 80 24.33 33.71 5.71
CA VAL J 80 24.43 32.25 5.79
C VAL J 80 25.91 31.98 6.11
N THR J 81 26.18 31.60 7.35
CA THR J 81 27.54 31.37 7.83
C THR J 81 27.92 29.93 7.57
N SER J 82 29.21 29.70 7.25
CA SER J 82 29.81 28.40 6.96
C SER J 82 28.87 27.59 6.07
N ALA J 83 28.62 28.14 4.87
CA ALA J 83 27.73 27.57 3.87
C ALA J 83 28.13 26.15 3.51
N HIS J 84 27.16 25.24 3.52
CA HIS J 84 27.33 23.84 3.17
C HIS J 84 26.32 23.50 2.06
N PRO J 85 26.62 22.56 1.12
CA PRO J 85 25.67 22.29 0.02
C PRO J 85 24.20 22.09 0.40
N GLU J 86 23.91 21.61 1.61
CA GLU J 86 22.55 21.40 2.10
C GLU J 86 21.79 22.73 2.31
N ASP J 87 22.53 23.86 2.43
CA ASP J 87 21.95 25.19 2.60
C ASP J 87 21.56 25.81 1.25
N SER J 88 21.97 25.19 0.11
CA SER J 88 21.62 25.65 -1.23
C SER J 88 20.12 25.68 -1.33
N SER J 89 19.57 26.87 -1.62
CA SER J 89 18.13 27.11 -1.72
C SER J 89 17.81 28.46 -2.35
N PHE J 90 16.53 28.80 -2.34
CA PHE J 90 16.02 30.06 -2.85
C PHE J 90 15.55 30.83 -1.61
N TYR J 91 16.30 31.89 -1.26
CA TYR J 91 16.03 32.75 -0.10
C TYR J 91 15.33 34.00 -0.57
N ILE J 92 14.10 34.20 -0.11
CA ILE J 92 13.24 35.31 -0.49
C ILE J 92 12.74 36.09 0.74
N CYS J 93 12.70 37.43 0.63
CA CYS J 93 12.24 38.30 1.71
C CYS J 93 10.94 39.01 1.32
N SER J 94 10.21 39.50 2.33
CA SER J 94 9.04 40.35 2.16
C SER J 94 8.99 41.46 3.20
N ALA J 95 8.42 42.60 2.80
CA ALA J 95 8.22 43.79 3.62
C ALA J 95 6.90 44.47 3.17
N GLY J 96 6.37 45.28 4.06
CA GLY J 96 5.14 46.04 3.84
C GLY J 96 5.20 47.32 4.63
N PRO J 97 4.51 48.38 4.16
CA PRO J 97 4.55 49.65 4.89
C PRO J 97 3.80 49.64 6.22
N THR J 98 2.81 48.74 6.38
CA THR J 98 1.99 48.66 7.60
C THR J 98 2.65 47.76 8.67
N SER J 99 2.84 48.31 9.89
CA SER J 99 3.41 47.60 11.05
C SER J 99 2.26 47.00 11.89
N GLY J 100 2.61 46.21 12.89
CA GLY J 100 1.60 45.55 13.73
C GLY J 100 1.06 44.33 13.01
N ARG J 101 -0.25 44.04 13.17
CA ARG J 101 -0.89 42.91 12.51
C ARG J 101 -0.62 43.02 11.01
N THR J 102 0.16 42.06 10.48
CA THR J 102 0.69 42.05 9.12
C THR J 102 -0.38 42.22 8.07
N ASP J 103 -0.13 43.14 7.14
CA ASP J 103 -1.03 43.46 6.04
C ASP J 103 -0.35 43.07 4.73
N THR J 104 -0.54 43.87 3.65
CA THR J 104 0.04 43.58 2.33
C THR J 104 1.55 43.46 2.42
N GLN J 105 2.06 42.32 1.94
CA GLN J 105 3.49 42.03 1.89
C GLN J 105 3.96 42.01 0.47
N TYR J 106 5.14 42.58 0.25
CA TYR J 106 5.75 42.72 -1.05
C TYR J 106 7.02 41.93 -1.05
N PHE J 107 7.10 40.93 -1.93
CA PHE J 107 8.26 40.06 -1.98
C PHE J 107 9.36 40.60 -2.85
N GLY J 108 10.59 40.24 -2.49
CA GLY J 108 11.77 40.58 -3.26
C GLY J 108 11.91 39.58 -4.40
N PRO J 109 12.91 39.69 -5.28
CA PRO J 109 13.02 38.74 -6.40
C PRO J 109 13.48 37.33 -6.02
N GLY J 110 13.99 37.17 -4.79
CA GLY J 110 14.56 35.93 -4.28
C GLY J 110 16.04 35.90 -4.58
N THR J 111 16.78 35.05 -3.86
CA THR J 111 18.21 34.87 -4.10
C THR J 111 18.46 33.38 -4.23
N ARG J 112 19.03 32.96 -5.38
CA ARG J 112 19.38 31.56 -5.60
C ARG J 112 20.79 31.34 -5.08
N LEU J 113 20.92 30.59 -3.99
CA LEU J 113 22.21 30.27 -3.42
C LEU J 113 22.54 28.83 -3.75
N THR J 114 23.70 28.61 -4.40
CA THR J 114 24.22 27.29 -4.72
C THR J 114 25.57 27.17 -4.03
N VAL J 115 25.65 26.25 -3.07
CA VAL J 115 26.87 25.99 -2.30
C VAL J 115 27.53 24.73 -2.88
N LEU J 116 28.76 24.87 -3.37
CA LEU J 116 29.51 23.75 -3.95
C LEU J 116 30.71 23.38 -3.08
N GLU J 117 31.09 22.09 -3.10
CA GLU J 117 32.27 21.60 -2.38
C GLU J 117 33.50 21.99 -3.20
N ASP J 118 33.35 22.07 -4.54
CA ASP J 118 34.40 22.39 -5.51
C ASP J 118 33.85 23.27 -6.63
N LEU J 119 34.62 24.32 -7.00
CA LEU J 119 34.28 25.29 -8.04
C LEU J 119 34.71 24.87 -9.47
N LYS J 120 35.46 23.74 -9.58
CA LYS J 120 35.90 23.14 -10.85
C LYS J 120 34.67 22.59 -11.62
N ASN J 121 33.59 22.29 -10.90
CA ASN J 121 32.33 21.78 -11.44
C ASN J 121 31.51 22.85 -12.19
N VAL J 122 31.87 24.15 -12.05
CA VAL J 122 31.16 25.26 -12.71
C VAL J 122 31.52 25.33 -14.19
N PHE J 123 30.48 25.39 -15.06
CA PHE J 123 30.65 25.46 -16.52
C PHE J 123 29.66 26.43 -17.17
N PRO J 124 30.10 27.25 -18.14
CA PRO J 124 29.15 28.13 -18.84
C PRO J 124 28.38 27.37 -19.94
N PRO J 125 27.20 27.82 -20.39
CA PRO J 125 26.51 27.08 -21.44
C PRO J 125 27.04 27.34 -22.84
N GLU J 126 26.83 26.36 -23.74
CA GLU J 126 27.10 26.44 -25.16
C GLU J 126 25.71 26.69 -25.73
N VAL J 127 25.57 27.64 -26.67
CA VAL J 127 24.24 28.00 -27.19
C VAL J 127 24.17 27.85 -28.73
N ALA J 128 23.08 27.21 -29.21
CA ALA J 128 22.84 26.96 -30.63
C ALA J 128 21.39 27.26 -31.03
N VAL J 129 21.21 27.75 -32.28
CA VAL J 129 19.89 28.05 -32.85
C VAL J 129 19.68 27.15 -34.07
N PHE J 130 18.53 26.48 -34.11
CA PHE J 130 18.14 25.57 -35.18
C PHE J 130 16.99 26.21 -35.96
N GLU J 131 17.27 26.45 -37.26
CA GLU J 131 16.39 27.09 -38.24
C GLU J 131 15.12 26.28 -38.53
N PRO J 132 13.96 26.93 -38.82
CA PRO J 132 12.73 26.17 -39.11
C PRO J 132 12.84 25.26 -40.33
N SER J 133 12.16 24.10 -40.33
CA SER J 133 12.22 23.17 -41.45
C SER J 133 11.25 23.54 -42.55
N GLU J 134 11.66 23.31 -43.82
CA GLU J 134 10.87 23.57 -45.02
C GLU J 134 9.54 22.82 -44.96
N ALA J 135 9.58 21.59 -44.37
CA ALA J 135 8.43 20.70 -44.15
C ALA J 135 7.33 21.38 -43.35
N GLU J 136 7.72 22.09 -42.27
CA GLU J 136 6.79 22.80 -41.38
C GLU J 136 6.16 24.01 -42.07
N ILE J 137 6.98 24.83 -42.76
CA ILE J 137 6.56 26.02 -43.51
C ILE J 137 5.45 25.65 -44.51
N SER J 138 5.65 24.58 -45.32
CA SER J 138 4.73 24.07 -46.35
C SER J 138 3.44 23.53 -45.76
N HIS J 139 3.53 22.78 -44.65
CA HIS J 139 2.42 22.12 -43.95
C HIS J 139 1.55 23.04 -43.09
N THR J 140 2.15 24.08 -42.44
CA THR J 140 1.37 24.93 -41.52
C THR J 140 1.49 26.47 -41.75
N GLN J 141 2.41 26.93 -42.62
CA GLN J 141 2.65 28.36 -42.90
C GLN J 141 3.14 29.13 -41.63
N LYS J 142 3.71 28.37 -40.69
CA LYS J 142 4.33 28.85 -39.46
C LYS J 142 5.79 28.38 -39.47
N ALA J 143 6.65 29.00 -38.67
CA ALA J 143 8.08 28.69 -38.61
C ALA J 143 8.60 28.70 -37.19
N THR J 144 9.02 27.53 -36.67
CA THR J 144 9.56 27.39 -35.31
C THR J 144 11.07 27.39 -35.31
N LEU J 145 11.66 28.26 -34.49
CA LEU J 145 13.09 28.34 -34.26
C LEU J 145 13.31 27.65 -32.92
N VAL J 146 14.39 26.90 -32.77
CA VAL J 146 14.66 26.24 -31.49
C VAL J 146 16.06 26.56 -31.01
N CYS J 147 16.16 26.98 -29.74
CA CYS J 147 17.42 27.32 -29.11
C CYS J 147 17.80 26.23 -28.13
N LEU J 148 19.08 25.87 -28.09
CA LEU J 148 19.57 24.83 -27.20
C LEU J 148 20.82 25.28 -26.42
N ALA J 149 20.69 25.38 -25.09
CA ALA J 149 21.77 25.72 -24.16
C ALA J 149 22.24 24.41 -23.55
N THR J 150 23.54 24.10 -23.68
CA THR J 150 24.10 22.82 -23.20
C THR J 150 25.38 22.96 -22.38
N GLY J 151 25.66 21.91 -21.59
CA GLY J 151 26.84 21.75 -20.74
C GLY J 151 27.07 22.81 -19.69
N PHE J 152 26.01 23.22 -18.98
CA PHE J 152 26.14 24.23 -17.94
C PHE J 152 25.87 23.68 -16.54
N TYR J 153 26.61 24.20 -15.54
CA TYR J 153 26.47 23.85 -14.14
C TYR J 153 26.88 25.03 -13.23
N PRO J 154 26.05 25.43 -12.23
CA PRO J 154 24.74 24.88 -11.86
C PRO J 154 23.60 25.47 -12.72
N ASP J 155 22.33 25.24 -12.32
CA ASP J 155 21.18 25.76 -13.06
C ASP J 155 20.99 27.27 -12.77
N HIS J 156 21.92 28.08 -13.29
CA HIS J 156 21.91 29.53 -13.11
C HIS J 156 21.87 30.20 -14.48
N VAL J 157 20.75 30.01 -15.22
CA VAL J 157 20.56 30.56 -16.56
C VAL J 157 19.22 31.28 -16.73
N GLU J 158 19.19 32.29 -17.62
CA GLU J 158 17.99 33.02 -18.02
C GLU J 158 17.98 33.13 -19.55
N LEU J 159 16.99 32.48 -20.18
CA LEU J 159 16.86 32.46 -21.63
C LEU J 159 15.84 33.46 -22.14
N SER J 160 16.19 34.20 -23.21
CA SER J 160 15.31 35.17 -23.84
C SER J 160 15.48 35.22 -25.36
N TRP J 161 14.40 35.57 -26.07
CA TRP J 161 14.38 35.70 -27.53
C TRP J 161 14.37 37.18 -27.93
N TRP J 162 15.22 37.54 -28.91
CA TRP J 162 15.39 38.90 -29.40
C TRP J 162 15.24 39.00 -30.91
N VAL J 163 14.14 39.61 -31.40
CA VAL J 163 13.92 39.82 -32.83
C VAL J 163 14.08 41.32 -33.16
N ASN J 164 15.04 41.62 -34.06
CA ASN J 164 15.39 42.98 -34.53
C ASN J 164 15.86 43.89 -33.37
N GLY J 165 16.72 43.31 -32.52
CA GLY J 165 17.30 43.96 -31.34
C GLY J 165 16.35 44.19 -30.18
N LYS J 166 15.09 43.68 -30.28
CA LYS J 166 14.05 43.84 -29.26
C LYS J 166 13.57 42.51 -28.70
N GLU J 167 13.42 42.41 -27.36
CA GLU J 167 12.96 41.21 -26.66
C GLU J 167 11.50 40.92 -26.96
N VAL J 168 11.19 39.65 -27.23
CA VAL J 168 9.83 39.17 -27.53
C VAL J 168 9.33 38.15 -26.50
N HIS J 169 8.01 38.05 -26.36
CA HIS J 169 7.37 37.09 -25.46
C HIS J 169 6.25 36.30 -26.14
N SER J 170 5.69 36.86 -27.23
CA SER J 170 4.65 36.20 -28.02
C SER J 170 5.30 35.12 -28.89
N GLY J 171 4.67 33.95 -28.91
CA GLY J 171 5.13 32.77 -29.65
C GLY J 171 6.39 32.15 -29.10
N VAL J 172 6.66 32.35 -27.80
CA VAL J 172 7.83 31.83 -27.11
C VAL J 172 7.38 30.86 -26.01
N CYS J 173 8.19 29.81 -25.78
CA CYS J 173 8.03 28.85 -24.69
C CYS J 173 9.37 28.14 -24.44
N THR J 174 9.86 28.28 -23.20
CA THR J 174 11.14 27.74 -22.75
C THR J 174 10.82 26.60 -21.79
N ASP J 175 11.72 25.60 -21.69
CA ASP J 175 11.52 24.47 -20.79
C ASP J 175 11.39 24.97 -19.36
N PRO J 176 10.35 24.52 -18.60
CA PRO J 176 10.19 25.03 -17.22
C PRO J 176 11.38 24.66 -16.33
N GLN J 177 12.03 23.54 -16.65
CA GLN J 177 13.22 23.06 -15.94
C GLN J 177 14.24 22.46 -16.92
N PRO J 178 15.56 22.58 -16.66
CA PRO J 178 16.54 21.94 -17.55
C PRO J 178 16.65 20.45 -17.27
N LEU J 179 17.17 19.68 -18.23
CA LEU J 179 17.36 18.25 -18.00
C LEU J 179 18.83 17.93 -17.71
N LYS J 180 19.07 16.84 -16.96
CA LYS J 180 20.40 16.36 -16.62
C LYS J 180 20.95 15.61 -17.82
N GLU J 181 22.18 15.97 -18.24
CA GLU J 181 22.88 15.36 -19.37
C GLU J 181 23.35 13.93 -19.06
N GLN J 182 23.36 13.58 -17.77
CA GLN J 182 23.74 12.28 -17.23
C GLN J 182 22.95 12.11 -15.92
N PRO J 183 21.71 11.55 -15.94
CA PRO J 183 20.96 11.39 -14.66
C PRO J 183 21.44 10.29 -13.72
N ALA J 184 22.72 10.43 -13.28
CA ALA J 184 23.41 9.51 -12.35
C ALA J 184 24.26 10.26 -11.34
N LEU J 185 25.09 11.23 -11.78
CA LEU J 185 25.94 12.03 -10.90
C LEU J 185 25.24 13.28 -10.39
N ASN J 186 25.57 13.69 -9.15
CA ASN J 186 25.03 14.89 -8.49
C ASN J 186 25.58 16.16 -9.14
N ASP J 187 26.84 16.08 -9.67
CA ASP J 187 27.54 17.17 -10.35
C ASP J 187 27.25 17.19 -11.87
N SER J 188 26.14 16.53 -12.31
CA SER J 188 25.72 16.43 -13.71
C SER J 188 25.39 17.77 -14.34
N ARG J 189 25.91 17.99 -15.56
CA ARG J 189 25.70 19.22 -16.34
C ARG J 189 24.28 19.23 -16.90
N TYR J 190 23.77 20.43 -17.14
CA TYR J 190 22.39 20.65 -17.58
C TYR J 190 22.24 21.09 -19.02
N ALA J 191 21.08 20.76 -19.60
CA ALA J 191 20.73 21.17 -20.95
C ALA J 191 19.35 21.77 -20.90
N LEU J 192 19.13 22.82 -21.68
CA LEU J 192 17.84 23.51 -21.71
C LEU J 192 17.54 23.92 -23.16
N SER J 193 16.25 23.89 -23.54
CA SER J 193 15.82 24.28 -24.86
C SER J 193 14.69 25.28 -24.80
N SER J 194 14.50 26.03 -25.91
CA SER J 194 13.46 27.03 -26.04
C SER J 194 12.96 27.08 -27.47
N ARG J 195 11.71 27.51 -27.66
CA ARG J 195 11.12 27.66 -28.99
C ARG J 195 10.53 29.06 -29.20
N LEU J 196 10.68 29.58 -30.44
CA LEU J 196 10.10 30.82 -30.92
C LEU J 196 9.41 30.52 -32.26
N ARG J 197 8.11 30.72 -32.32
CA ARG J 197 7.33 30.47 -33.54
C ARG J 197 6.83 31.77 -34.16
N VAL J 198 7.12 31.94 -35.46
CA VAL J 198 6.73 33.10 -36.27
C VAL J 198 5.88 32.61 -37.46
N SER J 199 5.40 33.53 -38.31
CA SER J 199 4.67 33.17 -39.53
C SER J 199 5.75 32.84 -40.59
N ALA J 200 5.38 32.04 -41.61
CA ALA J 200 6.31 31.64 -42.68
C ALA J 200 6.87 32.87 -43.41
N THR J 201 6.04 33.90 -43.62
CA THR J 201 6.40 35.16 -44.29
C THR J 201 7.47 35.95 -43.50
N PHE J 202 7.31 36.00 -42.15
CA PHE J 202 8.26 36.67 -41.26
C PHE J 202 9.66 35.99 -41.29
N TRP J 203 9.70 34.65 -41.37
CA TRP J 203 10.96 33.90 -41.47
C TRP J 203 11.56 34.04 -42.88
N GLN J 204 10.69 34.16 -43.92
CA GLN J 204 11.06 34.31 -45.32
C GLN J 204 11.82 35.63 -45.59
N ASN J 205 11.54 36.69 -44.79
CA ASN J 205 12.19 38.00 -44.91
C ASN J 205 13.63 37.97 -44.33
N PRO J 206 14.68 38.16 -45.18
CA PRO J 206 16.06 38.11 -44.66
C PRO J 206 16.52 39.36 -43.88
N ARG J 207 15.65 40.38 -43.77
CA ARG J 207 15.93 41.59 -43.01
C ARG J 207 15.71 41.32 -41.51
N ASN J 208 14.88 40.31 -41.20
CA ASN J 208 14.56 39.91 -39.83
C ASN J 208 15.71 39.09 -39.21
N HIS J 209 16.18 39.54 -38.04
CA HIS J 209 17.28 38.98 -37.26
C HIS J 209 16.69 38.35 -35.99
N PHE J 210 17.14 37.13 -35.68
CA PHE J 210 16.65 36.37 -34.52
C PHE J 210 17.83 36.04 -33.64
N ARG J 211 17.70 36.29 -32.34
CA ARG J 211 18.77 36.01 -31.39
C ARG J 211 18.23 35.31 -30.15
N CYS J 212 18.89 34.22 -29.76
CA CYS J 212 18.56 33.53 -28.53
C CYS J 212 19.63 33.92 -27.50
N GLN J 213 19.22 34.64 -26.46
CA GLN J 213 20.10 35.12 -25.41
C GLN J 213 20.03 34.23 -24.19
N VAL J 214 21.20 33.75 -23.73
CA VAL J 214 21.30 32.92 -22.52
C VAL J 214 22.22 33.63 -21.51
N GLN J 215 21.60 34.25 -20.49
CA GLN J 215 22.32 34.92 -19.43
C GLN J 215 22.70 33.87 -18.38
N PHE J 216 24.00 33.65 -18.23
CA PHE J 216 24.54 32.69 -17.27
C PHE J 216 25.11 33.41 -16.05
N TYR J 217 24.81 32.89 -14.84
CA TYR J 217 25.30 33.43 -13.58
C TYR J 217 26.34 32.46 -13.03
N GLY J 218 27.60 32.89 -13.00
CA GLY J 218 28.70 32.05 -12.57
C GLY J 218 29.50 32.59 -11.40
N LEU J 219 30.84 32.53 -11.56
CA LEU J 219 31.82 32.99 -10.59
C LEU J 219 32.03 34.51 -10.70
N SER J 220 32.76 35.07 -9.73
CA SER J 220 33.11 36.49 -9.67
C SER J 220 34.64 36.63 -9.58
N GLU J 221 35.15 37.88 -9.71
CA GLU J 221 36.58 38.22 -9.62
C GLU J 221 37.19 37.81 -8.26
N ASN J 222 36.35 37.81 -7.20
CA ASN J 222 36.69 37.44 -5.82
C ASN J 222 37.08 35.96 -5.71
N ASP J 223 36.51 35.10 -6.58
CA ASP J 223 36.75 33.65 -6.60
C ASP J 223 38.07 33.28 -7.29
N GLU J 224 38.81 32.34 -6.69
CA GLU J 224 40.10 31.85 -7.20
C GLU J 224 39.91 30.81 -8.30
N TRP J 225 40.62 30.98 -9.44
CA TRP J 225 40.56 30.05 -10.57
C TRP J 225 41.94 29.54 -10.96
N THR J 226 42.27 28.32 -10.50
CA THR J 226 43.55 27.65 -10.74
C THR J 226 43.39 26.50 -11.77
N GLN J 227 42.57 26.73 -12.81
CA GLN J 227 42.31 25.73 -13.86
C GLN J 227 42.75 26.18 -15.27
N ASP J 228 43.06 25.19 -16.13
CA ASP J 228 43.53 25.34 -17.51
C ASP J 228 42.60 26.20 -18.38
N ARG J 229 41.31 25.81 -18.46
CA ARG J 229 40.29 26.52 -19.24
C ARG J 229 39.90 27.88 -18.64
N ALA J 230 39.16 28.70 -19.41
CA ALA J 230 38.70 30.03 -19.02
C ALA J 230 37.76 30.03 -17.82
N LYS J 231 37.84 31.09 -16.99
CA LYS J 231 37.05 31.30 -15.78
C LYS J 231 35.54 31.25 -16.09
N PRO J 232 34.77 30.33 -15.46
CA PRO J 232 33.33 30.27 -15.76
C PRO J 232 32.56 31.35 -15.01
N VAL J 233 32.80 32.59 -15.42
CA VAL J 233 32.21 33.78 -14.82
C VAL J 233 30.81 34.05 -15.35
N THR J 234 30.12 35.00 -14.73
CA THR J 234 28.79 35.49 -15.14
C THR J 234 28.98 36.11 -16.52
N GLN J 235 28.16 35.66 -17.50
CA GLN J 235 28.27 36.09 -18.89
C GLN J 235 26.99 35.88 -19.71
N ILE J 236 26.95 36.51 -20.90
CA ILE J 236 25.86 36.32 -21.85
C ILE J 236 26.41 35.51 -23.02
N VAL J 237 25.79 34.35 -23.29
CA VAL J 237 26.14 33.48 -24.42
C VAL J 237 24.94 33.47 -25.35
N SER J 238 25.16 33.90 -26.59
CA SER J 238 24.13 34.00 -27.60
C SER J 238 24.41 33.16 -28.85
N ALA J 239 23.34 32.91 -29.62
CA ALA J 239 23.32 32.22 -30.90
C ALA J 239 22.28 32.94 -31.73
N GLU J 240 22.62 33.23 -32.98
CA GLU J 240 21.73 33.99 -33.87
C GLU J 240 21.45 33.30 -35.20
N ALA J 241 20.45 33.83 -35.91
CA ALA J 241 19.99 33.38 -37.22
C ALA J 241 19.28 34.54 -37.91
N TRP J 242 19.42 34.61 -39.23
CA TRP J 242 18.76 35.62 -40.07
C TRP J 242 17.69 34.90 -40.90
N GLY J 243 16.72 35.67 -41.39
CA GLY J 243 15.66 35.14 -42.25
C GLY J 243 16.18 34.61 -43.56
N ARG J 244 15.46 33.65 -44.16
CA ARG J 244 15.86 33.04 -45.43
C ARG J 244 14.71 32.93 -46.40
N ALA J 245 14.92 33.45 -47.62
CA ALA J 245 13.94 33.42 -48.71
C ALA J 245 14.23 32.23 -49.64
N ASP J 246 13.18 31.47 -49.99
CA ASP J 246 13.25 30.31 -50.89
C ASP J 246 11.96 30.18 -51.71
N GLY K 1 15.11 6.83 23.36
CA GLY K 1 15.11 7.53 24.65
C GLY K 1 13.86 8.34 24.91
N SER K 2 13.23 8.15 26.10
CA SER K 2 12.00 8.84 26.50
C SER K 2 12.22 10.03 27.45
N HIS K 3 11.84 11.24 26.99
CA HIS K 3 11.92 12.46 27.80
C HIS K 3 10.80 12.46 28.86
N SER K 4 11.04 13.09 30.02
CA SER K 4 10.04 13.11 31.10
C SER K 4 9.98 14.41 31.88
N MET K 5 8.81 14.66 32.48
CA MET K 5 8.58 15.78 33.39
C MET K 5 8.10 15.19 34.70
N ARG K 6 8.65 15.69 35.82
CA ARG K 6 8.34 15.21 37.16
C ARG K 6 8.26 16.37 38.13
N TYR K 7 7.35 16.26 39.10
CA TYR K 7 7.22 17.19 40.22
C TYR K 7 7.39 16.36 41.49
N PHE K 8 8.18 16.88 42.43
CA PHE K 8 8.47 16.23 43.70
C PHE K 8 7.99 17.14 44.83
N TYR K 9 6.99 16.67 45.56
CA TYR K 9 6.43 17.42 46.68
C TYR K 9 6.93 16.82 48.00
N THR K 10 7.22 17.66 48.97
CA THR K 10 7.58 17.25 50.32
C THR K 10 6.77 18.09 51.28
N ALA K 11 5.94 17.44 52.08
CA ALA K 11 5.11 18.12 53.07
C ALA K 11 5.47 17.58 54.45
N MET K 12 6.01 18.44 55.31
CA MET K 12 6.49 18.09 56.65
C MET K 12 5.71 18.78 57.75
N SER K 13 5.17 18.01 58.70
CA SER K 13 4.58 18.66 59.87
C SER K 13 5.72 18.92 60.84
N ARG K 14 5.60 19.94 61.67
CA ARG K 14 6.63 20.34 62.63
C ARG K 14 5.93 20.98 63.84
N PRO K 15 5.28 20.18 64.72
CA PRO K 15 4.51 20.77 65.83
C PRO K 15 5.32 21.63 66.79
N GLY K 16 4.76 22.78 67.14
CA GLY K 16 5.40 23.75 68.01
C GLY K 16 6.44 24.64 67.33
N ARG K 17 6.84 24.28 66.08
CA ARG K 17 7.84 24.99 65.27
C ARG K 17 7.18 25.67 64.03
N GLY K 18 5.86 25.89 64.12
CA GLY K 18 5.07 26.50 63.07
C GLY K 18 4.07 25.58 62.41
N GLU K 19 3.54 26.01 61.24
CA GLU K 19 2.60 25.26 60.41
C GLU K 19 3.38 24.37 59.44
N PRO K 20 2.80 23.27 58.90
CA PRO K 20 3.57 22.41 57.99
C PRO K 20 4.24 23.12 56.82
N ARG K 21 5.43 22.63 56.47
CA ARG K 21 6.21 23.17 55.38
C ARG K 21 5.98 22.36 54.10
N PHE K 22 5.71 23.06 52.98
CA PHE K 22 5.50 22.43 51.68
C PHE K 22 6.59 22.86 50.74
N ILE K 23 7.30 21.88 50.16
CA ILE K 23 8.36 22.10 49.18
C ILE K 23 8.00 21.39 47.86
N ALA K 24 8.06 22.12 46.74
CA ALA K 24 7.81 21.57 45.41
C ALA K 24 9.00 21.88 44.50
N VAL K 25 9.48 20.89 43.75
CA VAL K 25 10.55 21.02 42.77
C VAL K 25 10.11 20.33 41.51
N GLY K 26 10.44 20.89 40.37
CA GLY K 26 10.06 20.35 39.08
C GLY K 26 11.27 20.09 38.22
N TYR K 27 11.28 18.95 37.51
CA TYR K 27 12.36 18.52 36.64
C TYR K 27 11.89 18.16 35.25
N VAL K 28 12.70 18.49 34.23
CA VAL K 28 12.55 18.04 32.85
C VAL K 28 13.79 17.15 32.82
N ASP K 29 13.58 15.83 32.72
CA ASP K 29 14.62 14.81 32.80
C ASP K 29 15.49 14.97 34.07
N ASP K 30 16.81 15.21 33.93
CA ASP K 30 17.67 15.39 35.10
C ASP K 30 18.00 16.87 35.35
N THR K 31 17.22 17.80 34.74
CA THR K 31 17.38 19.24 34.92
C THR K 31 16.22 19.81 35.73
N GLN K 32 16.53 20.40 36.89
CA GLN K 32 15.54 21.08 37.73
C GLN K 32 15.24 22.44 37.09
N PHE K 33 13.96 22.83 36.99
CA PHE K 33 13.62 24.10 36.36
C PHE K 33 12.80 25.03 37.24
N VAL K 34 12.16 24.51 38.31
CA VAL K 34 11.32 25.27 39.24
C VAL K 34 11.46 24.79 40.68
N ARG K 35 11.18 25.71 41.62
CA ARG K 35 11.14 25.45 43.05
C ARG K 35 10.12 26.33 43.72
N PHE K 36 9.54 25.83 44.81
CA PHE K 36 8.63 26.55 45.68
C PHE K 36 8.87 26.03 47.07
N ASP K 37 8.87 26.95 48.03
CA ASP K 37 9.08 26.68 49.44
C ASP K 37 8.15 27.58 50.23
N SER K 38 7.24 26.99 51.02
CA SER K 38 6.27 27.73 51.83
C SER K 38 6.90 28.46 53.01
N ASP K 39 8.12 28.06 53.44
CA ASP K 39 8.85 28.64 54.57
C ASP K 39 9.55 29.96 54.18
N ALA K 40 8.73 31.00 53.95
CA ALA K 40 9.11 32.36 53.57
C ALA K 40 7.90 33.26 53.86
N ALA K 41 8.15 34.55 54.18
CA ALA K 41 7.10 35.53 54.49
C ALA K 41 6.10 35.66 53.31
N SER K 42 6.63 35.71 52.07
CA SER K 42 5.82 35.79 50.85
C SER K 42 6.34 34.74 49.85
N PRO K 43 5.94 33.45 49.99
CA PRO K 43 6.46 32.41 49.07
C PRO K 43 6.03 32.61 47.63
N ARG K 44 6.96 32.36 46.71
CA ARG K 44 6.82 32.55 45.26
C ARG K 44 7.55 31.42 44.53
N THR K 45 7.00 30.98 43.37
CA THR K 45 7.67 29.99 42.53
C THR K 45 8.84 30.71 41.84
N GLU K 46 9.99 30.03 41.79
CA GLU K 46 11.20 30.61 41.24
C GLU K 46 11.84 29.80 40.12
N PRO K 47 12.41 30.46 39.07
CA PRO K 47 13.09 29.70 38.00
C PRO K 47 14.41 29.10 38.46
N ARG K 48 14.74 27.90 37.96
CA ARG K 48 15.98 27.19 38.32
C ARG K 48 16.74 26.69 37.09
N ALA K 49 16.24 27.06 35.89
CA ALA K 49 16.84 26.75 34.60
C ALA K 49 16.69 27.98 33.72
N PRO K 50 17.72 28.35 32.90
CA PRO K 50 17.61 29.59 32.10
C PRO K 50 16.49 29.62 31.04
N TRP K 51 16.15 28.46 30.47
CA TRP K 51 15.10 28.34 29.43
C TRP K 51 13.66 28.52 29.95
N ILE K 52 13.46 28.67 31.28
CA ILE K 52 12.14 28.87 31.89
C ILE K 52 11.91 30.35 32.27
N GLU K 53 12.99 31.15 32.29
CA GLU K 53 12.92 32.59 32.63
C GLU K 53 12.11 33.38 31.58
N GLN K 54 11.92 32.77 30.38
CA GLN K 54 11.15 33.27 29.23
C GLN K 54 9.68 33.45 29.62
N GLU K 55 9.18 32.56 30.49
CA GLU K 55 7.79 32.50 30.93
C GLU K 55 7.33 33.80 31.58
N GLY K 56 6.16 34.27 31.15
CA GLY K 56 5.56 35.51 31.62
C GLY K 56 5.10 35.50 33.06
N PRO K 57 4.74 36.68 33.60
CA PRO K 57 4.28 36.76 34.99
C PRO K 57 3.10 35.85 35.36
N GLU K 58 2.15 35.63 34.41
CA GLU K 58 0.97 34.77 34.60
C GLU K 58 1.38 33.31 34.89
N TYR K 59 2.43 32.81 34.21
CA TYR K 59 2.97 31.46 34.42
C TYR K 59 3.43 31.27 35.87
N TRP K 60 4.14 32.28 36.43
CA TRP K 60 4.67 32.28 37.78
C TRP K 60 3.56 32.38 38.84
N ASP K 61 2.55 33.22 38.57
CA ASP K 61 1.39 33.41 39.44
C ASP K 61 0.57 32.13 39.50
N ARG K 62 0.40 31.47 38.35
CA ARG K 62 -0.33 30.22 38.13
C ARG K 62 0.32 29.07 38.95
N ASN K 63 1.66 29.00 38.97
CA ASN K 63 2.44 28.03 39.72
C ASN K 63 2.34 28.31 41.22
N THR K 64 2.50 29.59 41.62
CA THR K 64 2.41 30.02 43.03
C THR K 64 1.03 29.71 43.63
N GLN K 65 -0.04 29.95 42.86
CA GLN K 65 -1.40 29.74 43.32
C GLN K 65 -1.65 28.28 43.67
N ILE K 66 -1.25 27.34 42.80
CA ILE K 66 -1.48 25.94 43.09
C ILE K 66 -0.56 25.44 44.22
N PHE K 67 0.69 25.96 44.33
CA PHE K 67 1.59 25.58 45.40
C PHE K 67 1.15 26.14 46.75
N LYS K 68 0.51 27.32 46.75
CA LYS K 68 -0.05 27.87 47.99
C LYS K 68 -1.27 27.03 48.43
N THR K 69 -2.06 26.53 47.45
CA THR K 69 -3.20 25.64 47.67
C THR K 69 -2.69 24.30 48.23
N ASN K 70 -1.56 23.79 47.70
CA ASN K 70 -0.96 22.53 48.15
C ASN K 70 -0.52 22.62 49.62
N THR K 71 0.02 23.78 50.02
CA THR K 71 0.43 24.07 51.39
C THR K 71 -0.73 23.86 52.37
N GLN K 72 -1.89 24.41 52.02
CA GLN K 72 -3.14 24.33 52.78
C GLN K 72 -3.71 22.91 52.83
N THR K 73 -3.78 22.19 51.67
CA THR K 73 -4.34 20.83 51.64
C THR K 73 -3.43 19.80 52.32
N TYR K 74 -2.09 19.95 52.22
CA TYR K 74 -1.16 19.01 52.84
C TYR K 74 -1.16 19.13 54.35
N ARG K 75 -1.43 20.33 54.88
CA ARG K 75 -1.58 20.57 56.32
C ARG K 75 -2.75 19.69 56.85
N GLU K 76 -3.82 19.58 56.05
CA GLU K 76 -5.00 18.79 56.40
C GLU K 76 -4.78 17.29 56.16
N SER K 77 -4.09 16.93 55.07
CA SER K 77 -3.70 15.56 54.73
C SER K 77 -2.80 14.99 55.83
N LEU K 78 -1.81 15.77 56.33
CA LEU K 78 -0.91 15.39 57.43
C LEU K 78 -1.70 15.17 58.72
N ARG K 79 -2.67 16.05 59.00
CA ARG K 79 -3.53 15.94 60.18
C ARG K 79 -4.39 14.68 60.05
N ASN K 80 -4.94 14.42 58.85
CA ASN K 80 -5.78 13.25 58.59
C ASN K 80 -5.01 11.92 58.74
N LEU K 81 -3.81 11.81 58.14
CA LEU K 81 -3.01 10.59 58.22
C LEU K 81 -2.58 10.27 59.66
N ARG K 82 -2.31 11.31 60.46
CA ARG K 82 -1.99 11.21 61.89
C ARG K 82 -3.17 10.54 62.66
N GLY K 83 -4.41 10.86 62.25
CA GLY K 83 -5.63 10.28 62.78
C GLY K 83 -5.80 8.81 62.40
N TYR K 84 -5.54 8.46 61.12
CA TYR K 84 -5.66 7.08 60.62
C TYR K 84 -4.75 6.14 61.36
N TYR K 85 -3.51 6.60 61.63
CA TYR K 85 -2.50 5.83 62.35
C TYR K 85 -2.47 6.07 63.85
N ASN K 86 -3.43 6.84 64.39
CA ASN K 86 -3.57 7.17 65.82
C ASN K 86 -2.24 7.64 66.43
N GLN K 87 -1.53 8.50 65.69
CA GLN K 87 -0.25 9.07 66.08
C GLN K 87 -0.46 10.32 66.91
N SER K 88 0.55 10.67 67.74
CA SER K 88 0.52 11.84 68.60
C SER K 88 0.60 13.13 67.79
N GLU K 89 0.06 14.23 68.35
CA GLU K 89 0.11 15.56 67.74
C GLU K 89 1.48 16.22 67.97
N ALA K 90 2.35 15.59 68.77
CA ALA K 90 3.68 16.09 69.12
C ALA K 90 4.80 15.67 68.13
N GLY K 91 4.55 14.61 67.35
CA GLY K 91 5.52 14.08 66.40
C GLY K 91 5.51 14.72 65.03
N SER K 92 6.66 14.69 64.36
CA SER K 92 6.86 15.21 63.02
C SER K 92 6.67 14.10 62.02
N HIS K 93 5.96 14.40 60.93
CA HIS K 93 5.65 13.42 59.89
C HIS K 93 5.80 14.02 58.51
N ILE K 94 6.08 13.17 57.53
CA ILE K 94 6.30 13.59 56.16
C ILE K 94 5.41 12.87 55.18
N ILE K 95 4.80 13.64 54.25
CA ILE K 95 4.09 13.14 53.07
C ILE K 95 4.94 13.58 51.88
N GLN K 96 5.24 12.66 50.96
CA GLN K 96 5.98 12.93 49.74
C GLN K 96 5.15 12.50 48.54
N ARG K 97 5.34 13.17 47.41
CA ARG K 97 4.61 12.83 46.21
C ARG K 97 5.44 13.10 44.97
N MET K 98 5.36 12.17 44.03
CA MET K 98 5.98 12.31 42.73
C MET K 98 4.93 11.99 41.72
N TYR K 99 4.80 12.84 40.73
CA TYR K 99 3.90 12.63 39.63
C TYR K 99 4.54 13.18 38.37
N GLY K 100 4.07 12.73 37.22
CA GLY K 100 4.60 13.20 35.96
C GLY K 100 4.31 12.34 34.76
N CYS K 101 4.80 12.80 33.61
CA CYS K 101 4.57 12.18 32.32
C CYS K 101 5.85 11.86 31.56
N ASP K 102 5.84 10.71 30.87
CA ASP K 102 6.92 10.26 29.98
C ASP K 102 6.44 10.49 28.56
N LEU K 103 7.20 11.25 27.77
CA LEU K 103 6.84 11.55 26.38
C LEU K 103 7.17 10.36 25.46
N GLY K 104 6.18 9.96 24.65
CA GLY K 104 6.32 8.86 23.71
C GLY K 104 6.82 9.30 22.34
N PRO K 105 7.29 8.34 21.49
CA PRO K 105 7.77 8.71 20.14
C PRO K 105 6.74 9.39 19.22
N ASP K 106 5.43 9.18 19.46
CA ASP K 106 4.32 9.77 18.69
C ASP K 106 3.92 11.21 19.16
N GLY K 107 4.69 11.75 20.10
CA GLY K 107 4.44 13.09 20.66
C GLY K 107 3.31 13.12 21.68
N ARG K 108 2.81 11.93 22.06
CA ARG K 108 1.74 11.74 23.04
C ARG K 108 2.29 11.04 24.28
N LEU K 109 1.46 10.93 25.32
CA LEU K 109 1.84 10.31 26.59
C LEU K 109 2.23 8.85 26.41
N LEU K 110 3.42 8.48 26.89
CA LEU K 110 3.89 7.10 26.86
C LEU K 110 3.41 6.38 28.13
N ARG K 111 3.65 7.01 29.29
CA ARG K 111 3.30 6.51 30.61
C ARG K 111 3.13 7.70 31.57
N GLY K 112 2.09 7.64 32.40
CA GLY K 112 1.79 8.63 33.42
C GLY K 112 2.20 8.09 34.78
N HIS K 113 2.42 8.98 35.75
CA HIS K 113 2.85 8.59 37.10
C HIS K 113 2.28 9.49 38.19
N ASP K 114 1.91 8.87 39.32
CA ASP K 114 1.46 9.53 40.55
C ASP K 114 1.58 8.58 41.74
N GLN K 115 2.53 8.87 42.62
CA GLN K 115 2.80 8.04 43.79
C GLN K 115 2.99 8.89 45.03
N SER K 116 2.44 8.45 46.17
CA SER K 116 2.57 9.15 47.45
C SER K 116 3.15 8.24 48.52
N ALA K 117 3.91 8.83 49.44
CA ALA K 117 4.52 8.09 50.56
C ALA K 117 4.21 8.76 51.88
N TYR K 118 4.20 7.96 52.94
CA TYR K 118 4.03 8.48 54.28
C TYR K 118 5.20 7.98 55.13
N ASP K 119 5.94 8.92 55.75
CA ASP K 119 7.14 8.67 56.55
C ASP K 119 8.18 7.78 55.81
N GLY K 120 8.32 8.02 54.51
CA GLY K 120 9.26 7.31 53.64
C GLY K 120 8.82 5.95 53.13
N LYS K 121 7.61 5.51 53.49
CA LYS K 121 7.07 4.22 53.05
C LYS K 121 5.92 4.48 52.11
N ASP K 122 5.81 3.66 51.04
CA ASP K 122 4.76 3.69 50.03
C ASP K 122 3.39 3.78 50.69
N TYR K 123 2.50 4.62 50.16
CA TYR K 123 1.18 4.85 50.74
C TYR K 123 0.08 4.59 49.72
N ILE K 124 0.05 5.36 48.63
CA ILE K 124 -0.96 5.24 47.57
C ILE K 124 -0.34 5.55 46.22
N ALA K 125 -0.66 4.74 45.22
CA ALA K 125 -0.14 4.97 43.86
C ALA K 125 -1.22 4.78 42.81
N LEU K 126 -1.20 5.64 41.80
CA LEU K 126 -2.07 5.56 40.63
C LEU K 126 -1.55 4.43 39.76
N ASN K 127 -2.45 3.58 39.26
CA ASN K 127 -2.09 2.44 38.42
C ASN K 127 -1.76 2.86 37.00
N GLU K 128 -1.20 1.93 36.19
CA GLU K 128 -0.82 2.18 34.79
C GLU K 128 -1.99 2.62 33.91
N ASP K 129 -3.19 2.12 34.20
CA ASP K 129 -4.46 2.43 33.53
C ASP K 129 -4.88 3.89 33.73
N LEU K 130 -4.27 4.57 34.72
CA LEU K 130 -4.52 5.96 35.13
C LEU K 130 -6.00 6.16 35.51
N SER K 131 -6.60 5.13 36.10
CA SER K 131 -8.02 5.14 36.49
C SER K 131 -8.31 4.43 37.82
N SER K 132 -7.33 3.67 38.34
CA SER K 132 -7.47 2.96 39.61
C SER K 132 -6.24 3.19 40.50
N TRP K 133 -6.37 2.85 41.80
CA TRP K 133 -5.34 3.06 42.82
C TRP K 133 -4.88 1.79 43.51
N THR K 134 -3.62 1.80 43.97
CA THR K 134 -3.06 0.73 44.79
C THR K 134 -2.74 1.35 46.15
N ALA K 135 -3.46 0.93 47.19
CA ALA K 135 -3.29 1.39 48.56
C ALA K 135 -2.38 0.45 49.32
N ALA K 136 -1.47 0.98 50.14
CA ALA K 136 -0.53 0.15 50.90
C ALA K 136 -1.19 -0.59 52.06
N ASP K 137 -2.17 0.06 52.74
CA ASP K 137 -2.87 -0.48 53.90
C ASP K 137 -4.29 0.08 53.94
N THR K 138 -5.03 -0.13 55.07
CA THR K 138 -6.42 0.37 55.21
C THR K 138 -6.50 1.89 55.37
N ALA K 139 -5.46 2.52 55.94
CA ALA K 139 -5.37 3.98 56.11
C ALA K 139 -5.38 4.58 54.70
N ALA K 140 -4.57 4.01 53.79
CA ALA K 140 -4.46 4.40 52.39
C ALA K 140 -5.75 4.11 51.62
N GLN K 141 -6.58 3.19 52.12
CA GLN K 141 -7.88 2.86 51.52
C GLN K 141 -8.93 3.92 51.88
N ILE K 142 -8.78 4.63 53.03
CA ILE K 142 -9.63 5.77 53.39
C ILE K 142 -9.34 6.91 52.38
N THR K 143 -8.04 7.20 52.13
CA THR K 143 -7.58 8.19 51.15
C THR K 143 -8.12 7.82 49.77
N GLN K 144 -8.02 6.52 49.39
CA GLN K 144 -8.52 5.98 48.12
C GLN K 144 -10.00 6.28 47.95
N ARG K 145 -10.81 5.99 48.99
CA ARG K 145 -12.23 6.28 48.99
C ARG K 145 -12.50 7.77 48.78
N LYS K 146 -11.73 8.66 49.44
CA LYS K 146 -11.87 10.11 49.29
C LYS K 146 -11.53 10.59 47.87
N TRP K 147 -10.50 9.96 47.24
CA TRP K 147 -9.99 10.28 45.90
C TRP K 147 -10.82 9.68 44.77
N GLU K 148 -11.51 8.57 45.08
CA GLU K 148 -12.43 7.93 44.15
C GLU K 148 -13.71 8.76 44.11
N ALA K 149 -14.18 9.24 45.28
CA ALA K 149 -15.35 10.12 45.40
C ALA K 149 -15.10 11.48 44.74
N ALA K 150 -13.86 12.01 44.85
CA ALA K 150 -13.44 13.28 44.24
C ALA K 150 -13.01 13.13 42.78
N ARG K 151 -12.82 11.87 42.33
CA ARG K 151 -12.41 11.47 40.97
C ARG K 151 -11.02 12.04 40.57
N VAL K 152 -10.06 11.94 41.51
CA VAL K 152 -8.67 12.39 41.36
C VAL K 152 -8.02 11.71 40.13
N ALA K 153 -8.21 10.37 39.97
CA ALA K 153 -7.66 9.61 38.83
C ALA K 153 -8.15 10.17 37.47
N GLU K 154 -9.41 10.63 37.39
CA GLU K 154 -9.98 11.23 36.18
C GLU K 154 -9.31 12.57 35.88
N GLN K 155 -9.10 13.40 36.92
CA GLN K 155 -8.44 14.70 36.86
C GLN K 155 -6.98 14.51 36.45
N LEU K 156 -6.31 13.47 36.97
CA LEU K 156 -4.90 13.20 36.66
C LEU K 156 -4.73 12.74 35.24
N ARG K 157 -5.60 11.82 34.78
CA ARG K 157 -5.60 11.33 33.41
C ARG K 157 -5.72 12.48 32.41
N ALA K 158 -6.68 13.42 32.66
CA ALA K 158 -6.90 14.61 31.84
C ALA K 158 -5.66 15.50 31.79
N TYR K 159 -4.97 15.67 32.95
CA TYR K 159 -3.75 16.47 33.06
C TYR K 159 -2.55 15.79 32.37
N LEU K 160 -2.24 14.53 32.74
CA LEU K 160 -1.14 13.73 32.20
C LEU K 160 -1.19 13.58 30.67
N GLU K 161 -2.38 13.28 30.11
CA GLU K 161 -2.58 13.11 28.67
C GLU K 161 -2.55 14.44 27.90
N GLY K 162 -2.94 15.53 28.57
CA GLY K 162 -3.04 16.84 27.94
C GLY K 162 -1.93 17.82 28.26
N LEU K 163 -2.14 18.67 29.27
CA LEU K 163 -1.25 19.74 29.71
C LEU K 163 0.17 19.29 30.08
N CYS K 164 0.32 18.12 30.73
CA CYS K 164 1.65 17.63 31.13
C CYS K 164 2.56 17.43 29.90
N VAL K 165 2.07 16.73 28.87
CA VAL K 165 2.87 16.45 27.68
C VAL K 165 3.01 17.70 26.79
N GLU K 166 1.98 18.55 26.72
CA GLU K 166 2.04 19.79 25.92
C GLU K 166 3.11 20.73 26.44
N TRP K 167 3.21 20.90 27.78
CA TRP K 167 4.18 21.80 28.39
C TRP K 167 5.57 21.20 28.43
N LEU K 168 5.68 19.87 28.47
CA LEU K 168 6.99 19.20 28.40
C LEU K 168 7.57 19.43 27.00
N ARG K 169 6.71 19.34 25.93
CA ARG K 169 7.09 19.57 24.53
C ARG K 169 7.63 20.98 24.35
N ARG K 170 6.97 21.96 24.99
CA ARG K 170 7.33 23.39 25.00
C ARG K 170 8.68 23.59 25.69
N TYR K 171 8.90 22.97 26.86
CA TYR K 171 10.16 23.07 27.62
C TYR K 171 11.31 22.47 26.83
N LEU K 172 11.08 21.28 26.20
CA LEU K 172 12.06 20.58 25.36
C LEU K 172 12.43 21.40 24.13
N GLU K 173 11.49 22.21 23.60
CA GLU K 173 11.75 23.10 22.47
C GLU K 173 12.45 24.39 22.94
N ASN K 174 11.96 25.03 24.02
CA ASN K 174 12.57 26.27 24.54
C ASN K 174 13.96 26.08 25.14
N GLY K 175 14.33 24.83 25.42
CA GLY K 175 15.64 24.49 25.98
C GLY K 175 16.31 23.33 25.29
N LYS K 176 16.11 23.17 23.95
CA LYS K 176 16.71 22.07 23.18
C LYS K 176 18.23 22.06 23.18
N GLU K 177 18.87 23.25 23.26
CA GLU K 177 20.32 23.41 23.27
C GLU K 177 21.01 22.70 24.43
N THR K 178 20.26 22.46 25.53
CA THR K 178 20.74 21.80 26.73
C THR K 178 19.98 20.51 27.06
N LEU K 179 18.65 20.49 26.83
CA LEU K 179 17.78 19.33 27.12
C LEU K 179 17.77 18.26 26.04
N GLN K 180 18.00 18.66 24.76
CA GLN K 180 17.96 17.71 23.65
C GLN K 180 19.35 17.34 23.09
N ARG K 181 20.42 17.81 23.76
CA ARG K 181 21.81 17.50 23.39
C ARG K 181 22.52 16.87 24.60
N ALA K 182 22.82 15.56 24.51
CA ALA K 182 23.48 14.82 25.59
C ALA K 182 24.98 15.16 25.68
N ASP K 183 25.41 15.65 26.86
CA ASP K 183 26.80 16.02 27.15
C ASP K 183 27.66 14.79 27.45
N PRO K 184 28.62 14.42 26.56
CA PRO K 184 29.45 13.23 26.82
C PRO K 184 30.40 13.39 28.00
N PRO K 185 30.74 12.29 28.71
CA PRO K 185 31.66 12.42 29.85
C PRO K 185 33.12 12.63 29.47
N LYS K 186 33.78 13.63 30.09
CA LYS K 186 35.20 13.91 29.89
C LYS K 186 35.95 12.86 30.71
N THR K 187 36.39 11.81 30.01
CA THR K 187 37.08 10.66 30.58
C THR K 187 38.59 10.81 30.62
N HIS K 188 39.20 10.25 31.69
CA HIS K 188 40.63 10.18 31.95
C HIS K 188 40.89 9.21 33.11
N VAL K 189 42.07 8.57 33.12
CA VAL K 189 42.45 7.61 34.15
C VAL K 189 43.57 8.20 35.05
N THR K 190 43.47 7.99 36.38
CA THR K 190 44.45 8.52 37.36
C THR K 190 45.16 7.40 38.15
N HIS K 191 46.46 7.63 38.42
CA HIS K 191 47.37 6.74 39.13
C HIS K 191 47.46 7.08 40.62
N HIS K 192 47.15 6.11 41.50
CA HIS K 192 47.21 6.27 42.96
C HIS K 192 47.80 5.01 43.60
N PRO K 193 49.15 4.85 43.62
CA PRO K 193 49.74 3.61 44.18
C PRO K 193 49.64 3.45 45.70
N VAL K 194 49.59 2.18 46.16
CA VAL K 194 49.50 1.74 47.56
C VAL K 194 48.30 2.38 48.29
N THR K 200 46.56 1.85 42.58
CA THR K 200 45.24 1.58 42.02
C THR K 200 44.84 2.63 40.97
N LEU K 201 44.08 2.19 39.93
CA LEU K 201 43.59 3.02 38.84
C LEU K 201 42.18 3.53 39.15
N ARG K 202 41.86 4.75 38.69
CA ARG K 202 40.56 5.40 38.89
C ARG K 202 40.02 5.86 37.54
N CYS K 203 38.81 5.40 37.18
CA CYS K 203 38.15 5.77 35.93
C CYS K 203 37.26 6.98 36.18
N TRP K 204 37.67 8.16 35.67
CA TRP K 204 36.94 9.41 35.86
C TRP K 204 35.96 9.73 34.73
N ALA K 205 34.71 10.00 35.10
CA ALA K 205 33.62 10.40 34.20
C ALA K 205 33.12 11.74 34.74
N LEU K 206 33.42 12.83 34.02
CA LEU K 206 33.11 14.19 34.43
C LEU K 206 32.29 14.97 33.42
N GLY K 207 31.54 15.95 33.91
CA GLY K 207 30.72 16.86 33.11
C GLY K 207 29.74 16.21 32.15
N PHE K 208 29.14 15.09 32.55
CA PHE K 208 28.16 14.41 31.71
C PHE K 208 26.73 14.73 32.06
N TYR K 209 25.86 14.68 31.05
CA TYR K 209 24.41 14.85 31.13
C TYR K 209 23.76 14.00 30.01
N PRO K 210 22.72 13.15 30.29
CA PRO K 210 22.04 12.90 31.57
C PRO K 210 22.88 12.13 32.61
N ALA K 211 22.31 11.87 33.81
CA ALA K 211 22.99 11.18 34.89
C ALA K 211 23.24 9.69 34.63
N GLU K 212 22.57 9.12 33.60
CA GLU K 212 22.67 7.71 33.22
C GLU K 212 24.05 7.39 32.62
N ILE K 213 24.82 6.53 33.32
CA ILE K 213 26.17 6.09 32.96
C ILE K 213 26.48 4.68 33.50
N THR K 214 27.41 3.97 32.83
CA THR K 214 27.89 2.64 33.25
C THR K 214 29.42 2.64 33.28
N LEU K 215 30.00 2.21 34.40
CA LEU K 215 31.45 2.15 34.62
C LEU K 215 31.86 0.78 35.18
N THR K 216 32.63 0.01 34.38
CA THR K 216 33.13 -1.31 34.77
C THR K 216 34.60 -1.45 34.41
N TRP K 217 35.45 -1.80 35.41
CA TRP K 217 36.89 -1.99 35.22
C TRP K 217 37.17 -3.42 34.77
N GLN K 226 32.45 -8.62 41.97
CA GLN K 226 33.58 -7.93 41.37
C GLN K 226 34.26 -6.97 42.38
N ASP K 227 35.60 -6.87 42.32
CA ASP K 227 36.39 -6.01 43.21
C ASP K 227 36.60 -4.59 42.63
N THR K 228 35.49 -3.97 42.17
CA THR K 228 35.44 -2.62 41.60
C THR K 228 34.66 -1.70 42.54
N GLU K 229 35.34 -0.71 43.14
CA GLU K 229 34.71 0.24 44.06
C GLU K 229 33.97 1.31 43.25
N LEU K 230 32.64 1.45 43.47
CA LEU K 230 31.82 2.42 42.74
C LEU K 230 31.08 3.39 43.64
N VAL K 231 31.22 4.70 43.33
CA VAL K 231 30.55 5.79 44.04
C VAL K 231 29.28 6.19 43.30
N GLU K 232 28.23 6.50 44.06
CA GLU K 232 26.92 6.93 43.57
C GLU K 232 27.12 8.15 42.66
N THR K 233 26.38 8.23 41.52
CA THR K 233 26.48 9.37 40.59
C THR K 233 26.16 10.64 41.38
N ARG K 234 27.04 11.64 41.26
CA ARG K 234 26.95 12.88 42.01
C ARG K 234 26.82 14.11 41.11
N PRO K 235 26.10 15.17 41.55
CA PRO K 235 26.01 16.37 40.70
C PRO K 235 27.27 17.23 40.82
N ALA K 236 27.75 17.74 39.67
CA ALA K 236 28.93 18.62 39.66
C ALA K 236 28.58 20.01 40.21
N GLY K 237 27.29 20.39 40.13
CA GLY K 237 26.76 21.66 40.60
C GLY K 237 26.47 22.66 39.50
N ASP K 238 26.83 22.30 38.25
CA ASP K 238 26.63 23.14 37.05
C ASP K 238 25.65 22.49 36.03
N ARG K 239 24.76 21.60 36.53
CA ARG K 239 23.73 20.84 35.81
C ARG K 239 24.31 19.61 35.08
N THR K 240 25.55 19.21 35.43
CA THR K 240 26.23 18.02 34.91
C THR K 240 26.56 17.08 36.07
N PHE K 241 27.00 15.85 35.75
CA PHE K 241 27.27 14.83 36.77
C PHE K 241 28.69 14.25 36.74
N GLN K 242 29.07 13.58 37.83
CA GLN K 242 30.36 12.95 38.03
C GLN K 242 30.17 11.56 38.62
N LYS K 243 31.12 10.65 38.35
CA LYS K 243 31.14 9.28 38.86
C LYS K 243 32.52 8.69 38.61
N TRP K 244 32.99 7.84 39.53
CA TRP K 244 34.25 7.14 39.35
C TRP K 244 34.17 5.68 39.83
N ALA K 245 34.97 4.82 39.19
CA ALA K 245 35.10 3.38 39.49
C ALA K 245 36.59 3.07 39.75
N ALA K 246 36.87 2.28 40.79
CA ALA K 246 38.23 1.89 41.18
C ALA K 246 38.50 0.42 40.89
N ARG K 256 42.37 -8.58 32.23
CA ARG K 256 41.38 -9.31 31.45
C ARG K 256 40.59 -8.36 30.52
N TYR K 257 40.07 -7.24 31.08
CA TYR K 257 39.31 -6.21 30.37
C TYR K 257 39.57 -4.80 30.92
N THR K 258 39.42 -3.77 30.05
CA THR K 258 39.66 -2.35 30.34
C THR K 258 38.42 -1.65 30.94
N CYS K 259 38.55 -0.34 31.27
CA CYS K 259 37.42 0.46 31.78
C CYS K 259 36.56 0.90 30.60
N HIS K 260 35.27 0.52 30.63
CA HIS K 260 34.33 0.90 29.57
C HIS K 260 33.21 1.79 30.08
N VAL K 261 32.94 2.89 29.34
CA VAL K 261 31.91 3.87 29.70
C VAL K 261 30.76 3.90 28.68
N GLN K 262 29.54 3.57 29.15
CA GLN K 262 28.31 3.59 28.36
C GLN K 262 27.56 4.89 28.67
N HIS K 263 27.40 5.76 27.65
CA HIS K 263 26.70 7.04 27.78
C HIS K 263 26.00 7.45 26.50
N GLU K 264 24.84 8.12 26.64
CA GLU K 264 23.96 8.63 25.58
C GLU K 264 24.68 9.54 24.58
N GLY K 265 25.60 10.38 25.07
CA GLY K 265 26.37 11.34 24.29
C GLY K 265 27.51 10.76 23.47
N LEU K 266 28.05 9.60 23.89
CA LEU K 266 29.14 8.92 23.17
C LEU K 266 28.58 8.13 21.97
N PRO K 267 29.18 8.26 20.75
CA PRO K 267 28.66 7.49 19.60
C PRO K 267 28.87 5.97 19.75
N LYS K 268 30.03 5.57 20.33
CA LYS K 268 30.40 4.18 20.58
C LYS K 268 31.14 4.08 21.94
N PRO K 269 30.99 2.98 22.73
CA PRO K 269 31.66 2.88 24.04
C PRO K 269 33.19 3.03 24.00
N LEU K 270 33.72 3.80 24.97
CA LEU K 270 35.15 4.11 25.12
C LEU K 270 35.93 3.06 25.92
N THR K 271 37.22 2.90 25.58
CA THR K 271 38.15 1.96 26.23
C THR K 271 39.34 2.71 26.87
N LEU K 272 39.66 2.38 28.14
CA LEU K 272 40.75 2.99 28.92
C LEU K 272 41.41 2.02 29.92
N ARG K 273 42.76 2.03 29.97
CA ARG K 273 43.62 1.22 30.88
C ARG K 273 45.07 1.74 30.87
N TRP K 274 45.78 1.58 32.03
CA TRP K 274 47.18 1.96 32.26
C TRP K 274 47.50 3.41 31.87
N MET L 1 8.91 3.67 62.48
CA MET L 1 9.10 4.74 61.49
C MET L 1 10.46 4.64 60.78
N ILE L 2 10.46 4.75 59.44
CA ILE L 2 11.67 4.68 58.63
C ILE L 2 12.59 5.88 58.90
N GLN L 3 13.83 5.58 59.33
CA GLN L 3 14.89 6.54 59.61
C GLN L 3 16.14 6.05 58.89
N ARG L 4 16.57 6.76 57.85
CA ARG L 4 17.76 6.39 57.07
C ARG L 4 18.88 7.40 57.33
N THR L 5 20.11 6.90 57.56
CA THR L 5 21.31 7.70 57.83
C THR L 5 21.90 8.28 56.51
N PRO L 6 22.35 9.55 56.50
CA PRO L 6 22.90 10.13 55.26
C PRO L 6 24.25 9.57 54.78
N LYS L 7 24.39 9.51 53.44
CA LYS L 7 25.60 9.15 52.71
C LYS L 7 26.25 10.49 52.38
N ILE L 8 27.55 10.65 52.67
CA ILE L 8 28.29 11.90 52.45
C ILE L 8 29.39 11.72 51.42
N GLN L 9 29.51 12.69 50.52
CA GLN L 9 30.53 12.73 49.49
C GLN L 9 31.06 14.17 49.39
N VAL L 10 32.36 14.36 49.69
CA VAL L 10 33.03 15.66 49.65
C VAL L 10 33.97 15.66 48.44
N TYR L 11 33.82 16.66 47.57
CA TYR L 11 34.56 16.77 46.30
C TYR L 11 34.44 18.18 45.69
N SER L 12 35.23 18.47 44.66
CA SER L 12 35.18 19.75 43.95
C SER L 12 34.49 19.57 42.60
N ARG L 13 33.96 20.66 42.03
CA ARG L 13 33.30 20.65 40.72
C ARG L 13 34.29 20.26 39.61
N HIS L 14 35.44 20.97 39.56
CA HIS L 14 36.50 20.76 38.55
C HIS L 14 37.69 20.07 39.21
N PRO L 15 38.63 19.44 38.44
CA PRO L 15 39.82 18.84 39.09
C PRO L 15 40.61 19.92 39.83
N ALA L 16 40.97 19.67 41.11
CA ALA L 16 41.67 20.61 41.99
C ALA L 16 42.99 21.14 41.43
N GLU L 17 43.12 22.47 41.43
CA GLU L 17 44.27 23.23 40.92
C GLU L 17 44.63 24.28 41.95
N ASN L 18 45.78 24.10 42.64
CA ASN L 18 46.24 25.05 43.66
C ASN L 18 46.35 26.46 43.08
N GLY L 19 45.69 27.41 43.74
CA GLY L 19 45.65 28.81 43.33
C GLY L 19 44.54 29.17 42.35
N LYS L 20 43.83 28.17 41.82
CA LYS L 20 42.72 28.40 40.88
C LYS L 20 41.35 28.18 41.51
N SER L 21 40.48 29.20 41.40
CA SER L 21 39.11 29.23 41.92
C SER L 21 38.30 28.01 41.45
N ASN L 22 37.52 27.44 42.36
CA ASN L 22 36.72 26.23 42.14
C ASN L 22 35.47 26.26 43.02
N PHE L 23 34.76 25.12 43.12
CA PHE L 23 33.59 24.96 43.96
C PHE L 23 33.74 23.72 44.83
N LEU L 24 33.64 23.90 46.16
CA LEU L 24 33.70 22.77 47.09
C LEU L 24 32.26 22.29 47.31
N ASN L 25 32.00 21.02 46.98
CA ASN L 25 30.68 20.35 47.10
C ASN L 25 30.66 19.29 48.18
N CYS L 26 29.53 19.25 48.93
CA CYS L 26 29.22 18.22 49.90
C CYS L 26 27.83 17.72 49.54
N TYR L 27 27.77 16.47 49.04
CA TYR L 27 26.53 15.85 48.61
C TYR L 27 26.02 14.87 49.66
N VAL L 28 24.89 15.22 50.29
CA VAL L 28 24.22 14.37 51.28
C VAL L 28 23.02 13.73 50.59
N SER L 29 22.88 12.41 50.74
CA SER L 29 21.82 11.63 50.11
C SER L 29 21.49 10.39 50.92
N GLY L 30 20.41 9.72 50.52
CA GLY L 30 19.93 8.49 51.14
C GLY L 30 19.35 8.66 52.52
N PHE L 31 19.18 9.91 53.01
CA PHE L 31 18.64 10.16 54.35
C PHE L 31 17.10 10.31 54.39
N HIS L 32 16.51 10.11 55.58
CA HIS L 32 15.10 10.25 55.92
C HIS L 32 15.02 10.28 57.45
N PRO L 33 14.38 11.27 58.11
CA PRO L 33 13.62 12.42 57.57
C PRO L 33 14.48 13.51 56.92
N SER L 34 13.83 14.58 56.45
CA SER L 34 14.44 15.68 55.71
C SER L 34 15.35 16.63 56.51
N ASP L 35 15.10 16.87 57.82
CA ASP L 35 15.91 17.77 58.65
C ASP L 35 17.37 17.32 58.73
N ILE L 36 18.30 18.20 58.33
CA ILE L 36 19.75 17.95 58.30
C ILE L 36 20.55 19.25 58.49
N GLU L 37 21.65 19.17 59.26
CA GLU L 37 22.57 20.30 59.51
C GLU L 37 23.84 19.95 58.78
N VAL L 38 24.17 20.71 57.74
CA VAL L 38 25.37 20.47 56.94
C VAL L 38 26.21 21.74 56.92
N ASP L 39 27.44 21.66 57.44
CA ASP L 39 28.40 22.76 57.42
C ASP L 39 29.62 22.39 56.60
N LEU L 40 30.14 23.34 55.83
CA LEU L 40 31.36 23.15 55.06
C LEU L 40 32.46 23.81 55.92
N LEU L 41 33.55 23.07 56.20
CA LEU L 41 34.62 23.58 57.05
C LEU L 41 35.89 23.93 56.31
N LYS L 42 36.51 25.07 56.67
CA LYS L 42 37.81 25.50 56.17
C LYS L 42 38.72 25.60 57.41
N ASN L 43 39.74 24.71 57.49
CA ASN L 43 40.70 24.60 58.61
C ASN L 43 39.99 24.45 59.96
N GLY L 44 38.96 23.59 59.98
CA GLY L 44 38.16 23.28 61.15
C GLY L 44 37.15 24.32 61.58
N GLU L 45 36.98 25.39 60.77
CA GLU L 45 36.04 26.49 61.05
C GLU L 45 34.97 26.65 59.96
N ARG L 46 33.71 26.84 60.40
CA ARG L 46 32.53 26.99 59.55
C ARG L 46 32.71 28.10 58.49
N ILE L 47 32.45 27.77 57.22
CA ILE L 47 32.48 28.73 56.10
C ILE L 47 31.12 29.46 56.10
N GLU L 48 31.15 30.81 56.16
CA GLU L 48 29.97 31.69 56.21
C GLU L 48 29.05 31.61 54.99
N LYS L 49 29.55 31.94 53.78
CA LYS L 49 28.72 31.94 52.57
C LYS L 49 28.57 30.53 51.95
N VAL L 50 27.59 29.75 52.47
CA VAL L 50 27.29 28.38 52.03
C VAL L 50 25.85 28.26 51.49
N GLU L 51 25.74 27.85 50.21
CA GLU L 51 24.47 27.66 49.50
C GLU L 51 24.13 26.18 49.36
N HIS L 52 22.83 25.87 49.24
CA HIS L 52 22.36 24.50 49.07
C HIS L 52 21.28 24.39 47.99
N SER L 53 21.20 23.22 47.36
CA SER L 53 20.20 22.90 46.33
C SER L 53 18.83 22.78 47.00
N ASP L 54 17.78 22.76 46.19
CA ASP L 54 16.40 22.61 46.67
C ASP L 54 16.15 21.16 47.03
N LEU L 55 15.45 20.91 48.14
CA LEU L 55 15.13 19.57 48.62
C LEU L 55 14.36 18.73 47.62
N SER L 56 14.93 17.57 47.27
CA SER L 56 14.32 16.60 46.36
C SER L 56 14.58 15.17 46.87
N PHE L 57 14.05 14.16 46.18
CA PHE L 57 14.19 12.78 46.65
C PHE L 57 14.34 11.78 45.52
N SER L 58 14.77 10.56 45.87
CA SER L 58 15.02 9.45 44.95
C SER L 58 13.79 8.53 44.87
N LYS L 59 13.83 7.52 43.99
CA LYS L 59 12.73 6.56 43.81
C LYS L 59 12.37 5.78 45.09
N ASP L 60 13.32 5.65 46.04
CA ASP L 60 13.12 4.98 47.32
C ASP L 60 12.62 5.94 48.42
N TRP L 61 12.30 7.21 48.04
CA TRP L 61 11.80 8.31 48.89
C TRP L 61 12.90 9.00 49.77
N SER L 62 14.14 8.49 49.71
CA SER L 62 15.24 9.07 50.49
C SER L 62 15.67 10.41 49.88
N PHE L 63 15.89 11.41 50.75
CA PHE L 63 16.23 12.78 50.39
C PHE L 63 17.66 12.98 49.94
N TYR L 64 17.89 14.10 49.21
CA TYR L 64 19.23 14.46 48.77
C TYR L 64 19.39 15.98 48.62
N LEU L 65 20.55 16.48 49.08
CA LEU L 65 20.91 17.90 49.02
C LEU L 65 22.36 18.07 48.63
N LEU L 66 22.64 19.12 47.87
CA LEU L 66 24.00 19.50 47.52
C LEU L 66 24.31 20.86 48.16
N TYR L 67 25.26 20.85 49.11
CA TYR L 67 25.77 22.06 49.76
C TYR L 67 27.06 22.43 49.05
N TYR L 68 27.28 23.74 48.80
CA TYR L 68 28.44 24.24 48.05
C TYR L 68 28.84 25.71 48.36
N THR L 69 30.11 26.04 48.07
CA THR L 69 30.76 27.36 48.23
C THR L 69 31.84 27.51 47.17
N GLU L 70 32.17 28.75 46.79
CA GLU L 70 33.29 29.03 45.89
C GLU L 70 34.54 28.90 46.78
N PHE L 71 35.62 28.28 46.27
CA PHE L 71 36.85 28.12 47.05
C PHE L 71 38.10 28.05 46.19
N THR L 72 39.24 28.47 46.75
CA THR L 72 40.52 28.41 46.06
C THR L 72 41.38 27.39 46.84
N PRO L 73 41.52 26.14 46.33
CA PRO L 73 42.32 25.16 47.06
C PRO L 73 43.82 25.51 47.10
N THR L 74 44.51 25.06 48.16
CA THR L 74 45.95 25.24 48.38
C THR L 74 46.48 23.91 48.92
N GLU L 75 47.80 23.79 49.10
CA GLU L 75 48.43 22.58 49.63
C GLU L 75 48.17 22.41 51.14
N LYS L 76 48.12 23.54 51.88
CA LYS L 76 48.01 23.60 53.33
C LYS L 76 46.58 23.60 53.89
N ASP L 77 45.64 24.32 53.24
CA ASP L 77 44.26 24.43 53.69
C ASP L 77 43.51 23.09 53.69
N GLU L 78 42.90 22.77 54.84
CA GLU L 78 42.11 21.56 55.05
C GLU L 78 40.62 21.88 54.91
N TYR L 79 39.90 21.07 54.13
CA TYR L 79 38.47 21.23 53.89
C TYR L 79 37.70 20.02 54.32
N ALA L 80 36.56 20.23 54.97
CA ALA L 80 35.71 19.15 55.45
C ALA L 80 34.22 19.48 55.34
N CYS L 81 33.35 18.50 55.67
CA CYS L 81 31.90 18.64 55.69
C CYS L 81 31.41 18.01 56.98
N ARG L 82 30.80 18.83 57.85
CA ARG L 82 30.28 18.40 59.15
C ARG L 82 28.77 18.20 59.02
N VAL L 83 28.29 16.96 59.27
CA VAL L 83 26.86 16.64 59.14
C VAL L 83 26.23 16.10 60.42
N ASN L 84 25.01 16.57 60.72
CA ASN L 84 24.21 16.07 61.82
C ASN L 84 22.79 15.79 61.34
N HIS L 85 22.22 14.69 61.86
CA HIS L 85 20.91 14.14 61.51
C HIS L 85 20.41 13.40 62.74
N VAL L 86 19.09 13.06 62.82
CA VAL L 86 18.52 12.28 63.95
C VAL L 86 19.19 10.94 64.14
N THR L 87 19.63 10.32 63.02
CA THR L 87 20.29 9.02 62.96
C THR L 87 21.73 9.06 63.50
N LEU L 88 22.30 10.27 63.69
CA LEU L 88 23.66 10.46 64.17
C LEU L 88 23.69 10.96 65.59
N SER L 89 24.32 10.18 66.48
CA SER L 89 24.55 10.45 67.90
C SER L 89 25.48 11.65 68.08
N GLN L 90 26.42 11.83 67.13
CA GLN L 90 27.39 12.91 67.11
C GLN L 90 27.66 13.35 65.65
N PRO L 91 27.93 14.66 65.39
CA PRO L 91 28.23 15.09 64.00
C PRO L 91 29.34 14.29 63.31
N LYS L 92 29.11 13.92 62.05
CA LYS L 92 30.05 13.18 61.23
C LYS L 92 30.83 14.16 60.35
N ILE L 93 32.16 14.13 60.44
CA ILE L 93 33.05 14.98 59.67
C ILE L 93 33.70 14.16 58.57
N VAL L 94 33.50 14.57 57.32
CA VAL L 94 34.08 13.90 56.17
C VAL L 94 35.06 14.89 55.55
N LYS L 95 36.35 14.51 55.55
CA LYS L 95 37.45 15.34 55.04
C LYS L 95 37.48 15.30 53.52
N TRP L 96 37.76 16.47 52.91
CA TRP L 96 37.88 16.55 51.45
C TRP L 96 39.20 15.94 51.00
N ASP L 97 39.11 15.06 50.02
CA ASP L 97 40.23 14.41 49.37
C ASP L 97 40.13 14.82 47.90
N ARG L 98 41.13 15.58 47.41
CA ARG L 98 41.20 16.07 46.02
C ARG L 98 41.29 14.95 44.97
N ASP L 99 41.71 13.74 45.39
CA ASP L 99 41.86 12.56 44.55
C ASP L 99 40.57 11.71 44.49
N MET L 100 39.54 12.13 45.25
CA MET L 100 38.24 11.46 45.32
C MET L 100 37.05 12.39 45.07
N LEU M 1 4.68 22.38 33.65
CA LEU M 1 3.49 22.95 34.27
C LEU M 1 2.95 21.94 35.29
N PRO M 2 2.76 22.34 36.57
CA PRO M 2 2.26 21.39 37.57
C PRO M 2 0.76 21.10 37.48
N PHE M 3 0.32 19.95 38.07
CA PHE M 3 -1.09 19.55 38.15
C PHE M 3 -1.78 20.61 39.00
N GLU M 4 -2.91 21.17 38.52
CA GLU M 4 -3.58 22.30 39.17
C GLU M 4 -4.76 21.98 40.09
N LYS M 5 -4.91 20.71 40.49
CA LYS M 5 -5.96 20.29 41.44
C LYS M 5 -5.33 19.59 42.63
N SER M 6 -5.91 19.77 43.81
CA SER M 6 -5.41 19.18 45.07
C SER M 6 -6.57 18.69 45.91
N THR M 7 -6.53 17.44 46.33
CA THR M 7 -7.59 16.83 47.15
C THR M 7 -6.99 16.31 48.43
N ILE M 8 -7.56 16.74 49.57
CA ILE M 8 -7.18 16.31 50.92
C ILE M 8 -7.29 14.79 51.01
N MET M 9 -6.24 14.18 51.59
CA MET M 9 -6.05 12.75 51.80
C MET M 9 -6.84 12.18 53.02
N SER N 1 -11.97 34.32 38.16
CA SER N 1 -11.52 33.79 36.87
C SER N 1 -11.56 34.86 35.77
N ALA N 2 -10.43 35.03 35.06
CA ALA N 2 -10.29 35.98 33.95
C ALA N 2 -9.72 35.28 32.72
N GLY N 3 -10.35 35.51 31.58
CA GLY N 3 -9.94 34.90 30.32
C GLY N 3 -10.77 33.73 29.88
N GLU N 4 -11.75 33.34 30.70
CA GLU N 4 -12.68 32.26 30.39
C GLU N 4 -14.10 32.78 30.32
N ASN N 5 -14.76 32.51 29.20
CA ASN N 5 -16.13 32.94 28.98
C ASN N 5 -16.86 31.79 28.33
N VAL N 6 -17.89 31.31 29.00
CA VAL N 6 -18.65 30.18 28.52
C VAL N 6 -19.99 30.68 28.01
N GLU N 7 -20.29 30.38 26.74
CA GLU N 7 -21.53 30.79 26.08
C GLU N 7 -22.37 29.57 25.71
N GLN N 8 -23.65 29.60 26.11
CA GLN N 8 -24.60 28.52 25.91
C GLN N 8 -25.59 28.82 24.76
N HIS N 9 -25.73 27.88 23.79
CA HIS N 9 -26.64 28.01 22.66
C HIS N 9 -27.57 26.78 22.52
N PRO N 10 -28.92 26.96 22.50
CA PRO N 10 -29.70 28.20 22.62
C PRO N 10 -30.01 28.59 24.07
N SER N 11 -30.54 29.80 24.30
CA SER N 11 -30.91 30.28 25.63
C SER N 11 -32.23 29.66 26.12
N THR N 12 -33.08 29.25 25.17
CA THR N 12 -34.39 28.61 25.35
C THR N 12 -34.54 27.53 24.25
N LEU N 13 -35.11 26.37 24.60
CA LEU N 13 -35.31 25.29 23.64
C LEU N 13 -36.61 24.54 23.94
N SER N 14 -37.41 24.29 22.90
CA SER N 14 -38.65 23.52 23.00
C SER N 14 -38.58 22.34 22.06
N VAL N 15 -38.70 21.15 22.64
CA VAL N 15 -38.60 19.85 21.95
C VAL N 15 -39.90 19.08 22.20
N GLN N 16 -40.31 18.23 21.26
CA GLN N 16 -41.50 17.39 21.39
C GLN N 16 -41.11 16.08 22.10
N GLU N 17 -41.97 15.58 23.01
CA GLU N 17 -41.75 14.32 23.73
C GLU N 17 -41.33 13.20 22.77
N GLY N 18 -40.25 12.51 23.10
CA GLY N 18 -39.69 11.42 22.30
C GLY N 18 -38.62 11.87 21.33
N ASP N 19 -38.57 13.18 21.02
CA ASP N 19 -37.56 13.77 20.12
C ASP N 19 -36.25 14.10 20.88
N SER N 20 -35.15 14.36 20.13
CA SER N 20 -33.84 14.67 20.71
C SER N 20 -33.63 16.15 20.98
N ALA N 21 -32.86 16.47 22.05
CA ALA N 21 -32.52 17.83 22.48
C ALA N 21 -30.99 17.98 22.53
N VAL N 22 -30.47 19.05 21.92
CA VAL N 22 -29.04 19.32 21.87
C VAL N 22 -28.74 20.75 22.33
N ILE N 23 -27.89 20.89 23.38
CA ILE N 23 -27.45 22.17 23.91
C ILE N 23 -25.94 22.25 23.72
N LYS N 24 -25.48 23.27 22.99
CA LYS N 24 -24.07 23.48 22.68
C LYS N 24 -23.47 24.59 23.55
N CYS N 25 -22.24 24.38 24.01
CA CYS N 25 -21.49 25.35 24.81
C CYS N 25 -20.14 25.59 24.21
N THR N 26 -19.73 26.86 24.22
CA THR N 26 -18.42 27.28 23.72
C THR N 26 -17.60 27.80 24.91
N TYR N 27 -16.28 27.55 24.87
CA TYR N 27 -15.33 28.03 25.87
C TYR N 27 -14.11 28.64 25.15
N SER N 28 -13.23 29.34 25.87
CA SER N 28 -12.09 30.01 25.22
C SER N 28 -10.71 29.69 25.80
N ASP N 29 -10.63 29.29 27.08
CA ASP N 29 -9.34 29.00 27.72
C ASP N 29 -8.91 27.55 27.64
N SER N 30 -7.64 27.31 27.27
CA SER N 30 -7.06 25.97 27.15
C SER N 30 -6.67 25.34 28.54
N ALA N 31 -6.83 26.11 29.64
CA ALA N 31 -6.60 25.57 30.98
C ALA N 31 -7.84 24.80 31.45
N SER N 32 -8.97 24.92 30.69
CA SER N 32 -10.23 24.23 30.96
C SER N 32 -10.09 22.77 30.56
N ASN N 33 -10.24 21.86 31.54
CA ASN N 33 -10.14 20.43 31.31
C ASN N 33 -11.32 19.71 31.95
N TYR N 34 -12.20 20.43 32.64
CA TYR N 34 -13.37 19.85 33.30
C TYR N 34 -14.61 20.58 32.81
N PHE N 35 -15.61 19.83 32.34
CA PHE N 35 -16.84 20.38 31.74
C PHE N 35 -18.11 19.74 32.29
N PRO N 36 -18.66 20.29 33.38
CA PRO N 36 -19.87 19.69 33.94
C PRO N 36 -21.16 20.22 33.33
N TRP N 37 -22.24 19.41 33.46
CA TRP N 37 -23.61 19.77 33.06
C TRP N 37 -24.51 19.60 34.27
N TYR N 38 -25.22 20.68 34.63
CA TYR N 38 -26.16 20.73 35.76
C TYR N 38 -27.59 20.93 35.28
N LYS N 39 -28.53 20.24 35.92
CA LYS N 39 -29.95 20.39 35.62
C LYS N 39 -30.60 21.03 36.83
N GLN N 40 -31.31 22.13 36.63
CA GLN N 40 -31.98 22.83 37.71
C GLN N 40 -33.47 22.99 37.46
N GLU N 41 -34.28 22.31 38.29
CA GLU N 41 -35.74 22.43 38.28
C GLU N 41 -36.12 23.72 39.01
N LEU N 42 -37.30 24.30 38.71
CA LEU N 42 -37.78 25.54 39.32
C LEU N 42 -37.85 25.46 40.85
N GLY N 43 -37.17 26.39 41.52
CA GLY N 43 -37.11 26.48 42.98
C GLY N 43 -36.26 25.43 43.66
N LYS N 44 -35.61 24.55 42.87
CA LYS N 44 -34.74 23.49 43.35
C LYS N 44 -33.25 23.76 43.02
N ARG N 45 -32.34 22.96 43.58
CA ARG N 45 -30.90 23.13 43.38
C ARG N 45 -30.38 22.57 42.03
N PRO N 46 -29.30 23.15 41.45
CA PRO N 46 -28.72 22.56 40.24
C PRO N 46 -28.09 21.20 40.61
N GLN N 47 -28.46 20.15 39.87
CA GLN N 47 -27.98 18.79 40.11
C GLN N 47 -27.06 18.35 38.99
N LEU N 48 -25.89 17.77 39.34
CA LEU N 48 -24.98 17.28 38.29
C LEU N 48 -25.60 16.05 37.62
N ILE N 49 -25.78 16.12 36.30
CA ILE N 49 -26.35 15.03 35.52
C ILE N 49 -25.29 14.25 34.75
N ILE N 50 -24.27 14.95 34.21
CA ILE N 50 -23.15 14.37 33.45
C ILE N 50 -22.00 15.39 33.39
N ASP N 51 -20.78 14.92 33.06
CA ASP N 51 -19.59 15.74 32.85
C ASP N 51 -18.59 15.06 31.93
N ILE N 52 -17.65 15.85 31.41
CA ILE N 52 -16.62 15.33 30.50
C ILE N 52 -15.28 16.01 30.78
N ARG N 53 -14.19 15.33 30.46
CA ARG N 53 -12.86 15.89 30.65
C ARG N 53 -12.15 16.01 29.30
N SER N 54 -11.12 16.87 29.24
CA SER N 54 -10.36 17.20 28.04
C SER N 54 -9.78 15.99 27.24
N ASN N 55 -9.62 14.82 27.87
CA ASN N 55 -9.05 13.62 27.24
C ASN N 55 -10.11 12.70 26.63
N VAL N 56 -11.39 13.01 26.85
CA VAL N 56 -12.52 12.22 26.37
C VAL N 56 -13.29 13.02 25.30
N GLY N 57 -13.65 12.34 24.22
CA GLY N 57 -14.39 12.89 23.09
C GLY N 57 -15.90 12.78 23.26
N GLU N 58 -16.37 11.67 23.85
CA GLU N 58 -17.79 11.44 24.13
C GLU N 58 -17.99 10.55 25.35
N LYS N 59 -19.06 10.83 26.10
CA LYS N 59 -19.43 10.07 27.29
C LYS N 59 -20.94 9.91 27.27
N LYS N 60 -21.41 8.66 27.43
CA LYS N 60 -22.84 8.34 27.41
C LYS N 60 -23.33 7.73 28.71
N ASP N 61 -24.50 8.17 29.18
CA ASP N 61 -25.19 7.67 30.36
C ASP N 61 -26.68 7.54 30.01
N GLN N 62 -27.05 6.35 29.49
CA GLN N 62 -28.41 5.98 29.07
C GLN N 62 -28.96 6.93 27.99
N ARG N 63 -29.94 7.76 28.37
CA ARG N 63 -30.59 8.72 27.47
C ARG N 63 -29.75 10.00 27.30
N ILE N 64 -28.89 10.29 28.29
CA ILE N 64 -28.06 11.48 28.26
C ILE N 64 -26.65 11.15 27.74
N ALA N 65 -26.08 12.09 26.99
CA ALA N 65 -24.75 11.97 26.41
C ALA N 65 -24.09 13.33 26.28
N VAL N 66 -22.76 13.35 26.30
CA VAL N 66 -21.98 14.58 26.19
C VAL N 66 -20.79 14.34 25.26
N THR N 67 -20.53 15.29 24.35
CA THR N 67 -19.42 15.25 23.40
C THR N 67 -18.57 16.49 23.56
N LEU N 68 -17.26 16.35 23.40
CA LEU N 68 -16.32 17.45 23.52
C LEU N 68 -15.44 17.56 22.28
N ASN N 69 -15.23 18.81 21.81
CA ASN N 69 -14.33 19.14 20.71
C ASN N 69 -13.29 20.10 21.28
N LYS N 70 -12.16 19.53 21.76
CA LYS N 70 -11.04 20.21 22.40
C LYS N 70 -10.41 21.30 21.51
N THR N 71 -10.12 20.97 20.22
CA THR N 71 -9.50 21.90 19.27
C THR N 71 -10.42 23.07 18.90
N ALA N 72 -11.72 22.79 18.67
CA ALA N 72 -12.70 23.82 18.33
C ALA N 72 -13.16 24.59 19.57
N LYS N 73 -12.98 23.99 20.76
CA LYS N 73 -13.34 24.53 22.08
C LYS N 73 -14.87 24.66 22.25
N HIS N 74 -15.58 23.57 21.96
CA HIS N 74 -17.02 23.50 22.17
C HIS N 74 -17.44 22.10 22.63
N PHE N 75 -18.52 22.02 23.40
CA PHE N 75 -19.02 20.77 23.96
C PHE N 75 -20.55 20.78 24.00
N SER N 76 -21.17 19.64 23.71
CA SER N 76 -22.63 19.57 23.64
C SER N 76 -23.23 18.51 24.54
N LEU N 77 -24.50 18.75 24.95
CA LEU N 77 -25.32 17.84 25.73
C LEU N 77 -26.39 17.30 24.77
N HIS N 78 -26.55 15.97 24.76
CA HIS N 78 -27.51 15.26 23.93
C HIS N 78 -28.49 14.51 24.82
N ILE N 79 -29.76 14.93 24.79
CA ILE N 79 -30.83 14.25 25.53
C ILE N 79 -31.67 13.48 24.49
N THR N 80 -31.54 12.16 24.49
CA THR N 80 -32.27 11.31 23.55
C THR N 80 -33.62 10.89 24.17
N GLU N 81 -34.68 10.76 23.32
CA GLU N 81 -36.04 10.34 23.71
C GLU N 81 -36.56 11.16 24.90
N THR N 82 -36.59 12.49 24.73
CA THR N 82 -36.98 13.45 25.79
C THR N 82 -38.32 13.14 26.42
N GLN N 83 -38.35 13.21 27.75
CA GLN N 83 -39.53 13.00 28.60
C GLN N 83 -39.93 14.37 29.17
N PRO N 84 -41.22 14.62 29.54
CA PRO N 84 -41.59 15.93 30.11
C PRO N 84 -40.83 16.32 31.38
N GLU N 85 -40.32 15.30 32.12
CA GLU N 85 -39.55 15.42 33.37
C GLU N 85 -38.16 16.03 33.15
N ASP N 86 -37.70 16.09 31.88
CA ASP N 86 -36.44 16.68 31.49
C ASP N 86 -36.55 18.21 31.40
N SER N 87 -37.80 18.75 31.44
CA SER N 87 -38.02 20.19 31.40
C SER N 87 -37.36 20.84 32.62
N ALA N 88 -36.35 21.68 32.38
CA ALA N 88 -35.56 22.39 33.40
C ALA N 88 -34.63 23.42 32.77
N VAL N 89 -33.88 24.14 33.62
CA VAL N 89 -32.84 25.05 33.18
C VAL N 89 -31.53 24.23 33.26
N TYR N 90 -30.82 24.10 32.15
CA TYR N 90 -29.56 23.35 32.07
C TYR N 90 -28.39 24.30 32.03
N PHE N 91 -27.33 23.99 32.77
CA PHE N 91 -26.12 24.82 32.79
C PHE N 91 -24.90 24.00 32.47
N CYS N 92 -24.00 24.59 31.70
CA CYS N 92 -22.71 24.01 31.41
C CYS N 92 -21.66 24.89 32.10
N ALA N 93 -20.47 24.33 32.37
CA ALA N 93 -19.38 25.09 32.96
C ALA N 93 -18.02 24.60 32.46
N ALA N 94 -16.97 25.38 32.72
CA ALA N 94 -15.58 25.06 32.40
C ALA N 94 -14.73 25.53 33.59
N ASP N 95 -13.52 24.99 33.78
CA ASP N 95 -12.68 25.36 34.93
C ASP N 95 -11.43 26.19 34.63
N GLY N 96 -11.26 26.65 33.39
CA GLY N 96 -10.07 27.42 33.00
C GLY N 96 -10.05 28.86 33.45
N GLY N 97 -9.15 29.63 32.86
CA GLY N 97 -9.02 31.05 33.21
C GLY N 97 -7.99 31.30 34.28
N ALA N 98 -7.51 32.53 34.34
CA ALA N 98 -6.50 32.99 35.26
C ALA N 98 -7.18 33.59 36.50
N GLY N 99 -6.41 33.95 37.51
CA GLY N 99 -6.95 34.51 38.74
C GLY N 99 -7.62 33.49 39.66
N SER N 100 -8.51 34.00 40.52
CA SER N 100 -9.26 33.23 41.50
C SER N 100 -9.92 31.99 40.89
N TYR N 101 -9.70 30.82 41.51
CA TYR N 101 -10.29 29.56 41.05
C TYR N 101 -11.81 29.59 41.23
N GLN N 102 -12.53 29.00 40.26
CA GLN N 102 -14.01 28.90 40.19
C GLN N 102 -14.39 28.25 38.89
N LEU N 103 -15.64 27.77 38.82
CA LEU N 103 -16.21 27.26 37.59
C LEU N 103 -16.82 28.47 36.88
N THR N 104 -16.65 28.57 35.56
CA THR N 104 -17.28 29.62 34.74
C THR N 104 -18.53 28.99 34.14
N PHE N 105 -19.70 29.41 34.63
CA PHE N 105 -20.99 28.85 34.18
C PHE N 105 -21.55 29.58 32.99
N GLY N 106 -22.32 28.86 32.17
CA GLY N 106 -23.09 29.42 31.07
C GLY N 106 -24.27 30.16 31.65
N LYS N 107 -24.96 31.00 30.85
CA LYS N 107 -26.10 31.75 31.38
C LYS N 107 -27.39 30.90 31.49
N GLY N 108 -27.35 29.67 30.97
CA GLY N 108 -28.44 28.71 31.07
C GLY N 108 -29.26 28.49 29.82
N THR N 109 -29.95 27.34 29.78
CA THR N 109 -30.85 26.94 28.70
C THR N 109 -32.13 26.43 29.31
N LYS N 110 -33.27 27.08 29.02
CA LYS N 110 -34.57 26.62 29.51
C LYS N 110 -35.11 25.63 28.49
N LEU N 111 -35.06 24.33 28.82
CA LEU N 111 -35.56 23.27 27.95
C LEU N 111 -37.02 22.96 28.33
N SER N 112 -37.92 23.00 27.35
CA SER N 112 -39.33 22.68 27.54
C SER N 112 -39.67 21.43 26.73
N VAL N 113 -39.92 20.32 27.42
CA VAL N 113 -40.32 19.10 26.72
C VAL N 113 -41.85 19.05 26.65
N ILE N 114 -42.38 19.16 25.42
CA ILE N 114 -43.81 19.20 25.11
C ILE N 114 -44.41 17.78 25.19
N PRO N 115 -45.35 17.50 26.13
CA PRO N 115 -45.91 16.14 26.22
C PRO N 115 -46.81 15.75 25.02
N ASN N 116 -46.75 14.48 24.62
CA ASN N 116 -47.54 13.99 23.50
C ASN N 116 -48.91 13.49 23.98
N ILE N 117 -49.97 14.29 23.69
CA ILE N 117 -51.36 13.97 24.04
C ILE N 117 -51.92 13.09 22.92
N GLN N 118 -51.99 11.77 23.18
CA GLN N 118 -52.44 10.76 22.21
C GLN N 118 -53.89 10.94 21.74
N ASN N 119 -54.84 10.99 22.69
CA ASN N 119 -56.25 11.15 22.34
C ASN N 119 -56.86 12.41 22.97
N PRO N 120 -56.66 13.60 22.33
CA PRO N 120 -57.23 14.83 22.88
C PRO N 120 -58.76 14.78 22.88
N ASP N 121 -59.35 15.32 23.96
CA ASP N 121 -60.78 15.40 24.18
C ASP N 121 -61.05 16.65 25.04
N PRO N 122 -60.73 17.86 24.51
CA PRO N 122 -60.91 19.08 25.33
C PRO N 122 -62.30 19.26 25.90
N ALA N 123 -62.37 19.76 27.14
CA ALA N 123 -63.61 20.01 27.87
C ALA N 123 -63.38 20.98 29.01
N VAL N 124 -64.44 21.73 29.37
CA VAL N 124 -64.43 22.67 30.51
C VAL N 124 -65.50 22.18 31.49
N TYR N 125 -65.06 21.56 32.61
CA TYR N 125 -65.95 21.03 33.65
C TYR N 125 -66.08 21.99 34.82
N GLN N 126 -67.23 21.97 35.49
CA GLN N 126 -67.48 22.76 36.69
C GLN N 126 -67.37 21.81 37.86
N LEU N 127 -66.65 22.21 38.90
CA LEU N 127 -66.38 21.40 40.07
C LEU N 127 -66.82 22.16 41.29
N ARG N 128 -67.64 21.54 42.15
CA ARG N 128 -68.13 22.22 43.35
C ARG N 128 -67.27 21.91 44.57
N ASP N 129 -67.15 22.91 45.47
CA ASP N 129 -66.41 22.80 46.73
C ASP N 129 -67.04 21.71 47.62
N SER N 130 -66.19 20.88 48.25
CA SER N 130 -66.64 19.79 49.12
C SER N 130 -67.29 20.31 50.40
N LYS N 131 -66.69 21.37 51.01
CA LYS N 131 -67.15 21.97 52.26
C LYS N 131 -68.23 23.03 52.09
N SER N 132 -68.25 23.73 50.94
CA SER N 132 -69.24 24.79 50.69
C SER N 132 -70.03 24.63 49.41
N SER N 133 -71.29 25.07 49.44
CA SER N 133 -72.18 25.08 48.29
C SER N 133 -72.02 26.45 47.61
N ASP N 134 -72.36 26.55 46.30
CA ASP N 134 -72.29 27.76 45.47
C ASP N 134 -70.85 28.31 45.35
N LYS N 135 -69.86 27.45 45.63
CA LYS N 135 -68.42 27.72 45.52
C LYS N 135 -67.89 26.71 44.51
N SER N 136 -67.39 27.19 43.36
CA SER N 136 -66.91 26.32 42.28
C SER N 136 -65.68 26.85 41.52
N VAL N 137 -65.06 25.95 40.74
CA VAL N 137 -63.92 26.22 39.85
C VAL N 137 -64.18 25.62 38.47
N CYS N 138 -63.59 26.22 37.41
CA CYS N 138 -63.67 25.72 36.04
C CYS N 138 -62.39 24.95 35.77
N LEU N 139 -62.52 23.72 35.26
CA LEU N 139 -61.36 22.92 34.91
C LEU N 139 -61.35 22.63 33.42
N PHE N 140 -60.41 23.24 32.70
CA PHE N 140 -60.18 23.00 31.28
C PHE N 140 -59.18 21.86 31.27
N THR N 141 -59.56 20.72 30.72
CA THR N 141 -58.69 19.52 30.70
C THR N 141 -58.75 18.79 29.36
N ASP N 142 -57.82 17.82 29.18
CA ASP N 142 -57.69 16.87 28.06
C ASP N 142 -57.45 17.52 26.68
N PHE N 143 -57.11 18.81 26.65
CA PHE N 143 -56.76 19.54 25.45
C PHE N 143 -55.34 19.14 25.03
N ASP N 144 -55.03 19.24 23.71
CA ASP N 144 -53.70 18.90 23.18
C ASP N 144 -52.67 19.96 23.63
N SER N 145 -51.38 19.59 23.63
CA SER N 145 -50.28 20.45 24.09
C SER N 145 -50.07 21.73 23.26
N GLN N 146 -50.55 21.78 22.00
CA GLN N 146 -50.47 22.97 21.15
C GLN N 146 -51.50 24.07 21.51
N THR N 147 -52.40 23.79 22.48
CA THR N 147 -53.46 24.72 22.94
C THR N 147 -52.88 25.81 23.87
N ASN N 148 -53.36 27.05 23.67
CA ASN N 148 -52.95 28.21 24.48
C ASN N 148 -53.95 28.46 25.60
N VAL N 149 -53.43 28.71 26.81
CA VAL N 149 -54.26 29.05 27.95
C VAL N 149 -53.84 30.47 28.35
N SER N 150 -54.56 31.45 27.82
CA SER N 150 -54.25 32.86 28.07
C SER N 150 -55.16 33.45 29.14
N GLN N 151 -54.71 34.57 29.74
CA GLN N 151 -55.40 35.31 30.77
C GLN N 151 -56.69 35.94 30.25
N SER N 152 -57.65 36.19 31.16
CA SER N 152 -58.90 36.84 30.80
C SER N 152 -58.70 38.35 30.84
N LYS N 153 -59.48 39.09 30.01
CA LYS N 153 -59.47 40.55 29.94
C LYS N 153 -59.96 41.14 31.27
N ASP N 154 -60.82 40.39 31.99
CA ASP N 154 -61.36 40.75 33.31
C ASP N 154 -60.26 40.70 34.39
N SER N 155 -60.43 41.51 35.44
CA SER N 155 -59.50 41.63 36.58
C SER N 155 -59.83 40.66 37.71
N ASP N 156 -61.14 40.39 37.94
CA ASP N 156 -61.62 39.47 38.98
C ASP N 156 -61.74 38.01 38.50
N VAL N 157 -61.21 37.71 37.31
CA VAL N 157 -61.19 36.35 36.74
C VAL N 157 -59.74 35.85 36.70
N TYR N 158 -59.42 34.83 37.52
CA TYR N 158 -58.10 34.24 37.63
C TYR N 158 -58.04 32.94 36.85
N ILE N 159 -57.12 32.83 35.87
CA ILE N 159 -56.90 31.64 35.04
C ILE N 159 -55.45 31.20 35.18
N THR N 160 -55.22 29.92 35.53
CA THR N 160 -53.87 29.38 35.70
C THR N 160 -53.26 29.00 34.35
N ASP N 161 -51.97 28.65 34.35
CA ASP N 161 -51.26 28.21 33.16
C ASP N 161 -51.52 26.71 32.97
N LYS N 162 -51.09 26.15 31.83
CA LYS N 162 -51.14 24.72 31.50
C LYS N 162 -50.34 23.99 32.55
N CYS N 163 -50.72 22.75 32.82
CA CYS N 163 -50.05 21.92 33.80
C CYS N 163 -50.34 20.46 33.40
N VAL N 164 -49.31 19.61 33.33
CA VAL N 164 -49.49 18.21 32.94
C VAL N 164 -49.26 17.24 34.12
N LEU N 165 -50.20 16.31 34.29
CA LEU N 165 -50.14 15.24 35.29
C LEU N 165 -49.92 13.91 34.57
N ASP N 166 -49.29 12.95 35.24
CA ASP N 166 -49.04 11.64 34.65
C ASP N 166 -49.56 10.55 35.58
N MET N 167 -50.57 9.81 35.11
CA MET N 167 -51.16 8.68 35.81
C MET N 167 -50.32 7.49 35.31
N ARG N 168 -49.18 7.27 35.99
CA ARG N 168 -48.15 6.28 35.67
C ARG N 168 -48.67 4.85 35.49
N SER N 169 -49.58 4.41 36.37
CA SER N 169 -50.20 3.07 36.37
C SER N 169 -50.98 2.78 35.07
N MET N 170 -51.62 3.80 34.49
CA MET N 170 -52.44 3.68 33.28
C MET N 170 -51.72 4.11 31.98
N ASP N 171 -50.43 4.55 32.08
CA ASP N 171 -49.60 5.05 30.96
C ASP N 171 -50.35 6.24 30.30
N PHE N 172 -50.84 7.17 31.14
CA PHE N 172 -51.65 8.29 30.71
C PHE N 172 -51.16 9.64 31.18
N LYS N 173 -51.16 10.63 30.27
CA LYS N 173 -50.76 12.01 30.52
C LYS N 173 -51.88 12.94 30.05
N SER N 174 -52.17 14.01 30.81
CA SER N 174 -53.20 14.98 30.44
C SER N 174 -52.91 16.39 30.92
N ASN N 175 -53.17 17.38 30.05
CA ASN N 175 -53.02 18.80 30.38
C ASN N 175 -54.26 19.29 31.07
N SER N 176 -54.12 20.35 31.89
CA SER N 176 -55.20 20.97 32.65
C SER N 176 -54.82 22.38 33.07
N ALA N 177 -55.82 23.25 33.18
CA ALA N 177 -55.71 24.62 33.66
C ALA N 177 -56.98 24.92 34.45
N VAL N 178 -56.88 25.78 35.45
CA VAL N 178 -57.99 26.08 36.36
C VAL N 178 -58.37 27.55 36.31
N ALA N 179 -59.68 27.83 36.42
CA ALA N 179 -60.20 29.20 36.44
C ALA N 179 -61.25 29.39 37.53
N TRP N 180 -61.28 30.58 38.13
CA TRP N 180 -62.24 30.93 39.17
C TRP N 180 -62.39 32.45 39.28
N SER N 181 -63.49 32.87 39.89
CA SER N 181 -63.84 34.27 40.13
C SER N 181 -64.73 34.29 41.36
N ASN N 182 -64.68 35.38 42.14
CA ASN N 182 -65.56 35.49 43.31
C ASN N 182 -66.75 36.42 43.00
N LYS N 183 -67.27 36.30 41.76
CA LYS N 183 -68.41 37.07 41.25
C LYS N 183 -69.58 36.14 40.93
N SER N 184 -70.81 36.63 41.17
CA SER N 184 -72.07 35.89 40.93
C SER N 184 -72.37 35.77 39.43
N ASP N 185 -71.91 36.75 38.63
CA ASP N 185 -72.09 36.81 37.17
C ASP N 185 -70.95 36.10 36.41
N PHE N 186 -70.48 34.95 36.94
CA PHE N 186 -69.39 34.18 36.32
C PHE N 186 -69.80 32.75 35.98
N ALA N 187 -69.53 32.34 34.73
CA ALA N 187 -69.85 31.01 34.20
C ALA N 187 -68.66 30.36 33.48
N CYS N 188 -68.54 29.02 33.62
CA CYS N 188 -67.48 28.19 33.02
C CYS N 188 -67.48 28.23 31.51
N ALA N 189 -68.70 28.30 30.91
CA ALA N 189 -68.99 28.29 29.48
C ALA N 189 -67.99 29.05 28.59
N ASN N 190 -67.67 30.31 28.94
CA ASN N 190 -66.76 31.12 28.15
C ASN N 190 -65.54 31.67 28.93
N ALA N 191 -65.16 31.01 30.06
CA ALA N 191 -64.04 31.41 30.92
C ALA N 191 -62.68 31.35 30.22
N PHE N 192 -62.48 30.32 29.37
CA PHE N 192 -61.24 30.07 28.63
C PHE N 192 -61.34 30.54 27.17
N ASN N 193 -62.41 31.28 26.84
CA ASN N 193 -62.68 31.79 25.48
C ASN N 193 -62.61 33.32 25.39
N ASN N 194 -61.93 33.97 26.36
CA ASN N 194 -61.78 35.43 26.44
C ASN N 194 -60.30 35.83 26.55
N SER N 195 -59.49 35.41 25.55
CA SER N 195 -58.05 35.67 25.51
C SER N 195 -57.68 37.10 25.08
N ILE N 196 -56.55 37.62 25.63
CA ILE N 196 -56.05 38.99 25.41
C ILE N 196 -55.32 39.16 24.07
N ILE N 197 -55.44 40.38 23.51
CA ILE N 197 -54.80 40.83 22.27
C ILE N 197 -54.03 42.15 22.53
N PRO N 198 -53.01 42.52 21.71
CA PRO N 198 -52.25 43.76 22.00
C PRO N 198 -53.05 45.05 22.08
N ALA O 1 -21.78 12.81 47.84
CA ALA O 1 -21.30 14.01 48.54
C ALA O 1 -22.35 15.14 48.57
N VAL O 2 -23.08 15.24 49.69
CA VAL O 2 -24.13 16.26 49.86
C VAL O 2 -23.55 17.52 50.57
N VAL O 3 -24.10 18.68 50.19
CA VAL O 3 -23.82 20.00 50.73
C VAL O 3 -25.18 20.48 51.18
N SER O 4 -25.28 21.11 52.35
CA SER O 4 -26.57 21.58 52.81
C SER O 4 -26.53 22.99 53.35
N GLN O 5 -27.70 23.57 53.59
CA GLN O 5 -27.85 24.94 54.07
C GLN O 5 -28.92 25.05 55.14
N HIS O 6 -28.71 25.97 56.07
CA HIS O 6 -29.67 26.31 57.11
C HIS O 6 -29.60 27.82 57.38
N PRO O 7 -30.74 28.55 57.38
CA PRO O 7 -32.12 28.11 57.15
C PRO O 7 -32.46 27.89 55.69
N SER O 8 -33.62 27.29 55.41
CA SER O 8 -34.09 27.00 54.05
C SER O 8 -34.97 28.15 53.50
N ARG O 9 -35.70 28.82 54.40
CA ARG O 9 -36.61 29.94 54.11
C ARG O 9 -36.48 30.93 55.25
N VAL O 10 -36.56 32.23 54.94
CA VAL O 10 -36.47 33.32 55.91
C VAL O 10 -37.46 34.42 55.52
N ILE O 11 -38.38 34.75 56.42
CA ILE O 11 -39.30 35.89 56.27
C ILE O 11 -38.90 36.80 57.42
N CYS O 12 -38.36 37.98 57.10
CA CYS O 12 -37.90 38.93 58.11
C CYS O 12 -38.20 40.39 57.78
N LYS O 13 -38.21 41.23 58.82
CA LYS O 13 -38.43 42.68 58.74
C LYS O 13 -37.16 43.37 58.21
N SER O 14 -37.31 44.54 57.61
CA SER O 14 -36.18 45.34 57.13
C SER O 14 -35.26 45.76 58.29
N GLY O 15 -33.97 45.85 58.01
CA GLY O 15 -32.94 46.23 58.97
C GLY O 15 -32.29 45.07 59.72
N THR O 16 -32.96 43.92 59.79
CA THR O 16 -32.47 42.72 60.48
C THR O 16 -31.32 42.02 59.71
N SER O 17 -30.46 41.30 60.43
CA SER O 17 -29.34 40.55 59.85
C SER O 17 -29.70 39.08 59.71
N VAL O 18 -29.50 38.51 58.52
CA VAL O 18 -29.82 37.11 58.26
C VAL O 18 -28.55 36.34 57.91
N LYS O 19 -28.18 35.40 58.78
CA LYS O 19 -27.01 34.54 58.61
C LYS O 19 -27.46 33.23 57.99
N ILE O 20 -26.78 32.80 56.91
CA ILE O 20 -27.04 31.56 56.20
C ILE O 20 -25.81 30.68 56.34
N GLU O 21 -26.00 29.40 56.69
CA GLU O 21 -24.94 28.40 56.83
C GLU O 21 -24.82 27.55 55.56
N CYS O 22 -23.60 27.22 55.15
CA CYS O 22 -23.32 26.29 54.04
C CYS O 22 -22.42 25.22 54.64
N ARG O 23 -22.87 23.96 54.61
CA ARG O 23 -22.13 22.86 55.23
C ARG O 23 -21.88 21.70 54.29
N SER O 24 -20.64 21.19 54.26
CA SER O 24 -20.28 19.99 53.53
C SER O 24 -20.46 18.86 54.55
N LEU O 25 -21.49 18.06 54.34
CA LEU O 25 -21.89 16.99 55.24
C LEU O 25 -20.95 15.78 55.31
N ASP O 26 -20.32 15.38 54.18
CA ASP O 26 -19.47 14.18 54.21
C ASP O 26 -18.05 14.36 53.61
N PHE O 27 -17.56 15.61 53.52
CA PHE O 27 -16.23 15.92 53.00
C PHE O 27 -15.72 17.22 53.56
N GLN O 28 -14.40 17.41 53.50
CA GLN O 28 -13.75 18.63 53.94
C GLN O 28 -13.60 19.56 52.71
N ALA O 29 -13.94 20.84 52.88
CA ALA O 29 -13.87 21.86 51.84
C ALA O 29 -13.04 23.04 52.29
N THR O 30 -11.97 23.34 51.54
CA THR O 30 -11.13 24.52 51.77
C THR O 30 -11.80 25.74 51.14
N THR O 31 -12.72 25.52 50.18
CA THR O 31 -13.38 26.58 49.43
C THR O 31 -14.88 26.33 49.25
N MET O 32 -15.68 27.39 49.43
CA MET O 32 -17.14 27.36 49.16
C MET O 32 -17.53 28.58 48.31
N PHE O 33 -18.49 28.41 47.42
CA PHE O 33 -18.98 29.45 46.52
C PHE O 33 -20.40 29.85 46.86
N TRP O 34 -20.69 31.17 46.87
CA TRP O 34 -22.00 31.74 47.18
C TRP O 34 -22.62 32.44 45.97
N TYR O 35 -23.84 32.01 45.60
CA TYR O 35 -24.57 32.48 44.44
C TYR O 35 -25.88 33.14 44.81
N ARG O 36 -26.40 33.92 43.87
CA ARG O 36 -27.66 34.63 43.96
C ARG O 36 -28.44 34.36 42.67
N GLN O 37 -29.71 34.01 42.79
CA GLN O 37 -30.56 33.77 41.65
C GLN O 37 -31.80 34.61 41.85
N PHE O 38 -32.06 35.58 41.00
CA PHE O 38 -33.20 36.47 41.18
C PHE O 38 -34.26 36.08 40.18
N PRO O 39 -35.18 37.07 39.80
CA PRO O 39 -36.15 36.65 38.78
C PRO O 39 -35.42 35.99 37.62
N LYS O 40 -34.20 36.45 37.38
CA LYS O 40 -33.33 35.91 36.36
C LYS O 40 -32.89 34.49 36.68
N GLN O 41 -32.97 33.63 35.68
CA GLN O 41 -32.58 32.25 35.81
C GLN O 41 -31.11 31.96 36.15
N SER O 42 -30.18 32.75 35.62
CA SER O 42 -28.74 32.53 35.72
C SER O 42 -28.16 32.63 37.14
N LEU O 43 -27.14 31.79 37.40
CA LEU O 43 -26.39 31.71 38.65
C LEU O 43 -25.36 32.84 38.73
N MET O 44 -25.65 33.85 39.56
CA MET O 44 -24.76 35.00 39.75
C MET O 44 -23.86 34.75 40.96
N LEU O 45 -22.56 34.44 40.71
CA LEU O 45 -21.57 34.24 41.77
C LEU O 45 -21.31 35.56 42.46
N MET O 46 -21.44 35.58 43.80
CA MET O 46 -21.24 36.78 44.61
C MET O 46 -19.85 36.78 45.23
N ALA O 47 -19.47 35.64 45.87
CA ALA O 47 -18.20 35.49 46.54
C ALA O 47 -17.73 34.06 46.70
N THR O 48 -16.41 33.93 46.89
CA THR O 48 -15.72 32.68 47.14
C THR O 48 -15.17 32.74 48.54
N SER O 49 -15.65 31.83 49.39
CA SER O 49 -15.23 31.65 50.77
C SER O 49 -13.95 30.80 50.77
N ASN O 50 -12.87 31.30 51.39
CA ASN O 50 -11.59 30.60 51.44
C ASN O 50 -11.19 30.29 52.87
N GLU O 51 -10.80 29.05 53.15
CA GLU O 51 -10.37 28.66 54.49
C GLU O 51 -9.00 29.29 54.80
N GLY O 52 -8.89 29.94 55.95
CA GLY O 52 -7.68 30.63 56.39
C GLY O 52 -7.31 31.89 55.61
N SER O 53 -8.27 32.46 54.84
CA SER O 53 -8.09 33.68 54.04
C SER O 53 -9.41 34.45 53.91
N LYS O 54 -9.33 35.74 53.55
CA LYS O 54 -10.52 36.55 53.39
C LYS O 54 -11.24 36.24 52.08
N ALA O 55 -12.57 36.38 52.09
CA ALA O 55 -13.44 36.12 50.94
C ALA O 55 -13.06 36.93 49.69
N THR O 56 -13.25 36.33 48.51
CA THR O 56 -12.98 36.94 47.22
C THR O 56 -14.35 37.35 46.72
N TYR O 57 -14.65 38.66 46.71
CA TYR O 57 -15.94 39.16 46.24
C TYR O 57 -15.90 39.42 44.75
N GLU O 58 -17.03 39.17 44.09
CA GLU O 58 -17.17 39.43 42.68
C GLU O 58 -17.48 40.91 42.45
N GLN O 59 -17.36 41.36 41.19
CA GLN O 59 -17.60 42.71 40.72
C GLN O 59 -18.99 43.19 41.10
N GLY O 60 -19.04 44.37 41.73
CA GLY O 60 -20.27 45.02 42.15
C GLY O 60 -21.05 44.29 43.23
N VAL O 61 -20.33 43.70 44.20
CA VAL O 61 -20.93 42.99 45.33
C VAL O 61 -20.41 43.69 46.59
N GLU O 62 -21.31 44.38 47.30
CA GLU O 62 -20.99 45.15 48.50
C GLU O 62 -20.50 44.23 49.61
N LYS O 63 -19.21 44.35 49.94
CA LYS O 63 -18.52 43.54 50.96
C LYS O 63 -19.10 43.73 52.37
N ASP O 64 -19.64 44.92 52.67
CA ASP O 64 -20.24 45.27 53.96
C ASP O 64 -21.69 44.80 54.07
N LYS O 65 -22.38 44.63 52.92
CA LYS O 65 -23.75 44.14 52.86
C LYS O 65 -23.78 42.61 53.00
N PHE O 66 -22.79 41.92 52.39
CA PHE O 66 -22.68 40.47 52.41
C PHE O 66 -21.38 40.03 53.08
N LEU O 67 -21.46 39.60 54.36
CA LEU O 67 -20.29 39.15 55.11
C LEU O 67 -20.12 37.63 54.93
N ILE O 68 -19.00 37.21 54.35
CA ILE O 68 -18.68 35.79 54.13
C ILE O 68 -17.56 35.36 55.08
N ASN O 69 -17.81 34.28 55.84
CA ASN O 69 -16.86 33.74 56.81
C ASN O 69 -16.71 32.24 56.64
N HIS O 70 -15.47 31.78 56.38
CA HIS O 70 -15.15 30.36 56.28
C HIS O 70 -14.75 29.93 57.68
N ALA O 71 -15.75 29.42 58.42
CA ALA O 71 -15.65 29.00 59.81
C ALA O 71 -14.68 27.85 60.03
N SER O 72 -14.77 26.78 59.23
CA SER O 72 -13.96 25.58 59.37
C SER O 72 -13.78 24.91 58.00
N LEU O 73 -13.18 23.69 57.99
CA LEU O 73 -13.01 22.89 56.78
C LEU O 73 -14.33 22.27 56.35
N THR O 74 -15.43 22.60 57.03
CA THR O 74 -16.72 22.03 56.71
C THR O 74 -17.85 23.10 56.62
N LEU O 75 -17.60 24.33 57.13
CA LEU O 75 -18.63 25.38 57.20
C LEU O 75 -18.16 26.78 56.74
N SER O 76 -19.04 27.42 56.00
CA SER O 76 -18.91 28.78 55.50
C SER O 76 -20.27 29.45 55.74
N THR O 77 -20.24 30.74 56.10
CA THR O 77 -21.47 31.51 56.36
C THR O 77 -21.56 32.77 55.52
N LEU O 78 -22.78 33.15 55.17
CA LEU O 78 -23.09 34.36 54.42
C LEU O 78 -24.08 35.12 55.28
N THR O 79 -23.70 36.33 55.72
CA THR O 79 -24.56 37.19 56.53
C THR O 79 -25.03 38.36 55.68
N VAL O 80 -26.36 38.47 55.50
CA VAL O 80 -26.97 39.58 54.78
C VAL O 80 -27.30 40.59 55.89
N THR O 81 -26.45 41.61 56.05
CA THR O 81 -26.58 42.64 57.08
C THR O 81 -27.58 43.70 56.65
N SER O 82 -28.37 44.24 57.61
CA SER O 82 -29.40 45.28 57.41
C SER O 82 -30.29 44.95 56.20
N ALA O 83 -30.86 43.73 56.19
CA ALA O 83 -31.70 43.25 55.08
C ALA O 83 -32.83 44.20 54.71
N HIS O 84 -32.99 44.43 53.40
CA HIS O 84 -34.01 45.31 52.83
C HIS O 84 -34.71 44.57 51.69
N PRO O 85 -35.98 44.93 51.32
CA PRO O 85 -36.70 44.15 50.29
C PRO O 85 -35.98 43.86 48.98
N GLU O 86 -35.03 44.71 48.58
CA GLU O 86 -34.23 44.52 47.37
C GLU O 86 -33.25 43.33 47.48
N ASP O 87 -32.96 42.86 48.72
CA ASP O 87 -32.09 41.70 49.01
C ASP O 87 -32.84 40.38 48.90
N SER O 88 -34.19 40.40 48.94
CA SER O 88 -35.05 39.21 48.82
C SER O 88 -34.64 38.45 47.58
N SER O 89 -34.04 37.27 47.77
CA SER O 89 -33.54 36.46 46.66
C SER O 89 -33.39 34.99 47.09
N PHE O 90 -32.91 34.16 46.17
CA PHE O 90 -32.62 32.75 46.40
C PHE O 90 -31.10 32.66 46.50
N TYR O 91 -30.58 32.43 47.72
CA TYR O 91 -29.14 32.35 48.00
C TYR O 91 -28.72 30.91 48.06
N ILE O 92 -27.83 30.50 47.16
CA ILE O 92 -27.40 29.11 47.06
C ILE O 92 -25.87 28.98 47.08
N CYS O 93 -25.35 28.01 47.84
CA CYS O 93 -23.91 27.76 47.93
C CYS O 93 -23.54 26.47 47.20
N SER O 94 -22.25 26.29 46.93
CA SER O 94 -21.68 25.06 46.40
C SER O 94 -20.32 24.81 47.02
N ALA O 95 -19.94 23.55 47.12
CA ALA O 95 -18.66 23.11 47.65
C ALA O 95 -18.34 21.80 46.97
N GLY O 96 -17.05 21.49 46.94
CA GLY O 96 -16.56 20.26 46.34
C GLY O 96 -15.32 19.79 47.06
N PRO O 97 -15.04 18.46 47.03
CA PRO O 97 -13.87 17.94 47.76
C PRO O 97 -12.50 18.33 47.20
N THR O 98 -12.44 18.69 45.90
CA THR O 98 -11.21 19.07 45.20
C THR O 98 -10.94 20.58 45.28
N SER O 99 -9.72 20.93 45.74
CA SER O 99 -9.22 22.31 45.84
C SER O 99 -8.42 22.64 44.58
N GLY O 100 -8.04 23.90 44.43
CA GLY O 100 -7.28 24.34 43.26
C GLY O 100 -8.25 24.63 42.13
N ARG O 101 -7.85 24.34 40.88
CA ARG O 101 -8.71 24.57 39.72
C ARG O 101 -10.01 23.80 39.95
N THR O 102 -11.14 24.53 40.07
CA THR O 102 -12.44 23.99 40.49
C THR O 102 -12.87 22.80 39.69
N ASP O 103 -13.29 21.74 40.41
CA ASP O 103 -13.76 20.51 39.83
C ASP O 103 -15.25 20.33 40.16
N THR O 104 -15.72 19.08 40.36
CA THR O 104 -17.12 18.78 40.69
C THR O 104 -17.63 19.60 41.85
N GLN O 105 -18.76 20.26 41.65
CA GLN O 105 -19.38 21.11 42.67
C GLN O 105 -20.76 20.63 43.03
N TYR O 106 -21.03 20.56 44.33
CA TYR O 106 -22.29 20.07 44.87
C TYR O 106 -22.97 21.25 45.51
N PHE O 107 -24.21 21.53 45.08
CA PHE O 107 -24.99 22.66 45.55
C PHE O 107 -25.80 22.34 46.78
N GLY O 108 -26.02 23.36 47.60
CA GLY O 108 -26.90 23.27 48.76
C GLY O 108 -28.35 23.44 48.30
N PRO O 109 -29.36 23.29 49.18
CA PRO O 109 -30.75 23.41 48.70
C PRO O 109 -31.15 24.82 48.28
N GLY O 110 -30.42 25.81 48.79
CA GLY O 110 -30.72 27.22 48.57
C GLY O 110 -31.54 27.75 49.74
N THR O 111 -31.47 29.06 49.95
CA THR O 111 -32.21 29.77 50.99
C THR O 111 -33.06 30.81 50.32
N ARG O 112 -34.39 30.68 50.46
CA ARG O 112 -35.32 31.66 49.91
C ARG O 112 -35.46 32.77 50.95
N LEU O 113 -34.84 33.92 50.69
CA LEU O 113 -34.94 35.04 51.63
C LEU O 113 -35.98 36.05 51.16
N THR O 114 -36.97 36.36 52.02
CA THR O 114 -38.02 37.34 51.78
C THR O 114 -37.92 38.41 52.86
N VAL O 115 -37.59 39.64 52.45
CA VAL O 115 -37.46 40.78 53.35
C VAL O 115 -38.66 41.71 53.16
N LEU O 116 -39.49 41.83 54.20
CA LEU O 116 -40.67 42.69 54.15
C LEU O 116 -40.48 43.95 54.97
N GLU O 117 -41.15 45.04 54.56
CA GLU O 117 -41.12 46.32 55.28
C GLU O 117 -42.02 46.17 56.53
N ASP O 118 -43.21 45.57 56.35
CA ASP O 118 -44.15 45.35 57.44
C ASP O 118 -44.65 43.90 57.43
N LEU O 119 -44.53 43.20 58.58
CA LEU O 119 -44.99 41.82 58.75
C LEU O 119 -46.52 41.70 58.88
N LYS O 120 -47.23 42.85 58.82
CA LYS O 120 -48.70 42.93 58.86
C LYS O 120 -49.24 42.35 57.53
N ASN O 121 -48.41 42.42 56.47
CA ASN O 121 -48.71 41.89 55.14
C ASN O 121 -48.75 40.35 55.11
N VAL O 122 -48.14 39.68 56.11
CA VAL O 122 -48.09 38.21 56.20
C VAL O 122 -49.50 37.65 56.45
N PHE O 123 -49.96 36.76 55.56
CA PHE O 123 -51.27 36.13 55.63
C PHE O 123 -51.20 34.64 55.35
N PRO O 124 -51.84 33.79 56.19
CA PRO O 124 -51.83 32.35 55.90
C PRO O 124 -52.85 31.99 54.80
N PRO O 125 -52.73 30.84 54.08
CA PRO O 125 -53.72 30.55 53.04
C PRO O 125 -55.03 29.96 53.54
N GLU O 126 -56.10 30.13 52.75
CA GLU O 126 -57.40 29.50 52.93
C GLU O 126 -57.37 28.37 51.89
N VAL O 127 -57.75 27.15 52.28
CA VAL O 127 -57.69 26.00 51.38
C VAL O 127 -59.06 25.36 51.16
N ALA O 128 -59.40 25.07 49.89
CA ALA O 128 -60.63 24.39 49.49
C ALA O 128 -60.32 23.29 48.48
N VAL O 129 -61.09 22.19 48.54
CA VAL O 129 -61.00 21.06 47.62
C VAL O 129 -62.33 21.00 46.89
N PHE O 130 -62.25 20.98 45.56
CA PHE O 130 -63.37 20.96 44.63
C PHE O 130 -63.50 19.54 44.09
N GLU O 131 -64.67 18.89 44.37
CA GLU O 131 -64.96 17.52 43.99
C GLU O 131 -65.12 17.34 42.49
N PRO O 132 -64.74 16.15 41.93
CA PRO O 132 -64.88 15.96 40.48
C PRO O 132 -66.28 16.12 39.90
N SER O 133 -66.32 16.37 38.57
CA SER O 133 -67.52 16.55 37.76
C SER O 133 -68.04 15.19 37.31
N GLU O 134 -69.37 14.98 37.41
CA GLU O 134 -70.01 13.75 36.98
C GLU O 134 -69.91 13.57 35.48
N ALA O 135 -69.88 14.69 34.73
CA ALA O 135 -69.70 14.72 33.27
C ALA O 135 -68.34 14.11 32.93
N GLU O 136 -67.29 14.49 33.68
CA GLU O 136 -65.95 13.94 33.51
C GLU O 136 -65.95 12.43 33.77
N ILE O 137 -66.51 12.02 34.93
CA ILE O 137 -66.61 10.63 35.36
C ILE O 137 -67.33 9.77 34.29
N SER O 138 -68.52 10.25 33.81
CA SER O 138 -69.33 9.59 32.77
C SER O 138 -68.53 9.35 31.49
N HIS O 139 -67.94 10.42 30.93
CA HIS O 139 -67.21 10.42 29.67
C HIS O 139 -65.82 9.77 29.68
N THR O 140 -64.99 10.07 30.69
CA THR O 140 -63.58 9.65 30.73
C THR O 140 -63.27 8.41 31.55
N GLN O 141 -64.10 8.11 32.59
CA GLN O 141 -63.90 7.00 33.55
C GLN O 141 -62.71 7.39 34.48
N LYS O 142 -62.50 8.70 34.63
CA LYS O 142 -61.48 9.35 35.44
C LYS O 142 -62.13 10.50 36.23
N ALA O 143 -61.55 10.82 37.39
CA ALA O 143 -62.05 11.87 38.28
C ALA O 143 -60.91 12.77 38.75
N THR O 144 -61.04 14.08 38.46
CA THR O 144 -60.06 15.10 38.83
C THR O 144 -60.57 15.96 39.99
N LEU O 145 -59.81 15.99 41.08
CA LEU O 145 -60.08 16.84 42.25
C LEU O 145 -59.19 18.07 42.08
N VAL O 146 -59.69 19.23 42.48
CA VAL O 146 -58.94 20.48 42.37
C VAL O 146 -58.79 21.08 43.75
N CYS O 147 -57.53 21.32 44.16
CA CYS O 147 -57.24 22.01 45.40
C CYS O 147 -56.88 23.46 45.11
N LEU O 148 -57.51 24.38 45.84
CA LEU O 148 -57.24 25.80 45.68
C LEU O 148 -56.81 26.44 47.01
N ALA O 149 -55.58 26.99 47.02
CA ALA O 149 -54.98 27.70 48.16
C ALA O 149 -55.03 29.19 47.82
N THR O 150 -55.67 30.02 48.68
CA THR O 150 -55.85 31.46 48.39
C THR O 150 -55.51 32.43 49.53
N GLY O 151 -55.29 33.69 49.17
CA GLY O 151 -55.02 34.82 50.05
C GLY O 151 -53.82 34.69 50.96
N PHE O 152 -52.70 34.16 50.43
CA PHE O 152 -51.50 33.99 51.23
C PHE O 152 -50.37 34.91 50.83
N TYR O 153 -49.64 35.38 51.84
CA TYR O 153 -48.48 36.26 51.63
C TYR O 153 -47.44 35.98 52.71
N PRO O 154 -46.15 35.79 52.37
CA PRO O 154 -45.56 35.80 51.03
C PRO O 154 -45.73 34.48 50.27
N ASP O 155 -44.89 34.25 49.26
CA ASP O 155 -44.88 33.10 48.35
C ASP O 155 -44.19 31.85 48.99
N HIS O 156 -44.46 31.55 50.27
CA HIS O 156 -43.79 30.42 50.93
C HIS O 156 -44.74 29.27 51.26
N VAL O 157 -45.11 28.48 50.24
CA VAL O 157 -46.06 27.37 50.38
C VAL O 157 -45.57 26.06 49.74
N GLU O 158 -46.00 24.93 50.30
CA GLU O 158 -45.72 23.59 49.81
C GLU O 158 -47.06 22.84 49.81
N LEU O 159 -47.50 22.41 48.63
CA LEU O 159 -48.78 21.72 48.46
C LEU O 159 -48.56 20.22 48.27
N SER O 160 -49.34 19.41 48.99
CA SER O 160 -49.29 17.95 48.89
C SER O 160 -50.68 17.32 48.96
N TRP O 161 -50.82 16.14 48.33
CA TRP O 161 -52.07 15.40 48.32
C TRP O 161 -51.94 14.15 49.18
N TRP O 162 -52.94 13.92 50.03
CA TRP O 162 -52.99 12.80 50.96
C TRP O 162 -54.25 11.94 50.76
N VAL O 163 -54.04 10.73 50.23
CA VAL O 163 -55.08 9.73 49.98
C VAL O 163 -55.01 8.66 51.08
N ASN O 164 -56.10 8.56 51.90
CA ASN O 164 -56.22 7.64 53.03
C ASN O 164 -55.03 7.73 54.03
N GLY O 165 -54.60 8.96 54.30
CA GLY O 165 -53.50 9.25 55.21
C GLY O 165 -52.10 9.06 54.65
N LYS O 166 -52.01 8.65 53.36
CA LYS O 166 -50.74 8.42 52.66
C LYS O 166 -50.53 9.46 51.57
N GLU O 167 -49.31 10.01 51.47
CA GLU O 167 -48.99 11.01 50.47
C GLU O 167 -48.88 10.38 49.10
N VAL O 168 -49.49 11.03 48.10
CA VAL O 168 -49.46 10.57 46.71
C VAL O 168 -48.67 11.53 45.80
N HIS O 169 -48.10 10.98 44.72
CA HIS O 169 -47.33 11.76 43.75
C HIS O 169 -47.80 11.56 42.30
N SER O 170 -48.28 10.34 41.97
CA SER O 170 -48.81 9.99 40.66
C SER O 170 -50.21 10.65 40.49
N GLY O 171 -50.49 11.11 39.28
CA GLY O 171 -51.74 11.78 38.94
C GLY O 171 -51.86 13.16 39.56
N VAL O 172 -50.73 13.78 39.91
CA VAL O 172 -50.68 15.10 40.54
C VAL O 172 -49.95 16.10 39.62
N CYS O 173 -50.42 17.35 39.65
CA CYS O 173 -49.81 18.48 38.96
C CYS O 173 -50.24 19.77 39.66
N THR O 174 -49.25 20.45 40.24
CA THR O 174 -49.41 21.71 40.96
C THR O 174 -48.86 22.78 40.03
N ASP O 175 -49.41 24.00 40.10
CA ASP O 175 -48.94 25.12 39.28
C ASP O 175 -47.47 25.40 39.64
N PRO O 176 -46.58 25.58 38.63
CA PRO O 176 -45.17 25.86 38.94
C PRO O 176 -44.99 27.10 39.81
N GLN O 177 -45.76 28.14 39.53
CA GLN O 177 -45.72 29.41 40.26
C GLN O 177 -47.13 29.87 40.65
N PRO O 178 -47.28 30.58 41.80
CA PRO O 178 -48.61 31.07 42.17
C PRO O 178 -49.04 32.26 41.33
N LEU O 179 -50.32 32.62 41.46
CA LEU O 179 -51.01 33.69 40.76
C LEU O 179 -51.13 34.91 41.70
N LYS O 180 -51.05 36.13 41.15
CA LYS O 180 -51.22 37.34 41.95
C LYS O 180 -52.71 37.70 41.97
N GLU O 181 -53.29 37.81 43.18
CA GLU O 181 -54.72 38.14 43.35
C GLU O 181 -55.05 39.59 42.95
N GLN O 182 -54.04 40.47 43.02
CA GLN O 182 -54.13 41.87 42.63
C GLN O 182 -52.82 42.27 41.91
N PRO O 183 -52.63 41.88 40.61
CA PRO O 183 -51.37 42.23 39.91
C PRO O 183 -50.97 43.72 39.89
N ALA O 184 -51.90 44.62 40.26
CA ALA O 184 -51.70 46.07 40.35
C ALA O 184 -51.03 46.48 41.68
N LEU O 185 -51.07 45.58 42.70
CA LEU O 185 -50.49 45.80 44.03
C LEU O 185 -49.10 45.17 44.18
N ASN O 186 -48.24 45.81 44.99
CA ASN O 186 -46.88 45.32 45.27
C ASN O 186 -46.90 44.22 46.34
N ASP O 187 -47.75 44.42 47.37
CA ASP O 187 -47.93 43.50 48.50
C ASP O 187 -49.14 42.57 48.26
N SER O 188 -49.39 42.21 46.98
CA SER O 188 -50.49 41.35 46.53
C SER O 188 -50.40 39.94 47.10
N ARG O 189 -51.55 39.47 47.65
CA ARG O 189 -51.69 38.11 48.18
C ARG O 189 -51.72 37.13 47.00
N TYR O 190 -51.31 35.88 47.25
CA TYR O 190 -51.19 34.85 46.21
C TYR O 190 -52.26 33.76 46.26
N ALA O 191 -52.37 33.04 45.12
CA ALA O 191 -53.28 31.91 44.91
C ALA O 191 -52.54 30.83 44.14
N LEU O 192 -52.72 29.58 44.53
CA LEU O 192 -52.09 28.42 43.90
C LEU O 192 -53.10 27.28 43.84
N SER O 193 -53.02 26.47 42.77
CA SER O 193 -53.89 25.33 42.57
C SER O 193 -53.13 24.06 42.23
N SER O 194 -53.76 22.93 42.53
CA SER O 194 -53.22 21.61 42.24
C SER O 194 -54.36 20.71 41.85
N ARG O 195 -54.06 19.71 41.00
CA ARG O 195 -55.04 18.74 40.54
C ARG O 195 -54.63 17.34 40.90
N LEU O 196 -55.60 16.54 41.37
CA LEU O 196 -55.38 15.12 41.64
C LEU O 196 -56.33 14.31 40.75
N ARG O 197 -55.78 13.53 39.80
CA ARG O 197 -56.60 12.70 38.93
C ARG O 197 -56.44 11.22 39.25
N VAL O 198 -57.57 10.56 39.47
CA VAL O 198 -57.69 9.13 39.82
C VAL O 198 -58.73 8.48 38.89
N SER O 199 -58.85 7.13 38.93
CA SER O 199 -59.87 6.42 38.16
C SER O 199 -61.23 6.72 38.82
N ALA O 200 -62.32 6.72 38.03
CA ALA O 200 -63.69 6.96 38.50
C ALA O 200 -64.09 5.95 39.59
N THR O 201 -63.66 4.67 39.44
CA THR O 201 -63.90 3.56 40.38
C THR O 201 -63.37 3.90 41.77
N PHE O 202 -62.17 4.52 41.84
CA PHE O 202 -61.51 4.92 43.08
C PHE O 202 -62.27 6.05 43.79
N TRP O 203 -62.69 7.10 43.06
CA TRP O 203 -63.45 8.22 43.63
C TRP O 203 -64.84 7.74 44.07
N GLN O 204 -65.44 6.83 43.29
CA GLN O 204 -66.77 6.28 43.55
C GLN O 204 -66.72 5.16 44.59
N ASN O 205 -66.35 5.55 45.82
CA ASN O 205 -66.20 4.72 47.01
C ASN O 205 -66.17 5.70 48.18
N PRO O 206 -67.19 5.71 49.08
CA PRO O 206 -67.19 6.69 50.19
C PRO O 206 -66.20 6.39 51.31
N ARG O 207 -65.44 5.29 51.18
CA ARG O 207 -64.44 4.86 52.14
C ARG O 207 -63.10 5.51 51.88
N ASN O 208 -62.84 5.91 50.63
CA ASN O 208 -61.62 6.59 50.20
C ASN O 208 -61.65 8.06 50.62
N HIS O 209 -60.58 8.52 51.25
CA HIS O 209 -60.41 9.88 51.77
C HIS O 209 -59.35 10.65 50.97
N PHE O 210 -59.62 11.93 50.71
CA PHE O 210 -58.75 12.81 49.93
C PHE O 210 -58.54 14.11 50.65
N ARG O 211 -57.28 14.44 50.93
CA ARG O 211 -56.92 15.67 51.63
C ARG O 211 -55.83 16.43 50.90
N CYS O 212 -56.00 17.74 50.84
CA CYS O 212 -55.01 18.63 50.26
C CYS O 212 -54.35 19.36 51.41
N GLN O 213 -53.03 19.18 51.55
CA GLN O 213 -52.24 19.79 52.61
C GLN O 213 -51.43 20.94 52.02
N VAL O 214 -51.60 22.15 52.59
CA VAL O 214 -50.82 23.32 52.19
C VAL O 214 -50.02 23.78 53.37
N GLN O 215 -48.71 23.50 53.34
CA GLN O 215 -47.75 23.88 54.36
C GLN O 215 -47.31 25.32 54.06
N PHE O 216 -47.61 26.22 54.99
CA PHE O 216 -47.27 27.64 54.88
C PHE O 216 -46.14 27.99 55.82
N TYR O 217 -45.21 28.84 55.35
CA TYR O 217 -44.08 29.31 56.14
C TYR O 217 -44.27 30.81 56.38
N GLY O 218 -44.56 31.17 57.63
CA GLY O 218 -44.81 32.54 58.03
C GLY O 218 -43.85 33.05 59.07
N LEU O 219 -44.40 33.67 60.13
CA LEU O 219 -43.64 34.25 61.24
C LEU O 219 -43.20 33.18 62.24
N SER O 220 -42.13 33.47 62.99
CA SER O 220 -41.59 32.59 64.03
C SER O 220 -42.07 33.05 65.42
N GLU O 221 -41.74 32.27 66.49
CA GLU O 221 -42.09 32.55 67.88
C GLU O 221 -41.46 33.88 68.36
N ASN O 222 -40.25 34.22 67.85
CA ASN O 222 -39.50 35.43 68.19
C ASN O 222 -40.11 36.70 67.61
N ASP O 223 -40.77 36.61 66.44
CA ASP O 223 -41.42 37.74 65.76
C ASP O 223 -42.56 38.31 66.60
N GLU O 224 -42.69 39.65 66.62
CA GLU O 224 -43.72 40.36 67.39
C GLU O 224 -45.03 40.51 66.62
N TRP O 225 -46.16 40.31 67.33
CA TRP O 225 -47.51 40.44 66.76
C TRP O 225 -48.39 41.30 67.67
N THR O 226 -48.85 42.45 67.14
CA THR O 226 -49.68 43.43 67.87
C THR O 226 -51.14 43.47 67.39
N GLN O 227 -51.41 43.06 66.14
CA GLN O 227 -52.74 43.04 65.49
C GLN O 227 -53.76 42.15 66.20
N ASP O 228 -55.06 42.49 66.04
CA ASP O 228 -56.22 41.80 66.64
C ASP O 228 -56.35 40.34 66.17
N ARG O 229 -56.17 40.07 64.86
CA ARG O 229 -56.28 38.74 64.26
C ARG O 229 -55.18 37.76 64.71
N ALA O 230 -55.36 36.45 64.40
CA ALA O 230 -54.42 35.39 64.74
C ALA O 230 -53.06 35.60 64.04
N LYS O 231 -51.96 35.35 64.79
CA LYS O 231 -50.59 35.51 64.29
C LYS O 231 -50.32 34.59 63.07
N PRO O 232 -49.86 35.15 61.92
CA PRO O 232 -49.62 34.31 60.74
C PRO O 232 -48.33 33.49 60.81
N VAL O 233 -48.29 32.59 61.81
CA VAL O 233 -47.18 31.69 62.12
C VAL O 233 -47.10 30.56 61.08
N THR O 234 -45.94 29.88 61.01
CA THR O 234 -45.71 28.74 60.13
C THR O 234 -46.75 27.68 60.52
N GLN O 235 -47.66 27.35 59.58
CA GLN O 235 -48.75 26.41 59.82
C GLN O 235 -49.13 25.60 58.59
N ILE O 236 -49.85 24.48 58.81
CA ILE O 236 -50.41 23.61 57.78
C ILE O 236 -51.91 23.89 57.73
N VAL O 237 -52.45 24.14 56.52
CA VAL O 237 -53.88 24.38 56.27
C VAL O 237 -54.34 23.27 55.30
N SER O 238 -55.46 22.62 55.64
CA SER O 238 -56.01 21.53 54.84
C SER O 238 -57.50 21.68 54.50
N ALA O 239 -57.90 20.90 53.49
CA ALA O 239 -59.27 20.75 53.00
C ALA O 239 -59.39 19.31 52.52
N GLU O 240 -60.52 18.66 52.82
CA GLU O 240 -60.75 17.26 52.49
C GLU O 240 -62.08 16.98 51.81
N ALA O 241 -62.08 15.90 50.99
CA ALA O 241 -63.23 15.38 50.26
C ALA O 241 -63.25 13.87 50.40
N TRP O 242 -64.46 13.28 50.49
CA TRP O 242 -64.62 11.84 50.66
C TRP O 242 -64.92 11.10 49.35
N GLY O 243 -66.05 11.38 48.73
CA GLY O 243 -66.43 10.69 47.50
C GLY O 243 -67.67 9.85 47.68
N ARG O 244 -68.32 9.50 46.56
CA ARG O 244 -69.57 8.73 46.56
C ARG O 244 -69.71 7.90 45.29
N ALA O 245 -70.45 6.77 45.38
CA ALA O 245 -70.71 5.87 44.26
C ALA O 245 -71.87 6.41 43.38
N ASP O 246 -72.17 5.72 42.25
CA ASP O 246 -73.23 6.04 41.28
C ASP O 246 -73.04 7.40 40.60
N SER P 2 -4.72 4.26 -39.02
CA SER P 2 -3.41 3.79 -39.47
C SER P 2 -3.49 2.63 -40.48
N HIS P 3 -2.48 2.50 -41.35
CA HIS P 3 -2.41 1.42 -42.35
C HIS P 3 -2.20 0.03 -41.74
N SER P 4 -2.74 -1.00 -42.38
CA SER P 4 -2.64 -2.37 -41.88
C SER P 4 -2.55 -3.43 -42.96
N MET P 5 -1.89 -4.56 -42.62
CA MET P 5 -1.81 -5.74 -43.46
C MET P 5 -2.38 -6.89 -42.66
N ARG P 6 -3.32 -7.64 -43.27
CA ARG P 6 -3.94 -8.78 -42.59
C ARG P 6 -4.04 -9.95 -43.52
N TYR P 7 -3.83 -11.15 -42.99
CA TYR P 7 -4.02 -12.41 -43.70
C TYR P 7 -5.12 -13.18 -42.98
N PHE P 8 -6.08 -13.72 -43.74
CA PHE P 8 -7.20 -14.47 -43.20
C PHE P 8 -7.16 -15.90 -43.75
N TYR P 9 -6.93 -16.89 -42.86
CA TYR P 9 -6.88 -18.30 -43.19
C TYR P 9 -8.14 -18.97 -42.69
N THR P 10 -8.70 -19.85 -43.53
CA THR P 10 -9.85 -20.69 -43.22
C THR P 10 -9.42 -22.11 -43.59
N ALA P 11 -9.45 -23.03 -42.60
CA ALA P 11 -9.11 -24.44 -42.78
C ALA P 11 -10.36 -25.21 -42.41
N MET P 12 -10.91 -25.97 -43.37
CA MET P 12 -12.16 -26.71 -43.22
C MET P 12 -12.00 -28.21 -43.44
N SER P 13 -12.28 -29.02 -42.41
CA SER P 13 -12.27 -30.47 -42.57
C SER P 13 -13.56 -30.91 -43.27
N ARG P 14 -13.47 -31.91 -44.14
CA ARG P 14 -14.61 -32.44 -44.86
C ARG P 14 -14.42 -33.92 -44.84
N PRO P 15 -15.32 -34.64 -44.07
CA PRO P 15 -15.09 -36.09 -44.01
C PRO P 15 -15.24 -36.91 -45.27
N GLY P 16 -14.43 -37.95 -45.33
CA GLY P 16 -14.32 -38.86 -46.46
C GLY P 16 -13.17 -38.44 -47.37
N ARG P 17 -12.66 -37.26 -47.10
CA ARG P 17 -11.57 -36.74 -47.88
C ARG P 17 -10.41 -36.65 -46.95
N GLY P 18 -9.28 -37.16 -47.39
CA GLY P 18 -8.06 -37.16 -46.62
C GLY P 18 -7.61 -35.75 -46.36
N GLU P 19 -7.84 -34.90 -47.35
CA GLU P 19 -7.42 -33.53 -47.22
C GLU P 19 -8.49 -32.47 -47.07
N PRO P 20 -8.18 -31.52 -46.12
CA PRO P 20 -9.13 -30.44 -45.97
C PRO P 20 -8.83 -29.26 -46.87
N ARG P 21 -9.74 -28.33 -46.92
CA ARG P 21 -9.61 -27.18 -47.73
C ARG P 21 -9.05 -26.00 -47.01
N PHE P 22 -7.94 -25.50 -47.49
CA PHE P 22 -7.26 -24.33 -46.96
C PHE P 22 -7.35 -23.15 -47.94
N ILE P 23 -7.97 -22.05 -47.48
CA ILE P 23 -8.10 -20.78 -48.20
C ILE P 23 -7.36 -19.71 -47.40
N ALA P 24 -6.59 -18.86 -48.12
CA ALA P 24 -5.84 -17.73 -47.58
C ALA P 24 -6.13 -16.51 -48.44
N VAL P 25 -6.44 -15.37 -47.81
CA VAL P 25 -6.67 -14.10 -48.49
C VAL P 25 -5.91 -13.03 -47.72
N GLY P 26 -5.28 -12.11 -48.46
CA GLY P 26 -4.52 -11.03 -47.86
C GLY P 26 -5.06 -9.66 -48.19
N TYR P 27 -5.01 -8.75 -47.19
CA TYR P 27 -5.50 -7.38 -47.31
C TYR P 27 -4.49 -6.31 -46.91
N VAL P 28 -4.50 -5.20 -47.65
CA VAL P 28 -3.77 -3.98 -47.31
C VAL P 28 -4.99 -3.07 -47.09
N ASP P 29 -5.22 -2.71 -45.82
CA ASP P 29 -6.38 -1.96 -45.33
C ASP P 29 -7.67 -2.66 -45.70
N ASP P 30 -8.54 -2.02 -46.49
CA ASP P 30 -9.80 -2.62 -46.91
C ASP P 30 -9.72 -3.14 -48.36
N THR P 31 -8.50 -3.30 -48.90
CA THR P 31 -8.25 -3.80 -50.27
C THR P 31 -7.61 -5.20 -50.25
N GLN P 32 -8.24 -6.16 -50.93
CA GLN P 32 -7.71 -7.52 -51.05
C GLN P 32 -6.70 -7.58 -52.18
N PHE P 33 -5.53 -8.21 -51.95
CA PHE P 33 -4.49 -8.27 -52.99
C PHE P 33 -4.01 -9.69 -53.37
N VAL P 34 -4.30 -10.71 -52.55
CA VAL P 34 -3.88 -12.09 -52.84
C VAL P 34 -4.95 -13.07 -52.43
N ARG P 35 -4.90 -14.26 -53.05
CA ARG P 35 -5.75 -15.38 -52.72
C ARG P 35 -5.03 -16.69 -53.02
N PHE P 36 -5.33 -17.70 -52.23
CA PHE P 36 -4.84 -19.07 -52.41
C PHE P 36 -5.96 -19.96 -51.90
N ASP P 37 -6.21 -21.01 -52.65
CA ASP P 37 -7.25 -21.99 -52.38
C ASP P 37 -6.64 -23.32 -52.73
N SER P 38 -6.52 -24.19 -51.75
CA SER P 38 -5.92 -25.52 -51.91
C SER P 38 -6.73 -26.47 -52.80
N ASP P 39 -8.03 -26.18 -53.02
CA ASP P 39 -8.94 -26.98 -53.85
C ASP P 39 -8.69 -26.87 -55.38
N ALA P 40 -7.61 -27.50 -55.84
CA ALA P 40 -7.14 -27.61 -57.24
C ALA P 40 -5.99 -28.61 -57.27
N ALA P 41 -5.79 -29.30 -58.41
CA ALA P 41 -4.72 -30.30 -58.59
C ALA P 41 -3.35 -29.66 -58.38
N SER P 42 -3.18 -28.43 -58.91
CA SER P 42 -1.98 -27.62 -58.73
C SER P 42 -2.41 -26.22 -58.20
N PRO P 43 -2.63 -26.06 -56.87
CA PRO P 43 -3.06 -24.75 -56.36
C PRO P 43 -1.91 -23.73 -56.36
N ARG P 44 -2.21 -22.49 -56.75
CA ARG P 44 -1.22 -21.39 -56.85
C ARG P 44 -1.78 -20.12 -56.26
N THR P 45 -0.91 -19.28 -55.69
CA THR P 45 -1.28 -17.97 -55.13
C THR P 45 -1.57 -17.03 -56.31
N GLU P 46 -2.67 -16.27 -56.25
CA GLU P 46 -3.07 -15.41 -57.35
C GLU P 46 -3.17 -13.93 -56.98
N PRO P 47 -2.83 -12.99 -57.88
CA PRO P 47 -3.00 -11.56 -57.57
C PRO P 47 -4.48 -11.14 -57.59
N ARG P 48 -4.87 -10.23 -56.68
CA ARG P 48 -6.26 -9.74 -56.59
C ARG P 48 -6.32 -8.21 -56.62
N ALA P 49 -5.17 -7.56 -56.84
CA ALA P 49 -5.02 -6.10 -56.96
C ALA P 49 -4.03 -5.79 -58.08
N PRO P 50 -4.23 -4.71 -58.87
CA PRO P 50 -3.29 -4.43 -59.98
C PRO P 50 -1.85 -4.11 -59.55
N TRP P 51 -1.67 -3.45 -58.40
CA TRP P 51 -0.35 -3.06 -57.88
C TRP P 51 0.54 -4.23 -57.36
N ILE P 52 -0.01 -5.46 -57.26
CA ILE P 52 0.74 -6.66 -56.83
C ILE P 52 1.18 -7.51 -58.05
N GLU P 53 0.57 -7.26 -59.22
CA GLU P 53 0.87 -7.96 -60.48
C GLU P 53 2.33 -7.79 -60.93
N GLN P 54 2.98 -6.69 -60.54
CA GLN P 54 4.37 -6.37 -60.86
C GLN P 54 5.39 -7.29 -60.14
N GLU P 55 4.94 -8.12 -59.18
CA GLU P 55 5.81 -9.02 -58.42
C GLU P 55 6.29 -10.18 -59.27
N GLY P 56 7.57 -10.51 -59.13
CA GLY P 56 8.21 -11.59 -59.88
C GLY P 56 7.78 -12.99 -59.50
N PRO P 57 8.15 -13.98 -60.35
CA PRO P 57 7.78 -15.39 -60.05
C PRO P 57 8.16 -15.88 -58.65
N GLU P 58 9.29 -15.45 -58.13
CA GLU P 58 9.78 -15.83 -56.82
C GLU P 58 8.86 -15.41 -55.71
N TYR P 59 8.25 -14.27 -55.82
CA TYR P 59 7.25 -13.77 -54.87
C TYR P 59 6.05 -14.72 -54.82
N TRP P 60 5.54 -15.14 -56.00
CA TRP P 60 4.41 -16.06 -56.12
C TRP P 60 4.75 -17.48 -55.69
N ASP P 61 6.01 -17.95 -55.95
CA ASP P 61 6.46 -19.27 -55.53
C ASP P 61 6.60 -19.33 -53.99
N ARG P 62 7.14 -18.25 -53.41
CA ARG P 62 7.35 -18.06 -51.97
C ARG P 62 6.01 -18.17 -51.21
N ASN P 63 4.98 -17.48 -51.71
CA ASN P 63 3.60 -17.49 -51.20
C ASN P 63 2.99 -18.88 -51.32
N THR P 64 3.05 -19.48 -52.53
CA THR P 64 2.51 -20.81 -52.83
C THR P 64 3.08 -21.84 -51.85
N GLN P 65 4.39 -21.79 -51.61
CA GLN P 65 5.14 -22.70 -50.73
C GLN P 65 4.64 -22.72 -49.28
N ILE P 66 4.39 -21.59 -48.62
CA ILE P 66 3.86 -21.69 -47.24
C ILE P 66 2.36 -22.00 -47.22
N PHE P 67 1.62 -21.58 -48.24
CA PHE P 67 0.17 -21.88 -48.24
C PHE P 67 0.02 -23.39 -48.41
N LYS P 68 0.92 -23.98 -49.18
CA LYS P 68 0.93 -25.44 -49.36
C LYS P 68 1.35 -26.12 -48.05
N THR P 69 2.29 -25.50 -47.30
CA THR P 69 2.73 -25.99 -45.98
C THR P 69 1.55 -25.88 -44.98
N ASN P 70 0.85 -24.74 -44.98
CA ASN P 70 -0.30 -24.47 -44.12
C ASN P 70 -1.41 -25.50 -44.33
N THR P 71 -1.63 -25.94 -45.58
CA THR P 71 -2.62 -26.97 -45.92
C THR P 71 -2.28 -28.29 -45.18
N GLN P 72 -0.99 -28.64 -45.15
CA GLN P 72 -0.45 -29.83 -44.48
C GLN P 72 -0.55 -29.71 -42.96
N THR P 73 -0.17 -28.55 -42.38
CA THR P 73 -0.21 -28.34 -40.92
C THR P 73 -1.65 -28.21 -40.39
N TYR P 74 -2.55 -27.53 -41.14
CA TYR P 74 -3.95 -27.39 -40.73
C TYR P 74 -4.69 -28.70 -40.80
N ARG P 75 -4.25 -29.64 -41.66
CA ARG P 75 -4.80 -31.00 -41.72
C ARG P 75 -4.52 -31.69 -40.37
N GLU P 76 -3.29 -31.55 -39.84
CA GLU P 76 -2.92 -32.14 -38.56
C GLU P 76 -3.50 -31.39 -37.37
N SER P 77 -3.60 -30.04 -37.45
CA SER P 77 -4.19 -29.21 -36.41
C SER P 77 -5.68 -29.55 -36.23
N LEU P 78 -6.41 -29.79 -37.36
CA LEU P 78 -7.83 -30.17 -37.32
C LEU P 78 -8.01 -31.53 -36.64
N ARG P 79 -7.15 -32.49 -36.97
CA ARG P 79 -7.15 -33.84 -36.41
C ARG P 79 -6.84 -33.78 -34.92
N ASN P 80 -5.87 -32.95 -34.51
CA ASN P 80 -5.47 -32.80 -33.11
C ASN P 80 -6.57 -32.18 -32.25
N LEU P 81 -7.26 -31.14 -32.78
CA LEU P 81 -8.35 -30.45 -32.06
C LEU P 81 -9.58 -31.36 -31.88
N ARG P 82 -9.88 -32.23 -32.87
CA ARG P 82 -10.96 -33.22 -32.74
C ARG P 82 -10.65 -34.20 -31.59
N GLY P 83 -9.36 -34.46 -31.35
CA GLY P 83 -8.90 -35.31 -30.25
C GLY P 83 -9.04 -34.63 -28.91
N TYR P 84 -8.74 -33.31 -28.83
CA TYR P 84 -8.86 -32.52 -27.60
C TYR P 84 -10.30 -32.47 -27.09
N TYR P 85 -11.26 -32.31 -28.03
CA TYR P 85 -12.69 -32.19 -27.77
C TYR P 85 -13.46 -33.48 -27.92
N ASN P 86 -12.75 -34.64 -28.09
CA ASN P 86 -13.32 -35.97 -28.25
C ASN P 86 -14.43 -36.01 -29.32
N GLN P 87 -14.19 -35.29 -30.43
CA GLN P 87 -15.09 -35.18 -31.56
C GLN P 87 -14.82 -36.27 -32.58
N SER P 88 -15.89 -36.72 -33.23
CA SER P 88 -15.89 -37.76 -34.26
C SER P 88 -15.29 -37.25 -35.56
N GLU P 89 -14.73 -38.19 -36.34
CA GLU P 89 -14.12 -38.02 -37.66
C GLU P 89 -15.19 -37.63 -38.71
N ALA P 90 -16.47 -37.98 -38.45
CA ALA P 90 -17.63 -37.73 -39.32
C ALA P 90 -18.06 -36.26 -39.40
N GLY P 91 -17.70 -35.46 -38.40
CA GLY P 91 -18.06 -34.05 -38.34
C GLY P 91 -17.08 -33.14 -39.06
N SER P 92 -17.62 -32.04 -39.62
CA SER P 92 -16.87 -30.99 -40.32
C SER P 92 -16.55 -29.85 -39.35
N HIS P 93 -15.28 -29.47 -39.27
CA HIS P 93 -14.82 -28.44 -38.36
C HIS P 93 -14.00 -27.37 -39.06
N ILE P 94 -13.99 -26.15 -38.50
CA ILE P 94 -13.28 -25.01 -39.08
C ILE P 94 -12.30 -24.35 -38.12
N ILE P 95 -11.07 -24.13 -38.60
CA ILE P 95 -10.06 -23.33 -37.91
C ILE P 95 -9.91 -22.07 -38.77
N GLN P 96 -10.03 -20.93 -38.11
CA GLN P 96 -9.84 -19.63 -38.72
C GLN P 96 -8.70 -18.93 -38.02
N ARG P 97 -7.88 -18.24 -38.79
CA ARG P 97 -6.76 -17.51 -38.26
C ARG P 97 -6.66 -16.18 -38.95
N MET P 98 -6.41 -15.15 -38.15
CA MET P 98 -6.17 -13.80 -38.61
C MET P 98 -4.91 -13.31 -37.92
N TYR P 99 -4.01 -12.73 -38.68
CA TYR P 99 -2.78 -12.14 -38.14
C TYR P 99 -2.37 -10.98 -39.03
N GLY P 100 -1.49 -10.13 -38.50
CA GLY P 100 -0.99 -8.99 -39.25
C GLY P 100 -0.52 -7.84 -38.40
N CYS P 101 -0.09 -6.79 -39.09
CA CYS P 101 0.49 -5.60 -38.49
C CYS P 101 -0.26 -4.34 -38.79
N ASP P 102 -0.14 -3.38 -37.87
CA ASP P 102 -0.63 -2.02 -38.00
C ASP P 102 0.61 -1.14 -38.06
N LEU P 103 0.75 -0.38 -39.15
CA LEU P 103 1.86 0.55 -39.41
C LEU P 103 1.70 1.82 -38.54
N GLY P 104 2.74 2.15 -37.79
CA GLY P 104 2.79 3.35 -36.95
C GLY P 104 3.26 4.57 -37.71
N PRO P 105 2.97 5.82 -37.22
CA PRO P 105 3.42 7.03 -37.94
C PRO P 105 4.95 7.21 -38.02
N ASP P 106 5.73 6.50 -37.16
CA ASP P 106 7.20 6.53 -37.16
C ASP P 106 7.80 5.57 -38.22
N GLY P 107 6.92 4.88 -38.97
CA GLY P 107 7.31 3.93 -40.01
C GLY P 107 7.62 2.53 -39.50
N ARG P 108 7.35 2.28 -38.22
CA ARG P 108 7.60 0.99 -37.57
C ARG P 108 6.28 0.38 -37.10
N LEU P 109 6.33 -0.84 -36.57
CA LEU P 109 5.15 -1.55 -36.08
C LEU P 109 4.48 -0.78 -34.94
N LEU P 110 3.17 -0.55 -35.07
CA LEU P 110 2.35 0.09 -34.06
C LEU P 110 1.73 -0.99 -33.17
N ARG P 111 1.12 -2.01 -33.78
CA ARG P 111 0.47 -3.13 -33.10
C ARG P 111 0.51 -4.38 -33.95
N GLY P 112 0.77 -5.51 -33.29
CA GLY P 112 0.78 -6.83 -33.90
C GLY P 112 -0.42 -7.65 -33.49
N HIS P 113 -0.89 -8.54 -34.37
CA HIS P 113 -2.06 -9.39 -34.12
C HIS P 113 -1.83 -10.80 -34.59
N ASP P 114 -2.41 -11.78 -33.88
CA ASP P 114 -2.46 -13.21 -34.24
C ASP P 114 -3.52 -13.92 -33.41
N GLN P 115 -4.68 -14.15 -34.02
CA GLN P 115 -5.81 -14.79 -33.36
C GLN P 115 -6.28 -15.97 -34.14
N SER P 116 -6.67 -17.03 -33.41
CA SER P 116 -7.23 -18.26 -33.98
C SER P 116 -8.57 -18.59 -33.33
N ALA P 117 -9.47 -19.15 -34.13
CA ALA P 117 -10.79 -19.60 -33.69
C ALA P 117 -11.02 -21.03 -34.14
N TYR P 118 -11.96 -21.70 -33.47
CA TYR P 118 -12.35 -23.05 -33.79
C TYR P 118 -13.86 -23.12 -33.73
N ASP P 119 -14.47 -23.49 -34.87
CA ASP P 119 -15.93 -23.55 -35.06
C ASP P 119 -16.60 -22.20 -34.77
N GLY P 120 -15.91 -21.13 -35.18
CA GLY P 120 -16.37 -19.77 -35.05
C GLY P 120 -16.26 -19.14 -33.68
N LYS P 121 -15.52 -19.77 -32.76
CA LYS P 121 -15.33 -19.24 -31.41
C LYS P 121 -13.86 -19.10 -31.06
N ASP P 122 -13.49 -18.00 -30.37
CA ASP P 122 -12.13 -17.70 -29.91
C ASP P 122 -11.47 -18.95 -29.32
N TYR P 123 -10.23 -19.26 -29.77
CA TYR P 123 -9.48 -20.44 -29.33
C TYR P 123 -8.18 -20.03 -28.63
N ILE P 124 -7.25 -19.40 -29.37
CA ILE P 124 -5.97 -18.92 -28.86
C ILE P 124 -5.62 -17.60 -29.54
N ALA P 125 -5.03 -16.65 -28.79
CA ALA P 125 -4.66 -15.34 -29.34
C ALA P 125 -3.35 -14.86 -28.76
N LEU P 126 -2.53 -14.23 -29.60
CA LEU P 126 -1.28 -13.60 -29.20
C LEU P 126 -1.64 -12.31 -28.45
N ASN P 127 -1.05 -12.12 -27.28
CA ASN P 127 -1.27 -10.94 -26.47
C ASN P 127 -0.55 -9.74 -27.06
N GLU P 128 -0.97 -8.51 -26.67
CA GLU P 128 -0.40 -7.25 -27.15
C GLU P 128 1.12 -7.15 -27.01
N ASP P 129 1.69 -7.81 -25.96
CA ASP P 129 3.14 -7.85 -25.71
C ASP P 129 3.93 -8.63 -26.78
N LEU P 130 3.20 -9.44 -27.60
CA LEU P 130 3.69 -10.30 -28.68
C LEU P 130 4.68 -11.35 -28.19
N SER P 131 4.52 -11.78 -26.92
CA SER P 131 5.39 -12.77 -26.28
C SER P 131 4.64 -13.82 -25.48
N SER P 132 3.35 -13.56 -25.18
CA SER P 132 2.50 -14.47 -24.42
C SER P 132 1.16 -14.75 -25.13
N TRP P 133 0.42 -15.79 -24.67
CA TRP P 133 -0.84 -16.23 -25.28
C TRP P 133 -2.02 -16.22 -24.32
N THR P 134 -3.23 -16.13 -24.90
CA THR P 134 -4.49 -16.22 -24.18
C THR P 134 -5.29 -17.38 -24.79
N ALA P 135 -5.45 -18.46 -23.99
CA ALA P 135 -6.15 -19.69 -24.34
C ALA P 135 -7.61 -19.62 -23.86
N ALA P 136 -8.57 -20.06 -24.69
CA ALA P 136 -10.00 -20.00 -24.37
C ALA P 136 -10.44 -21.04 -23.36
N ASP P 137 -9.80 -22.23 -23.38
CA ASP P 137 -10.11 -23.37 -22.52
C ASP P 137 -8.84 -24.23 -22.33
N THR P 138 -8.96 -25.45 -21.73
CA THR P 138 -7.80 -26.33 -21.53
C THR P 138 -7.25 -26.94 -22.83
N ALA P 139 -8.11 -27.14 -23.85
CA ALA P 139 -7.71 -27.68 -25.15
C ALA P 139 -6.71 -26.71 -25.82
N ALA P 140 -7.02 -25.40 -25.77
CA ALA P 140 -6.18 -24.34 -26.28
C ALA P 140 -4.90 -24.22 -25.48
N GLN P 141 -4.90 -24.76 -24.25
CA GLN P 141 -3.72 -24.76 -23.38
C GLN P 141 -2.71 -25.80 -23.83
N ILE P 142 -3.18 -26.91 -24.48
CA ILE P 142 -2.33 -27.93 -25.11
C ILE P 142 -1.64 -27.26 -26.31
N THR P 143 -2.42 -26.56 -27.17
CA THR P 143 -1.88 -25.78 -28.30
C THR P 143 -0.85 -24.77 -27.80
N GLN P 144 -1.20 -24.01 -26.73
CA GLN P 144 -0.34 -23.02 -26.09
C GLN P 144 1.00 -23.63 -25.66
N ARG P 145 0.96 -24.80 -24.99
CA ARG P 145 2.17 -25.51 -24.56
C ARG P 145 3.02 -25.91 -25.79
N LYS P 146 2.40 -26.41 -26.88
CA LYS P 146 3.11 -26.78 -28.11
C LYS P 146 3.76 -25.56 -28.77
N TRP P 147 3.04 -24.41 -28.78
CA TRP P 147 3.48 -23.15 -29.38
C TRP P 147 4.56 -22.41 -28.56
N GLU P 148 4.53 -22.59 -27.22
CA GLU P 148 5.54 -22.02 -26.33
C GLU P 148 6.85 -22.80 -26.47
N ALA P 149 6.75 -24.14 -26.61
CA ALA P 149 7.88 -25.05 -26.80
C ALA P 149 8.54 -24.88 -28.17
N ALA P 150 7.76 -24.51 -29.21
CA ALA P 150 8.23 -24.23 -30.57
C ALA P 150 8.61 -22.74 -30.73
N ARG P 151 8.30 -21.89 -29.72
CA ARG P 151 8.56 -20.44 -29.66
C ARG P 151 7.94 -19.65 -30.82
N VAL P 152 6.64 -19.94 -31.08
CA VAL P 152 5.82 -19.32 -32.14
C VAL P 152 5.68 -17.84 -31.90
N ALA P 153 5.48 -17.41 -30.62
CA ALA P 153 5.35 -15.99 -30.28
C ALA P 153 6.60 -15.19 -30.68
N GLU P 154 7.80 -15.77 -30.49
CA GLU P 154 9.08 -15.17 -30.88
C GLU P 154 9.20 -15.08 -32.41
N GLN P 155 8.78 -16.14 -33.14
CA GLN P 155 8.80 -16.20 -34.61
C GLN P 155 7.94 -15.09 -35.14
N LEU P 156 6.73 -14.93 -34.56
CA LEU P 156 5.76 -13.90 -34.94
C LEU P 156 6.24 -12.48 -34.60
N ARG P 157 6.84 -12.26 -33.42
CA ARG P 157 7.37 -10.94 -33.05
C ARG P 157 8.41 -10.44 -34.09
N ALA P 158 9.31 -11.34 -34.54
CA ALA P 158 10.34 -11.04 -35.53
C ALA P 158 9.74 -10.76 -36.90
N TYR P 159 8.69 -11.52 -37.28
CA TYR P 159 7.99 -11.30 -38.54
C TYR P 159 7.21 -9.98 -38.54
N LEU P 160 6.36 -9.76 -37.52
CA LEU P 160 5.50 -8.58 -37.40
C LEU P 160 6.27 -7.25 -37.36
N GLU P 161 7.41 -7.21 -36.65
CA GLU P 161 8.27 -6.03 -36.51
C GLU P 161 9.14 -5.76 -37.74
N GLY P 162 9.44 -6.82 -38.48
CA GLY P 162 10.30 -6.76 -39.65
C GLY P 162 9.61 -6.84 -40.99
N LEU P 163 9.56 -8.06 -41.56
CA LEU P 163 9.02 -8.35 -42.90
C LEU P 163 7.58 -7.86 -43.13
N CYS P 164 6.75 -7.93 -42.09
CA CYS P 164 5.36 -7.52 -42.17
C CYS P 164 5.22 -6.01 -42.43
N VAL P 165 6.02 -5.17 -41.73
CA VAL P 165 5.95 -3.72 -41.92
C VAL P 165 6.70 -3.31 -43.20
N GLU P 166 7.88 -3.91 -43.48
CA GLU P 166 8.67 -3.63 -44.69
C GLU P 166 7.87 -3.91 -45.96
N TRP P 167 7.18 -5.05 -46.01
CA TRP P 167 6.36 -5.43 -47.15
C TRP P 167 5.07 -4.61 -47.21
N LEU P 168 4.49 -4.23 -46.05
CA LEU P 168 3.32 -3.34 -46.03
C LEU P 168 3.71 -1.97 -46.61
N ARG P 169 4.87 -1.43 -46.19
CA ARG P 169 5.42 -0.15 -46.68
C ARG P 169 5.66 -0.21 -48.18
N ARG P 170 6.15 -1.37 -48.68
CA ARG P 170 6.40 -1.62 -50.11
C ARG P 170 5.08 -1.60 -50.90
N TYR P 171 4.03 -2.27 -50.38
CA TYR P 171 2.72 -2.33 -51.03
C TYR P 171 2.09 -0.95 -51.14
N LEU P 172 2.13 -0.16 -50.04
CA LEU P 172 1.58 1.19 -49.97
C LEU P 172 2.25 2.15 -50.96
N GLU P 173 3.53 1.92 -51.28
CA GLU P 173 4.24 2.73 -52.27
C GLU P 173 3.88 2.31 -53.69
N ASN P 174 3.85 0.99 -53.98
CA ASN P 174 3.50 0.45 -55.31
C ASN P 174 2.05 0.75 -55.70
N GLY P 175 1.17 0.82 -54.70
CA GLY P 175 -0.23 1.14 -54.87
C GLY P 175 -0.64 2.47 -54.26
N LYS P 176 0.30 3.45 -54.20
CA LYS P 176 0.12 4.80 -53.66
C LYS P 176 -1.12 5.53 -54.22
N GLU P 177 -1.36 5.39 -55.53
CA GLU P 177 -2.47 6.02 -56.24
C GLU P 177 -3.85 5.58 -55.76
N THR P 178 -3.98 4.39 -55.16
CA THR P 178 -5.27 3.88 -54.71
C THR P 178 -5.32 3.55 -53.21
N LEU P 179 -4.20 3.12 -52.61
CA LEU P 179 -4.13 2.74 -51.19
C LEU P 179 -3.96 3.94 -50.26
N GLN P 180 -3.23 4.97 -50.72
CA GLN P 180 -2.96 6.16 -49.92
C GLN P 180 -3.88 7.34 -50.26
N ARG P 181 -4.89 7.08 -51.11
CA ARG P 181 -5.88 8.06 -51.54
C ARG P 181 -7.26 7.65 -50.99
N ALA P 182 -7.74 8.40 -49.98
CA ALA P 182 -9.05 8.17 -49.38
C ALA P 182 -10.13 8.74 -50.32
N ASP P 183 -11.13 7.93 -50.68
CA ASP P 183 -12.22 8.35 -51.55
C ASP P 183 -13.38 8.88 -50.72
N PRO P 184 -13.74 10.18 -50.85
CA PRO P 184 -14.84 10.72 -50.04
C PRO P 184 -16.22 10.21 -50.49
N PRO P 185 -17.20 10.07 -49.57
CA PRO P 185 -18.51 9.59 -49.99
C PRO P 185 -19.30 10.60 -50.82
N LYS P 186 -20.07 10.10 -51.80
CA LYS P 186 -20.97 10.88 -52.64
C LYS P 186 -22.27 10.80 -51.85
N THR P 187 -22.66 11.92 -51.23
CA THR P 187 -23.82 11.97 -50.35
C THR P 187 -25.06 12.63 -50.98
N HIS P 188 -26.24 12.16 -50.56
CA HIS P 188 -27.58 12.63 -50.94
C HIS P 188 -28.66 12.05 -50.01
N VAL P 189 -29.76 12.81 -49.79
CA VAL P 189 -30.90 12.36 -48.97
C VAL P 189 -32.11 12.13 -49.89
N THR P 190 -32.70 10.91 -49.80
CA THR P 190 -33.88 10.51 -50.58
C THR P 190 -35.14 10.54 -49.70
N HIS P 191 -36.31 10.68 -50.33
CA HIS P 191 -37.61 10.76 -49.67
C HIS P 191 -38.59 9.71 -50.19
N HIS P 192 -39.06 8.83 -49.29
CA HIS P 192 -40.00 7.75 -49.61
C HIS P 192 -41.19 7.80 -48.65
N PRO P 193 -42.40 8.23 -49.10
CA PRO P 193 -43.54 8.29 -48.18
C PRO P 193 -44.11 6.91 -47.90
N VAL P 194 -44.13 6.51 -46.62
CA VAL P 194 -44.65 5.20 -46.19
C VAL P 194 -46.19 5.18 -46.15
N SER P 195 -46.80 6.34 -45.87
CA SER P 195 -48.24 6.57 -45.77
C SER P 195 -48.59 8.06 -45.99
N ASP P 196 -49.88 8.44 -45.88
CA ASP P 196 -50.32 9.82 -46.00
C ASP P 196 -50.00 10.58 -44.70
N HIS P 197 -49.72 9.81 -43.63
CA HIS P 197 -49.40 10.26 -42.28
C HIS P 197 -47.89 10.41 -42.05
N GLU P 198 -47.06 9.43 -42.52
CA GLU P 198 -45.60 9.43 -42.33
C GLU P 198 -44.78 9.20 -43.61
N ALA P 199 -43.47 9.52 -43.55
CA ALA P 199 -42.49 9.36 -44.64
C ALA P 199 -41.11 8.94 -44.09
N THR P 200 -40.26 8.34 -44.95
CA THR P 200 -38.92 7.92 -44.51
C THR P 200 -37.83 8.72 -45.26
N LEU P 201 -36.81 9.16 -44.51
CA LEU P 201 -35.65 9.90 -45.02
C LEU P 201 -34.43 8.98 -45.02
N ARG P 202 -33.82 8.79 -46.18
CA ARG P 202 -32.64 7.93 -46.31
C ARG P 202 -31.40 8.72 -46.71
N CYS P 203 -30.40 8.75 -45.83
CA CYS P 203 -29.15 9.43 -46.14
C CYS P 203 -28.20 8.42 -46.76
N TRP P 204 -27.70 8.74 -47.97
CA TRP P 204 -26.83 7.85 -48.72
C TRP P 204 -25.36 8.26 -48.70
N ALA P 205 -24.47 7.25 -48.62
CA ALA P 205 -23.02 7.40 -48.68
C ALA P 205 -22.53 6.34 -49.68
N LEU P 206 -22.02 6.80 -50.83
CA LEU P 206 -21.60 5.94 -51.94
C LEU P 206 -20.19 6.26 -52.46
N GLY P 207 -19.53 5.23 -52.99
CA GLY P 207 -18.20 5.33 -53.58
C GLY P 207 -17.09 5.78 -52.66
N PHE P 208 -17.17 5.41 -51.36
CA PHE P 208 -16.16 5.79 -50.38
C PHE P 208 -15.13 4.69 -50.07
N TYR P 209 -13.92 5.11 -49.66
CA TYR P 209 -12.80 4.24 -49.28
C TYR P 209 -11.88 4.99 -48.31
N PRO P 210 -11.51 4.43 -47.12
CA PRO P 210 -11.84 3.09 -46.58
C PRO P 210 -13.31 2.93 -46.14
N ALA P 211 -13.64 1.72 -45.64
CA ALA P 211 -14.99 1.34 -45.18
C ALA P 211 -15.47 2.11 -43.95
N GLU P 212 -14.54 2.55 -43.06
CA GLU P 212 -14.87 3.29 -41.84
C GLU P 212 -15.62 4.59 -42.14
N ILE P 213 -16.86 4.67 -41.68
CA ILE P 213 -17.77 5.80 -41.85
C ILE P 213 -18.75 5.88 -40.67
N THR P 214 -19.20 7.11 -40.34
CA THR P 214 -20.18 7.37 -39.28
C THR P 214 -21.38 8.09 -39.91
N LEU P 215 -22.57 7.45 -39.82
CA LEU P 215 -23.83 7.97 -40.36
C LEU P 215 -24.85 8.05 -39.22
N THR P 216 -25.17 9.28 -38.79
CA THR P 216 -26.09 9.55 -37.67
C THR P 216 -27.17 10.56 -38.03
N TRP P 217 -28.40 10.30 -37.56
CA TRP P 217 -29.57 11.18 -37.77
C TRP P 217 -29.92 11.96 -36.49
N GLN P 218 -30.43 13.19 -36.67
CA GLN P 218 -30.88 14.07 -35.59
C GLN P 218 -31.99 15.00 -36.09
N ARG P 219 -32.96 15.37 -35.23
CA ARG P 219 -34.07 16.24 -35.64
C ARG P 219 -33.86 17.71 -35.27
N ASP P 220 -33.23 18.02 -34.13
CA ASP P 220 -32.99 19.39 -33.68
C ASP P 220 -31.58 19.62 -33.12
N GLY P 221 -30.91 18.54 -32.78
CA GLY P 221 -29.56 18.53 -32.21
C GLY P 221 -29.30 17.38 -31.27
N GLU P 222 -30.35 16.57 -31.02
CA GLU P 222 -30.29 15.37 -30.17
C GLU P 222 -30.30 14.21 -31.15
N ASP P 223 -29.24 13.39 -31.12
CA ASP P 223 -29.02 12.24 -31.99
C ASP P 223 -30.02 11.12 -31.74
N GLN P 224 -30.67 10.64 -32.82
CA GLN P 224 -31.63 9.54 -32.80
C GLN P 224 -30.86 8.24 -32.59
N THR P 225 -31.31 7.41 -31.63
CA THR P 225 -30.61 6.16 -31.31
C THR P 225 -31.47 4.92 -31.53
N GLN P 226 -32.75 4.97 -31.15
CA GLN P 226 -33.68 3.84 -31.26
C GLN P 226 -34.54 3.83 -32.53
N ASP P 227 -34.88 5.02 -33.07
CA ASP P 227 -35.73 5.15 -34.26
C ASP P 227 -34.93 5.32 -35.58
N THR P 228 -33.62 4.98 -35.57
CA THR P 228 -32.73 5.09 -36.73
C THR P 228 -32.36 3.69 -37.30
N GLU P 229 -32.59 3.50 -38.63
CA GLU P 229 -32.33 2.27 -39.39
C GLU P 229 -30.95 2.34 -40.07
N LEU P 230 -29.94 1.68 -39.48
CA LEU P 230 -28.60 1.64 -40.04
C LEU P 230 -28.31 0.33 -40.77
N VAL P 231 -27.89 0.44 -42.03
CA VAL P 231 -27.55 -0.75 -42.82
C VAL P 231 -26.04 -1.01 -42.71
N GLU P 232 -25.64 -2.30 -42.75
CA GLU P 232 -24.24 -2.74 -42.68
C GLU P 232 -23.47 -2.21 -43.89
N THR P 233 -22.22 -1.76 -43.68
CA THR P 233 -21.36 -1.26 -44.77
C THR P 233 -21.14 -2.42 -45.73
N ARG P 234 -21.47 -2.17 -46.98
CA ARG P 234 -21.41 -3.19 -48.01
C ARG P 234 -20.43 -2.81 -49.11
N PRO P 235 -19.79 -3.78 -49.79
CA PRO P 235 -18.86 -3.41 -50.87
C PRO P 235 -19.61 -3.11 -52.17
N ALA P 236 -19.18 -2.05 -52.88
CA ALA P 236 -19.78 -1.70 -54.16
C ALA P 236 -19.42 -2.75 -55.23
N GLY P 237 -18.24 -3.36 -55.09
CA GLY P 237 -17.71 -4.36 -56.01
C GLY P 237 -16.55 -3.82 -56.82
N ASP P 238 -16.34 -2.49 -56.78
CA ASP P 238 -15.27 -1.78 -57.50
C ASP P 238 -14.21 -1.22 -56.53
N ARG P 239 -14.08 -1.85 -55.33
CA ARG P 239 -13.17 -1.53 -54.21
C ARG P 239 -13.65 -0.35 -53.34
N THR P 240 -14.79 0.28 -53.72
CA THR P 240 -15.42 1.37 -52.94
C THR P 240 -16.54 0.76 -52.10
N PHE P 241 -17.07 1.54 -51.13
CA PHE P 241 -18.10 1.06 -50.21
C PHE P 241 -19.38 1.90 -50.24
N GLN P 242 -20.43 1.32 -49.64
CA GLN P 242 -21.77 1.90 -49.57
C GLN P 242 -22.34 1.70 -48.17
N LYS P 243 -23.26 2.60 -47.79
CA LYS P 243 -23.99 2.59 -46.52
C LYS P 243 -25.12 3.61 -46.56
N TRP P 244 -26.20 3.33 -45.82
CA TRP P 244 -27.31 4.24 -45.68
C TRP P 244 -27.88 4.17 -44.26
N ALA P 245 -28.43 5.30 -43.78
CA ALA P 245 -29.08 5.50 -42.49
C ALA P 245 -30.44 6.11 -42.76
N ALA P 246 -31.50 5.47 -42.25
CA ALA P 246 -32.87 5.93 -42.47
C ALA P 246 -33.61 6.27 -41.18
N VAL P 247 -34.51 7.27 -41.26
CA VAL P 247 -35.35 7.73 -40.15
C VAL P 247 -36.81 7.91 -40.60
N VAL P 248 -37.77 7.42 -39.80
CA VAL P 248 -39.20 7.58 -40.10
C VAL P 248 -39.65 8.88 -39.47
N VAL P 249 -40.08 9.83 -40.32
CA VAL P 249 -40.51 11.18 -39.95
C VAL P 249 -42.02 11.44 -40.23
N PRO P 250 -42.79 12.08 -39.30
CA PRO P 250 -44.20 12.41 -39.62
C PRO P 250 -44.22 13.49 -40.72
N SER P 251 -45.13 13.33 -41.72
CA SER P 251 -45.28 14.22 -42.88
C SER P 251 -45.24 15.71 -42.54
N GLY P 252 -44.48 16.47 -43.33
CA GLY P 252 -44.32 17.91 -43.17
C GLY P 252 -43.25 18.37 -42.19
N GLU P 253 -42.82 17.46 -41.29
CA GLU P 253 -41.81 17.71 -40.26
C GLU P 253 -40.38 17.28 -40.70
N GLU P 254 -40.21 16.93 -41.99
CA GLU P 254 -38.94 16.46 -42.54
C GLU P 254 -37.88 17.57 -42.77
N GLN P 255 -38.29 18.86 -42.68
CA GLN P 255 -37.39 20.00 -42.88
C GLN P 255 -36.36 20.17 -41.76
N ARG P 256 -36.70 19.76 -40.53
CA ARG P 256 -35.84 19.88 -39.34
C ARG P 256 -34.72 18.81 -39.26
N TYR P 257 -35.02 17.57 -39.72
CA TYR P 257 -34.10 16.42 -39.70
C TYR P 257 -32.82 16.64 -40.51
N THR P 258 -31.65 16.45 -39.85
CA THR P 258 -30.32 16.60 -40.43
C THR P 258 -29.45 15.37 -40.16
N CYS P 259 -28.70 14.91 -41.19
CA CYS P 259 -27.81 13.76 -41.07
C CYS P 259 -26.34 14.15 -41.19
N HIS P 260 -25.52 13.59 -40.29
CA HIS P 260 -24.08 13.87 -40.22
C HIS P 260 -23.23 12.73 -40.76
N VAL P 261 -22.31 13.05 -41.69
CA VAL P 261 -21.40 12.12 -42.35
C VAL P 261 -19.96 12.38 -41.89
N GLN P 262 -19.31 11.36 -41.31
CA GLN P 262 -17.92 11.40 -40.85
C GLN P 262 -17.11 10.32 -41.57
N HIS P 263 -16.14 10.76 -42.39
CA HIS P 263 -15.25 9.90 -43.17
C HIS P 263 -13.88 10.58 -43.29
N GLU P 264 -12.78 9.79 -43.33
CA GLU P 264 -11.43 10.33 -43.40
C GLU P 264 -11.11 11.05 -44.73
N GLY P 265 -11.91 10.82 -45.78
CA GLY P 265 -11.75 11.45 -47.08
C GLY P 265 -12.35 12.85 -47.17
N LEU P 266 -13.14 13.23 -46.14
CA LEU P 266 -13.81 14.53 -46.06
C LEU P 266 -12.99 15.56 -45.27
N PRO P 267 -12.79 16.80 -45.81
CA PRO P 267 -12.02 17.83 -45.06
C PRO P 267 -12.65 18.19 -43.70
N LYS P 268 -13.99 18.18 -43.66
CA LYS P 268 -14.81 18.47 -42.47
C LYS P 268 -16.09 17.62 -42.48
N PRO P 269 -16.62 17.17 -41.31
CA PRO P 269 -17.88 16.40 -41.33
C PRO P 269 -19.03 17.22 -41.90
N LEU P 270 -19.82 16.64 -42.81
CA LEU P 270 -20.92 17.37 -43.46
C LEU P 270 -22.28 17.14 -42.83
N THR P 271 -23.12 18.20 -42.86
CA THR P 271 -24.51 18.20 -42.37
C THR P 271 -25.37 18.16 -43.63
N LEU P 272 -26.17 17.11 -43.77
CA LEU P 272 -26.99 16.91 -44.96
C LEU P 272 -28.48 16.84 -44.64
N ARG P 273 -29.28 17.54 -45.45
CA ARG P 273 -30.74 17.58 -45.34
C ARG P 273 -31.41 17.31 -46.69
N TRP P 274 -32.72 16.98 -46.68
CA TRP P 274 -33.49 16.69 -47.89
C TRP P 274 -33.78 17.94 -48.72
N GLU P 275 -33.47 17.86 -50.03
CA GLU P 275 -33.66 18.95 -51.00
C GLU P 275 -33.97 18.41 -52.42
N PRO P 276 -35.10 18.83 -53.07
CA PRO P 276 -36.12 19.76 -52.60
C PRO P 276 -37.23 19.06 -51.80
N ILE Q 2 -22.79 -20.98 -31.99
CA ILE Q 2 -22.07 -21.96 -32.81
C ILE Q 2 -22.34 -21.68 -34.29
N GLN Q 3 -23.63 -21.71 -34.71
CA GLN Q 3 -24.09 -21.49 -36.08
C GLN Q 3 -24.88 -20.17 -36.24
N ARG Q 4 -24.38 -19.28 -37.11
CA ARG Q 4 -24.97 -17.97 -37.40
C ARG Q 4 -25.70 -17.98 -38.74
N THR Q 5 -26.84 -17.28 -38.82
CA THR Q 5 -27.65 -17.19 -40.04
C THR Q 5 -27.20 -16.01 -40.96
N PRO Q 6 -27.17 -16.18 -42.30
CA PRO Q 6 -26.71 -15.08 -43.17
C PRO Q 6 -27.63 -13.86 -43.28
N LYS Q 7 -27.00 -12.67 -43.33
CA LYS Q 7 -27.65 -11.38 -43.53
C LYS Q 7 -27.48 -11.10 -45.02
N ILE Q 8 -28.59 -10.74 -45.70
CA ILE Q 8 -28.58 -10.54 -47.15
C ILE Q 8 -28.91 -9.10 -47.52
N GLN Q 9 -28.18 -8.57 -48.50
CA GLN Q 9 -28.38 -7.23 -49.06
C GLN Q 9 -28.26 -7.32 -50.58
N VAL Q 10 -29.35 -6.98 -51.29
CA VAL Q 10 -29.40 -6.98 -52.76
C VAL Q 10 -29.43 -5.51 -53.19
N TYR Q 11 -28.47 -5.12 -54.05
CA TYR Q 11 -28.29 -3.73 -54.51
C TYR Q 11 -27.46 -3.67 -55.79
N SER Q 12 -27.43 -2.50 -56.42
CA SER Q 12 -26.62 -2.23 -57.62
C SER Q 12 -25.34 -1.48 -57.24
N ARG Q 13 -24.24 -1.71 -57.97
CA ARG Q 13 -22.95 -1.05 -57.75
C ARG Q 13 -23.06 0.49 -57.89
N HIS Q 14 -23.83 0.94 -58.90
CA HIS Q 14 -24.06 2.35 -59.22
C HIS Q 14 -25.57 2.67 -59.11
N PRO Q 15 -26.00 3.96 -59.00
CA PRO Q 15 -27.46 4.24 -58.95
C PRO Q 15 -28.15 3.71 -60.22
N ALA Q 16 -29.27 2.97 -60.02
CA ALA Q 16 -30.05 2.35 -61.10
C ALA Q 16 -30.63 3.37 -62.10
N GLU Q 17 -30.16 3.29 -63.35
CA GLU Q 17 -30.60 4.11 -64.47
C GLU Q 17 -30.99 3.14 -65.57
N ASN Q 18 -32.29 3.10 -65.91
CA ASN Q 18 -32.82 2.19 -66.92
C ASN Q 18 -32.14 2.38 -68.26
N GLY Q 19 -31.52 1.31 -68.78
CA GLY Q 19 -30.80 1.32 -70.04
C GLY Q 19 -29.30 1.45 -69.89
N LYS Q 20 -28.82 1.82 -68.69
CA LYS Q 20 -27.41 2.02 -68.39
C LYS Q 20 -26.81 0.76 -67.75
N SER Q 21 -25.73 0.20 -68.36
CA SER Q 21 -25.03 -1.01 -67.85
C SER Q 21 -24.50 -0.76 -66.44
N ASN Q 22 -24.67 -1.77 -65.57
CA ASN Q 22 -24.35 -1.71 -64.15
C ASN Q 22 -23.90 -3.11 -63.67
N PHE Q 23 -23.99 -3.36 -62.36
CA PHE Q 23 -23.66 -4.62 -61.69
C PHE Q 23 -24.66 -4.83 -60.57
N LEU Q 24 -25.34 -5.99 -60.56
CA LEU Q 24 -26.28 -6.37 -59.50
C LEU Q 24 -25.47 -7.15 -58.50
N ASN Q 25 -25.51 -6.74 -57.23
CA ASN Q 25 -24.74 -7.32 -56.15
C ASN Q 25 -25.64 -7.91 -55.09
N CYS Q 26 -25.17 -9.03 -54.53
CA CYS Q 26 -25.77 -9.69 -53.40
C CYS Q 26 -24.69 -10.02 -52.37
N TYR Q 27 -24.72 -9.25 -51.27
CA TYR Q 27 -23.78 -9.34 -50.16
C TYR Q 27 -24.33 -10.23 -49.04
N VAL Q 28 -23.70 -11.41 -48.84
CA VAL Q 28 -24.05 -12.33 -47.74
C VAL Q 28 -22.98 -12.20 -46.65
N SER Q 29 -23.41 -12.00 -45.40
CA SER Q 29 -22.49 -11.81 -44.28
C SER Q 29 -23.08 -12.30 -42.97
N GLY Q 30 -22.23 -12.40 -41.95
CA GLY Q 30 -22.63 -12.82 -40.60
C GLY Q 30 -23.02 -14.28 -40.46
N PHE Q 31 -22.58 -15.14 -41.41
CA PHE Q 31 -22.90 -16.58 -41.39
C PHE Q 31 -21.71 -17.46 -40.94
N HIS Q 32 -22.03 -18.66 -40.44
CA HIS Q 32 -21.10 -19.68 -39.95
C HIS Q 32 -21.89 -21.00 -39.82
N PRO Q 33 -21.45 -22.15 -40.38
CA PRO Q 33 -20.18 -22.42 -41.10
C PRO Q 33 -20.05 -21.74 -42.46
N SER Q 34 -18.91 -21.95 -43.13
CA SER Q 34 -18.54 -21.33 -44.41
C SER Q 34 -19.40 -21.71 -45.63
N ASP Q 35 -19.91 -22.95 -45.71
CA ASP Q 35 -20.72 -23.41 -46.85
C ASP Q 35 -21.99 -22.60 -47.05
N ILE Q 36 -22.17 -22.06 -48.26
CA ILE Q 36 -23.33 -21.25 -48.64
C ILE Q 36 -23.66 -21.46 -50.12
N GLU Q 37 -24.97 -21.41 -50.43
CA GLU Q 37 -25.51 -21.54 -51.77
C GLU Q 37 -26.19 -20.23 -52.08
N VAL Q 38 -25.66 -19.50 -53.08
CA VAL Q 38 -26.22 -18.19 -53.45
C VAL Q 38 -26.49 -18.14 -54.95
N ASP Q 39 -27.72 -17.76 -55.30
CA ASP Q 39 -28.18 -17.60 -56.67
C ASP Q 39 -28.77 -16.22 -56.88
N LEU Q 40 -28.41 -15.60 -58.03
CA LEU Q 40 -28.93 -14.31 -58.46
C LEU Q 40 -30.03 -14.62 -59.50
N LEU Q 41 -31.26 -14.13 -59.25
CA LEU Q 41 -32.40 -14.40 -60.13
C LEU Q 41 -32.84 -13.20 -60.98
N LYS Q 42 -33.17 -13.47 -62.25
CA LYS Q 42 -33.74 -12.50 -63.19
C LYS Q 42 -35.13 -13.05 -63.55
N ASN Q 43 -36.18 -12.43 -62.98
CA ASN Q 43 -37.59 -12.81 -63.15
C ASN Q 43 -37.88 -14.25 -62.69
N GLY Q 44 -37.21 -14.66 -61.62
CA GLY Q 44 -37.35 -15.99 -61.02
C GLY Q 44 -36.48 -17.07 -61.63
N GLU Q 45 -35.64 -16.71 -62.64
CA GLU Q 45 -34.74 -17.64 -63.32
C GLU Q 45 -33.29 -17.39 -62.91
N ARG Q 46 -32.52 -18.47 -62.70
CA ARG Q 46 -31.10 -18.43 -62.30
C ARG Q 46 -30.22 -17.77 -63.38
N ILE Q 47 -29.41 -16.76 -62.98
CA ILE Q 47 -28.47 -16.09 -63.88
C ILE Q 47 -27.21 -16.98 -64.01
N GLU Q 48 -26.72 -17.16 -65.24
CA GLU Q 48 -25.59 -18.01 -65.61
C GLU Q 48 -24.21 -17.47 -65.19
N LYS Q 49 -23.85 -16.26 -65.66
CA LYS Q 49 -22.55 -15.64 -65.40
C LYS Q 49 -22.52 -14.90 -64.05
N VAL Q 50 -22.47 -15.66 -62.93
CA VAL Q 50 -22.44 -15.05 -61.59
C VAL Q 50 -21.09 -15.32 -60.90
N GLU Q 51 -20.27 -14.26 -60.82
CA GLU Q 51 -18.96 -14.29 -60.17
C GLU Q 51 -19.11 -13.95 -58.69
N HIS Q 52 -18.19 -14.42 -57.85
CA HIS Q 52 -18.21 -14.15 -56.41
C HIS Q 52 -16.80 -13.86 -55.85
N SER Q 53 -16.75 -13.12 -54.74
CA SER Q 53 -15.50 -12.73 -54.07
C SER Q 53 -14.91 -13.93 -53.30
N ASP Q 54 -13.63 -13.80 -52.89
CA ASP Q 54 -12.93 -14.84 -52.12
C ASP Q 54 -13.39 -14.86 -50.65
N LEU Q 55 -13.44 -16.06 -50.07
CA LEU Q 55 -13.88 -16.26 -48.68
C LEU Q 55 -13.00 -15.55 -47.65
N SER Q 56 -13.62 -14.60 -46.95
CA SER Q 56 -13.01 -13.86 -45.86
C SER Q 56 -13.99 -13.82 -44.69
N PHE Q 57 -13.57 -13.27 -43.54
CA PHE Q 57 -14.43 -13.23 -42.35
C PHE Q 57 -14.25 -11.94 -41.56
N SER Q 58 -15.24 -11.62 -40.71
CA SER Q 58 -15.25 -10.43 -39.88
C SER Q 58 -14.58 -10.68 -38.51
N LYS Q 59 -14.48 -9.63 -37.65
CA LYS Q 59 -13.88 -9.66 -36.30
C LYS Q 59 -14.45 -10.75 -35.38
N ASP Q 60 -15.75 -11.10 -35.56
CA ASP Q 60 -16.51 -12.10 -34.80
C ASP Q 60 -16.45 -13.51 -35.39
N TRP Q 61 -15.64 -13.71 -36.44
CA TRP Q 61 -15.37 -14.98 -37.15
C TRP Q 61 -16.45 -15.38 -38.13
N SER Q 62 -17.49 -14.55 -38.31
CA SER Q 62 -18.56 -14.83 -39.26
C SER Q 62 -18.08 -14.49 -40.68
N PHE Q 63 -18.41 -15.35 -41.65
CA PHE Q 63 -17.98 -15.18 -43.04
C PHE Q 63 -18.79 -14.13 -43.82
N TYR Q 64 -18.24 -13.70 -44.96
CA TYR Q 64 -18.89 -12.78 -45.88
C TYR Q 64 -18.46 -13.04 -47.31
N LEU Q 65 -19.42 -12.93 -48.24
CA LEU Q 65 -19.20 -13.12 -49.68
C LEU Q 65 -20.02 -12.12 -50.49
N LEU Q 66 -19.44 -11.63 -51.58
CA LEU Q 66 -20.14 -10.77 -52.52
C LEU Q 66 -20.33 -11.50 -53.85
N TYR Q 67 -21.58 -11.82 -54.19
CA TYR Q 67 -21.95 -12.45 -55.47
C TYR Q 67 -22.44 -11.32 -56.38
N TYR Q 68 -21.93 -11.27 -57.60
CA TYR Q 68 -22.25 -10.19 -58.54
C TYR Q 68 -22.34 -10.63 -60.00
N THR Q 69 -23.09 -9.86 -60.80
CA THR Q 69 -23.24 -10.05 -62.25
C THR Q 69 -23.45 -8.71 -62.96
N GLU Q 70 -22.89 -8.58 -64.18
CA GLU Q 70 -23.08 -7.38 -65.01
C GLU Q 70 -24.50 -7.46 -65.56
N PHE Q 71 -25.23 -6.35 -65.48
CA PHE Q 71 -26.61 -6.29 -65.93
C PHE Q 71 -26.99 -4.87 -66.34
N THR Q 72 -28.09 -4.76 -67.11
CA THR Q 72 -28.64 -3.49 -67.55
C THR Q 72 -30.07 -3.42 -66.96
N PRO Q 73 -30.31 -2.62 -65.88
CA PRO Q 73 -31.67 -2.57 -65.31
C PRO Q 73 -32.71 -1.94 -66.26
N THR Q 74 -33.95 -2.45 -66.20
CA THR Q 74 -35.09 -1.94 -66.97
C THR Q 74 -36.22 -1.64 -66.00
N GLU Q 75 -37.27 -0.98 -66.48
CA GLU Q 75 -38.44 -0.63 -65.68
C GLU Q 75 -39.19 -1.87 -65.17
N LYS Q 76 -39.39 -2.90 -66.04
CA LYS Q 76 -40.17 -4.11 -65.74
C LYS Q 76 -39.39 -5.37 -65.29
N ASP Q 77 -38.05 -5.38 -65.42
CA ASP Q 77 -37.28 -6.57 -65.02
C ASP Q 77 -37.14 -6.66 -63.52
N GLU Q 78 -37.51 -7.82 -62.97
CA GLU Q 78 -37.45 -8.10 -61.53
C GLU Q 78 -36.20 -8.91 -61.20
N TYR Q 79 -35.45 -8.45 -60.19
CA TYR Q 79 -34.25 -9.16 -59.73
C TYR Q 79 -34.38 -9.53 -58.27
N ALA Q 80 -33.92 -10.71 -57.91
CA ALA Q 80 -33.96 -11.18 -56.54
C ALA Q 80 -32.69 -11.97 -56.23
N CYS Q 81 -32.61 -12.54 -55.04
CA CYS Q 81 -31.49 -13.34 -54.65
C CYS Q 81 -31.90 -14.47 -53.75
N ARG Q 82 -31.61 -15.72 -54.16
CA ARG Q 82 -31.94 -16.93 -53.41
C ARG Q 82 -30.70 -17.43 -52.67
N VAL Q 83 -30.79 -17.46 -51.33
CA VAL Q 83 -29.70 -17.87 -50.45
C VAL Q 83 -30.12 -19.08 -49.64
N ASN Q 84 -29.24 -20.11 -49.59
CA ASN Q 84 -29.43 -21.29 -48.76
C ASN Q 84 -28.17 -21.57 -47.91
N HIS Q 85 -28.40 -21.92 -46.63
CA HIS Q 85 -27.43 -22.19 -45.57
C HIS Q 85 -28.00 -23.28 -44.62
N VAL Q 86 -27.14 -23.93 -43.79
CA VAL Q 86 -27.58 -24.97 -42.84
C VAL Q 86 -28.47 -24.40 -41.72
N THR Q 87 -28.38 -23.09 -41.46
CA THR Q 87 -29.16 -22.40 -40.43
C THR Q 87 -30.59 -22.11 -40.89
N LEU Q 88 -30.79 -22.09 -42.23
CA LEU Q 88 -32.06 -21.81 -42.90
C LEU Q 88 -32.81 -23.09 -43.25
N SER Q 89 -34.06 -23.22 -42.74
CA SER Q 89 -34.93 -24.37 -43.02
C SER Q 89 -35.46 -24.38 -44.47
N GLN Q 90 -35.47 -23.20 -45.15
CA GLN Q 90 -35.93 -23.02 -46.54
C GLN Q 90 -35.07 -21.97 -47.26
N PRO Q 91 -34.78 -22.11 -48.59
CA PRO Q 91 -33.97 -21.07 -49.28
C PRO Q 91 -34.62 -19.68 -49.26
N LYS Q 92 -33.97 -18.73 -48.56
CA LYS Q 92 -34.43 -17.35 -48.40
C LYS Q 92 -34.26 -16.54 -49.68
N ILE Q 93 -35.32 -15.79 -50.06
CA ILE Q 93 -35.28 -14.92 -51.24
C ILE Q 93 -35.47 -13.45 -50.81
N VAL Q 94 -34.52 -12.58 -51.24
CA VAL Q 94 -34.56 -11.15 -50.97
C VAL Q 94 -34.65 -10.47 -52.35
N LYS Q 95 -35.77 -9.75 -52.60
CA LYS Q 95 -36.02 -9.04 -53.86
C LYS Q 95 -35.18 -7.75 -53.94
N TRP Q 96 -34.73 -7.40 -55.15
CA TRP Q 96 -33.95 -6.18 -55.35
C TRP Q 96 -34.85 -4.95 -55.38
N ASP Q 97 -34.59 -4.01 -54.46
CA ASP Q 97 -35.28 -2.73 -54.40
C ASP Q 97 -34.21 -1.72 -54.80
N ARG Q 98 -34.44 -0.98 -55.90
CA ARG Q 98 -33.46 0.00 -56.41
C ARG Q 98 -33.25 1.20 -55.48
N ASP Q 99 -34.13 1.36 -54.46
CA ASP Q 99 -34.05 2.43 -53.46
C ASP Q 99 -33.42 1.93 -52.14
N MET Q 100 -32.94 0.66 -52.10
CA MET Q 100 -32.30 0.02 -50.94
C MET Q 100 -30.79 -0.22 -51.13
N LEU R 1 3.30 -9.85 -47.69
CA LEU R 1 4.04 -11.09 -47.57
C LEU R 1 3.56 -11.84 -46.32
N PRO R 2 3.12 -13.11 -46.47
CA PRO R 2 2.64 -13.86 -45.31
C PRO R 2 3.75 -14.35 -44.36
N PHE R 3 3.34 -14.77 -43.14
CA PHE R 3 4.20 -15.37 -42.13
C PHE R 3 4.67 -16.70 -42.73
N GLU R 4 5.99 -16.94 -42.76
CA GLU R 4 6.57 -18.12 -43.42
C GLU R 4 6.78 -19.35 -42.54
N LYS R 5 6.16 -19.39 -41.36
CA LYS R 5 6.27 -20.54 -40.45
C LYS R 5 4.90 -21.02 -39.97
N SER R 6 4.75 -22.32 -39.75
CA SER R 6 3.53 -22.91 -39.20
C SER R 6 3.84 -24.05 -38.27
N THR R 7 3.20 -24.05 -37.11
CA THR R 7 3.36 -25.06 -36.07
C THR R 7 2.00 -25.69 -35.81
N ILE R 8 1.94 -27.03 -35.95
CA ILE R 8 0.75 -27.84 -35.74
C ILE R 8 0.21 -27.55 -34.35
N MET R 9 -1.12 -27.35 -34.27
CA MET R 9 -1.84 -27.06 -33.04
C MET R 9 -2.05 -28.30 -32.12
N SER S 1 17.46 -22.41 -49.21
CA SER S 1 18.52 -23.01 -50.03
C SER S 1 19.26 -21.93 -50.84
N ALA S 2 18.79 -21.65 -52.08
CA ALA S 2 19.39 -20.68 -53.00
C ALA S 2 19.24 -19.24 -52.55
N GLY S 3 20.36 -18.55 -52.49
CA GLY S 3 20.40 -17.14 -52.12
C GLY S 3 21.00 -16.85 -50.77
N GLU S 4 21.19 -17.87 -49.95
CA GLU S 4 21.77 -17.73 -48.62
C GLU S 4 23.04 -18.53 -48.46
N ASN S 5 24.07 -17.88 -47.95
CA ASN S 5 25.39 -18.43 -47.69
C ASN S 5 25.87 -17.82 -46.39
N VAL S 6 26.22 -18.69 -45.45
CA VAL S 6 26.70 -18.28 -44.14
C VAL S 6 28.17 -18.63 -44.02
N GLU S 7 28.99 -17.63 -43.74
CA GLU S 7 30.43 -17.81 -43.59
C GLU S 7 30.86 -17.53 -42.16
N GLN S 8 31.65 -18.45 -41.58
CA GLN S 8 32.19 -18.38 -40.21
C GLN S 8 33.60 -17.83 -40.21
N HIS S 9 33.88 -16.85 -39.33
CA HIS S 9 35.19 -16.22 -39.18
C HIS S 9 35.54 -16.21 -37.68
N PRO S 10 36.62 -16.91 -37.24
CA PRO S 10 37.57 -17.72 -38.01
C PRO S 10 37.15 -19.18 -38.16
N SER S 11 37.95 -20.00 -38.87
CA SER S 11 37.67 -21.42 -39.07
C SER S 11 38.26 -22.28 -37.95
N THR S 12 39.25 -21.71 -37.22
CA THR S 12 39.96 -22.32 -36.10
C THR S 12 40.30 -21.20 -35.11
N LEU S 13 39.99 -21.42 -33.83
CA LEU S 13 40.28 -20.42 -32.79
C LEU S 13 40.86 -21.05 -31.51
N SER S 14 42.07 -20.62 -31.16
CA SER S 14 42.75 -21.05 -29.94
C SER S 14 42.78 -19.89 -28.96
N VAL S 15 42.23 -20.13 -27.77
CA VAL S 15 42.12 -19.14 -26.71
C VAL S 15 42.68 -19.74 -25.40
N GLN S 16 43.05 -18.89 -24.44
CA GLN S 16 43.59 -19.33 -23.15
C GLN S 16 42.47 -19.34 -22.11
N GLU S 17 42.49 -20.30 -21.17
CA GLU S 17 41.50 -20.39 -20.11
C GLU S 17 41.38 -19.04 -19.39
N GLY S 18 40.14 -18.57 -19.23
CA GLY S 18 39.81 -17.30 -18.59
C GLY S 18 39.65 -16.15 -19.57
N ASP S 19 40.23 -16.26 -20.77
CA ASP S 19 40.11 -15.23 -21.81
C ASP S 19 38.78 -15.39 -22.56
N SER S 20 38.36 -14.33 -23.28
CA SER S 20 37.14 -14.35 -24.07
C SER S 20 37.41 -14.87 -25.48
N ALA S 21 36.39 -15.50 -26.10
CA ALA S 21 36.43 -15.99 -27.49
C ALA S 21 35.23 -15.43 -28.25
N VAL S 22 35.45 -14.96 -29.48
CA VAL S 22 34.40 -14.39 -30.31
C VAL S 22 34.42 -15.03 -31.70
N ILE S 23 33.25 -15.53 -32.15
CA ILE S 23 33.06 -16.11 -33.49
C ILE S 23 32.05 -15.23 -34.24
N LYS S 24 32.39 -14.80 -35.47
CA LYS S 24 31.54 -13.95 -36.32
C LYS S 24 31.01 -14.70 -37.54
N CYS S 25 29.71 -14.50 -37.86
CA CYS S 25 29.04 -15.09 -39.02
C CYS S 25 28.42 -14.03 -39.87
N THR S 26 28.55 -14.17 -41.18
CA THR S 26 27.96 -13.24 -42.14
C THR S 26 26.88 -13.96 -42.92
N TYR S 27 25.77 -13.27 -43.20
CA TYR S 27 24.69 -13.85 -44.00
C TYR S 27 24.30 -12.90 -45.15
N SER S 28 23.57 -13.40 -46.15
CA SER S 28 23.22 -12.64 -47.35
C SER S 28 21.75 -12.26 -47.51
N ASP S 29 20.81 -13.17 -47.16
CA ASP S 29 19.38 -13.01 -47.40
C ASP S 29 18.57 -12.33 -46.30
N SER S 30 17.67 -11.43 -46.72
CA SER S 30 16.75 -10.67 -45.83
C SER S 30 15.62 -11.56 -45.26
N ALA S 31 15.38 -12.75 -45.87
CA ALA S 31 14.37 -13.70 -45.41
C ALA S 31 14.86 -14.43 -44.15
N SER S 32 16.17 -14.28 -43.81
CA SER S 32 16.78 -14.84 -42.61
C SER S 32 16.37 -13.99 -41.40
N ASN S 33 15.65 -14.58 -40.43
CA ASN S 33 15.18 -13.91 -39.21
C ASN S 33 15.49 -14.76 -37.99
N TYR S 34 16.03 -15.96 -38.19
CA TYR S 34 16.35 -16.88 -37.08
C TYR S 34 17.79 -17.33 -37.23
N PHE S 35 18.59 -17.14 -36.16
CA PHE S 35 20.04 -17.39 -36.16
C PHE S 35 20.50 -18.22 -34.98
N PRO S 36 20.50 -19.56 -35.14
CA PRO S 36 20.94 -20.42 -34.03
C PRO S 36 22.46 -20.70 -33.96
N TRP S 37 22.94 -21.10 -32.76
CA TRP S 37 24.33 -21.49 -32.52
C TRP S 37 24.34 -22.87 -31.90
N TYR S 38 25.11 -23.78 -32.50
CA TYR S 38 25.26 -25.15 -32.04
C TYR S 38 26.70 -25.43 -31.60
N LYS S 39 26.86 -26.26 -30.56
CA LYS S 39 28.14 -26.71 -30.03
C LYS S 39 28.23 -28.24 -30.26
N GLN S 40 29.24 -28.67 -31.04
CA GLN S 40 29.44 -30.08 -31.33
C GLN S 40 30.78 -30.59 -30.81
N GLU S 41 30.73 -31.50 -29.82
CA GLU S 41 31.91 -32.15 -29.25
C GLU S 41 32.24 -33.37 -30.09
N LEU S 42 33.50 -33.84 -30.04
CA LEU S 42 33.98 -35.01 -30.80
C LEU S 42 33.12 -36.28 -30.56
N GLY S 43 32.58 -36.81 -31.65
CA GLY S 43 31.72 -38.00 -31.66
C GLY S 43 30.29 -37.78 -31.18
N LYS S 44 29.98 -36.55 -30.69
CA LYS S 44 28.69 -36.17 -30.14
C LYS S 44 27.80 -35.39 -31.13
N ARG S 45 26.56 -35.08 -30.71
CA ARG S 45 25.58 -34.35 -31.53
C ARG S 45 25.75 -32.83 -31.45
N PRO S 46 25.39 -32.06 -32.52
CA PRO S 46 25.43 -30.60 -32.40
C PRO S 46 24.31 -30.18 -31.44
N GLN S 47 24.68 -29.53 -30.34
CA GLN S 47 23.73 -29.10 -29.31
C GLN S 47 23.43 -27.62 -29.41
N LEU S 48 22.15 -27.23 -29.39
CA LEU S 48 21.76 -25.82 -29.42
C LEU S 48 22.15 -25.14 -28.09
N ILE S 49 23.01 -24.11 -28.16
CA ILE S 49 23.50 -23.41 -26.98
C ILE S 49 22.83 -22.05 -26.76
N ILE S 50 22.47 -21.37 -27.86
CA ILE S 50 21.84 -20.04 -27.86
C ILE S 50 21.39 -19.76 -29.30
N ASP S 51 20.48 -18.78 -29.47
CA ASP S 51 19.96 -18.32 -30.75
C ASP S 51 19.48 -16.87 -30.66
N ILE S 52 19.29 -16.22 -31.81
CA ILE S 52 18.82 -14.84 -31.87
C ILE S 52 17.86 -14.65 -33.05
N ARG S 53 16.96 -13.67 -32.94
CA ARG S 53 16.00 -13.35 -34.01
C ARG S 53 16.23 -11.91 -34.46
N SER S 54 15.85 -11.60 -35.71
CA SER S 54 16.06 -10.30 -36.40
C SER S 54 15.59 -9.04 -35.65
N ASN S 55 14.67 -9.17 -34.68
CA ASN S 55 14.13 -8.03 -33.92
C ASN S 55 14.95 -7.73 -32.67
N VAL S 56 15.95 -8.58 -32.37
CA VAL S 56 16.80 -8.52 -31.17
C VAL S 56 18.27 -8.21 -31.53
N GLY S 57 18.82 -7.21 -30.83
CA GLY S 57 20.19 -6.74 -31.02
C GLY S 57 21.24 -7.61 -30.34
N GLU S 58 20.95 -8.04 -29.11
CA GLU S 58 21.83 -8.93 -28.37
C GLU S 58 21.07 -9.75 -27.33
N LYS S 59 21.57 -10.96 -27.04
CA LYS S 59 20.96 -11.90 -26.11
C LYS S 59 22.05 -12.54 -25.27
N LYS S 60 21.89 -12.55 -23.94
CA LYS S 60 22.88 -13.10 -23.02
C LYS S 60 22.31 -14.20 -22.14
N ASP S 61 23.10 -15.27 -21.94
CA ASP S 61 22.78 -16.41 -21.06
C ASP S 61 24.06 -16.81 -20.32
N GLN S 62 24.18 -16.36 -19.05
CA GLN S 62 25.30 -16.60 -18.15
C GLN S 62 26.64 -16.17 -18.77
N ARG S 63 27.47 -17.16 -19.18
CA ARG S 63 28.78 -16.94 -19.80
C ARG S 63 28.73 -16.69 -21.31
N ILE S 64 27.69 -17.18 -21.99
CA ILE S 64 27.57 -17.01 -23.43
C ILE S 64 26.61 -15.87 -23.79
N ALA S 65 26.91 -15.18 -24.89
CA ALA S 65 26.11 -14.08 -25.42
C ALA S 65 26.16 -14.10 -26.94
N VAL S 66 25.12 -13.57 -27.59
CA VAL S 66 25.01 -13.49 -29.04
C VAL S 66 24.61 -12.09 -29.42
N THR S 67 25.26 -11.52 -30.44
CA THR S 67 24.97 -10.18 -30.90
C THR S 67 24.59 -10.23 -32.39
N LEU S 68 23.65 -9.38 -32.83
CA LEU S 68 23.20 -9.34 -34.23
C LEU S 68 23.12 -7.94 -34.81
N ASN S 69 23.61 -7.79 -36.05
CA ASN S 69 23.56 -6.53 -36.79
C ASN S 69 22.77 -6.80 -38.08
N LYS S 70 21.45 -6.54 -38.02
CA LYS S 70 20.47 -6.76 -39.09
C LYS S 70 20.86 -6.08 -40.42
N THR S 71 21.21 -4.77 -40.38
CA THR S 71 21.58 -3.99 -41.59
C THR S 71 22.89 -4.46 -42.21
N ALA S 72 23.94 -4.66 -41.38
CA ALA S 72 25.24 -5.12 -41.87
C ALA S 72 25.24 -6.60 -42.24
N LYS S 73 24.23 -7.36 -41.74
CA LYS S 73 24.00 -8.80 -41.96
C LYS S 73 25.12 -9.67 -41.36
N HIS S 74 25.40 -9.46 -40.08
CA HIS S 74 26.36 -10.29 -39.36
C HIS S 74 25.96 -10.50 -37.92
N PHE S 75 26.38 -11.63 -37.35
CA PHE S 75 26.07 -11.99 -35.98
C PHE S 75 27.23 -12.69 -35.31
N SER S 76 27.43 -12.45 -34.01
CA SER S 76 28.56 -13.00 -33.28
C SER S 76 28.22 -13.73 -31.99
N LEU S 77 29.04 -14.75 -31.67
CA LEU S 77 28.98 -15.56 -30.45
C LEU S 77 30.11 -15.07 -29.54
N HIS S 78 29.77 -14.70 -28.29
CA HIS S 78 30.71 -14.22 -27.28
C HIS S 78 30.74 -15.19 -26.10
N ILE S 79 31.87 -15.92 -25.93
CA ILE S 79 32.05 -16.83 -24.79
C ILE S 79 33.03 -16.16 -23.83
N THR S 80 32.54 -15.76 -22.64
CA THR S 80 33.35 -15.10 -21.61
C THR S 80 33.97 -16.13 -20.65
N GLU S 81 35.14 -15.78 -20.06
CA GLU S 81 35.96 -16.57 -19.13
C GLU S 81 35.89 -18.07 -19.47
N THR S 82 36.47 -18.40 -20.64
CA THR S 82 36.51 -19.74 -21.23
C THR S 82 37.02 -20.82 -20.29
N GLN S 83 36.42 -22.01 -20.39
CA GLN S 83 36.75 -23.22 -19.65
C GLN S 83 37.25 -24.26 -20.67
N PRO S 84 38.10 -25.26 -20.30
CA PRO S 84 38.53 -26.26 -21.29
C PRO S 84 37.38 -27.06 -21.91
N GLU S 85 36.29 -27.28 -21.14
CA GLU S 85 35.08 -27.99 -21.55
C GLU S 85 34.34 -27.31 -22.73
N ASP S 86 34.61 -26.00 -22.96
CA ASP S 86 34.05 -25.22 -24.07
C ASP S 86 34.68 -25.61 -25.40
N SER S 87 35.79 -26.35 -25.37
CA SER S 87 36.46 -26.78 -26.59
C SER S 87 35.55 -27.70 -27.40
N ALA S 88 35.14 -27.24 -28.59
CA ALA S 88 34.24 -27.92 -29.52
C ALA S 88 34.21 -27.20 -30.87
N VAL S 89 33.49 -27.78 -31.85
CA VAL S 89 33.24 -27.15 -33.14
C VAL S 89 31.93 -26.40 -32.96
N TYR S 90 31.90 -25.11 -33.32
CA TYR S 90 30.72 -24.27 -33.18
C TYR S 90 30.14 -23.95 -34.54
N PHE S 91 28.82 -24.12 -34.70
CA PHE S 91 28.12 -23.83 -35.95
C PHE S 91 27.10 -22.76 -35.74
N CYS S 92 26.96 -21.88 -36.72
CA CYS S 92 25.94 -20.85 -36.76
C CYS S 92 25.09 -21.16 -37.97
N ALA S 93 23.85 -20.65 -38.00
CA ALA S 93 22.97 -20.89 -39.15
C ALA S 93 22.04 -19.71 -39.35
N ALA S 94 21.38 -19.67 -40.51
CA ALA S 94 20.38 -18.67 -40.87
C ALA S 94 19.25 -19.44 -41.57
N ASP S 95 18.02 -18.91 -41.60
CA ASP S 95 16.88 -19.58 -42.23
C ASP S 95 16.39 -18.96 -43.54
N GLY S 96 17.16 -18.01 -44.11
CA GLY S 96 16.82 -17.34 -45.35
C GLY S 96 17.04 -18.16 -46.60
N GLY S 97 16.91 -17.52 -47.75
CA GLY S 97 17.07 -18.20 -49.03
C GLY S 97 15.74 -18.61 -49.65
N ALA S 98 15.75 -18.88 -50.95
CA ALA S 98 14.61 -19.28 -51.74
C ALA S 98 14.72 -20.77 -52.02
N GLY S 99 13.63 -21.36 -52.46
CA GLY S 99 13.58 -22.80 -52.73
C GLY S 99 13.27 -23.61 -51.48
N SER S 100 13.73 -24.86 -51.47
CA SER S 100 13.53 -25.82 -50.38
C SER S 100 13.85 -25.23 -49.00
N TYR S 101 12.98 -25.45 -48.02
CA TYR S 101 13.19 -24.97 -46.66
C TYR S 101 14.30 -25.78 -45.96
N GLN S 102 15.25 -25.08 -45.37
CA GLN S 102 16.39 -25.64 -44.63
C GLN S 102 17.10 -24.53 -43.87
N LEU S 103 17.94 -24.91 -42.89
CA LEU S 103 18.79 -23.97 -42.20
C LEU S 103 20.07 -23.96 -43.02
N THR S 104 20.66 -22.80 -43.26
CA THR S 104 21.93 -22.72 -43.97
C THR S 104 23.02 -22.61 -42.91
N PHE S 105 23.83 -23.67 -42.73
CA PHE S 105 24.91 -23.69 -41.73
C PHE S 105 26.26 -23.15 -42.23
N GLY S 106 27.02 -22.58 -41.31
CA GLY S 106 28.40 -22.18 -41.56
C GLY S 106 29.25 -23.43 -41.57
N LYS S 107 30.48 -23.38 -42.11
CA LYS S 107 31.33 -24.56 -42.21
C LYS S 107 31.92 -25.05 -40.87
N GLY S 108 31.78 -24.24 -39.81
CA GLY S 108 32.26 -24.58 -38.47
C GLY S 108 33.50 -23.85 -38.02
N THR S 109 33.64 -23.66 -36.72
CA THR S 109 34.79 -23.02 -36.07
C THR S 109 35.26 -23.94 -34.95
N LYS S 110 36.44 -24.54 -35.09
CA LYS S 110 37.01 -25.40 -34.05
C LYS S 110 37.61 -24.51 -32.96
N LEU S 111 37.05 -24.60 -31.74
CA LEU S 111 37.52 -23.82 -30.61
C LEU S 111 38.40 -24.68 -29.68
N SER S 112 39.60 -24.19 -29.36
CA SER S 112 40.52 -24.88 -28.47
C SER S 112 40.81 -23.97 -27.30
N VAL S 113 40.34 -24.34 -26.11
CA VAL S 113 40.60 -23.56 -24.91
C VAL S 113 41.80 -24.23 -24.26
N ILE S 114 42.91 -23.48 -24.17
CA ILE S 114 44.16 -23.96 -23.59
C ILE S 114 44.05 -23.93 -22.05
N PRO S 115 44.16 -25.09 -21.36
CA PRO S 115 44.02 -25.08 -19.90
C PRO S 115 45.17 -24.38 -19.17
N ASN S 116 44.85 -23.71 -18.06
CA ASN S 116 45.85 -23.00 -17.25
C ASN S 116 46.49 -23.89 -16.19
N ILE S 117 47.79 -24.18 -16.36
CA ILE S 117 48.59 -24.96 -15.43
C ILE S 117 49.41 -23.93 -14.64
N GLN S 118 49.00 -23.69 -13.38
CA GLN S 118 49.61 -22.69 -12.49
C GLN S 118 51.02 -23.06 -12.02
N ASN S 119 51.20 -24.32 -11.55
CA ASN S 119 52.50 -24.78 -11.07
C ASN S 119 53.02 -25.99 -11.87
N PRO S 120 53.53 -25.78 -13.11
CA PRO S 120 54.05 -26.92 -13.88
C PRO S 120 55.29 -27.55 -13.25
N ASP S 121 55.46 -28.86 -13.49
CA ASP S 121 56.56 -29.66 -12.97
C ASP S 121 56.70 -30.88 -13.88
N PRO S 122 57.24 -30.73 -15.12
CA PRO S 122 57.32 -31.88 -16.03
C PRO S 122 58.18 -33.04 -15.54
N ALA S 123 57.77 -34.28 -15.87
CA ALA S 123 58.47 -35.52 -15.53
C ALA S 123 58.00 -36.66 -16.41
N VAL S 124 58.87 -37.66 -16.61
CA VAL S 124 58.57 -38.87 -17.39
C VAL S 124 58.74 -40.08 -16.45
N TYR S 125 57.63 -40.79 -16.19
CA TYR S 125 57.61 -41.95 -15.30
C TYR S 125 57.40 -43.27 -16.03
N GLN S 126 57.86 -44.38 -15.42
CA GLN S 126 57.68 -45.71 -15.97
C GLN S 126 56.62 -46.43 -15.14
N LEU S 127 55.59 -46.93 -15.82
CA LEU S 127 54.46 -47.63 -15.21
C LEU S 127 54.48 -49.09 -15.64
N ARG S 128 54.48 -50.01 -14.67
CA ARG S 128 54.50 -51.45 -14.97
C ARG S 128 53.11 -52.07 -14.91
N ASP S 129 52.87 -53.08 -15.79
CA ASP S 129 51.60 -53.82 -15.90
C ASP S 129 51.33 -54.60 -14.62
N SER S 130 50.06 -54.59 -14.15
CA SER S 130 49.65 -55.29 -12.94
C SER S 130 49.74 -56.83 -13.04
N LYS S 131 49.59 -57.39 -14.25
CA LYS S 131 49.68 -58.84 -14.49
C LYS S 131 51.13 -59.33 -14.57
N SER S 132 52.00 -58.57 -15.25
CA SER S 132 53.42 -58.90 -15.41
C SER S 132 54.30 -57.66 -15.56
N SER S 133 55.43 -57.61 -14.82
CA SER S 133 56.41 -56.52 -14.90
C SER S 133 57.18 -56.54 -16.25
N ASP S 134 56.95 -57.61 -17.05
CA ASP S 134 57.51 -57.86 -18.39
C ASP S 134 57.09 -56.75 -19.38
N LYS S 135 55.85 -56.21 -19.21
CA LYS S 135 55.28 -55.14 -20.03
C LYS S 135 55.18 -53.84 -19.22
N SER S 136 55.48 -52.69 -19.88
CA SER S 136 55.46 -51.37 -19.25
C SER S 136 55.10 -50.22 -20.22
N VAL S 137 54.65 -49.06 -19.66
CA VAL S 137 54.32 -47.85 -20.42
C VAL S 137 55.02 -46.62 -19.82
N CYS S 138 55.30 -45.61 -20.66
CA CYS S 138 55.94 -44.36 -20.24
C CYS S 138 54.87 -43.27 -20.14
N LEU S 139 54.98 -42.43 -19.10
CA LEU S 139 54.02 -41.36 -18.86
C LEU S 139 54.68 -39.99 -18.63
N PHE S 140 54.35 -39.03 -19.51
CA PHE S 140 54.81 -37.66 -19.45
C PHE S 140 53.67 -36.87 -18.84
N THR S 141 53.91 -36.18 -17.72
CA THR S 141 52.85 -35.46 -17.01
C THR S 141 53.34 -34.17 -16.32
N ASP S 142 52.37 -33.33 -15.88
CA ASP S 142 52.50 -32.05 -15.16
C ASP S 142 53.27 -30.97 -15.96
N PHE S 143 53.54 -31.22 -17.25
CA PHE S 143 54.17 -30.26 -18.16
C PHE S 143 53.15 -29.19 -18.52
N ASP S 144 53.61 -27.93 -18.72
CA ASP S 144 52.75 -26.77 -19.06
C ASP S 144 52.01 -26.96 -20.41
N SER S 145 50.92 -26.19 -20.59
CA SER S 145 50.03 -26.23 -21.75
C SER S 145 50.63 -25.77 -23.09
N GLN S 146 51.79 -25.07 -23.06
CA GLN S 146 52.47 -24.62 -24.29
C GLN S 146 53.49 -25.66 -24.79
N THR S 147 53.68 -26.77 -24.03
CA THR S 147 54.60 -27.86 -24.38
C THR S 147 54.01 -28.72 -25.48
N ASN S 148 54.81 -28.99 -26.52
CA ASN S 148 54.40 -29.82 -27.64
C ASN S 148 54.70 -31.29 -27.33
N VAL S 149 53.81 -32.20 -27.78
CA VAL S 149 53.97 -33.63 -27.65
C VAL S 149 53.75 -34.24 -29.04
N SER S 150 54.83 -34.32 -29.84
CA SER S 150 54.78 -34.87 -31.19
C SER S 150 55.17 -36.35 -31.22
N GLN S 151 54.93 -37.02 -32.37
CA GLN S 151 55.23 -38.44 -32.62
C GLN S 151 56.74 -38.76 -32.56
N SER S 152 57.11 -40.05 -32.67
CA SER S 152 58.50 -40.51 -32.64
C SER S 152 59.00 -40.91 -34.02
N LYS S 153 60.33 -40.79 -34.24
CA LYS S 153 61.01 -41.18 -35.48
C LYS S 153 60.88 -42.68 -35.73
N ASP S 154 60.89 -43.50 -34.64
CA ASP S 154 60.73 -44.95 -34.71
C ASP S 154 59.26 -45.28 -34.95
N SER S 155 59.01 -46.21 -35.88
CA SER S 155 57.66 -46.64 -36.26
C SER S 155 57.03 -47.61 -35.28
N ASP S 156 57.85 -48.42 -34.57
CA ASP S 156 57.36 -49.40 -33.59
C ASP S 156 57.17 -48.76 -32.19
N VAL S 157 57.32 -47.41 -32.11
CA VAL S 157 57.13 -46.63 -30.90
C VAL S 157 55.87 -45.76 -31.07
N TYR S 158 54.86 -46.01 -30.22
CA TYR S 158 53.57 -45.34 -30.24
C TYR S 158 53.50 -44.30 -29.13
N ILE S 159 53.19 -43.04 -29.48
CA ILE S 159 53.05 -41.92 -28.53
C ILE S 159 51.72 -41.21 -28.79
N THR S 160 50.84 -41.17 -27.77
CA THR S 160 49.54 -40.49 -27.86
C THR S 160 49.74 -38.97 -27.75
N ASP S 161 48.68 -38.18 -28.03
CA ASP S 161 48.72 -36.72 -27.91
C ASP S 161 48.50 -36.35 -26.44
N LYS S 162 48.64 -35.06 -26.09
CA LYS S 162 48.41 -34.61 -24.72
C LYS S 162 46.93 -34.75 -24.35
N CYS S 163 46.67 -34.95 -23.06
CA CYS S 163 45.36 -35.17 -22.49
C CYS S 163 45.33 -34.48 -21.13
N VAL S 164 44.33 -33.63 -20.89
CA VAL S 164 44.22 -32.91 -19.63
C VAL S 164 43.10 -33.48 -18.73
N LEU S 165 43.47 -33.93 -17.52
CA LEU S 165 42.53 -34.44 -16.52
C LEU S 165 42.32 -33.37 -15.45
N ASP S 166 41.16 -33.40 -14.79
CA ASP S 166 40.87 -32.46 -13.72
C ASP S 166 40.52 -33.21 -12.44
N MET S 167 41.24 -32.91 -11.35
CA MET S 167 40.98 -33.48 -10.04
C MET S 167 40.15 -32.42 -9.33
N ARG S 168 38.82 -32.47 -9.56
CA ARG S 168 37.83 -31.53 -9.06
C ARG S 168 37.89 -31.24 -7.56
N SER S 169 38.18 -32.28 -6.75
CA SER S 169 38.30 -32.21 -5.29
C SER S 169 39.41 -31.28 -4.83
N MET S 170 40.63 -31.44 -5.38
CA MET S 170 41.81 -30.64 -5.02
C MET S 170 42.01 -29.37 -5.87
N ASP S 171 41.12 -29.11 -6.87
CA ASP S 171 41.18 -27.98 -7.82
C ASP S 171 42.55 -27.99 -8.52
N PHE S 172 42.81 -29.07 -9.27
CA PHE S 172 44.08 -29.32 -9.93
C PHE S 172 43.92 -29.86 -11.35
N LYS S 173 44.61 -29.24 -12.31
CA LYS S 173 44.64 -29.63 -13.72
C LYS S 173 46.06 -30.09 -14.08
N SER S 174 46.17 -31.14 -14.91
CA SER S 174 47.47 -31.66 -15.36
C SER S 174 47.39 -32.32 -16.73
N ASN S 175 48.39 -32.04 -17.59
CA ASN S 175 48.47 -32.61 -18.93
C ASN S 175 49.24 -33.92 -18.88
N SER S 176 48.95 -34.84 -19.81
CA SER S 176 49.59 -36.16 -19.85
C SER S 176 49.57 -36.79 -21.23
N ALA S 177 50.62 -37.54 -21.55
CA ALA S 177 50.73 -38.29 -22.80
C ALA S 177 51.39 -39.63 -22.48
N VAL S 178 50.97 -40.68 -23.18
CA VAL S 178 51.45 -42.05 -22.97
C VAL S 178 52.25 -42.52 -24.18
N ALA S 179 53.35 -43.24 -23.92
CA ALA S 179 54.23 -43.81 -24.94
C ALA S 179 54.55 -45.27 -24.59
N TRP S 180 54.58 -46.15 -25.59
CA TRP S 180 54.89 -47.57 -25.42
C TRP S 180 55.47 -48.19 -26.70
N SER S 181 56.12 -49.36 -26.57
CA SER S 181 56.71 -50.13 -27.65
C SER S 181 56.86 -51.60 -27.26
N ASN S 182 56.85 -52.50 -28.25
CA ASN S 182 57.02 -53.94 -28.03
C ASN S 182 58.45 -54.37 -28.42
N LYS S 183 59.43 -53.53 -28.05
CA LYS S 183 60.85 -53.73 -28.32
C LYS S 183 61.66 -53.79 -27.02
N SER S 184 62.77 -54.56 -27.04
CA SER S 184 63.69 -54.73 -25.91
C SER S 184 64.55 -53.48 -25.74
N ASP S 185 65.03 -52.92 -26.87
CA ASP S 185 65.87 -51.71 -26.96
C ASP S 185 65.15 -50.41 -26.54
N PHE S 186 63.83 -50.48 -26.28
CA PHE S 186 63.02 -49.32 -25.89
C PHE S 186 63.15 -48.96 -24.41
N ALA S 187 63.51 -47.69 -24.15
CA ALA S 187 63.66 -47.11 -22.82
C ALA S 187 62.84 -45.81 -22.76
N CYS S 188 62.21 -45.53 -21.60
CA CYS S 188 61.40 -44.34 -21.37
C CYS S 188 62.21 -43.04 -21.26
N ALA S 189 63.55 -43.13 -21.27
CA ALA S 189 64.44 -41.97 -21.18
C ALA S 189 64.52 -41.17 -22.49
N ASN S 190 64.45 -41.87 -23.63
CA ASN S 190 64.54 -41.30 -24.98
C ASN S 190 63.21 -41.43 -25.77
N ALA S 191 62.08 -41.64 -25.06
CA ALA S 191 60.77 -41.82 -25.68
C ALA S 191 60.14 -40.50 -26.17
N PHE S 192 59.91 -39.53 -25.25
CA PHE S 192 59.29 -38.24 -25.56
C PHE S 192 60.24 -37.18 -26.15
N ASN S 193 61.53 -37.53 -26.37
CA ASN S 193 62.54 -36.60 -26.88
C ASN S 193 62.85 -36.76 -28.38
N ASN S 194 62.79 -38.00 -28.91
CA ASN S 194 63.08 -38.33 -30.31
C ASN S 194 61.94 -37.88 -31.28
N SER S 195 61.63 -36.56 -31.28
CA SER S 195 60.59 -35.94 -32.09
C SER S 195 60.88 -35.96 -33.59
N ILE S 196 59.80 -36.04 -34.41
CA ILE S 196 59.87 -36.09 -35.88
C ILE S 196 60.24 -34.72 -36.48
N ILE S 197 60.92 -34.76 -37.64
CA ILE S 197 61.43 -33.62 -38.39
C ILE S 197 61.04 -33.72 -39.89
N PRO S 198 60.99 -32.60 -40.67
CA PRO S 198 60.59 -32.70 -42.09
C PRO S 198 61.47 -33.57 -43.02
N GLU S 199 62.67 -33.98 -42.55
CA GLU S 199 63.65 -34.81 -43.27
C GLU S 199 64.15 -34.16 -44.56
N ALA T 1 17.80 -35.31 -26.64
CA ALA T 1 16.75 -35.63 -25.67
C ALA T 1 15.32 -35.57 -26.26
N VAL T 2 15.12 -34.83 -27.37
CA VAL T 2 13.79 -34.68 -28.01
C VAL T 2 13.75 -35.37 -29.39
N VAL T 3 14.94 -35.59 -30.00
CA VAL T 3 15.12 -36.26 -31.28
C VAL T 3 16.17 -37.37 -31.06
N SER T 4 15.87 -38.59 -31.50
CA SER T 4 16.77 -39.74 -31.35
C SER T 4 16.92 -40.52 -32.64
N GLN T 5 17.87 -41.48 -32.64
CA GLN T 5 18.18 -42.35 -33.77
C GLN T 5 18.41 -43.77 -33.34
N HIS T 6 18.24 -44.69 -34.27
CA HIS T 6 18.51 -46.12 -34.09
C HIS T 6 18.87 -46.73 -35.43
N PRO T 7 19.99 -47.51 -35.52
CA PRO T 7 20.93 -47.85 -34.45
C PRO T 7 21.90 -46.70 -34.13
N SER T 8 22.61 -46.80 -33.01
CA SER T 8 23.62 -45.81 -32.60
C SER T 8 24.92 -46.04 -33.41
N ARG T 9 25.20 -47.30 -33.78
CA ARG T 9 26.38 -47.73 -34.54
C ARG T 9 26.13 -49.02 -35.32
N VAL T 10 26.70 -49.11 -36.52
CA VAL T 10 26.55 -50.26 -37.41
C VAL T 10 27.92 -50.70 -37.91
N ILE T 11 28.23 -52.01 -37.73
CA ILE T 11 29.42 -52.67 -38.27
C ILE T 11 28.83 -53.74 -39.20
N CYS T 12 28.97 -53.53 -40.53
CA CYS T 12 28.39 -54.46 -41.49
C CYS T 12 29.29 -54.79 -42.69
N LYS T 13 29.07 -55.95 -43.29
CA LYS T 13 29.78 -56.37 -44.49
C LYS T 13 29.18 -55.67 -45.71
N SER T 14 29.98 -55.52 -46.77
CA SER T 14 29.58 -54.87 -48.01
C SER T 14 28.36 -55.56 -48.68
N GLY T 15 27.55 -54.75 -49.38
CA GLY T 15 26.38 -55.21 -50.11
C GLY T 15 25.06 -55.17 -49.35
N THR T 16 25.13 -55.11 -48.00
CA THR T 16 23.96 -55.08 -47.12
C THR T 16 23.30 -53.71 -47.08
N SER T 17 21.97 -53.68 -46.90
CA SER T 17 21.22 -52.44 -46.77
C SER T 17 21.11 -52.08 -45.28
N VAL T 18 21.51 -50.84 -44.96
CA VAL T 18 21.49 -50.32 -43.59
C VAL T 18 20.38 -49.26 -43.42
N LYS T 19 19.35 -49.60 -42.65
CA LYS T 19 18.24 -48.70 -42.35
C LYS T 19 18.51 -47.99 -41.04
N ILE T 20 18.38 -46.65 -41.05
CA ILE T 20 18.57 -45.78 -39.87
C ILE T 20 17.25 -45.03 -39.63
N GLU T 21 16.80 -45.02 -38.36
CA GLU T 21 15.57 -44.34 -37.93
C GLU T 21 15.90 -42.99 -37.32
N CYS T 22 15.08 -41.99 -37.61
CA CYS T 22 15.14 -40.67 -37.01
C CYS T 22 13.77 -40.48 -36.39
N ARG T 23 13.70 -40.18 -35.09
CA ARG T 23 12.43 -40.06 -34.39
C ARG T 23 12.30 -38.81 -33.53
N SER T 24 11.19 -38.08 -33.68
CA SER T 24 10.87 -36.96 -32.78
C SER T 24 10.11 -37.62 -31.61
N LEU T 25 10.71 -37.60 -30.42
CA LEU T 25 10.19 -38.27 -29.24
C LEU T 25 9.01 -37.60 -28.52
N ASP T 26 8.86 -36.27 -28.62
CA ASP T 26 7.80 -35.56 -27.89
C ASP T 26 7.10 -34.46 -28.73
N PHE T 27 7.19 -34.56 -30.06
CA PHE T 27 6.57 -33.60 -30.97
C PHE T 27 6.33 -34.22 -32.35
N GLN T 28 5.44 -33.60 -33.14
CA GLN T 28 5.17 -34.04 -34.50
C GLN T 28 6.01 -33.21 -35.45
N ALA T 29 6.58 -33.86 -36.46
CA ALA T 29 7.44 -33.23 -37.46
C ALA T 29 7.02 -33.64 -38.87
N THR T 30 6.71 -32.63 -39.71
CA THR T 30 6.34 -32.83 -41.11
C THR T 30 7.62 -32.93 -41.98
N THR T 31 8.79 -32.65 -41.37
CA THR T 31 10.07 -32.58 -42.07
C THR T 31 11.23 -32.95 -41.15
N MET T 32 12.19 -33.71 -41.69
CA MET T 32 13.43 -34.11 -41.02
C MET T 32 14.56 -33.91 -42.00
N PHE T 33 15.75 -33.58 -41.48
CA PHE T 33 16.94 -33.31 -42.28
C PHE T 33 18.01 -34.34 -42.00
N TRP T 34 18.58 -34.92 -43.07
CA TRP T 34 19.62 -35.95 -42.99
C TRP T 34 20.96 -35.40 -43.42
N TYR T 35 21.94 -35.49 -42.51
CA TYR T 35 23.30 -35.00 -42.67
C TYR T 35 24.32 -36.12 -42.63
N ARG T 36 25.47 -35.86 -43.26
CA ARG T 36 26.63 -36.74 -43.29
C ARG T 36 27.82 -35.94 -42.74
N GLN T 37 28.68 -36.59 -41.96
CA GLN T 37 29.88 -35.98 -41.40
C GLN T 37 31.06 -36.93 -41.54
N PHE T 38 31.95 -36.63 -42.51
CA PHE T 38 33.17 -37.37 -42.84
C PHE T 38 34.30 -36.98 -41.82
N PRO T 39 35.62 -37.29 -42.06
CA PRO T 39 36.65 -36.84 -41.10
C PRO T 39 36.70 -35.30 -40.96
N LYS T 40 36.00 -34.59 -41.87
CA LYS T 40 35.85 -33.14 -41.91
C LYS T 40 34.66 -32.73 -41.03
N GLN T 41 34.90 -31.78 -40.11
CA GLN T 41 33.96 -31.22 -39.12
C GLN T 41 32.63 -30.66 -39.69
N SER T 42 32.55 -30.37 -41.00
CA SER T 42 31.37 -29.75 -41.60
C SER T 42 30.13 -30.66 -41.72
N LEU T 43 28.95 -30.10 -41.45
CA LEU T 43 27.66 -30.77 -41.56
C LEU T 43 27.22 -30.73 -43.02
N MET T 44 27.24 -31.88 -43.70
CA MET T 44 26.87 -31.99 -45.10
C MET T 44 25.42 -32.47 -45.23
N LEU T 45 24.50 -31.57 -45.64
CA LEU T 45 23.10 -31.91 -45.84
C LEU T 45 22.96 -32.80 -47.06
N MET T 46 22.36 -33.98 -46.88
CA MET T 46 22.17 -34.96 -47.95
C MET T 46 20.78 -34.84 -48.54
N ALA T 47 19.75 -34.83 -47.68
CA ALA T 47 18.35 -34.81 -48.05
C ALA T 47 17.43 -34.29 -46.95
N THR T 48 16.23 -33.87 -47.38
CA THR T 48 15.14 -33.39 -46.55
C THR T 48 13.98 -34.38 -46.73
N SER T 49 13.60 -35.03 -45.63
CA SER T 49 12.49 -35.99 -45.55
C SER T 49 11.19 -35.18 -45.45
N ASN T 50 10.25 -35.39 -46.37
CA ASN T 50 8.98 -34.64 -46.36
C ASN T 50 7.79 -35.54 -46.13
N GLU T 51 6.91 -35.14 -45.23
CA GLU T 51 5.69 -35.91 -44.94
C GLU T 51 4.70 -35.81 -46.11
N GLY T 52 4.28 -36.97 -46.64
CA GLY T 52 3.33 -37.05 -47.75
C GLY T 52 3.93 -36.90 -49.15
N SER T 53 5.03 -36.11 -49.27
CA SER T 53 5.75 -35.87 -50.53
C SER T 53 7.07 -36.66 -50.60
N LYS T 54 7.63 -36.84 -51.81
CA LYS T 54 8.91 -37.53 -52.00
C LYS T 54 10.05 -36.62 -51.47
N ALA T 55 11.15 -37.24 -51.00
CA ALA T 55 12.29 -36.53 -50.43
C ALA T 55 12.99 -35.56 -51.37
N THR T 56 13.57 -34.49 -50.80
CA THR T 56 14.35 -33.50 -51.54
C THR T 56 15.82 -33.84 -51.32
N TYR T 57 16.52 -34.27 -52.37
CA TYR T 57 17.95 -34.58 -52.30
C TYR T 57 18.79 -33.40 -52.71
N GLU T 58 19.97 -33.26 -52.11
CA GLU T 58 20.92 -32.20 -52.41
C GLU T 58 21.77 -32.59 -53.64
N GLN T 59 22.55 -31.64 -54.19
CA GLN T 59 23.40 -31.88 -55.36
C GLN T 59 24.54 -32.85 -55.07
N GLY T 60 24.61 -33.91 -55.86
CA GLY T 60 25.66 -34.93 -55.73
C GLY T 60 25.37 -36.02 -54.71
N VAL T 61 24.08 -36.32 -54.49
CA VAL T 61 23.63 -37.36 -53.56
C VAL T 61 22.83 -38.36 -54.41
N GLU T 62 23.26 -39.62 -54.43
CA GLU T 62 22.61 -40.66 -55.21
C GLU T 62 21.28 -41.12 -54.61
N LYS T 63 20.17 -40.80 -55.30
CA LYS T 63 18.79 -41.12 -54.92
C LYS T 63 18.58 -42.62 -54.75
N ASP T 64 19.28 -43.45 -55.56
CA ASP T 64 19.22 -44.91 -55.50
C ASP T 64 20.06 -45.45 -54.34
N LYS T 65 21.21 -44.79 -54.00
CA LYS T 65 22.08 -45.23 -52.90
C LYS T 65 21.46 -44.92 -51.53
N PHE T 66 20.88 -43.72 -51.37
CA PHE T 66 20.29 -43.28 -50.12
C PHE T 66 18.77 -43.15 -50.23
N LEU T 67 18.03 -44.11 -49.68
CA LEU T 67 16.57 -44.07 -49.73
C LEU T 67 16.03 -43.34 -48.50
N ILE T 68 15.22 -42.31 -48.72
CA ILE T 68 14.61 -41.54 -47.65
C ILE T 68 13.11 -41.80 -47.67
N ASN T 69 12.54 -42.12 -46.51
CA ASN T 69 11.12 -42.39 -46.35
C ASN T 69 10.59 -41.70 -45.10
N HIS T 70 9.60 -40.82 -45.27
CA HIS T 70 8.95 -40.14 -44.16
C HIS T 70 7.74 -40.99 -43.90
N ALA T 71 7.86 -41.88 -42.91
CA ALA T 71 6.86 -42.88 -42.56
C ALA T 71 5.65 -42.30 -41.85
N SER T 72 5.86 -41.34 -40.95
CA SER T 72 4.80 -40.72 -40.15
C SER T 72 5.23 -39.33 -39.66
N LEU T 73 4.34 -38.62 -38.95
CA LEU T 73 4.61 -37.32 -38.34
C LEU T 73 5.62 -37.46 -37.18
N THR T 74 6.27 -38.62 -37.07
CA THR T 74 7.19 -38.87 -35.98
C THR T 74 8.47 -39.61 -36.46
N LEU T 75 8.39 -40.36 -37.57
CA LEU T 75 9.49 -41.15 -38.08
C LEU T 75 9.87 -40.86 -39.53
N SER T 76 11.18 -40.85 -39.75
CA SER T 76 11.85 -40.71 -41.04
C SER T 76 12.97 -41.72 -41.05
N THR T 77 13.17 -42.40 -42.17
CA THR T 77 14.25 -43.39 -42.28
C THR T 77 15.16 -43.10 -43.46
N LEU T 78 16.43 -43.45 -43.29
CA LEU T 78 17.47 -43.34 -44.30
C LEU T 78 18.02 -44.75 -44.49
N THR T 79 17.77 -45.35 -45.66
CA THR T 79 18.31 -46.66 -45.99
C THR T 79 19.53 -46.47 -46.91
N VAL T 80 20.68 -47.04 -46.51
CA VAL T 80 21.91 -47.01 -47.30
C VAL T 80 21.91 -48.36 -48.02
N THR T 81 21.49 -48.37 -49.30
CA THR T 81 21.41 -49.59 -50.12
C THR T 81 22.79 -50.00 -50.60
N SER T 82 23.04 -51.32 -50.77
CA SER T 82 24.32 -51.89 -51.24
C SER T 82 25.52 -51.17 -50.61
N ALA T 83 25.63 -51.21 -49.28
CA ALA T 83 26.69 -50.53 -48.54
C ALA T 83 28.09 -50.93 -48.97
N HIS T 84 28.97 -49.93 -49.14
CA HIS T 84 30.37 -50.14 -49.54
C HIS T 84 31.28 -49.39 -48.58
N PRO T 85 32.55 -49.83 -48.35
CA PRO T 85 33.41 -49.11 -47.38
C PRO T 85 33.48 -47.60 -47.51
N GLU T 86 33.39 -47.04 -48.74
CA GLU T 86 33.43 -45.58 -48.95
C GLU T 86 32.16 -44.85 -48.42
N ASP T 87 31.11 -45.61 -48.02
CA ASP T 87 29.87 -45.08 -47.44
C ASP T 87 30.01 -44.91 -45.91
N SER T 88 31.09 -45.48 -45.30
CA SER T 88 31.37 -45.38 -43.87
C SER T 88 31.46 -43.93 -43.47
N SER T 89 30.63 -43.52 -42.49
CA SER T 89 30.53 -42.14 -42.04
C SER T 89 29.67 -42.02 -40.79
N PHE T 90 29.54 -40.79 -40.28
CA PHE T 90 28.68 -40.41 -39.15
C PHE T 90 27.41 -39.78 -39.80
N TYR T 91 26.29 -40.53 -39.74
CA TYR T 91 25.00 -40.10 -40.30
C TYR T 91 24.14 -39.52 -39.20
N ILE T 92 23.74 -38.27 -39.32
CA ILE T 92 22.98 -37.62 -38.25
C ILE T 92 21.71 -36.89 -38.80
N CYS T 93 20.63 -36.90 -38.03
CA CYS T 93 19.37 -36.26 -38.43
C CYS T 93 19.03 -35.10 -37.50
N SER T 94 18.14 -34.22 -37.95
CA SER T 94 17.58 -33.13 -37.15
C SER T 94 16.11 -32.97 -37.52
N ALA T 95 15.28 -32.60 -36.52
CA ALA T 95 13.84 -32.34 -36.69
C ALA T 95 13.44 -31.21 -35.73
N GLY T 96 12.34 -30.54 -36.06
CA GLY T 96 11.83 -29.45 -35.26
C GLY T 96 10.32 -29.33 -35.32
N PRO T 97 9.70 -28.76 -34.26
CA PRO T 97 8.23 -28.63 -34.24
C PRO T 97 7.63 -27.67 -35.26
N THR T 98 8.41 -26.65 -35.71
CA THR T 98 7.96 -25.65 -36.67
C THR T 98 8.24 -26.04 -38.15
N SER T 99 7.18 -26.02 -38.98
CA SER T 99 7.24 -26.28 -40.43
C SER T 99 7.47 -24.93 -41.18
N GLY T 100 7.63 -24.99 -42.50
CA GLY T 100 7.90 -23.81 -43.31
C GLY T 100 9.36 -23.38 -43.16
N ARG T 101 9.64 -22.06 -43.27
CA ARG T 101 10.99 -21.52 -43.12
C ARG T 101 11.56 -22.05 -41.81
N THR T 102 12.62 -22.87 -41.91
CA THR T 102 13.17 -23.67 -40.83
C THR T 102 13.44 -22.87 -39.56
N ASP T 103 13.02 -23.43 -38.42
CA ASP T 103 13.23 -22.81 -37.13
C ASP T 103 14.12 -23.71 -36.29
N THR T 104 13.99 -23.71 -34.95
CA THR T 104 14.77 -24.55 -34.06
C THR T 104 14.81 -26.01 -34.53
N GLN T 105 16.03 -26.52 -34.74
CA GLN T 105 16.25 -27.90 -35.13
C GLN T 105 16.97 -28.62 -34.02
N TYR T 106 16.50 -29.83 -33.72
CA TYR T 106 17.04 -30.69 -32.66
C TYR T 106 17.66 -31.90 -33.31
N PHE T 107 18.97 -32.08 -33.10
CA PHE T 107 19.74 -33.18 -33.69
C PHE T 107 19.61 -34.48 -32.92
N GLY T 108 19.69 -35.58 -33.65
CA GLY T 108 19.71 -36.93 -33.10
C GLY T 108 21.13 -37.22 -32.62
N PRO T 109 21.41 -38.38 -31.99
CA PRO T 109 22.78 -38.60 -31.48
C PRO T 109 23.79 -38.98 -32.56
N GLY T 110 23.29 -39.33 -33.76
CA GLY T 110 24.12 -39.74 -34.87
C GLY T 110 24.34 -41.24 -34.88
N THR T 111 24.55 -41.81 -36.08
CA THR T 111 24.81 -43.23 -36.30
C THR T 111 26.20 -43.38 -36.91
N ARG T 112 27.12 -44.07 -36.20
CA ARG T 112 28.46 -44.35 -36.72
C ARG T 112 28.35 -45.61 -37.57
N LEU T 113 28.46 -45.47 -38.90
CA LEU T 113 28.38 -46.60 -39.81
C LEU T 113 29.76 -46.98 -40.33
N THR T 114 30.14 -48.25 -40.16
CA THR T 114 31.39 -48.83 -40.63
C THR T 114 31.06 -49.98 -41.58
N VAL T 115 31.45 -49.86 -42.85
CA VAL T 115 31.23 -50.88 -43.87
C VAL T 115 32.57 -51.54 -44.19
N LEU T 116 32.62 -52.89 -44.12
CA LEU T 116 33.85 -53.67 -44.35
C LEU T 116 33.69 -54.71 -45.45
N GLU T 117 34.72 -54.89 -46.31
CA GLU T 117 34.71 -55.89 -47.39
C GLU T 117 34.60 -57.30 -46.81
N ASP T 118 35.35 -57.60 -45.72
CA ASP T 118 35.29 -58.87 -45.01
C ASP T 118 35.41 -58.66 -43.49
N LEU T 119 34.56 -59.36 -42.71
CA LEU T 119 34.51 -59.30 -41.25
C LEU T 119 35.66 -60.09 -40.57
N LYS T 120 36.54 -60.72 -41.38
CA LYS T 120 37.69 -61.52 -40.93
C LYS T 120 38.74 -60.67 -40.19
N ASN T 121 38.83 -59.36 -40.51
CA ASN T 121 39.77 -58.41 -39.93
C ASN T 121 39.27 -57.75 -38.62
N VAL T 122 38.08 -58.16 -38.13
CA VAL T 122 37.46 -57.64 -36.89
C VAL T 122 38.09 -58.38 -35.70
N PHE T 123 38.67 -57.64 -34.75
CA PHE T 123 39.30 -58.20 -33.56
C PHE T 123 38.88 -57.46 -32.29
N PRO T 124 38.64 -58.15 -31.16
CA PRO T 124 38.32 -57.43 -29.91
C PRO T 124 39.59 -56.86 -29.25
N PRO T 125 39.49 -55.93 -28.28
CA PRO T 125 40.71 -55.39 -27.66
C PRO T 125 41.31 -56.26 -26.56
N GLU T 126 42.61 -56.04 -26.32
CA GLU T 126 43.39 -56.64 -25.24
C GLU T 126 43.72 -55.46 -24.33
N VAL T 127 43.12 -55.42 -23.14
CA VAL T 127 43.30 -54.31 -22.20
C VAL T 127 44.22 -54.68 -21.02
N ALA T 128 45.00 -53.71 -20.52
CA ALA T 128 45.92 -53.86 -19.39
C ALA T 128 46.04 -52.57 -18.59
N VAL T 129 46.15 -52.68 -17.25
CA VAL T 129 46.34 -51.53 -16.36
C VAL T 129 47.79 -51.50 -15.93
N PHE T 130 48.38 -50.30 -15.95
CA PHE T 130 49.76 -50.06 -15.57
C PHE T 130 49.74 -49.26 -14.29
N GLU T 131 50.28 -49.87 -13.22
CA GLU T 131 50.30 -49.31 -11.87
C GLU T 131 51.18 -48.07 -11.78
N PRO T 132 50.85 -47.06 -10.94
CA PRO T 132 51.69 -45.85 -10.86
C PRO T 132 53.14 -46.09 -10.44
N SER T 133 54.02 -45.11 -10.75
CA SER T 133 55.44 -45.19 -10.41
C SER T 133 55.67 -44.66 -8.99
N GLU T 134 56.71 -45.21 -8.30
CA GLU T 134 57.12 -44.78 -6.95
C GLU T 134 57.54 -43.30 -6.95
N ALA T 135 58.29 -42.88 -7.98
CA ALA T 135 58.79 -41.52 -8.19
C ALA T 135 57.66 -40.48 -8.26
N GLU T 136 56.52 -40.84 -8.90
CA GLU T 136 55.35 -39.96 -9.02
C GLU T 136 54.70 -39.77 -7.66
N ILE T 137 54.42 -40.88 -6.94
CA ILE T 137 53.81 -40.88 -5.60
C ILE T 137 54.71 -40.09 -4.64
N SER T 138 56.03 -40.37 -4.67
CA SER T 138 57.01 -39.70 -3.82
C SER T 138 57.04 -38.20 -4.04
N HIS T 139 57.20 -37.75 -5.29
CA HIS T 139 57.31 -36.33 -5.61
C HIS T 139 56.02 -35.54 -5.45
N THR T 140 54.97 -35.87 -6.22
CA THR T 140 53.72 -35.10 -6.29
C THR T 140 52.69 -35.36 -5.18
N GLN T 141 52.75 -36.55 -4.53
CA GLN T 141 51.77 -37.04 -3.55
C GLN T 141 50.45 -37.31 -4.29
N LYS T 142 50.59 -37.80 -5.54
CA LYS T 142 49.52 -38.16 -6.48
C LYS T 142 49.93 -39.45 -7.18
N ALA T 143 48.94 -40.19 -7.70
CA ALA T 143 49.18 -41.45 -8.39
C ALA T 143 48.32 -41.58 -9.65
N THR T 144 48.97 -41.84 -10.80
CA THR T 144 48.29 -42.01 -12.08
C THR T 144 48.33 -43.46 -12.53
N LEU T 145 47.13 -44.03 -12.80
CA LEU T 145 47.00 -45.36 -13.36
C LEU T 145 46.75 -45.13 -14.83
N VAL T 146 47.28 -46.01 -15.68
CA VAL T 146 47.13 -45.89 -17.12
C VAL T 146 46.53 -47.16 -17.69
N CYS T 147 45.41 -47.02 -18.42
CA CYS T 147 44.76 -48.13 -19.10
C CYS T 147 45.27 -48.13 -20.54
N LEU T 148 45.41 -49.30 -21.14
CA LEU T 148 45.86 -49.42 -22.51
C LEU T 148 45.15 -50.56 -23.23
N ALA T 149 44.25 -50.19 -24.16
CA ALA T 149 43.47 -51.12 -24.98
C ALA T 149 44.16 -51.19 -26.35
N THR T 150 44.48 -52.41 -26.82
CA THR T 150 45.23 -52.62 -28.06
C THR T 150 44.62 -53.66 -29.01
N GLY T 151 45.01 -53.58 -30.28
CA GLY T 151 44.66 -54.52 -31.35
C GLY T 151 43.20 -54.69 -31.73
N PHE T 152 42.35 -53.69 -31.43
CA PHE T 152 40.93 -53.76 -31.77
C PHE T 152 40.63 -53.18 -33.15
N TYR T 153 39.67 -53.80 -33.85
CA TYR T 153 39.19 -53.36 -35.16
C TYR T 153 37.69 -53.69 -35.31
N PRO T 154 36.79 -52.72 -35.61
CA PRO T 154 37.00 -51.28 -35.85
C PRO T 154 37.21 -50.48 -34.56
N ASP T 155 37.22 -49.13 -34.66
CA ASP T 155 37.46 -48.23 -33.53
C ASP T 155 36.19 -47.85 -32.72
N HIS T 156 35.23 -48.79 -32.63
CA HIS T 156 33.99 -48.61 -31.87
C HIS T 156 34.23 -49.15 -30.44
N VAL T 157 34.80 -48.29 -29.57
CA VAL T 157 35.12 -48.61 -28.18
C VAL T 157 34.72 -47.48 -27.24
N GLU T 158 34.36 -47.84 -26.00
CA GLU T 158 33.99 -46.91 -24.95
C GLU T 158 34.77 -47.29 -23.70
N LEU T 159 35.65 -46.39 -23.22
CA LEU T 159 36.47 -46.66 -22.04
C LEU T 159 35.93 -46.01 -20.79
N SER T 160 35.92 -46.77 -19.67
CA SER T 160 35.47 -46.28 -18.37
C SER T 160 36.34 -46.80 -17.23
N TRP T 161 36.43 -46.01 -16.15
CA TRP T 161 37.18 -46.32 -14.93
C TRP T 161 36.21 -46.66 -13.80
N TRP T 162 36.47 -47.78 -13.14
CA TRP T 162 35.66 -48.33 -12.06
C TRP T 162 36.52 -48.59 -10.81
N VAL T 163 36.32 -47.78 -9.77
CA VAL T 163 36.99 -47.90 -8.48
C VAL T 163 36.00 -48.43 -7.42
N ASN T 164 36.29 -49.62 -6.85
CA ASN T 164 35.46 -50.29 -5.85
C ASN T 164 34.01 -50.53 -6.33
N GLY T 165 33.90 -51.01 -7.56
CA GLY T 165 32.63 -51.33 -8.23
C GLY T 165 31.81 -50.16 -8.73
N LYS T 166 32.31 -48.91 -8.56
CA LYS T 166 31.61 -47.69 -8.98
C LYS T 166 32.40 -46.89 -10.03
N GLU T 167 31.70 -46.44 -11.10
CA GLU T 167 32.25 -45.67 -12.21
C GLU T 167 32.62 -44.25 -11.76
N VAL T 168 33.84 -43.80 -12.08
CA VAL T 168 34.35 -42.46 -11.73
C VAL T 168 34.62 -41.60 -12.96
N HIS T 169 34.55 -40.27 -12.77
CA HIS T 169 34.77 -39.30 -13.84
C HIS T 169 35.84 -38.28 -13.46
N SER T 170 35.96 -37.93 -12.16
CA SER T 170 36.94 -36.97 -11.66
C SER T 170 38.36 -37.55 -11.71
N GLY T 171 39.29 -36.78 -12.26
CA GLY T 171 40.68 -37.18 -12.41
C GLY T 171 40.90 -38.14 -13.56
N VAL T 172 39.95 -38.18 -14.50
CA VAL T 172 39.98 -39.07 -15.66
C VAL T 172 40.04 -38.25 -16.97
N CYS T 173 40.84 -38.74 -17.93
CA CYS T 173 40.93 -38.25 -19.29
C CYS T 173 41.40 -39.35 -20.22
N THR T 174 40.60 -39.61 -21.25
CA THR T 174 40.85 -40.63 -22.27
C THR T 174 41.23 -39.92 -23.56
N ASP T 175 42.01 -40.59 -24.42
CA ASP T 175 42.40 -40.09 -25.73
C ASP T 175 41.16 -39.73 -26.55
N PRO T 176 41.13 -38.57 -27.25
CA PRO T 176 39.96 -38.24 -28.08
C PRO T 176 39.80 -39.17 -29.27
N GLN T 177 40.93 -39.70 -29.78
CA GLN T 177 40.95 -40.58 -30.94
C GLN T 177 41.85 -41.81 -30.73
N PRO T 178 41.41 -43.01 -31.18
CA PRO T 178 42.28 -44.19 -31.08
C PRO T 178 43.36 -44.14 -32.16
N LEU T 179 44.60 -44.38 -31.74
CA LEU T 179 45.82 -44.38 -32.55
C LEU T 179 45.91 -45.65 -33.41
N LYS T 180 46.58 -45.56 -34.58
CA LYS T 180 46.79 -46.68 -35.51
C LYS T 180 48.04 -47.48 -35.13
N GLU T 181 47.94 -48.82 -35.16
CA GLU T 181 49.05 -49.72 -34.82
C GLU T 181 50.05 -49.87 -35.95
N GLN T 182 49.56 -49.93 -37.19
CA GLN T 182 50.37 -50.04 -38.40
C GLN T 182 49.81 -49.05 -39.42
N PRO T 183 50.15 -47.74 -39.33
CA PRO T 183 49.58 -46.74 -40.27
C PRO T 183 49.78 -47.02 -41.76
N ALA T 184 50.77 -47.88 -42.12
CA ALA T 184 51.09 -48.29 -43.49
C ALA T 184 49.92 -49.03 -44.15
N LEU T 185 49.26 -49.94 -43.40
CA LEU T 185 48.08 -50.67 -43.87
C LEU T 185 46.84 -49.87 -43.49
N ASN T 186 45.88 -49.72 -44.42
CA ASN T 186 44.63 -48.97 -44.21
C ASN T 186 43.70 -49.70 -43.23
N ASP T 187 43.65 -51.05 -43.32
CA ASP T 187 42.85 -51.90 -42.45
C ASP T 187 43.63 -52.32 -41.19
N SER T 188 44.32 -51.33 -40.57
CA SER T 188 45.14 -51.48 -39.37
C SER T 188 44.32 -51.53 -38.10
N ARG T 189 44.80 -52.33 -37.12
CA ARG T 189 44.17 -52.46 -35.80
C ARG T 189 44.49 -51.20 -34.98
N TYR T 190 43.64 -50.88 -33.99
CA TYR T 190 43.79 -49.66 -33.21
C TYR T 190 44.23 -49.88 -31.76
N ALA T 191 44.70 -48.79 -31.14
CA ALA T 191 45.13 -48.74 -29.76
C ALA T 191 44.63 -47.43 -29.14
N LEU T 192 44.25 -47.49 -27.86
CA LEU T 192 43.72 -46.35 -27.12
C LEU T 192 44.21 -46.43 -25.68
N SER T 193 44.42 -45.26 -25.04
CA SER T 193 44.85 -45.19 -23.65
C SER T 193 44.04 -44.20 -22.84
N SER T 194 44.04 -44.40 -21.51
CA SER T 194 43.34 -43.52 -20.57
C SER T 194 44.14 -43.42 -19.30
N ARG T 195 43.96 -42.31 -18.56
CA ARG T 195 44.67 -42.06 -17.31
C ARG T 195 43.70 -41.73 -16.18
N LEU T 196 43.94 -42.29 -14.98
CA LEU T 196 43.15 -42.00 -13.79
C LEU T 196 44.10 -41.51 -12.73
N ARG T 197 43.98 -40.24 -12.32
CA ARG T 197 44.84 -39.68 -11.29
C ARG T 197 44.09 -39.55 -9.98
N VAL T 198 44.65 -40.18 -8.94
CA VAL T 198 44.12 -40.22 -7.58
C VAL T 198 45.17 -39.72 -6.57
N SER T 199 44.77 -39.51 -5.31
CA SER T 199 45.70 -39.12 -4.23
C SER T 199 46.61 -40.29 -3.92
N ALA T 200 47.80 -39.99 -3.34
CA ALA T 200 48.78 -41.01 -2.96
C ALA T 200 48.24 -41.95 -1.88
N THR T 201 47.54 -41.38 -0.87
CA THR T 201 46.95 -42.12 0.26
C THR T 201 45.90 -43.11 -0.23
N PHE T 202 45.15 -42.75 -1.29
CA PHE T 202 44.12 -43.59 -1.89
C PHE T 202 44.69 -44.82 -2.60
N TRP T 203 45.74 -44.66 -3.42
CA TRP T 203 46.34 -45.78 -4.16
C TRP T 203 47.07 -46.75 -3.23
N GLN T 204 47.79 -46.21 -2.23
CA GLN T 204 48.61 -47.00 -1.31
C GLN T 204 47.78 -47.87 -0.33
N ASN T 205 46.44 -47.70 -0.32
CA ASN T 205 45.55 -48.54 0.48
C ASN T 205 45.27 -49.83 -0.32
N PRO T 206 45.64 -51.04 0.21
CA PRO T 206 45.42 -52.27 -0.57
C PRO T 206 43.97 -52.77 -0.60
N ARG T 207 43.06 -52.07 0.11
CA ARG T 207 41.63 -52.40 0.13
C ARG T 207 40.98 -51.98 -1.19
N ASN T 208 41.43 -50.82 -1.73
CA ASN T 208 40.97 -50.19 -2.97
C ASN T 208 41.27 -50.99 -4.24
N HIS T 209 40.22 -51.19 -5.07
CA HIS T 209 40.25 -51.92 -6.34
C HIS T 209 40.13 -50.94 -7.50
N PHE T 210 40.96 -51.11 -8.54
CA PHE T 210 41.00 -50.23 -9.71
C PHE T 210 40.85 -51.05 -10.97
N ARG T 211 39.76 -50.83 -11.70
CA ARG T 211 39.45 -51.55 -12.93
C ARG T 211 39.07 -50.59 -14.04
N CYS T 212 39.51 -50.88 -15.25
CA CYS T 212 39.16 -50.12 -16.43
C CYS T 212 38.45 -51.06 -17.39
N GLN T 213 37.41 -50.58 -18.07
CA GLN T 213 36.73 -51.46 -19.01
C GLN T 213 36.50 -50.82 -20.36
N VAL T 214 36.68 -51.63 -21.41
CA VAL T 214 36.43 -51.20 -22.78
C VAL T 214 35.20 -51.91 -23.31
N GLN T 215 34.17 -51.14 -23.63
CA GLN T 215 32.98 -51.69 -24.22
C GLN T 215 33.26 -51.74 -25.71
N PHE T 216 33.54 -52.93 -26.24
CA PHE T 216 33.81 -53.13 -27.65
C PHE T 216 32.52 -53.47 -28.38
N TYR T 217 32.37 -52.94 -29.58
CA TYR T 217 31.23 -53.17 -30.44
C TYR T 217 31.74 -53.86 -31.71
N GLY T 218 31.41 -55.13 -31.83
CA GLY T 218 31.81 -55.95 -32.96
C GLY T 218 30.64 -56.54 -33.70
N LEU T 219 30.78 -57.81 -34.08
CA LEU T 219 29.78 -58.59 -34.80
C LEU T 219 28.53 -58.86 -33.96
N SER T 220 27.37 -58.91 -34.63
CA SER T 220 26.08 -59.21 -34.01
C SER T 220 25.92 -60.72 -33.90
N GLU T 221 25.03 -61.19 -33.02
CA GLU T 221 24.79 -62.62 -32.81
C GLU T 221 24.13 -63.29 -34.04
N ASN T 222 23.44 -62.49 -34.87
CA ASN T 222 22.79 -62.94 -36.10
C ASN T 222 23.84 -63.15 -37.21
N ASP T 223 24.96 -62.39 -37.16
CA ASP T 223 26.06 -62.47 -38.13
C ASP T 223 26.74 -63.84 -38.10
N GLU T 224 27.26 -64.30 -39.27
CA GLU T 224 27.93 -65.59 -39.44
C GLU T 224 29.45 -65.52 -39.24
N TRP T 225 30.04 -66.60 -38.69
CA TRP T 225 31.47 -66.71 -38.43
C TRP T 225 32.04 -68.03 -38.95
N THR T 226 33.05 -67.95 -39.84
CA THR T 226 33.68 -69.11 -40.47
C THR T 226 35.13 -69.36 -39.98
N GLN T 227 35.85 -68.30 -39.53
CA GLN T 227 37.24 -68.41 -39.06
C GLN T 227 37.37 -69.27 -37.78
N ASP T 228 38.58 -69.85 -37.56
CA ASP T 228 38.91 -70.76 -36.45
C ASP T 228 38.78 -70.14 -35.05
N ARG T 229 39.26 -68.90 -34.85
CA ARG T 229 39.23 -68.18 -33.58
C ARG T 229 37.82 -67.80 -33.11
N ALA T 230 37.71 -67.33 -31.85
CA ALA T 230 36.46 -66.90 -31.22
C ALA T 230 35.80 -65.75 -32.00
N LYS T 231 34.46 -65.76 -32.05
CA LYS T 231 33.66 -64.74 -32.74
C LYS T 231 33.88 -63.38 -32.06
N PRO T 232 34.33 -62.35 -32.82
CA PRO T 232 34.58 -61.03 -32.20
C PRO T 232 33.31 -60.20 -32.07
N VAL T 233 32.46 -60.59 -31.11
CA VAL T 233 31.17 -59.96 -30.82
C VAL T 233 31.28 -58.77 -29.85
N THR T 234 30.16 -58.03 -29.68
CA THR T 234 30.03 -56.87 -28.79
C THR T 234 30.26 -57.35 -27.33
N GLN T 235 31.51 -57.19 -26.86
CA GLN T 235 31.97 -57.63 -25.54
C GLN T 235 32.59 -56.50 -24.71
N ILE T 236 32.67 -56.71 -23.37
CA ILE T 236 33.33 -55.79 -22.45
C ILE T 236 34.64 -56.47 -22.01
N VAL T 237 35.80 -55.88 -22.36
CA VAL T 237 37.11 -56.40 -21.99
C VAL T 237 37.64 -55.54 -20.84
N SER T 238 37.98 -56.18 -19.71
CA SER T 238 38.45 -55.47 -18.51
C SER T 238 39.82 -55.92 -18.05
N ALA T 239 40.49 -55.05 -17.31
CA ALA T 239 41.78 -55.28 -16.69
C ALA T 239 41.74 -54.56 -15.35
N GLU T 240 42.33 -55.17 -14.31
CA GLU T 240 42.28 -54.58 -12.98
C GLU T 240 43.64 -54.59 -12.25
N ALA T 241 43.72 -53.78 -11.19
CA ALA T 241 44.88 -53.60 -10.33
C ALA T 241 44.44 -53.26 -8.91
N TRP T 242 45.14 -53.84 -7.92
CA TRP T 242 44.88 -53.59 -6.50
C TRP T 242 45.94 -52.65 -5.92
N GLY T 243 45.54 -51.89 -4.91
CA GLY T 243 46.36 -50.91 -4.20
C GLY T 243 47.68 -51.40 -3.61
N ARG T 244 48.52 -50.42 -3.20
CA ARG T 244 49.88 -50.54 -2.62
C ARG T 244 50.88 -51.13 -3.63
#